data_7WYY
#
_entry.id   7WYY
#
_cell.length_a   1.00
_cell.length_b   1.00
_cell.length_c   1.00
_cell.angle_alpha   90.00
_cell.angle_beta   90.00
_cell.angle_gamma   90.00
#
_symmetry.space_group_name_H-M   'P 1'
#
loop_
_entity.id
_entity.type
_entity.pdbx_description
1 polymer 'Sodium/potassium-transporting ATPase subunit alpha'
2 polymer 'Na+,K+-ATPase beta subunit'
3 polymer 'FXYD domain-containing ion transport regulator'
4 branched alpha-D-mannopyranose-(1-3)-[alpha-D-mannopyranose-(1-6)]beta-D-mannopyranose-(1-4)-2-acetamido-2-deoxy-beta-D-glucopyranose-(1-4)-[alpha-L-fucopyranose-(1-6)]2-acetamido-2-deoxy-beta-D-glucopyranose
5 branched 2-acetamido-2-deoxy-beta-D-glucopyranose-(1-2)-alpha-D-mannopyranose-(1-3)-[alpha-D-mannopyranose-(1-6)]beta-D-mannopyranose-(1-4)-2-acetamido-2-deoxy-beta-D-glucopyranose-(1-4)-2-acetamido-2-deoxy-beta-D-glucopyranose
6 branched alpha-D-mannopyranose-(1-3)-beta-D-mannopyranose-(1-4)-2-acetamido-2-deoxy-beta-D-glucopyranose-(1-4)-[alpha-L-fucopyranose-(1-6)]2-acetamido-2-deoxy-beta-D-glucopyranose
7 branched 2-acetamido-2-deoxy-beta-D-glucopyranose-(1-4)-2-acetamido-2-deoxy-beta-D-glucopyranose
8 non-polymer 'MAGNESIUM ION'
9 non-polymer (3E,5S,8R,9S,10R,13S,14S)-3-(2-azanylethoxyimino)-10,13-dimethyl-1,2,4,5,7,8,9,11,12,14,15,16-dodecahydrocyclopenta[a]phenanthrene-6,17-dione
10 non-polymer CHOLESTEROL
11 non-polymer 1,2-DIOLEOYL-SN-GLYCERO-3-PHOSPHOCHOLINE
12 water water
#
loop_
_entity_poly.entity_id
_entity_poly.type
_entity_poly.pdbx_seq_one_letter_code
_entity_poly.pdbx_strand_id
1 'polypeptide(L)'
;MGKGTASDKYEPAATSENATKSKKKGKKDKIDKKRDLDELKKEVSMDDHKLSLDELHNKYGTDLTRGLTNARAKEILARD
GPNSLTPPPTTPEWIKFCRQLFGGFSILLWIGAILCFLAYGIQAATEDEPANDNLYLGVVLSTVVIVTGCFSYYQEAKSS
RIMDSFKNMVPQQALVIRDGEKSTINAEFVVAGDLVEVKGGDRIPADLRIISAHGCKVDNSSLTGESEPQTRSPEFSSEN
PLETRNIAFFSTNCVEGTARGVVVYTGDRTVMGRIATLASGLEVGRTPIAIEIEHFIHIITGVAVFLGVSFFILSLILGY
SWLEAVIFLIGIIVANVPEGLLATVTVCLTLTAKRMARKNCLVKNLEAVETLGSTSTICS(PHD)KTGTLTQNRMTVAHM
WFDNQIHEADTTENQSGAAFDKTSATWSALSRIAALCNRAVFQAGQDNVPILKRSVAGDASESALLKCIELCCGSVQGMR
DRNPKIVEIPFNSTNKYQLSIHENEKSSESRYLLVMKGAPERILDRCSTILLNGAEEPLKEDMKEAFQNAYLELGGLGER
VLGFCHFALPEDKYNEGYPFDADEPNFPTTDLCFVGLMAMIDPPRAAVPDAVGKCRSAGIKVIMVTGDHPITAKAIAKGV
GIISEGNETIEDIAARLNIPIGQVNPRDAKACVVHGSDLKDLSTEVLDDILHYHTEIVFARTSPQQKLIIVEGCQRQGAI
VAVTGDGVNDSPALKKADIGVAMGISGSDVSKQAADMILLDDNFASIVTGVEEGRLIFDNLKKSIAYTLTSNIPEITPFL
VFIIGNVPLPLGTVTILCIDLGTDMVPAISLAYEQAESDIMKRQPRNPKTDKLVNERLISMAYGQIGMIQALGGFFSYFV
ILAENGFLPMDLIGKRVRWDDRWISDVEDSFGQQWTYEQRKIVEFTCHTSFFISIVVVQWADLIICKTRRNSIFQQGMKN
KILIFGLFEETALAAFLSYCPGTDVALRMYPLKPSWWFCAFPYSLIIFLYDEMRRFIIRRSPGGWVEQETYY
;
A,C
2 'polypeptide(L)'
;MARGKSKETDGGWKKFLWDSEKKEFLGRTGSSWFKIFLFYLIFYGCLAGIFIGTIQVLLLTLSDFEPKYQDRVAPPGLSH
APYAIKTEISFSISNPKSYESFVKSMHKLMDLYNESSQAGNSPFEDCSDTPADYIKRGDLDDSQGQKKACRFSRMWLKNC
SGLDDTTYGYAEGKPCVVAKLNRIIGFYPKPLKNTTDLPEELQANYNQYVLPLRCAAKREEDREKIGSIEYFGLGGYAGF
PLQYYPYYGKRLQKKYLQPLLAIQFTNLTQNMELRIECKVYGENIDYSEKDRFRGRFEVKIEVKS
;
B,D
3 'polypeptide(L)'
;MLGAATGLMVLVAVTQGVWAMDPEGPDNDERFTYDYYRLRVVGLIVAAVLCVIGIIILLAGKCRCKFNQNKRTRSNSGTA
TAQHLLQPGEATEC
;
G,E
#
loop_
_chem_comp.id
_chem_comp.type
_chem_comp.name
_chem_comp.formula
7Q2 non-polymer (3E,5S,8R,9S,10R,13S,14S)-3-(2-azanylethoxyimino)-10,13-dimethyl-1,2,4,5,7,8,9,11,12,14,15,16-dodecahydrocyclopenta[a]phenanthrene-6,17-dione 'C21 H32 N2 O3'
BMA D-saccharide, beta linking beta-D-mannopyranose 'C6 H12 O6'
CLR non-polymer CHOLESTEROL 'C27 H46 O'
FUC L-saccharide, alpha linking alpha-L-fucopyranose 'C6 H12 O5'
MAN D-saccharide, alpha linking alpha-D-mannopyranose 'C6 H12 O6'
MG non-polymer 'MAGNESIUM ION' 'Mg 2'
NAG D-saccharide, beta linking 2-acetamido-2-deoxy-beta-D-glucopyranose 'C8 H15 N O6'
PCW non-polymer 1,2-DIOLEOYL-SN-GLYCERO-3-PHOSPHOCHOLINE 'C44 H85 N O8 P 1'
#
# COMPACT_ATOMS: atom_id res chain seq x y z
N ASP A 36 59.06 -41.77 -15.22
CA ASP A 36 57.71 -42.30 -15.11
C ASP A 36 57.08 -42.35 -16.51
N LEU A 37 57.56 -43.26 -17.34
CA LEU A 37 57.04 -43.40 -18.69
C LEU A 37 55.57 -43.82 -18.62
N ASP A 38 54.68 -42.94 -19.08
CA ASP A 38 53.26 -43.27 -19.04
C ASP A 38 52.85 -44.27 -20.11
N GLU A 39 53.41 -44.18 -21.32
CA GLU A 39 53.00 -45.15 -22.33
C GLU A 39 53.36 -46.58 -21.91
N LEU A 40 54.45 -46.76 -21.16
CA LEU A 40 54.79 -48.13 -20.77
C LEU A 40 53.96 -48.57 -19.59
N LYS A 41 53.21 -47.62 -19.02
CA LYS A 41 52.36 -47.87 -17.89
C LYS A 41 50.94 -47.93 -18.38
N LYS A 42 50.70 -47.41 -19.60
CA LYS A 42 49.35 -47.43 -20.16
C LYS A 42 49.07 -48.78 -20.78
N GLU A 43 50.14 -49.46 -21.19
CA GLU A 43 50.09 -50.77 -21.81
C GLU A 43 49.51 -51.79 -20.84
N VAL A 44 48.97 -52.86 -21.39
CA VAL A 44 48.39 -53.90 -20.55
C VAL A 44 49.52 -54.78 -20.03
N SER A 45 49.35 -55.25 -18.80
CA SER A 45 50.33 -56.10 -18.13
C SER A 45 50.76 -57.31 -18.94
N MET A 46 52.06 -57.62 -18.83
CA MET A 46 52.75 -58.71 -19.49
C MET A 46 53.34 -59.54 -18.36
N ASP A 47 53.84 -60.73 -18.65
CA ASP A 47 54.40 -61.53 -17.56
C ASP A 47 55.23 -62.69 -18.10
N ASP A 48 55.76 -63.47 -17.15
CA ASP A 48 56.59 -64.65 -17.39
C ASP A 48 55.93 -65.90 -16.83
N HIS A 49 54.60 -65.86 -16.69
CA HIS A 49 53.83 -66.98 -16.16
C HIS A 49 54.06 -68.27 -16.94
N LYS A 50 53.89 -68.23 -18.26
CA LYS A 50 54.08 -69.42 -19.11
C LYS A 50 55.54 -69.85 -19.11
N LEU A 51 55.93 -70.50 -18.03
CA LEU A 51 57.29 -71.01 -17.85
C LEU A 51 57.19 -72.30 -17.05
N SER A 52 58.28 -72.70 -16.41
CA SER A 52 58.33 -73.90 -15.61
C SER A 52 58.88 -73.55 -14.24
N LEU A 53 58.95 -74.54 -13.35
CA LEU A 53 59.48 -74.25 -12.03
C LEU A 53 60.99 -74.15 -12.11
N ASP A 54 61.57 -74.87 -13.07
CA ASP A 54 63.01 -74.85 -13.25
C ASP A 54 63.41 -73.56 -13.92
N GLU A 55 62.66 -73.14 -14.94
CA GLU A 55 62.98 -71.89 -15.63
C GLU A 55 62.82 -70.71 -14.68
N LEU A 56 61.81 -70.77 -13.81
CA LEU A 56 61.57 -69.69 -12.87
C LEU A 56 62.72 -69.61 -11.87
N HIS A 57 63.07 -70.75 -11.28
CA HIS A 57 64.16 -70.77 -10.30
C HIS A 57 65.48 -70.41 -10.97
N ASN A 58 65.60 -70.68 -12.27
CA ASN A 58 66.81 -70.38 -13.02
C ASN A 58 66.86 -68.91 -13.43
N LYS A 59 65.72 -68.23 -13.46
CA LYS A 59 65.76 -66.83 -13.84
C LYS A 59 65.95 -65.93 -12.63
N TYR A 60 65.24 -66.19 -11.53
CA TYR A 60 65.47 -65.27 -10.41
C TYR A 60 66.52 -65.82 -9.45
N GLY A 61 66.75 -67.12 -9.44
CA GLY A 61 67.73 -67.74 -8.56
C GLY A 61 67.07 -68.18 -7.27
N THR A 62 66.73 -69.47 -7.12
CA THR A 62 66.10 -69.89 -5.88
C THR A 62 65.86 -71.38 -5.71
N ASP A 63 66.11 -71.86 -4.49
CA ASP A 63 65.93 -73.26 -4.13
C ASP A 63 64.45 -73.51 -3.90
N LEU A 64 63.87 -74.46 -4.64
CA LEU A 64 62.44 -74.74 -4.45
C LEU A 64 62.17 -75.39 -3.11
N THR A 65 63.14 -76.08 -2.52
CA THR A 65 62.96 -76.72 -1.23
C THR A 65 63.73 -76.10 -0.09
N ARG A 66 64.65 -75.18 -0.35
CA ARG A 66 65.42 -74.54 0.71
C ARG A 66 65.33 -73.03 0.69
N GLY A 67 64.81 -72.44 -0.37
CA GLY A 67 64.69 -71.01 -0.45
C GLY A 67 66.06 -70.36 -0.60
N LEU A 68 66.09 -69.08 -0.26
CA LEU A 68 67.31 -68.28 -0.33
C LEU A 68 68.06 -68.34 0.99
N THR A 69 69.26 -67.77 0.97
CA THR A 69 70.13 -67.73 2.13
C THR A 69 69.92 -66.34 2.73
N ASN A 70 70.15 -66.22 4.05
CA ASN A 70 69.96 -64.91 4.67
C ASN A 70 70.91 -63.87 4.09
N ALA A 71 72.17 -64.23 3.86
CA ALA A 71 73.11 -63.25 3.32
C ALA A 71 72.66 -62.80 1.93
N ARG A 72 72.19 -63.76 1.11
CA ARG A 72 71.74 -63.44 -0.24
C ARG A 72 70.46 -62.60 -0.17
N ALA A 73 69.60 -62.93 0.80
CA ALA A 73 68.35 -62.20 0.94
C ALA A 73 68.65 -60.74 1.26
N LYS A 74 69.58 -60.49 2.18
CA LYS A 74 69.90 -59.11 2.52
C LYS A 74 70.60 -58.42 1.36
N GLU A 75 71.37 -59.18 0.57
CA GLU A 75 72.08 -58.58 -0.55
C GLU A 75 71.06 -58.07 -1.57
N ILE A 76 69.93 -58.76 -1.69
CA ILE A 76 68.92 -58.30 -2.65
C ILE A 76 68.06 -57.21 -2.02
N LEU A 77 67.78 -57.35 -0.72
CA LEU A 77 66.97 -56.36 -0.02
C LEU A 77 67.61 -54.99 -0.18
N ALA A 78 68.93 -54.94 -0.06
CA ALA A 78 69.66 -53.68 -0.18
C ALA A 78 69.88 -53.34 -1.64
N ARG A 79 69.85 -54.35 -2.53
CA ARG A 79 70.06 -54.11 -3.95
C ARG A 79 68.88 -53.44 -4.65
N ASP A 80 67.63 -53.73 -4.29
CA ASP A 80 66.55 -53.05 -5.01
C ASP A 80 65.47 -52.32 -4.22
N GLY A 81 65.35 -52.50 -2.90
CA GLY A 81 64.30 -51.78 -2.21
C GLY A 81 63.24 -52.64 -1.54
N PRO A 82 62.71 -52.15 -0.42
CA PRO A 82 61.68 -52.90 0.30
C PRO A 82 60.39 -53.07 -0.51
N ASN A 83 59.65 -54.13 -0.17
CA ASN A 83 58.39 -54.50 -0.79
C ASN A 83 57.24 -53.64 -0.27
N SER A 84 57.39 -52.32 -0.41
CA SER A 84 56.35 -51.39 0.04
C SER A 84 56.13 -50.26 -0.96
N LEU A 85 54.86 -49.98 -1.25
CA LEU A 85 54.50 -48.93 -2.19
C LEU A 85 54.97 -47.55 -1.71
N THR A 86 55.35 -46.71 -2.66
CA THR A 86 55.81 -45.37 -2.37
C THR A 86 54.70 -44.50 -1.77
N PRO A 87 55.07 -43.50 -0.97
CA PRO A 87 54.06 -42.63 -0.35
C PRO A 87 53.62 -41.56 -1.34
N PRO A 88 52.44 -40.98 -1.16
CA PRO A 88 51.96 -39.93 -2.08
C PRO A 88 52.81 -38.66 -2.01
N PRO A 89 52.69 -37.79 -3.01
CA PRO A 89 53.46 -36.54 -3.03
C PRO A 89 52.85 -35.50 -2.09
N THR A 90 53.33 -35.47 -0.85
CA THR A 90 52.85 -34.54 0.17
C THR A 90 52.64 -33.13 -0.37
N THR A 91 51.52 -32.53 0.05
CA THR A 91 51.08 -31.18 -0.31
C THR A 91 51.15 -30.22 0.87
N PRO A 92 52.18 -29.37 0.96
CA PRO A 92 52.25 -28.43 2.09
C PRO A 92 51.00 -27.56 2.17
N GLU A 93 50.68 -27.11 3.39
CA GLU A 93 49.51 -26.27 3.56
C GLU A 93 49.69 -24.84 3.05
N TRP A 94 50.92 -24.33 3.00
CA TRP A 94 51.05 -22.96 2.48
C TRP A 94 50.83 -22.95 0.98
N ILE A 95 51.11 -24.09 0.34
CA ILE A 95 50.93 -24.18 -1.11
C ILE A 95 49.45 -24.07 -1.45
N LYS A 96 48.61 -24.85 -0.76
CA LYS A 96 47.19 -24.76 -1.08
C LYS A 96 46.60 -23.46 -0.56
N PHE A 97 47.26 -22.79 0.41
CA PHE A 97 46.66 -21.56 0.88
C PHE A 97 46.88 -20.53 -0.22
N CYS A 98 48.07 -20.56 -0.82
CA CYS A 98 48.39 -19.63 -1.88
C CYS A 98 47.51 -19.95 -3.07
N ARG A 99 47.14 -21.24 -3.20
CA ARG A 99 46.28 -21.66 -4.31
C ARG A 99 44.91 -21.02 -4.15
N GLN A 100 44.38 -21.06 -2.93
CA GLN A 100 43.07 -20.45 -2.69
C GLN A 100 43.13 -18.95 -2.86
N LEU A 101 44.32 -18.35 -2.70
CA LEU A 101 44.41 -16.91 -2.85
C LEU A 101 44.39 -16.48 -4.31
N PHE A 102 44.59 -17.42 -5.23
CA PHE A 102 44.60 -17.23 -6.68
C PHE A 102 43.38 -17.90 -7.31
N GLY A 103 43.40 -18.06 -8.63
CA GLY A 103 42.31 -18.69 -9.36
C GLY A 103 41.87 -17.86 -10.54
N GLY A 104 40.56 -17.74 -10.77
CA GLY A 104 40.10 -16.94 -11.90
C GLY A 104 39.38 -15.69 -11.46
N PHE A 105 38.55 -15.82 -10.42
CA PHE A 105 37.80 -14.69 -9.89
C PHE A 105 38.68 -13.82 -9.01
N SER A 106 39.41 -14.47 -8.08
CA SER A 106 40.28 -13.74 -7.19
C SER A 106 41.35 -13.00 -7.99
N ILE A 107 41.71 -13.52 -9.16
CA ILE A 107 42.71 -12.85 -9.97
C ILE A 107 42.13 -11.56 -10.52
N LEU A 108 40.85 -11.59 -10.89
CA LEU A 108 40.23 -10.39 -11.43
C LEU A 108 40.22 -9.32 -10.34
N LEU A 109 39.91 -9.74 -9.10
CA LEU A 109 39.89 -8.75 -8.03
C LEU A 109 41.30 -8.26 -7.75
N TRP A 110 42.30 -9.11 -8.00
CA TRP A 110 43.68 -8.72 -7.75
C TRP A 110 44.08 -7.62 -8.74
N ILE A 111 43.74 -7.83 -10.02
CA ILE A 111 44.10 -6.82 -11.02
C ILE A 111 43.33 -5.55 -10.72
N GLY A 112 42.14 -5.66 -10.11
CA GLY A 112 41.38 -4.47 -9.81
C GLY A 112 42.10 -3.66 -8.75
N ALA A 113 42.60 -4.34 -7.72
CA ALA A 113 43.31 -3.63 -6.66
C ALA A 113 44.56 -2.97 -7.21
N ILE A 114 45.27 -3.67 -8.10
CA ILE A 114 46.49 -3.13 -8.70
C ILE A 114 46.17 -1.85 -9.46
N LEU A 115 45.09 -1.88 -10.25
CA LEU A 115 44.69 -0.70 -11.01
C LEU A 115 44.37 0.46 -10.08
N CYS A 116 43.66 0.17 -8.98
CA CYS A 116 43.30 1.24 -8.04
C CYS A 116 44.55 1.92 -7.49
N PHE A 117 45.56 1.13 -7.12
CA PHE A 117 46.76 1.77 -6.59
C PHE A 117 47.51 2.53 -7.68
N LEU A 118 47.40 2.09 -8.94
CA LEU A 118 48.11 2.79 -10.00
C LEU A 118 47.49 4.19 -10.15
N ALA A 119 46.16 4.24 -10.18
CA ALA A 119 45.49 5.53 -10.33
C ALA A 119 45.79 6.43 -9.14
N TYR A 120 46.01 5.82 -7.96
CA TYR A 120 46.30 6.67 -6.80
C TYR A 120 47.68 7.26 -6.96
N GLY A 121 48.64 6.46 -7.43
CA GLY A 121 49.99 6.96 -7.59
C GLY A 121 50.00 8.14 -8.56
N ILE A 122 49.29 7.99 -9.68
CA ILE A 122 49.23 9.07 -10.67
C ILE A 122 48.64 10.33 -10.05
N GLN A 123 47.55 10.18 -9.27
CA GLN A 123 46.95 11.37 -8.66
C GLN A 123 47.87 12.01 -7.63
N ALA A 124 48.71 11.22 -6.96
CA ALA A 124 49.61 11.77 -5.96
C ALA A 124 50.76 12.54 -6.61
N ALA A 125 51.34 12.00 -7.67
CA ALA A 125 52.45 12.69 -8.33
C ALA A 125 52.00 13.80 -9.27
N THR A 126 50.75 13.81 -9.71
CA THR A 126 50.27 14.85 -10.61
C THR A 126 49.54 16.00 -9.93
N GLU A 127 48.73 15.75 -8.92
CA GLU A 127 48.01 16.82 -8.25
C GLU A 127 48.24 16.83 -6.75
N ASP A 128 48.07 18.02 -6.18
CA ASP A 128 48.25 18.27 -4.76
C ASP A 128 46.85 18.14 -4.16
N GLU A 129 46.77 17.52 -2.98
CA GLU A 129 45.57 17.24 -2.16
C GLU A 129 44.82 16.03 -2.74
N PRO A 130 45.52 15.06 -3.31
CA PRO A 130 44.86 13.88 -3.88
C PRO A 130 43.90 13.14 -2.94
N ALA A 131 42.70 12.88 -3.45
CA ALA A 131 41.71 12.19 -2.64
C ALA A 131 42.19 10.74 -2.44
N ASN A 132 41.85 10.16 -1.29
CA ASN A 132 42.24 8.79 -0.97
C ASN A 132 41.17 7.74 -1.30
N ASP A 133 40.19 8.09 -2.14
CA ASP A 133 39.12 7.15 -2.50
C ASP A 133 39.66 5.84 -3.09
N ASN A 134 40.56 5.97 -4.07
CA ASN A 134 41.16 4.80 -4.74
C ASN A 134 41.99 3.93 -3.80
N LEU A 135 42.71 4.53 -2.84
CA LEU A 135 43.51 3.68 -1.95
C LEU A 135 42.60 2.86 -1.05
N TYR A 136 41.43 3.41 -0.69
CA TYR A 136 40.52 2.68 0.18
C TYR A 136 39.93 1.52 -0.61
N LEU A 137 39.47 1.81 -1.82
CA LEU A 137 38.88 0.76 -2.66
C LEU A 137 39.87 -0.36 -2.93
N GLY A 138 41.17 -0.03 -3.07
CA GLY A 138 42.15 -1.07 -3.32
C GLY A 138 42.43 -1.94 -2.12
N VAL A 139 42.57 -1.33 -0.93
CA VAL A 139 42.84 -2.19 0.21
C VAL A 139 41.61 -3.05 0.49
N VAL A 140 40.41 -2.52 0.19
CA VAL A 140 39.21 -3.30 0.44
C VAL A 140 39.16 -4.51 -0.49
N LEU A 141 39.50 -4.31 -1.78
CA LEU A 141 39.48 -5.45 -2.69
C LEU A 141 40.47 -6.52 -2.26
N SER A 142 41.66 -6.08 -1.81
CA SER A 142 42.66 -7.05 -1.38
C SER A 142 42.14 -7.84 -0.19
N THR A 143 41.48 -7.15 0.75
CA THR A 143 40.96 -7.83 1.93
C THR A 143 39.89 -8.83 1.53
N VAL A 144 39.07 -8.49 0.53
CA VAL A 144 38.02 -9.39 0.07
C VAL A 144 38.63 -10.68 -0.44
N VAL A 145 39.68 -10.57 -1.27
CA VAL A 145 40.33 -11.76 -1.80
C VAL A 145 40.93 -12.61 -0.69
N ILE A 146 41.61 -11.97 0.27
CA ILE A 146 42.21 -12.71 1.38
C ILE A 146 41.16 -13.44 2.22
N VAL A 147 40.05 -12.77 2.54
CA VAL A 147 39.02 -13.42 3.35
C VAL A 147 38.40 -14.60 2.60
N THR A 148 38.12 -14.43 1.32
CA THR A 148 37.53 -15.53 0.56
C THR A 148 38.48 -16.72 0.55
N GLY A 149 39.78 -16.45 0.40
CA GLY A 149 40.74 -17.54 0.39
C GLY A 149 40.78 -18.27 1.72
N CYS A 150 40.73 -17.52 2.82
CA CYS A 150 40.76 -18.14 4.15
C CYS A 150 39.57 -19.08 4.35
N PHE A 151 38.37 -18.63 3.96
CA PHE A 151 37.18 -19.48 4.13
C PHE A 151 37.23 -20.74 3.26
N SER A 152 37.52 -20.59 1.96
CA SER A 152 37.58 -21.78 1.10
C SER A 152 38.65 -22.77 1.55
N TYR A 153 39.79 -22.25 2.00
CA TYR A 153 40.87 -23.12 2.45
C TYR A 153 40.46 -23.87 3.71
N TYR A 154 39.77 -23.19 4.64
CA TYR A 154 39.35 -23.84 5.86
C TYR A 154 38.41 -25.00 5.57
N GLN A 155 37.53 -24.85 4.57
CA GLN A 155 36.62 -25.94 4.27
C GLN A 155 37.37 -27.15 3.71
N GLU A 156 38.26 -26.91 2.74
CA GLU A 156 38.97 -28.07 2.21
C GLU A 156 39.85 -28.74 3.27
N ALA A 157 40.21 -27.99 4.33
CA ALA A 157 41.04 -28.63 5.35
C ALA A 157 40.16 -29.49 6.24
N LYS A 158 38.93 -29.02 6.48
CA LYS A 158 38.02 -29.78 7.32
C LYS A 158 37.82 -31.16 6.71
N SER A 159 37.56 -31.17 5.40
CA SER A 159 37.34 -32.43 4.71
C SER A 159 38.61 -33.29 4.77
N SER A 160 39.79 -32.66 4.71
CA SER A 160 41.00 -33.49 4.76
C SER A 160 41.17 -34.14 6.12
N ARG A 161 40.78 -33.46 7.20
CA ARG A 161 40.93 -34.08 8.53
C ARG A 161 39.99 -35.27 8.67
N ILE A 162 38.72 -35.07 8.30
CA ILE A 162 37.81 -36.21 8.44
C ILE A 162 38.26 -37.32 7.49
N MET A 163 39.06 -36.97 6.48
CA MET A 163 39.53 -37.97 5.53
C MET A 163 40.69 -38.74 6.13
N ASP A 164 41.50 -38.06 6.96
CA ASP A 164 42.65 -38.72 7.58
C ASP A 164 42.18 -39.68 8.65
N SER A 165 40.99 -39.45 9.18
CA SER A 165 40.59 -40.41 10.21
C SER A 165 40.19 -41.82 9.62
N PHE A 166 40.42 -42.14 8.35
CA PHE A 166 40.06 -43.43 7.80
C PHE A 166 41.23 -44.35 7.47
N LYS A 167 42.43 -43.82 7.23
CA LYS A 167 43.57 -44.68 6.92
C LYS A 167 44.05 -45.40 8.18
N ASN A 168 43.60 -46.64 8.36
CA ASN A 168 43.96 -47.46 9.51
C ASN A 168 44.93 -48.50 8.95
N MET A 169 46.23 -48.24 9.11
CA MET A 169 47.28 -49.14 8.63
C MET A 169 47.99 -49.90 9.74
N VAL A 170 47.64 -51.17 9.87
CA VAL A 170 48.20 -52.07 10.89
C VAL A 170 49.34 -52.83 10.21
N PRO A 171 50.55 -52.85 10.78
CA PRO A 171 51.65 -53.59 10.14
C PRO A 171 51.28 -55.05 9.90
N GLN A 172 51.87 -55.62 8.85
CA GLN A 172 51.66 -57.01 8.46
C GLN A 172 52.97 -57.73 8.21
N GLN A 173 53.05 -58.99 8.66
CA GLN A 173 54.24 -59.82 8.51
C GLN A 173 53.93 -61.10 7.74
N ALA A 174 54.82 -61.43 6.81
CA ALA A 174 54.74 -62.61 5.95
C ALA A 174 55.59 -63.76 6.47
N LEU A 175 55.30 -64.97 5.95
CA LEU A 175 56.01 -66.19 6.32
C LEU A 175 56.91 -66.58 5.15
N VAL A 176 58.22 -66.42 5.34
CA VAL A 176 59.25 -66.73 4.35
C VAL A 176 60.11 -67.89 4.84
N ILE A 177 60.59 -68.70 3.89
CA ILE A 177 61.43 -69.85 4.18
C ILE A 177 62.83 -69.58 3.64
N ARG A 178 63.79 -69.44 4.55
CA ARG A 178 65.19 -69.19 4.20
C ARG A 178 66.07 -70.23 4.87
N ASP A 179 67.04 -70.74 4.10
CA ASP A 179 67.98 -71.75 4.58
C ASP A 179 67.25 -72.99 5.05
N GLY A 180 66.02 -73.18 4.59
CA GLY A 180 65.21 -74.32 4.95
C GLY A 180 64.38 -74.13 6.20
N GLU A 181 64.33 -72.93 6.76
CA GLU A 181 63.56 -72.66 7.97
C GLU A 181 62.48 -71.61 7.73
N LYS A 182 61.39 -71.76 8.48
CA LYS A 182 60.23 -70.87 8.41
C LYS A 182 60.37 -69.71 9.39
N SER A 183 60.22 -68.48 8.90
CA SER A 183 60.32 -67.29 9.73
C SER A 183 59.30 -66.27 9.28
N THR A 184 58.77 -65.50 10.23
CA THR A 184 57.76 -64.47 9.96
C THR A 184 58.46 -63.13 10.08
N ILE A 185 58.61 -62.44 8.94
CA ILE A 185 59.26 -61.14 8.90
C ILE A 185 58.31 -60.09 8.33
N ASN A 186 58.55 -58.84 8.72
CA ASN A 186 57.75 -57.71 8.28
C ASN A 186 57.55 -57.76 6.77
N ALA A 187 56.40 -57.26 6.31
CA ALA A 187 56.12 -57.26 4.88
C ALA A 187 57.14 -56.44 4.10
N GLU A 188 57.77 -55.46 4.75
CA GLU A 188 58.77 -54.60 4.12
C GLU A 188 60.13 -55.26 3.93
N PHE A 189 60.32 -56.50 4.38
CA PHE A 189 61.60 -57.18 4.22
C PHE A 189 61.59 -58.32 3.22
N VAL A 190 60.49 -58.52 2.48
CA VAL A 190 60.43 -59.61 1.51
C VAL A 190 61.11 -59.17 0.22
N VAL A 191 61.88 -60.07 -0.38
CA VAL A 191 62.58 -59.74 -1.62
C VAL A 191 62.19 -60.70 -2.73
N ALA A 192 62.72 -60.47 -3.92
CA ALA A 192 62.43 -61.31 -5.07
C ALA A 192 63.30 -62.57 -5.01
N GLY A 193 62.70 -63.75 -5.07
CA GLY A 193 63.44 -64.99 -5.03
C GLY A 193 63.22 -65.88 -3.83
N ASP A 194 62.95 -65.32 -2.65
CA ASP A 194 62.75 -66.21 -1.52
C ASP A 194 61.42 -66.97 -1.64
N LEU A 195 61.30 -67.99 -0.80
CA LEU A 195 60.12 -68.84 -0.74
C LEU A 195 59.15 -68.21 0.23
N VAL A 196 57.87 -68.18 -0.13
CA VAL A 196 56.85 -67.60 0.73
C VAL A 196 55.68 -68.55 0.83
N GLU A 197 55.22 -68.79 2.05
CA GLU A 197 54.10 -69.67 2.33
C GLU A 197 52.93 -68.82 2.80
N VAL A 198 51.73 -69.21 2.39
CA VAL A 198 50.53 -68.48 2.76
C VAL A 198 49.57 -69.50 3.35
N LYS A 199 48.62 -68.98 4.12
CA LYS A 199 47.60 -69.76 4.80
C LYS A 199 46.28 -68.99 4.79
N GLY A 200 45.18 -69.71 4.61
CA GLY A 200 43.85 -69.12 4.59
C GLY A 200 43.60 -68.14 5.70
N GLY A 201 43.51 -66.86 5.33
CA GLY A 201 43.28 -65.80 6.28
C GLY A 201 44.35 -64.73 6.19
N ASP A 202 45.47 -65.06 5.57
CA ASP A 202 46.56 -64.12 5.41
C ASP A 202 46.49 -63.43 4.06
N ARG A 203 47.33 -62.41 3.92
CA ARG A 203 47.42 -61.62 2.69
C ARG A 203 48.66 -61.95 1.88
N ILE A 204 48.49 -62.04 0.57
CA ILE A 204 49.60 -62.37 -0.33
C ILE A 204 50.53 -61.16 -0.26
N PRO A 205 51.76 -61.31 0.21
CA PRO A 205 52.68 -60.16 0.28
C PRO A 205 53.01 -59.48 -1.05
N ALA A 206 53.77 -60.15 -1.90
CA ALA A 206 54.18 -59.64 -3.20
C ALA A 206 53.58 -60.51 -4.30
N ASP A 207 54.03 -60.29 -5.54
CA ASP A 207 53.51 -61.08 -6.65
C ASP A 207 54.31 -62.38 -6.65
N LEU A 208 53.63 -63.46 -6.28
CA LEU A 208 54.16 -64.82 -6.19
C LEU A 208 53.82 -65.68 -7.41
N ARG A 209 54.58 -66.76 -7.53
CA ARG A 209 54.48 -67.75 -8.59
C ARG A 209 54.29 -69.02 -7.78
N ILE A 210 53.04 -69.48 -7.70
CA ILE A 210 52.71 -70.70 -6.95
C ILE A 210 53.49 -71.90 -7.43
N ILE A 211 54.09 -72.63 -6.47
CA ILE A 211 54.88 -73.81 -6.77
C ILE A 211 54.21 -75.07 -6.23
N SER A 212 53.41 -74.97 -5.17
CA SER A 212 52.71 -76.10 -4.56
C SER A 212 51.53 -75.54 -3.78
N ALA A 213 50.33 -76.05 -4.05
CA ALA A 213 49.13 -75.59 -3.36
C ALA A 213 48.35 -76.77 -2.79
N HIS A 214 47.50 -76.47 -1.79
CA HIS A 214 46.67 -77.49 -1.13
C HIS A 214 45.27 -76.91 -0.99
N GLY A 215 44.49 -76.99 -2.07
CA GLY A 215 43.13 -76.48 -2.08
C GLY A 215 43.09 -75.02 -1.66
N CYS A 216 43.99 -74.22 -2.24
CA CYS A 216 44.10 -72.79 -1.95
C CYS A 216 43.25 -71.93 -2.87
N LYS A 217 42.47 -71.02 -2.27
CA LYS A 217 41.59 -70.10 -2.97
C LYS A 217 41.96 -68.68 -2.58
N VAL A 218 41.83 -67.73 -3.51
CA VAL A 218 42.16 -66.33 -3.27
C VAL A 218 41.03 -65.43 -3.74
N ASP A 219 40.93 -64.25 -3.11
CA ASP A 219 39.91 -63.24 -3.43
C ASP A 219 40.53 -62.18 -4.34
N ASN A 220 40.27 -62.30 -5.64
CA ASN A 220 40.77 -61.38 -6.67
C ASN A 220 39.73 -60.32 -7.03
N SER A 221 38.97 -59.84 -6.04
CA SER A 221 37.94 -58.83 -6.29
C SER A 221 38.48 -57.40 -6.46
N SER A 222 39.40 -56.97 -5.60
CA SER A 222 39.93 -55.62 -5.72
C SER A 222 40.79 -55.41 -6.97
N LEU A 223 41.73 -56.32 -7.24
CA LEU A 223 42.56 -56.16 -8.44
C LEU A 223 41.87 -56.54 -9.75
N THR A 224 41.48 -57.80 -9.90
CA THR A 224 40.82 -58.22 -11.14
C THR A 224 39.30 -58.12 -11.15
N GLY A 225 38.62 -58.05 -10.01
CA GLY A 225 37.17 -57.95 -10.06
C GLY A 225 36.39 -59.24 -10.15
N GLU A 226 36.92 -60.35 -9.63
CA GLU A 226 36.24 -61.65 -9.67
C GLU A 226 35.54 -61.87 -8.34
N SER A 227 34.20 -61.86 -8.40
CA SER A 227 33.35 -62.06 -7.22
C SER A 227 33.56 -63.40 -6.51
N GLU A 228 33.51 -64.52 -7.22
CA GLU A 228 33.72 -65.76 -6.47
C GLU A 228 35.21 -66.10 -6.29
N PRO A 229 35.53 -66.97 -5.32
CA PRO A 229 36.93 -67.35 -5.08
C PRO A 229 37.54 -68.29 -6.12
N GLN A 230 38.49 -67.77 -6.89
CA GLN A 230 39.17 -68.55 -7.91
C GLN A 230 40.28 -69.38 -7.26
N THR A 231 40.28 -70.69 -7.55
CA THR A 231 41.30 -71.57 -6.98
C THR A 231 42.66 -71.38 -7.64
N ARG A 232 43.71 -71.30 -6.82
CA ARG A 232 45.07 -71.11 -7.29
C ARG A 232 45.74 -72.47 -7.37
N SER A 233 46.31 -72.78 -8.53
CA SER A 233 46.98 -74.06 -8.74
C SER A 233 48.37 -73.84 -9.34
N PRO A 234 49.32 -74.72 -9.03
CA PRO A 234 50.68 -74.56 -9.58
C PRO A 234 50.74 -74.68 -11.10
N GLU A 235 49.76 -75.33 -11.72
CA GLU A 235 49.77 -75.47 -13.17
C GLU A 235 49.26 -74.19 -13.83
N PHE A 236 49.60 -74.04 -15.11
CA PHE A 236 49.19 -72.87 -15.87
C PHE A 236 47.91 -73.16 -16.64
N SER A 237 47.08 -72.12 -16.83
CA SER A 237 45.83 -72.38 -17.55
C SER A 237 45.46 -71.38 -18.65
N SER A 238 45.69 -70.08 -18.45
CA SER A 238 45.35 -69.10 -19.47
C SER A 238 46.51 -68.19 -19.84
N GLU A 239 46.51 -67.76 -21.10
CA GLU A 239 47.54 -66.88 -21.65
C GLU A 239 47.56 -65.53 -20.95
N ASN A 240 46.44 -65.12 -20.35
CA ASN A 240 46.34 -63.85 -19.65
C ASN A 240 46.81 -64.06 -18.21
N PRO A 241 47.83 -63.33 -17.74
CA PRO A 241 48.28 -63.53 -16.35
C PRO A 241 47.21 -63.31 -15.30
N LEU A 242 46.24 -62.44 -15.54
CA LEU A 242 45.20 -62.23 -14.54
C LEU A 242 44.24 -63.41 -14.42
N GLU A 243 44.17 -64.25 -15.45
CA GLU A 243 43.29 -65.41 -15.44
C GLU A 243 43.96 -66.71 -15.00
N THR A 244 45.27 -66.83 -15.12
CA THR A 244 45.94 -68.05 -14.70
C THR A 244 45.89 -68.21 -13.18
N ARG A 245 46.08 -69.44 -12.72
CA ARG A 245 46.07 -69.78 -11.31
C ARG A 245 47.44 -69.97 -10.68
N ASN A 246 48.53 -69.87 -11.45
CA ASN A 246 49.86 -70.05 -10.88
C ASN A 246 50.49 -68.74 -10.42
N ILE A 247 49.70 -67.69 -10.25
CA ILE A 247 50.23 -66.40 -9.80
C ILE A 247 49.35 -65.78 -8.73
N ALA A 248 49.95 -65.43 -7.60
CA ALA A 248 49.27 -64.83 -6.48
C ALA A 248 49.49 -63.33 -6.67
N PHE A 249 48.55 -62.51 -6.22
CA PHE A 249 48.76 -61.08 -6.41
C PHE A 249 48.80 -60.25 -5.14
N PHE A 250 49.37 -59.06 -5.30
CA PHE A 250 49.52 -58.09 -4.23
C PHE A 250 48.16 -57.58 -3.76
N SER A 251 48.00 -57.46 -2.45
CA SER A 251 46.80 -57.01 -1.77
C SER A 251 45.66 -58.02 -1.79
N THR A 252 45.91 -59.22 -2.30
CA THR A 252 44.86 -60.23 -2.34
C THR A 252 44.92 -61.03 -1.06
N ASN A 253 43.87 -61.81 -0.79
CA ASN A 253 43.84 -62.62 0.42
C ASN A 253 43.49 -64.05 0.11
N CYS A 254 44.11 -64.97 0.86
CA CYS A 254 43.89 -66.40 0.69
C CYS A 254 42.71 -66.76 1.58
N VAL A 255 41.57 -67.05 0.95
CA VAL A 255 40.36 -67.41 1.69
C VAL A 255 40.51 -68.75 2.41
N GLU A 256 40.69 -69.84 1.65
CA GLU A 256 40.84 -71.15 2.25
C GLU A 256 41.95 -71.95 1.58
N GLY A 257 42.77 -72.60 2.41
CA GLY A 257 43.87 -73.41 1.94
C GLY A 257 45.23 -72.78 2.25
N THR A 258 46.27 -73.51 1.88
CA THR A 258 47.65 -73.09 2.08
C THR A 258 48.41 -73.26 0.78
N ALA A 259 49.42 -72.42 0.58
CA ALA A 259 50.20 -72.53 -0.66
C ALA A 259 51.61 -71.99 -0.47
N ARG A 260 52.46 -72.31 -1.44
CA ARG A 260 53.85 -71.92 -1.48
C ARG A 260 54.11 -71.19 -2.79
N GLY A 261 55.16 -70.39 -2.84
CA GLY A 261 55.43 -69.66 -4.06
C GLY A 261 56.71 -68.84 -4.00
N VAL A 262 57.25 -68.58 -5.18
CA VAL A 262 58.48 -67.81 -5.36
C VAL A 262 58.06 -66.39 -5.71
N VAL A 263 58.62 -65.41 -5.00
CA VAL A 263 58.29 -64.02 -5.24
C VAL A 263 58.85 -63.60 -6.60
N VAL A 264 57.95 -63.30 -7.54
CA VAL A 264 58.37 -62.89 -8.88
C VAL A 264 58.48 -61.37 -8.96
N TYR A 265 57.47 -60.66 -8.47
CA TYR A 265 57.47 -59.20 -8.49
C TYR A 265 57.42 -58.68 -7.06
N THR A 266 58.18 -57.61 -6.81
CA THR A 266 58.24 -56.97 -5.51
C THR A 266 58.24 -55.45 -5.64
N GLY A 267 57.81 -54.79 -4.56
CA GLY A 267 57.70 -53.34 -4.44
C GLY A 267 56.76 -52.70 -5.43
N ASP A 268 57.04 -51.44 -5.75
CA ASP A 268 56.23 -50.67 -6.69
C ASP A 268 56.11 -51.35 -8.05
N ARG A 269 57.06 -52.20 -8.40
CA ARG A 269 57.03 -52.89 -9.69
C ARG A 269 55.89 -53.91 -9.78
N THR A 270 55.07 -54.06 -8.74
CA THR A 270 53.96 -55.00 -8.75
C THR A 270 52.84 -54.49 -9.64
N VAL A 271 51.82 -55.33 -9.85
CA VAL A 271 50.68 -54.95 -10.68
C VAL A 271 49.97 -53.73 -10.11
N MET A 272 49.47 -53.85 -8.88
CA MET A 272 48.79 -52.71 -8.28
C MET A 272 49.74 -51.55 -8.05
N GLY A 273 51.05 -51.78 -8.15
CA GLY A 273 52.02 -50.74 -7.92
C GLY A 273 52.04 -49.92 -9.19
N ARG A 274 52.06 -50.59 -10.34
CA ARG A 274 52.08 -49.85 -11.61
C ARG A 274 50.76 -49.12 -11.77
N ILE A 275 49.67 -49.73 -11.28
CA ILE A 275 48.36 -49.08 -11.40
C ILE A 275 48.32 -47.82 -10.53
N ALA A 276 48.83 -47.91 -9.29
CA ALA A 276 48.81 -46.74 -8.42
C ALA A 276 49.71 -45.64 -8.99
N THR A 277 50.90 -46.03 -9.48
CA THR A 277 51.80 -45.02 -10.04
C THR A 277 51.16 -44.35 -11.25
N LEU A 278 50.38 -45.11 -12.03
CA LEU A 278 49.74 -44.53 -13.20
C LEU A 278 48.67 -43.55 -12.75
N ALA A 279 47.93 -43.93 -11.70
CA ALA A 279 46.87 -43.06 -11.19
C ALA A 279 47.46 -41.72 -10.76
N SER A 280 48.56 -41.77 -10.01
CA SER A 280 49.19 -40.53 -9.55
C SER A 280 49.74 -39.72 -10.73
N GLY A 281 50.14 -40.40 -11.81
CA GLY A 281 50.68 -39.72 -12.97
C GLY A 281 49.69 -39.43 -14.08
N LEU A 282 48.51 -38.96 -13.69
CA LEU A 282 47.43 -38.62 -14.60
C LEU A 282 47.10 -37.16 -14.32
N GLU A 283 46.54 -36.45 -15.31
CA GLU A 283 46.24 -35.07 -15.00
C GLU A 283 44.93 -34.98 -14.21
N VAL A 284 44.57 -33.76 -13.82
CA VAL A 284 43.34 -33.51 -13.07
C VAL A 284 42.17 -33.10 -13.95
N GLY A 285 42.35 -32.05 -14.76
CA GLY A 285 41.23 -31.65 -15.59
C GLY A 285 40.75 -30.27 -15.23
N ARG A 286 39.50 -29.97 -15.55
CA ARG A 286 38.90 -28.66 -15.25
C ARG A 286 37.39 -28.84 -15.32
N THR A 287 36.75 -28.85 -14.15
CA THR A 287 35.31 -29.00 -13.98
C THR A 287 34.47 -28.05 -14.84
N PRO A 288 33.16 -28.31 -14.98
CA PRO A 288 32.33 -27.43 -15.80
C PRO A 288 32.04 -26.07 -15.16
N ILE A 289 31.84 -26.05 -13.85
CA ILE A 289 31.56 -24.80 -13.13
C ILE A 289 32.71 -23.80 -13.31
N ALA A 290 33.93 -24.30 -13.38
CA ALA A 290 35.07 -23.40 -13.54
C ALA A 290 35.02 -22.76 -14.92
N ILE A 291 34.68 -23.55 -15.95
CA ILE A 291 34.60 -23.03 -17.30
C ILE A 291 33.50 -21.98 -17.40
N GLU A 292 32.38 -22.20 -16.69
CA GLU A 292 31.30 -21.21 -16.75
C GLU A 292 31.72 -19.90 -16.11
N ILE A 293 32.40 -19.98 -14.96
CA ILE A 293 32.84 -18.74 -14.30
C ILE A 293 33.82 -18.01 -15.20
N GLU A 294 34.64 -18.77 -15.92
CA GLU A 294 35.62 -18.17 -16.81
C GLU A 294 34.93 -17.39 -17.94
N HIS A 295 33.93 -18.01 -18.59
CA HIS A 295 33.26 -17.29 -19.67
C HIS A 295 32.51 -16.09 -19.12
N PHE A 296 32.14 -16.15 -17.84
CA PHE A 296 31.43 -15.04 -17.23
C PHE A 296 32.37 -13.85 -17.12
N ILE A 297 33.59 -14.12 -16.64
CA ILE A 297 34.57 -13.05 -16.48
C ILE A 297 34.90 -12.51 -17.87
N HIS A 298 34.86 -13.38 -18.90
CA HIS A 298 35.16 -12.93 -20.25
C HIS A 298 34.19 -11.84 -20.67
N ILE A 299 32.91 -12.03 -20.37
CA ILE A 299 31.92 -11.02 -20.77
C ILE A 299 32.08 -9.76 -19.91
N ILE A 300 32.27 -9.93 -18.60
CA ILE A 300 32.44 -8.76 -17.73
C ILE A 300 33.60 -7.89 -18.18
N THR A 301 34.70 -8.52 -18.61
CA THR A 301 35.83 -7.70 -19.05
C THR A 301 35.58 -7.13 -20.43
N GLY A 302 34.79 -7.81 -21.25
CA GLY A 302 34.55 -7.27 -22.58
C GLY A 302 33.86 -5.93 -22.45
N VAL A 303 32.72 -5.92 -21.73
CA VAL A 303 32.00 -4.66 -21.58
C VAL A 303 32.78 -3.65 -20.72
N ALA A 304 33.69 -4.10 -19.85
CA ALA A 304 34.42 -3.12 -19.05
C ALA A 304 35.47 -2.38 -19.88
N VAL A 305 36.27 -3.12 -20.66
CA VAL A 305 37.27 -2.40 -21.43
C VAL A 305 36.59 -1.66 -22.57
N PHE A 306 35.37 -2.04 -22.95
CA PHE A 306 34.73 -1.32 -24.04
C PHE A 306 34.30 0.05 -23.53
N LEU A 307 33.63 0.08 -22.37
CA LEU A 307 33.19 1.37 -21.85
C LEU A 307 34.39 2.24 -21.49
N GLY A 308 35.53 1.64 -21.14
CA GLY A 308 36.65 2.50 -20.81
C GLY A 308 37.38 3.10 -21.99
N VAL A 309 37.69 2.31 -23.01
CA VAL A 309 38.40 2.91 -24.14
C VAL A 309 37.47 3.90 -24.86
N SER A 310 36.15 3.66 -24.81
CA SER A 310 35.28 4.59 -25.49
C SER A 310 35.15 5.88 -24.70
N PHE A 311 34.95 5.78 -23.37
CA PHE A 311 34.86 7.09 -22.76
C PHE A 311 36.23 7.78 -22.67
N PHE A 312 37.28 7.11 -23.16
CA PHE A 312 38.60 7.72 -23.10
C PHE A 312 38.75 8.57 -24.33
N ILE A 313 38.04 8.18 -25.38
CA ILE A 313 38.14 8.96 -26.61
C ILE A 313 37.19 10.12 -26.49
N LEU A 314 36.02 9.88 -25.88
CA LEU A 314 35.07 10.97 -25.74
C LEU A 314 35.65 12.06 -24.86
N SER A 315 36.36 11.69 -23.77
CA SER A 315 36.90 12.75 -22.94
C SER A 315 38.02 13.44 -23.70
N LEU A 316 38.78 12.71 -24.53
CA LEU A 316 39.83 13.44 -25.24
C LEU A 316 39.24 14.38 -26.28
N ILE A 317 37.94 14.23 -26.58
CA ILE A 317 37.27 15.08 -27.57
C ILE A 317 36.56 16.24 -26.89
N LEU A 318 36.30 16.15 -25.58
CA LEU A 318 35.62 17.23 -24.86
C LEU A 318 36.58 18.19 -24.18
N GLY A 319 37.89 18.03 -24.39
CA GLY A 319 38.88 18.90 -23.78
C GLY A 319 39.83 18.41 -22.71
N TYR A 320 39.40 17.55 -21.78
CA TYR A 320 40.28 17.05 -20.73
C TYR A 320 41.67 16.62 -21.21
N SER A 321 42.62 16.53 -20.28
CA SER A 321 43.99 16.14 -20.58
C SER A 321 44.17 14.62 -20.47
N TRP A 322 45.33 14.15 -20.92
CA TRP A 322 45.65 12.73 -20.88
C TRP A 322 45.68 12.19 -19.45
N LEU A 323 46.44 12.87 -18.57
CA LEU A 323 46.55 12.46 -17.17
C LEU A 323 45.21 12.12 -16.54
N GLU A 324 44.19 12.92 -16.83
CA GLU A 324 42.85 12.70 -16.30
C GLU A 324 42.14 11.55 -17.00
N ALA A 325 42.25 11.49 -18.33
CA ALA A 325 41.61 10.43 -19.08
C ALA A 325 42.09 9.05 -18.66
N VAL A 326 43.37 8.92 -18.28
CA VAL A 326 43.87 7.62 -17.86
C VAL A 326 43.16 7.19 -16.57
N ILE A 327 42.98 8.14 -15.66
CA ILE A 327 42.31 7.84 -14.40
C ILE A 327 40.87 7.48 -14.68
N PHE A 328 40.27 8.11 -15.70
CA PHE A 328 38.88 7.81 -16.03
C PHE A 328 38.76 6.38 -16.54
N LEU A 329 39.72 5.98 -17.38
CA LEU A 329 39.72 4.64 -17.95
C LEU A 329 39.82 3.59 -16.84
N ILE A 330 40.76 3.79 -15.92
CA ILE A 330 40.93 2.84 -14.81
C ILE A 330 39.69 2.82 -13.91
N GLY A 331 39.11 3.99 -13.63
CA GLY A 331 37.93 4.03 -12.77
C GLY A 331 36.75 3.31 -13.37
N ILE A 332 36.53 3.49 -14.68
CA ILE A 332 35.40 2.82 -15.31
C ILE A 332 35.64 1.32 -15.36
N ILE A 333 36.88 0.89 -15.63
CA ILE A 333 37.12 -0.55 -15.69
C ILE A 333 37.02 -1.19 -14.31
N VAL A 334 37.23 -0.44 -13.23
CA VAL A 334 37.14 -1.05 -11.90
C VAL A 334 35.70 -1.05 -11.36
N ALA A 335 34.90 -0.03 -11.68
CA ALA A 335 33.52 -0.02 -11.18
C ALA A 335 32.70 -1.17 -11.72
N ASN A 336 33.04 -1.70 -12.90
CA ASN A 336 32.34 -2.80 -13.54
C ASN A 336 32.79 -4.20 -13.06
N VAL A 337 33.34 -4.33 -11.86
CA VAL A 337 33.79 -5.61 -11.33
C VAL A 337 32.97 -5.94 -10.11
N PRO A 338 32.31 -7.11 -10.05
CA PRO A 338 31.51 -7.48 -8.88
C PRO A 338 32.40 -7.97 -7.74
N GLU A 339 32.40 -7.26 -6.61
CA GLU A 339 33.27 -7.76 -5.56
C GLU A 339 32.52 -8.71 -4.63
N GLY A 340 31.26 -8.41 -4.32
CA GLY A 340 30.55 -9.31 -3.45
C GLY A 340 30.16 -10.61 -4.12
N LEU A 341 30.24 -10.64 -5.46
CA LEU A 341 29.89 -11.83 -6.20
C LEU A 341 30.83 -12.97 -5.82
N LEU A 342 32.10 -12.67 -5.59
CA LEU A 342 33.03 -13.74 -5.23
C LEU A 342 32.59 -14.38 -3.91
N ALA A 343 32.36 -13.55 -2.89
CA ALA A 343 31.93 -14.06 -1.59
C ALA A 343 30.55 -14.69 -1.69
N THR A 344 29.66 -14.08 -2.50
CA THR A 344 28.31 -14.61 -2.64
C THR A 344 28.33 -15.98 -3.32
N VAL A 345 29.12 -16.13 -4.38
CA VAL A 345 29.20 -17.39 -5.10
C VAL A 345 29.83 -18.45 -4.20
N THR A 346 30.85 -18.05 -3.43
CA THR A 346 31.50 -19.00 -2.54
C THR A 346 30.51 -19.51 -1.50
N VAL A 347 29.76 -18.60 -0.87
CA VAL A 347 28.80 -19.02 0.15
C VAL A 347 27.70 -19.85 -0.52
N CYS A 348 27.33 -19.50 -1.75
CA CYS A 348 26.28 -20.23 -2.46
C CYS A 348 26.69 -21.68 -2.60
N LEU A 349 27.89 -21.91 -3.13
CA LEU A 349 28.40 -23.27 -3.32
C LEU A 349 28.54 -23.99 -1.98
N THR A 350 28.99 -23.26 -0.94
CA THR A 350 29.17 -23.84 0.38
C THR A 350 27.86 -24.30 1.02
N LEU A 351 26.75 -23.60 0.77
CA LEU A 351 25.47 -24.01 1.36
C LEU A 351 25.00 -25.38 0.87
N THR A 352 25.07 -25.66 -0.43
CA THR A 352 24.62 -26.97 -0.93
C THR A 352 25.50 -28.13 -0.45
N ALA A 353 26.74 -27.85 -0.06
CA ALA A 353 27.59 -28.93 0.39
C ALA A 353 27.21 -29.39 1.80
N LYS A 354 26.63 -28.52 2.61
CA LYS A 354 26.27 -28.96 3.95
C LYS A 354 25.06 -29.87 3.86
N ARG A 355 24.13 -29.55 2.95
CA ARG A 355 22.94 -30.38 2.80
C ARG A 355 23.41 -31.77 2.40
N MET A 356 24.47 -31.82 1.59
CA MET A 356 25.00 -33.11 1.16
C MET A 356 25.65 -33.84 2.33
N ALA A 357 26.40 -33.10 3.16
CA ALA A 357 27.07 -33.73 4.30
C ALA A 357 26.07 -34.22 5.34
N ARG A 358 24.82 -33.75 5.26
CA ARG A 358 23.84 -34.20 6.24
C ARG A 358 23.37 -35.60 5.90
N LYS A 359 23.39 -35.96 4.62
CA LYS A 359 22.96 -37.27 4.15
C LYS A 359 24.14 -38.23 3.90
N ASN A 360 25.33 -37.94 4.48
CA ASN A 360 26.56 -38.74 4.36
C ASN A 360 27.26 -38.75 2.99
N CYS A 361 27.29 -37.61 2.30
CA CYS A 361 27.93 -37.50 0.97
C CYS A 361 29.01 -36.43 1.13
N LEU A 362 30.29 -36.83 1.24
CA LEU A 362 31.35 -35.83 1.41
C LEU A 362 32.18 -35.56 0.15
N VAL A 363 32.39 -34.27 -0.14
CA VAL A 363 33.15 -33.79 -1.28
C VAL A 363 34.48 -33.23 -0.77
N LYS A 364 35.57 -33.57 -1.45
CA LYS A 364 36.88 -33.07 -1.02
C LYS A 364 37.10 -31.64 -1.50
N ASN A 365 36.75 -31.35 -2.75
CA ASN A 365 36.92 -30.02 -3.31
C ASN A 365 35.62 -29.27 -3.02
N LEU A 366 35.45 -28.07 -3.58
CA LEU A 366 34.23 -27.33 -3.32
C LEU A 366 33.32 -27.24 -4.54
N GLU A 367 33.87 -27.24 -5.74
CA GLU A 367 33.07 -27.16 -6.95
C GLU A 367 32.54 -28.52 -7.41
N ALA A 368 33.07 -29.62 -6.87
CA ALA A 368 32.61 -30.95 -7.28
C ALA A 368 31.16 -31.21 -6.89
N VAL A 369 30.50 -30.23 -6.27
CA VAL A 369 29.11 -30.35 -5.85
C VAL A 369 28.16 -30.12 -7.01
N GLU A 370 28.58 -29.39 -8.03
CA GLU A 370 27.76 -29.09 -9.21
C GLU A 370 27.92 -30.08 -10.35
N THR A 371 29.09 -30.72 -10.48
CA THR A 371 29.32 -31.68 -11.56
C THR A 371 28.28 -32.81 -11.62
N LEU A 372 27.75 -33.25 -10.48
CA LEU A 372 26.74 -34.32 -10.54
C LEU A 372 25.50 -33.92 -11.31
N GLY A 373 25.01 -32.69 -11.11
CA GLY A 373 23.84 -32.24 -11.82
C GLY A 373 24.03 -32.12 -13.31
N SER A 374 25.25 -31.80 -13.75
CA SER A 374 25.54 -31.65 -15.17
C SER A 374 25.92 -32.96 -15.86
N THR A 375 26.05 -34.06 -15.11
CA THR A 375 26.42 -35.33 -15.71
C THR A 375 25.31 -35.85 -16.62
N SER A 376 25.71 -36.51 -17.71
CA SER A 376 24.79 -37.06 -18.68
C SER A 376 25.14 -38.49 -19.09
N THR A 377 26.16 -39.08 -18.48
CA THR A 377 26.59 -40.44 -18.78
C THR A 377 27.34 -40.94 -17.57
N ILE A 378 26.75 -41.89 -16.85
CA ILE A 378 27.37 -42.46 -15.65
C ILE A 378 27.95 -43.83 -15.96
N CYS A 379 29.26 -43.98 -15.77
CA CYS A 379 29.97 -45.23 -16.02
C CYS A 379 30.11 -45.86 -14.64
N SER A 380 29.45 -46.99 -14.43
CA SER A 380 29.54 -47.65 -13.13
C SER A 380 30.30 -48.96 -13.11
N PHD A 381 30.65 -49.38 -11.89
CA PHD A 381 31.38 -50.60 -11.65
C PHD A 381 30.35 -51.61 -11.08
O PHD A 381 29.35 -51.18 -10.42
CB PHD A 381 32.58 -50.45 -10.70
CG PHD A 381 33.28 -51.71 -10.26
OD1 PHD A 381 34.07 -52.30 -11.14
OD2 PHD A 381 33.18 -52.24 -9.14
P PHD A 381 34.36 -53.75 -10.92
OP1 PHD A 381 33.13 -54.56 -11.18
OP2 PHD A 381 35.46 -54.19 -11.86
OP3 PHD A 381 34.81 -53.96 -9.50
N LYS A 382 30.57 -52.90 -11.30
CA LYS A 382 29.65 -53.93 -10.80
C LYS A 382 30.01 -54.44 -9.41
N THR A 383 31.16 -55.11 -9.30
CA THR A 383 31.63 -55.65 -8.04
C THR A 383 32.01 -54.54 -7.07
N GLY A 384 31.32 -54.51 -5.92
CA GLY A 384 31.56 -53.53 -4.88
C GLY A 384 30.78 -52.24 -5.03
N THR A 385 30.30 -51.92 -6.23
CA THR A 385 29.55 -50.68 -6.45
C THR A 385 28.10 -51.02 -6.77
N LEU A 386 27.87 -51.70 -7.88
CA LEU A 386 26.52 -52.07 -8.26
C LEU A 386 25.99 -53.20 -7.39
N THR A 387 26.88 -54.04 -6.87
CA THR A 387 26.53 -55.18 -6.02
C THR A 387 27.09 -55.03 -4.60
N GLN A 388 26.92 -56.10 -3.80
CA GLN A 388 27.36 -56.19 -2.41
C GLN A 388 28.58 -57.07 -2.18
N ASN A 389 29.06 -57.78 -3.20
CA ASN A 389 30.23 -58.65 -3.09
C ASN A 389 30.10 -59.70 -1.97
N ARG A 390 28.88 -60.14 -1.66
CA ARG A 390 28.64 -61.14 -0.61
C ARG A 390 27.62 -62.16 -1.11
N MET A 391 27.98 -63.46 -1.05
CA MET A 391 27.07 -64.52 -1.49
C MET A 391 25.84 -64.64 -0.58
N THR A 392 24.66 -64.75 -1.19
CA THR A 392 23.41 -64.87 -0.44
C THR A 392 22.43 -65.82 -1.10
N VAL A 393 21.73 -66.62 -0.28
CA VAL A 393 20.75 -67.61 -0.75
C VAL A 393 19.63 -66.84 -1.43
N ALA A 394 19.50 -66.98 -2.75
CA ALA A 394 18.45 -66.30 -3.52
C ALA A 394 17.14 -67.05 -3.73
N HIS A 395 17.18 -68.21 -4.39
CA HIS A 395 15.97 -69.00 -4.65
C HIS A 395 16.08 -70.42 -4.09
N MET A 396 14.92 -70.99 -3.73
CA MET A 396 14.85 -72.34 -3.18
C MET A 396 13.76 -73.17 -3.85
N TRP A 397 14.03 -74.45 -4.06
CA TRP A 397 13.08 -75.37 -4.69
C TRP A 397 12.57 -76.38 -3.68
N PHE A 398 11.25 -76.55 -3.61
CA PHE A 398 10.60 -77.48 -2.69
C PHE A 398 9.11 -77.49 -3.00
N ASP A 399 8.51 -78.67 -2.93
CA ASP A 399 7.08 -78.88 -3.19
C ASP A 399 6.73 -78.37 -4.58
N ASN A 400 7.52 -78.80 -5.57
CA ASN A 400 7.35 -78.43 -6.98
C ASN A 400 6.97 -76.94 -7.07
N GLN A 401 7.76 -76.11 -6.40
CA GLN A 401 7.48 -74.69 -6.43
C GLN A 401 8.70 -73.85 -6.07
N ILE A 402 8.98 -72.84 -6.90
CA ILE A 402 10.11 -71.96 -6.68
C ILE A 402 9.73 -70.93 -5.63
N HIS A 403 10.59 -70.75 -4.64
CA HIS A 403 10.37 -69.81 -3.55
C HIS A 403 11.51 -68.80 -3.57
N GLU A 404 11.20 -67.54 -3.30
CA GLU A 404 12.20 -66.49 -3.29
C GLU A 404 12.46 -66.03 -1.87
N ALA A 405 13.71 -65.77 -1.55
CA ALA A 405 14.14 -65.32 -0.24
C ALA A 405 14.61 -63.88 -0.32
N ASP A 406 14.56 -63.20 0.83
CA ASP A 406 15.00 -61.81 0.89
C ASP A 406 16.52 -61.75 0.86
N THR A 407 17.05 -61.06 -0.14
CA THR A 407 18.50 -60.89 -0.32
C THR A 407 18.87 -59.42 -0.22
N THR A 408 18.36 -58.72 0.79
CA THR A 408 18.65 -57.31 1.00
C THR A 408 19.25 -57.06 2.38
N GLU A 409 20.30 -56.23 2.39
CA GLU A 409 21.07 -55.82 3.55
C GLU A 409 20.30 -55.62 4.86
N ASN A 410 19.31 -54.72 4.86
CA ASN A 410 18.51 -54.48 6.06
C ASN A 410 17.32 -55.41 6.25
N GLN A 411 17.17 -56.42 5.38
CA GLN A 411 16.05 -57.37 5.48
C GLN A 411 14.70 -56.65 5.49
N SER A 412 14.40 -56.02 4.35
CA SER A 412 13.15 -55.29 4.17
C SER A 412 12.45 -55.87 2.95
N GLY A 413 11.75 -56.98 3.15
CA GLY A 413 11.07 -57.58 2.03
C GLY A 413 9.94 -58.56 2.32
N ALA A 414 9.89 -59.64 1.55
CA ALA A 414 8.87 -60.70 1.70
C ALA A 414 9.41 -62.03 2.20
N ALA A 415 8.72 -62.61 3.17
CA ALA A 415 9.12 -63.89 3.74
C ALA A 415 8.80 -64.97 2.71
N PHE A 416 9.23 -66.21 2.95
CA PHE A 416 8.92 -67.26 1.97
C PHE A 416 7.94 -68.33 2.43
N ASP A 417 6.99 -68.02 3.31
CA ASP A 417 6.03 -69.06 3.74
C ASP A 417 6.66 -70.21 4.52
N LYS A 418 7.10 -69.95 5.76
CA LYS A 418 7.71 -70.96 6.61
C LYS A 418 6.70 -71.82 7.36
N THR A 419 5.71 -72.39 6.66
CA THR A 419 4.72 -73.23 7.34
C THR A 419 4.66 -74.69 6.91
N SER A 420 5.46 -75.13 5.95
CA SER A 420 5.41 -76.53 5.54
C SER A 420 6.50 -77.34 6.23
N ALA A 421 6.29 -78.65 6.29
CA ALA A 421 7.27 -79.52 6.93
C ALA A 421 8.51 -79.64 6.05
N THR A 422 8.31 -79.56 4.74
CA THR A 422 9.40 -79.65 3.78
C THR A 422 10.49 -78.65 4.13
N TRP A 423 10.09 -77.40 4.38
CA TRP A 423 11.07 -76.36 4.73
C TRP A 423 11.83 -76.75 5.99
N SER A 424 11.15 -77.33 6.97
CA SER A 424 11.83 -77.72 8.21
C SER A 424 12.90 -78.76 7.90
N ALA A 425 12.54 -79.77 7.11
CA ALA A 425 13.51 -80.80 6.76
C ALA A 425 14.68 -80.17 6.01
N LEU A 426 14.40 -79.18 5.18
CA LEU A 426 15.46 -78.51 4.42
C LEU A 426 16.40 -77.79 5.38
N SER A 427 15.81 -77.14 6.39
CA SER A 427 16.61 -76.42 7.37
C SER A 427 17.51 -77.39 8.10
N ARG A 428 17.01 -78.60 8.37
CA ARG A 428 17.83 -79.57 9.08
C ARG A 428 18.96 -80.06 8.20
N ILE A 429 18.67 -80.27 6.91
CA ILE A 429 19.70 -80.75 5.98
C ILE A 429 20.83 -79.73 5.87
N ALA A 430 20.49 -78.50 5.49
CA ALA A 430 21.49 -77.44 5.34
C ALA A 430 22.19 -77.08 6.65
N ALA A 431 21.43 -76.91 7.74
CA ALA A 431 22.04 -76.56 9.03
C ALA A 431 22.92 -77.67 9.60
N LEU A 432 22.67 -78.93 9.25
CA LEU A 432 23.52 -80.00 9.80
C LEU A 432 24.70 -80.29 8.87
N CYS A 433 24.42 -80.62 7.61
CA CYS A 433 25.47 -80.93 6.63
C CYS A 433 26.13 -79.62 6.19
N ASN A 434 26.86 -79.01 7.13
CA ASN A 434 27.58 -77.76 6.93
C ASN A 434 28.57 -77.67 8.09
N ARG A 435 29.84 -77.39 7.79
CA ARG A 435 30.90 -77.27 8.77
C ARG A 435 31.31 -75.85 9.18
N ALA A 436 30.77 -74.80 8.57
CA ALA A 436 31.18 -73.45 8.98
C ALA A 436 30.42 -72.97 10.21
N VAL A 437 31.05 -72.06 10.96
CA VAL A 437 30.47 -71.49 12.18
C VAL A 437 30.90 -70.04 12.33
N PHE A 438 29.98 -69.21 12.83
CA PHE A 438 30.25 -67.80 13.04
C PHE A 438 31.53 -67.63 13.86
N GLN A 439 32.26 -66.55 13.58
CA GLN A 439 33.50 -66.30 14.31
C GLN A 439 33.20 -65.85 15.73
N ALA A 440 33.94 -66.40 16.69
CA ALA A 440 33.75 -66.06 18.09
C ALA A 440 33.59 -64.54 18.27
N GLY A 441 32.76 -64.12 19.21
CA GLY A 441 32.55 -62.69 19.46
C GLY A 441 31.84 -61.83 18.43
N GLN A 442 30.75 -62.31 17.84
CA GLN A 442 30.00 -61.54 16.84
C GLN A 442 28.58 -61.30 17.35
N ASP A 443 28.34 -61.61 18.61
CA ASP A 443 27.09 -61.48 19.35
C ASP A 443 26.45 -60.10 19.20
N ASN A 444 27.19 -59.13 18.66
CA ASN A 444 26.71 -57.77 18.47
C ASN A 444 26.31 -57.40 17.05
N VAL A 445 27.12 -57.74 16.04
CA VAL A 445 26.76 -57.40 14.65
C VAL A 445 25.47 -58.07 14.21
N PRO A 446 24.93 -57.71 13.03
CA PRO A 446 23.68 -58.33 12.58
C PRO A 446 23.98 -59.71 11.99
N ILE A 447 22.91 -60.45 11.71
CA ILE A 447 23.03 -61.79 11.13
C ILE A 447 23.69 -61.83 9.77
N LEU A 448 23.58 -60.77 8.96
CA LEU A 448 24.24 -60.85 7.66
C LEU A 448 25.67 -60.31 7.62
N LYS A 449 25.97 -59.24 8.35
CA LYS A 449 27.32 -58.68 8.35
C LYS A 449 28.33 -59.38 9.27
N ARG A 450 28.01 -60.51 9.91
CA ARG A 450 29.04 -61.08 10.76
C ARG A 450 30.01 -61.97 9.98
N SER A 451 31.18 -62.19 10.59
CA SER A 451 32.25 -63.00 10.02
C SER A 451 31.99 -64.50 10.21
N VAL A 452 32.12 -65.26 9.13
CA VAL A 452 31.89 -66.70 9.14
C VAL A 452 33.11 -67.38 8.54
N ALA A 453 33.69 -68.33 9.29
CA ALA A 453 34.87 -69.08 8.86
C ALA A 453 34.46 -70.28 8.01
N GLY A 454 34.75 -70.22 6.71
CA GLY A 454 34.39 -71.31 5.82
C GLY A 454 34.22 -70.82 4.40
N ASP A 455 33.72 -71.73 3.56
CA ASP A 455 33.49 -71.42 2.16
C ASP A 455 32.33 -70.43 2.06
N ALA A 456 32.17 -69.82 0.88
CA ALA A 456 31.07 -68.87 0.74
C ALA A 456 29.71 -69.54 0.61
N SER A 457 29.68 -70.82 0.23
CA SER A 457 28.40 -71.50 0.10
C SER A 457 27.88 -71.92 1.46
N GLU A 458 28.75 -72.55 2.27
CA GLU A 458 28.29 -72.98 3.58
C GLU A 458 27.95 -71.75 4.41
N SER A 459 28.65 -70.63 4.15
CA SER A 459 28.39 -69.41 4.90
C SER A 459 27.03 -68.86 4.52
N ALA A 460 26.71 -68.83 3.23
CA ALA A 460 25.41 -68.31 2.81
C ALA A 460 24.28 -69.18 3.37
N LEU A 461 24.48 -70.49 3.35
CA LEU A 461 23.45 -71.40 3.88
C LEU A 461 23.29 -71.21 5.38
N LEU A 462 24.42 -71.09 6.10
CA LEU A 462 24.37 -70.91 7.54
C LEU A 462 23.64 -69.63 7.89
N LYS A 463 23.88 -68.55 7.12
CA LYS A 463 23.22 -67.29 7.41
C LYS A 463 21.72 -67.38 7.14
N CYS A 464 21.31 -68.07 6.07
CA CYS A 464 19.87 -68.16 5.81
C CYS A 464 19.16 -68.96 6.88
N ILE A 465 19.80 -70.05 7.35
CA ILE A 465 19.17 -70.87 8.38
C ILE A 465 19.15 -70.10 9.69
N GLU A 466 20.23 -69.40 10.01
CA GLU A 466 20.29 -68.64 11.25
C GLU A 466 19.36 -67.45 11.19
N LEU A 467 18.94 -67.07 9.98
CA LEU A 467 18.05 -65.95 9.79
C LEU A 467 16.59 -66.30 10.04
N CYS A 468 16.05 -67.35 9.39
CA CYS A 468 14.65 -67.65 9.67
C CYS A 468 14.42 -68.99 10.38
N CYS A 469 15.42 -69.50 11.10
CA CYS A 469 15.28 -70.76 11.82
C CYS A 469 15.95 -70.68 13.18
N GLY A 470 16.33 -69.49 13.63
CA GLY A 470 16.96 -69.29 14.91
C GLY A 470 18.37 -69.87 14.95
N SER A 471 18.97 -69.75 16.13
CA SER A 471 20.32 -70.23 16.44
C SER A 471 20.72 -71.61 15.92
N VAL A 472 21.66 -71.64 14.99
CA VAL A 472 22.13 -72.90 14.41
C VAL A 472 22.95 -73.66 15.44
N GLN A 473 23.64 -72.96 16.34
CA GLN A 473 24.46 -73.63 17.35
C GLN A 473 23.65 -74.58 18.23
N GLY A 474 22.36 -74.32 18.40
CA GLY A 474 21.58 -75.21 19.23
C GLY A 474 20.99 -76.23 18.29
N MET A 475 20.72 -75.81 17.06
CA MET A 475 20.14 -76.74 16.10
C MET A 475 21.14 -77.86 15.85
N ARG A 476 22.43 -77.53 15.94
CA ARG A 476 23.54 -78.44 15.73
C ARG A 476 23.80 -79.25 16.98
N ASP A 477 23.65 -78.64 18.17
CA ASP A 477 23.92 -79.48 19.32
C ASP A 477 22.72 -80.36 19.64
N ARG A 478 21.57 -80.04 19.04
CA ARG A 478 20.34 -80.79 19.25
C ARG A 478 20.39 -82.14 18.54
N ASN A 479 21.31 -82.31 17.57
CA ASN A 479 21.53 -83.51 16.77
C ASN A 479 23.04 -83.75 16.66
N PRO A 480 23.56 -84.74 17.39
CA PRO A 480 25.01 -85.04 17.35
C PRO A 480 25.48 -85.76 16.08
N LYS A 481 26.46 -85.15 15.40
CA LYS A 481 27.03 -85.69 14.17
C LYS A 481 27.94 -86.88 14.46
N ILE A 482 27.58 -88.05 13.93
CA ILE A 482 28.40 -89.24 14.16
C ILE A 482 29.53 -89.42 13.17
N VAL A 483 29.20 -89.53 11.88
CA VAL A 483 30.28 -89.70 10.90
C VAL A 483 30.02 -88.88 9.65
N GLU A 484 31.07 -88.20 9.17
CA GLU A 484 31.01 -87.37 7.99
C GLU A 484 32.07 -87.72 6.96
N ILE A 485 31.68 -87.77 5.69
CA ILE A 485 32.62 -88.10 4.64
C ILE A 485 32.82 -86.80 3.87
N PRO A 486 33.95 -86.11 4.03
CA PRO A 486 34.18 -84.85 3.31
C PRO A 486 33.98 -84.87 1.81
N PHE A 487 33.73 -83.68 1.27
CA PHE A 487 33.50 -83.51 -0.17
C PHE A 487 34.65 -84.16 -0.93
N ASN A 488 34.31 -84.97 -1.92
CA ASN A 488 35.31 -85.64 -2.72
C ASN A 488 35.24 -85.17 -4.17
N SER A 489 36.40 -85.18 -4.83
CA SER A 489 36.45 -84.75 -6.22
C SER A 489 35.75 -85.76 -7.12
N THR A 490 35.62 -87.01 -6.67
CA THR A 490 34.99 -88.07 -7.41
C THR A 490 33.53 -88.24 -7.00
N ASN A 491 33.26 -88.21 -5.69
CA ASN A 491 31.89 -88.36 -5.19
C ASN A 491 31.04 -87.15 -5.54
N LYS A 492 31.65 -85.96 -5.60
CA LYS A 492 30.94 -84.72 -5.92
C LYS A 492 29.77 -84.50 -4.97
N TYR A 493 29.97 -84.82 -3.68
CA TYR A 493 28.93 -84.65 -2.68
C TYR A 493 29.53 -84.61 -1.28
N GLN A 494 28.75 -84.05 -0.35
CA GLN A 494 29.13 -83.91 1.05
C GLN A 494 28.03 -84.56 1.88
N LEU A 495 28.36 -85.62 2.63
CA LEU A 495 27.37 -86.30 3.46
C LEU A 495 27.84 -86.52 4.88
N SER A 496 26.86 -86.79 5.75
CA SER A 496 27.13 -87.03 7.17
C SER A 496 25.89 -87.56 7.88
N ILE A 497 26.12 -88.39 8.90
CA ILE A 497 25.08 -88.99 9.71
C ILE A 497 25.18 -88.44 11.11
N HIS A 498 23.99 -88.19 11.68
CA HIS A 498 23.79 -87.67 13.01
C HIS A 498 22.61 -88.37 13.67
N GLU A 499 22.53 -88.22 14.98
CA GLU A 499 21.46 -88.83 15.75
C GLU A 499 20.18 -88.03 15.51
N ASN A 500 19.04 -88.64 15.77
CA ASN A 500 17.76 -87.97 15.58
C ASN A 500 17.26 -87.50 16.94
N GLU A 501 17.01 -86.19 17.05
CA GLU A 501 16.53 -85.64 18.32
C GLU A 501 15.10 -86.01 18.65
N LYS A 502 14.42 -86.83 17.86
CA LYS A 502 13.05 -87.17 18.19
C LYS A 502 13.11 -88.02 19.45
N SER A 503 12.44 -87.59 20.51
CA SER A 503 12.50 -88.40 21.71
C SER A 503 11.71 -89.70 21.56
N SER A 504 10.96 -89.84 20.47
CA SER A 504 10.17 -91.03 20.21
C SER A 504 10.79 -91.91 19.16
N GLU A 505 11.82 -91.41 18.46
CA GLU A 505 12.52 -92.13 17.41
C GLU A 505 14.01 -92.02 17.68
N SER A 506 14.65 -93.15 17.97
CA SER A 506 16.07 -93.21 18.25
C SER A 506 16.88 -93.62 17.03
N ARG A 507 16.26 -93.60 15.84
CA ARG A 507 16.94 -93.97 14.61
C ARG A 507 18.08 -93.03 14.25
N TYR A 508 18.68 -93.25 13.09
CA TYR A 508 19.78 -92.43 12.61
C TYR A 508 19.39 -91.63 11.38
N LEU A 509 19.83 -90.38 11.33
CA LEU A 509 19.55 -89.51 10.22
C LEU A 509 20.79 -89.36 9.34
N LEU A 510 20.59 -89.38 8.03
CA LEU A 510 21.67 -89.26 7.05
C LEU A 510 21.30 -88.10 6.13
N VAL A 511 22.24 -87.20 5.92
CA VAL A 511 22.00 -86.06 5.05
C VAL A 511 23.15 -85.91 4.08
N MET A 512 22.84 -85.38 2.90
CA MET A 512 23.87 -85.19 1.89
C MET A 512 23.44 -84.08 0.95
N LYS A 513 24.43 -83.32 0.50
CA LYS A 513 24.24 -82.21 -0.41
C LYS A 513 25.23 -82.37 -1.56
N GLY A 514 24.92 -81.72 -2.68
CA GLY A 514 25.82 -81.82 -3.81
C GLY A 514 25.18 -81.27 -5.07
N ALA A 515 25.87 -81.45 -6.19
CA ALA A 515 25.36 -80.97 -7.46
C ALA A 515 23.98 -81.60 -7.70
N PRO A 516 23.02 -80.83 -8.21
CA PRO A 516 21.68 -81.41 -8.45
C PRO A 516 21.65 -82.60 -9.39
N GLU A 517 22.57 -82.69 -10.36
CA GLU A 517 22.53 -83.85 -11.26
C GLU A 517 22.96 -85.12 -10.52
N ARG A 518 24.08 -85.04 -9.81
CA ARG A 518 24.58 -86.19 -9.06
C ARG A 518 23.56 -86.65 -8.02
N ILE A 519 22.99 -85.69 -7.28
CA ILE A 519 22.00 -86.06 -6.27
C ILE A 519 20.73 -86.58 -6.91
N LEU A 520 20.38 -86.08 -8.10
CA LEU A 520 19.16 -86.57 -8.73
C LEU A 520 19.34 -88.03 -9.09
N ASP A 521 20.56 -88.40 -9.48
CA ASP A 521 20.82 -89.79 -9.83
C ASP A 521 20.87 -90.69 -8.60
N ARG A 522 20.68 -90.14 -7.39
CA ARG A 522 20.71 -90.94 -6.16
C ARG A 522 19.41 -90.91 -5.38
N CYS A 523 18.28 -90.60 -6.01
CA CYS A 523 17.04 -90.58 -5.26
C CYS A 523 15.98 -91.40 -5.99
N SER A 524 14.90 -91.65 -5.27
CA SER A 524 13.79 -92.42 -5.78
C SER A 524 12.49 -92.00 -5.12
N THR A 525 12.53 -91.03 -4.22
CA THR A 525 11.38 -90.52 -3.51
C THR A 525 11.50 -89.00 -3.48
N ILE A 526 10.41 -88.35 -3.11
CA ILE A 526 10.34 -86.90 -3.03
C ILE A 526 9.42 -86.54 -1.88
N LEU A 527 9.91 -85.65 -1.02
CA LEU A 527 9.16 -85.18 0.14
C LEU A 527 8.24 -84.07 -0.34
N LEU A 528 7.00 -84.44 -0.65
CA LEU A 528 6.01 -83.48 -1.13
C LEU A 528 5.06 -83.09 0.00
N ASN A 529 5.06 -81.80 0.35
CA ASN A 529 4.23 -81.22 1.40
C ASN A 529 4.36 -81.97 2.72
N GLY A 530 5.38 -82.81 2.85
CA GLY A 530 5.61 -83.57 4.04
C GLY A 530 5.61 -85.07 3.75
N ALA A 531 4.55 -85.56 3.13
CA ALA A 531 4.49 -86.99 2.81
C ALA A 531 5.54 -87.32 1.76
N GLU A 532 5.69 -88.60 1.45
CA GLU A 532 6.67 -89.00 0.45
C GLU A 532 5.93 -89.50 -0.78
N GLU A 533 6.61 -89.46 -1.92
CA GLU A 533 6.02 -89.90 -3.18
C GLU A 533 7.13 -90.44 -4.06
N PRO A 534 6.80 -91.20 -5.11
CA PRO A 534 7.84 -91.73 -5.99
C PRO A 534 8.44 -90.61 -6.84
N LEU A 535 9.51 -90.96 -7.55
CA LEU A 535 10.22 -90.02 -8.42
C LEU A 535 9.84 -90.19 -9.89
N LYS A 536 8.55 -90.32 -10.23
CA LYS A 536 8.16 -90.48 -11.62
C LYS A 536 8.70 -89.34 -12.48
N GLU A 537 8.81 -89.58 -13.80
CA GLU A 537 9.31 -88.58 -14.74
C GLU A 537 8.58 -87.24 -14.69
N ASP A 538 7.36 -87.16 -14.14
CA ASP A 538 6.69 -85.87 -14.12
C ASP A 538 7.47 -84.91 -13.23
N MET A 539 7.81 -85.35 -12.02
CA MET A 539 8.55 -84.47 -11.15
C MET A 539 10.01 -84.40 -11.58
N LYS A 540 10.49 -85.40 -12.34
CA LYS A 540 11.87 -85.37 -12.77
C LYS A 540 12.02 -84.26 -13.80
N GLU A 541 10.96 -84.03 -14.59
CA GLU A 541 11.02 -83.00 -15.60
C GLU A 541 10.78 -81.67 -14.92
N ALA A 542 9.98 -81.67 -13.84
CA ALA A 542 9.74 -80.41 -13.17
C ALA A 542 11.04 -79.98 -12.50
N PHE A 543 11.88 -80.97 -12.16
CA PHE A 543 13.16 -80.70 -11.50
C PHE A 543 14.14 -80.22 -12.54
N GLN A 544 13.99 -80.67 -13.79
CA GLN A 544 14.91 -80.22 -14.82
C GLN A 544 14.60 -78.78 -15.17
N ASN A 545 13.30 -78.46 -15.29
CA ASN A 545 12.95 -77.09 -15.63
C ASN A 545 13.35 -76.18 -14.48
N ALA A 546 13.26 -76.67 -13.23
CA ALA A 546 13.62 -75.82 -12.10
C ALA A 546 15.13 -75.58 -12.13
N TYR A 547 15.89 -76.62 -12.51
CA TYR A 547 17.33 -76.48 -12.58
C TYR A 547 17.72 -75.43 -13.60
N LEU A 548 17.07 -75.48 -14.78
CA LEU A 548 17.41 -74.50 -15.79
C LEU A 548 16.88 -73.12 -15.43
N GLU A 549 15.85 -73.05 -14.58
CA GLU A 549 15.30 -71.75 -14.20
C GLU A 549 16.28 -71.06 -13.28
N LEU A 550 16.75 -71.77 -12.26
CA LEU A 550 17.70 -71.18 -11.33
C LEU A 550 19.05 -70.98 -12.00
N GLY A 551 19.40 -71.83 -12.96
CA GLY A 551 20.67 -71.69 -13.65
C GLY A 551 20.69 -70.48 -14.57
N GLY A 552 19.61 -70.29 -15.34
CA GLY A 552 19.54 -69.16 -16.25
C GLY A 552 19.57 -67.84 -15.52
N LEU A 553 19.23 -67.83 -14.24
CA LEU A 553 19.21 -66.63 -13.42
C LEU A 553 20.60 -66.23 -12.98
N GLY A 554 21.63 -66.89 -13.50
CA GLY A 554 23.00 -66.58 -13.13
C GLY A 554 23.38 -67.06 -11.75
N GLU A 555 22.54 -67.87 -11.13
CA GLU A 555 22.75 -68.42 -9.80
C GLU A 555 23.33 -69.83 -9.84
N ARG A 556 23.92 -70.22 -8.71
CA ARG A 556 24.55 -71.53 -8.53
C ARG A 556 23.57 -72.33 -7.68
N VAL A 557 23.14 -73.49 -8.17
CA VAL A 557 22.22 -74.35 -7.45
C VAL A 557 22.87 -75.60 -6.87
N LEU A 558 22.33 -76.02 -5.73
CA LEU A 558 22.78 -77.20 -4.99
C LEU A 558 21.54 -78.01 -4.64
N GLY A 559 21.72 -79.31 -4.46
CA GLY A 559 20.64 -80.23 -4.13
C GLY A 559 20.87 -80.81 -2.75
N PHE A 560 19.78 -80.92 -1.98
CA PHE A 560 19.82 -81.46 -0.62
C PHE A 560 18.85 -82.63 -0.47
N CYS A 561 19.34 -83.72 0.12
CA CYS A 561 18.51 -84.90 0.32
C CYS A 561 18.91 -85.54 1.64
N HIS A 562 18.02 -86.39 2.15
CA HIS A 562 18.27 -87.07 3.40
C HIS A 562 17.53 -88.40 3.42
N PHE A 563 17.84 -89.21 4.42
CA PHE A 563 17.20 -90.51 4.55
C PHE A 563 17.31 -91.00 5.98
N ALA A 564 16.27 -91.72 6.41
CA ALA A 564 16.20 -92.28 7.75
C ALA A 564 16.79 -93.67 7.69
N LEU A 565 17.94 -93.88 8.33
CA LEU A 565 18.55 -95.18 8.31
C LEU A 565 17.77 -96.13 9.22
N PRO A 566 17.42 -97.33 8.74
CA PRO A 566 16.66 -98.27 9.59
C PRO A 566 17.48 -98.71 10.79
N GLU A 567 16.96 -98.44 11.98
CA GLU A 567 17.68 -98.82 13.19
C GLU A 567 17.72 -100.33 13.39
N ASP A 568 17.08 -101.11 12.53
CA ASP A 568 17.09 -102.55 12.66
C ASP A 568 18.32 -103.15 11.99
N LYS A 569 18.79 -102.52 10.92
CA LYS A 569 19.95 -102.97 10.17
C LYS A 569 21.21 -102.25 10.62
N TYR A 570 21.04 -101.11 11.30
CA TYR A 570 22.12 -100.27 11.82
C TYR A 570 21.60 -99.78 13.18
N ASN A 571 21.87 -100.57 14.23
CA ASN A 571 21.44 -100.22 15.58
C ASN A 571 22.15 -98.96 16.08
N GLU A 572 21.70 -98.51 17.26
CA GLU A 572 22.27 -97.31 17.89
C GLU A 572 23.70 -97.53 18.34
N GLY A 573 24.16 -98.78 18.44
CA GLY A 573 25.51 -99.04 18.88
C GLY A 573 26.50 -99.28 17.75
N TYR A 574 26.00 -99.65 16.57
CA TYR A 574 26.89 -99.89 15.45
C TYR A 574 27.62 -98.62 15.01
N PRO A 575 28.92 -98.70 14.75
CA PRO A 575 29.68 -97.52 14.33
C PRO A 575 29.94 -97.58 12.83
N PHE A 576 29.46 -96.59 12.08
CA PHE A 576 29.65 -96.57 10.63
C PHE A 576 30.96 -95.87 10.24
N ASP A 577 32.07 -96.60 10.40
CA ASP A 577 33.36 -96.02 10.04
C ASP A 577 33.38 -95.69 8.56
N ALA A 578 33.94 -94.53 8.21
CA ALA A 578 34.01 -94.09 6.81
C ALA A 578 35.05 -94.88 6.02
N ASP A 579 34.70 -96.11 5.65
CA ASP A 579 35.60 -96.96 4.89
C ASP A 579 34.93 -97.69 3.73
N GLU A 580 33.85 -98.41 4.02
CA GLU A 580 33.07 -99.18 3.06
C GLU A 580 31.65 -98.66 2.88
N PRO A 581 30.79 -99.30 2.03
CA PRO A 581 29.43 -98.80 1.87
C PRO A 581 28.51 -99.10 3.05
N ASN A 582 28.54 -98.22 4.04
CA ASN A 582 27.72 -98.38 5.23
C ASN A 582 26.41 -97.65 5.10
N PHE A 583 26.27 -96.77 4.11
CA PHE A 583 25.06 -96.03 3.91
C PHE A 583 24.55 -96.23 2.49
N PRO A 584 23.25 -96.33 2.28
CA PRO A 584 22.74 -96.52 0.93
C PRO A 584 22.93 -95.25 0.12
N THR A 585 23.83 -95.30 -0.87
CA THR A 585 24.08 -94.12 -1.70
C THR A 585 22.82 -93.73 -2.46
N THR A 586 22.12 -94.71 -3.00
CA THR A 586 20.90 -94.48 -3.75
C THR A 586 19.70 -94.62 -2.81
N ASP A 587 18.49 -94.58 -3.38
CA ASP A 587 17.24 -94.69 -2.64
C ASP A 587 17.07 -93.61 -1.57
N LEU A 588 17.71 -92.46 -1.74
CA LEU A 588 17.59 -91.38 -0.76
C LEU A 588 16.31 -90.59 -1.02
N CYS A 589 16.02 -89.61 -0.16
CA CYS A 589 14.83 -88.79 -0.29
C CYS A 589 15.25 -87.36 -0.59
N PHE A 590 15.05 -86.93 -1.83
CA PHE A 590 15.40 -85.58 -2.26
C PHE A 590 14.37 -84.61 -1.68
N VAL A 591 14.83 -83.54 -1.03
CA VAL A 591 13.90 -82.58 -0.46
C VAL A 591 13.78 -81.33 -1.33
N GLY A 592 14.89 -80.82 -1.84
CA GLY A 592 14.81 -79.64 -2.67
C GLY A 592 16.10 -78.92 -2.98
N LEU A 593 16.10 -78.14 -4.06
CA LEU A 593 17.27 -77.38 -4.50
C LEU A 593 17.40 -76.08 -3.73
N MET A 594 18.63 -75.56 -3.69
CA MET A 594 18.94 -74.31 -3.00
C MET A 594 19.95 -73.52 -3.82
N ALA A 595 19.50 -72.41 -4.41
CA ALA A 595 20.37 -71.58 -5.22
C ALA A 595 20.97 -70.45 -4.39
N MET A 596 21.92 -69.73 -4.97
CA MET A 596 22.58 -68.62 -4.28
C MET A 596 23.36 -67.77 -5.27
N ILE A 597 23.46 -66.47 -4.96
CA ILE A 597 24.17 -65.52 -5.81
C ILE A 597 24.34 -64.22 -5.04
N ASP A 598 25.27 -63.36 -5.49
CA ASP A 598 25.53 -62.09 -4.82
C ASP A 598 24.45 -61.07 -5.20
N PRO A 599 23.66 -60.58 -4.25
CA PRO A 599 22.61 -59.61 -4.57
C PRO A 599 23.09 -58.18 -4.55
N PRO A 600 22.43 -57.29 -5.29
CA PRO A 600 22.82 -55.87 -5.35
C PRO A 600 22.38 -55.11 -4.10
N ARG A 601 22.96 -53.93 -3.93
CA ARG A 601 22.62 -53.11 -2.78
C ARG A 601 21.17 -52.65 -2.89
N ALA A 602 20.55 -52.42 -1.73
CA ALA A 602 19.16 -51.96 -1.60
C ALA A 602 18.64 -50.91 -2.57
N ALA A 603 19.17 -49.69 -2.54
CA ALA A 603 18.72 -48.63 -3.43
C ALA A 603 19.41 -48.64 -4.79
N VAL A 604 19.92 -49.76 -5.27
CA VAL A 604 20.58 -49.78 -6.57
C VAL A 604 19.57 -49.70 -7.71
N PRO A 605 18.55 -50.57 -7.78
CA PRO A 605 17.59 -50.45 -8.91
C PRO A 605 16.86 -49.13 -8.95
N ASP A 606 16.36 -48.67 -7.79
CA ASP A 606 15.64 -47.41 -7.75
C ASP A 606 16.53 -46.25 -8.19
N ALA A 607 17.78 -46.24 -7.73
CA ALA A 607 18.68 -45.15 -8.11
C ALA A 607 18.99 -45.19 -9.60
N VAL A 608 19.21 -46.39 -10.16
CA VAL A 608 19.50 -46.45 -11.58
C VAL A 608 18.30 -45.96 -12.37
N GLY A 609 17.10 -46.33 -11.93
CA GLY A 609 15.89 -45.89 -12.62
C GLY A 609 15.74 -44.39 -12.55
N LYS A 610 16.07 -43.81 -11.39
CA LYS A 610 15.96 -42.36 -11.23
C LYS A 610 16.94 -41.66 -12.16
N CYS A 611 18.15 -42.21 -12.29
CA CYS A 611 19.14 -41.60 -13.17
C CYS A 611 18.68 -41.67 -14.61
N ARG A 612 18.13 -42.82 -15.00
CA ARG A 612 17.66 -42.95 -16.38
C ARG A 612 16.50 -42.01 -16.64
N SER A 613 15.68 -41.76 -15.61
CA SER A 613 14.55 -40.88 -15.76
C SER A 613 15.02 -39.46 -16.05
N ALA A 614 16.14 -39.06 -15.46
CA ALA A 614 16.71 -37.74 -15.64
C ALA A 614 17.51 -37.62 -16.94
N GLY A 615 17.43 -38.63 -17.80
CA GLY A 615 18.16 -38.61 -19.06
C GLY A 615 19.62 -38.93 -18.96
N ILE A 616 20.07 -39.62 -17.91
CA ILE A 616 21.46 -39.97 -17.73
C ILE A 616 21.70 -41.38 -18.28
N LYS A 617 22.63 -41.49 -19.22
CA LYS A 617 22.95 -42.77 -19.81
C LYS A 617 23.78 -43.61 -18.84
N VAL A 618 23.28 -44.78 -18.49
CA VAL A 618 23.96 -45.69 -17.56
C VAL A 618 24.67 -46.74 -18.40
N ILE A 619 25.98 -46.82 -18.28
CA ILE A 619 26.81 -47.78 -19.00
C ILE A 619 27.59 -48.60 -18.00
N MET A 620 27.44 -49.91 -18.03
CA MET A 620 28.16 -50.77 -17.09
C MET A 620 29.57 -51.07 -17.59
N VAL A 621 30.56 -50.95 -16.71
CA VAL A 621 31.96 -51.20 -17.04
C VAL A 621 32.54 -52.07 -15.93
N THR A 622 32.57 -53.40 -16.13
CA THR A 622 33.11 -54.31 -15.11
C THR A 622 33.94 -55.42 -15.71
N GLY A 623 34.88 -55.92 -14.90
CA GLY A 623 35.79 -57.00 -15.28
C GLY A 623 35.35 -58.40 -14.85
N ASP A 624 34.05 -58.64 -14.78
CA ASP A 624 33.52 -59.94 -14.37
C ASP A 624 33.06 -60.76 -15.58
N HIS A 625 32.74 -62.02 -15.32
CA HIS A 625 32.28 -62.94 -16.35
C HIS A 625 31.00 -62.39 -17.00
N PRO A 626 30.92 -62.36 -18.33
CA PRO A 626 29.71 -61.85 -18.99
C PRO A 626 28.41 -62.59 -18.66
N ILE A 627 28.48 -63.90 -18.40
CA ILE A 627 27.26 -64.65 -18.08
C ILE A 627 26.61 -64.11 -16.82
N THR A 628 27.41 -63.57 -15.89
CA THR A 628 26.88 -63.04 -14.65
C THR A 628 26.58 -61.54 -14.78
N ALA A 629 27.41 -60.84 -15.57
CA ALA A 629 27.22 -59.42 -15.78
C ALA A 629 25.89 -59.14 -16.47
N LYS A 630 25.54 -59.96 -17.48
CA LYS A 630 24.28 -59.75 -18.17
C LYS A 630 23.08 -59.94 -17.24
N ALA A 631 23.14 -60.95 -16.36
CA ALA A 631 22.02 -61.18 -15.45
C ALA A 631 21.89 -60.02 -14.46
N ILE A 632 23.02 -59.57 -13.92
CA ILE A 632 22.93 -58.47 -12.96
C ILE A 632 22.44 -57.23 -13.69
N ALA A 633 22.82 -57.06 -14.96
CA ALA A 633 22.39 -55.91 -15.72
C ALA A 633 20.88 -55.96 -15.87
N LYS A 634 20.35 -57.13 -16.25
CA LYS A 634 18.91 -57.25 -16.41
C LYS A 634 18.22 -57.15 -15.07
N GLY A 635 18.99 -56.95 -14.00
CA GLY A 635 18.42 -56.85 -12.68
C GLY A 635 18.49 -55.45 -12.07
N VAL A 636 19.44 -54.61 -12.51
CA VAL A 636 19.54 -53.25 -11.94
C VAL A 636 18.92 -52.18 -12.83
N GLY A 637 18.59 -52.49 -14.09
CA GLY A 637 18.00 -51.52 -15.00
C GLY A 637 18.88 -51.05 -16.13
N ILE A 638 20.14 -51.47 -16.22
CA ILE A 638 20.98 -51.01 -17.32
C ILE A 638 20.46 -51.54 -18.64
N ILE A 639 20.06 -52.81 -18.65
CA ILE A 639 19.54 -53.46 -19.85
C ILE A 639 18.05 -53.63 -19.57
N SER A 640 17.25 -52.65 -19.97
CA SER A 640 15.81 -52.71 -19.75
C SER A 640 15.23 -54.02 -20.23
N GLU A 641 14.28 -54.55 -19.46
CA GLU A 641 13.66 -55.81 -19.83
C GLU A 641 12.94 -55.61 -21.15
N GLY A 642 13.27 -56.46 -22.13
CA GLY A 642 12.68 -56.40 -23.46
C GLY A 642 13.70 -56.14 -24.54
N ASN A 643 14.72 -55.33 -24.23
CA ASN A 643 15.74 -55.02 -25.21
C ASN A 643 16.51 -56.31 -25.53
N GLU A 644 17.18 -56.35 -26.67
CA GLU A 644 17.92 -57.56 -27.01
C GLU A 644 19.23 -57.32 -27.73
N THR A 645 20.16 -58.27 -27.50
CA THR A 645 21.51 -58.31 -28.06
C THR A 645 21.47 -59.14 -29.34
N ILE A 646 22.53 -58.99 -30.15
CA ILE A 646 22.59 -59.75 -31.41
C ILE A 646 22.60 -61.27 -31.17
N GLU A 647 23.25 -61.72 -30.10
CA GLU A 647 23.27 -63.17 -29.87
C GLU A 647 21.88 -63.65 -29.47
N ASP A 648 21.13 -62.83 -28.74
CA ASP A 648 19.81 -63.23 -28.31
C ASP A 648 18.91 -63.41 -29.52
N ILE A 649 19.06 -62.54 -30.53
CA ILE A 649 18.24 -62.64 -31.72
C ILE A 649 18.64 -63.90 -32.50
N ALA A 650 19.94 -64.17 -32.59
CA ALA A 650 20.37 -65.35 -33.32
C ALA A 650 19.90 -66.61 -32.62
N ALA A 651 19.72 -66.57 -31.30
CA ALA A 651 19.28 -67.74 -30.58
C ALA A 651 17.76 -67.89 -30.67
N ARG A 652 17.04 -66.77 -30.74
CA ARG A 652 15.59 -66.82 -30.84
C ARG A 652 15.15 -67.27 -32.22
N LEU A 653 15.98 -67.02 -33.24
CA LEU A 653 15.66 -67.41 -34.61
C LEU A 653 16.30 -68.72 -35.05
N ASN A 654 17.44 -69.08 -34.46
CA ASN A 654 18.20 -70.30 -34.76
C ASN A 654 18.98 -70.13 -36.06
N ILE A 655 19.61 -68.97 -36.21
CA ILE A 655 20.40 -68.64 -37.40
C ILE A 655 21.76 -68.12 -36.92
N PRO A 656 22.76 -68.12 -37.80
CA PRO A 656 24.09 -67.63 -37.39
C PRO A 656 24.01 -66.17 -36.97
N ILE A 657 25.04 -65.72 -36.25
CA ILE A 657 25.07 -64.33 -35.79
C ILE A 657 25.55 -63.36 -36.86
N GLY A 658 26.32 -63.83 -37.85
CA GLY A 658 26.80 -62.95 -38.90
C GLY A 658 25.75 -62.47 -39.88
N GLN A 659 24.53 -62.99 -39.80
CA GLN A 659 23.44 -62.59 -40.68
C GLN A 659 22.60 -61.42 -40.19
N VAL A 660 22.29 -61.39 -38.88
CA VAL A 660 21.49 -60.29 -38.34
C VAL A 660 22.18 -58.95 -38.45
N ASN A 661 21.36 -57.88 -38.55
CA ASN A 661 21.82 -56.50 -38.66
C ASN A 661 22.00 -55.94 -37.26
N PRO A 662 23.14 -55.31 -36.95
CA PRO A 662 23.36 -54.76 -35.61
C PRO A 662 22.53 -53.52 -35.28
N ARG A 663 21.74 -52.98 -36.20
CA ARG A 663 20.96 -51.80 -35.86
C ARG A 663 19.67 -52.15 -35.13
N ASP A 664 19.21 -53.39 -35.25
CA ASP A 664 17.99 -53.85 -34.59
C ASP A 664 18.21 -54.22 -33.13
N ALA A 665 19.44 -54.08 -32.62
CA ALA A 665 19.80 -54.41 -31.24
C ALA A 665 20.12 -53.12 -30.49
N LYS A 666 19.28 -52.81 -29.49
CA LYS A 666 19.45 -51.61 -28.69
C LYS A 666 20.57 -51.75 -27.64
N ALA A 667 20.68 -52.90 -26.99
CA ALA A 667 21.70 -53.16 -25.98
C ALA A 667 22.80 -54.08 -26.49
N CYS A 668 24.04 -53.80 -26.08
CA CYS A 668 25.18 -54.61 -26.50
C CYS A 668 26.16 -54.89 -25.36
N VAL A 669 26.69 -56.11 -25.38
CA VAL A 669 27.65 -56.62 -24.40
C VAL A 669 28.99 -56.68 -25.13
N VAL A 670 29.91 -55.78 -24.79
CA VAL A 670 31.23 -55.72 -25.41
C VAL A 670 32.25 -56.42 -24.50
N HIS A 671 32.87 -57.47 -25.03
CA HIS A 671 33.86 -58.23 -24.28
C HIS A 671 35.21 -57.51 -24.31
N GLY A 672 35.97 -57.65 -23.22
CA GLY A 672 37.27 -57.01 -23.15
C GLY A 672 38.25 -57.52 -24.19
N SER A 673 38.30 -58.84 -24.39
CA SER A 673 39.21 -59.41 -25.38
C SER A 673 38.97 -58.76 -26.74
N ASP A 674 37.70 -58.51 -27.06
CA ASP A 674 37.36 -57.88 -28.33
C ASP A 674 37.64 -56.39 -28.29
N LEU A 675 37.55 -55.79 -27.09
CA LEU A 675 37.79 -54.36 -26.93
C LEU A 675 39.25 -54.03 -27.20
N LYS A 676 40.15 -54.98 -26.94
CA LYS A 676 41.57 -54.75 -27.17
C LYS A 676 41.89 -54.49 -28.64
N ASP A 677 41.15 -55.10 -29.56
CA ASP A 677 41.32 -54.94 -31.01
C ASP A 677 40.33 -53.98 -31.64
N LEU A 678 40.01 -52.84 -31.05
CA LEU A 678 39.05 -51.93 -31.69
C LEU A 678 39.58 -50.52 -31.89
N SER A 679 39.29 -49.97 -33.08
CA SER A 679 39.69 -48.64 -33.50
C SER A 679 38.91 -47.57 -32.72
N THR A 680 39.33 -46.31 -32.90
CA THR A 680 38.67 -45.20 -32.22
C THR A 680 37.25 -45.00 -32.74
N GLU A 681 37.07 -45.03 -34.07
CA GLU A 681 35.75 -44.85 -34.65
C GLU A 681 34.79 -45.94 -34.21
N VAL A 682 35.28 -47.18 -34.12
CA VAL A 682 34.41 -48.28 -33.70
C VAL A 682 33.85 -47.99 -32.31
N LEU A 683 34.69 -47.53 -31.38
CA LEU A 683 34.17 -47.25 -30.03
C LEU A 683 33.15 -46.11 -30.11
N ASP A 684 33.43 -45.11 -30.96
CA ASP A 684 32.51 -44.00 -31.07
C ASP A 684 31.15 -44.51 -31.54
N ASP A 685 31.17 -45.43 -32.51
CA ASP A 685 29.93 -46.00 -33.03
C ASP A 685 29.25 -46.87 -32.00
N ILE A 686 30.02 -47.56 -31.17
CA ILE A 686 29.44 -48.42 -30.13
C ILE A 686 28.62 -47.57 -29.18
N LEU A 687 29.16 -46.41 -28.80
CA LEU A 687 28.44 -45.54 -27.89
C LEU A 687 27.36 -44.72 -28.59
N HIS A 688 27.52 -44.50 -29.91
CA HIS A 688 26.59 -43.74 -30.73
C HIS A 688 25.37 -44.52 -31.21
N TYR A 689 25.43 -45.86 -31.27
CA TYR A 689 24.29 -46.64 -31.71
C TYR A 689 23.63 -47.51 -30.65
N HIS A 690 24.34 -47.86 -29.57
CA HIS A 690 23.78 -48.70 -28.53
C HIS A 690 23.44 -47.83 -27.31
N THR A 691 22.19 -47.93 -26.86
CA THR A 691 21.72 -47.16 -25.71
C THR A 691 21.99 -47.84 -24.37
N GLU A 692 22.04 -49.18 -24.34
CA GLU A 692 22.28 -49.95 -23.12
C GLU A 692 23.56 -50.75 -23.38
N ILE A 693 24.70 -50.18 -23.02
CA ILE A 693 26.00 -50.81 -23.20
C ILE A 693 26.56 -51.38 -21.90
N VAL A 694 27.19 -52.56 -22.02
CA VAL A 694 27.78 -53.25 -20.90
C VAL A 694 29.14 -53.77 -21.35
N PHE A 695 30.20 -53.22 -20.79
CA PHE A 695 31.58 -53.59 -21.10
C PHE A 695 31.99 -54.62 -20.05
N ALA A 696 32.23 -55.85 -20.49
CA ALA A 696 32.62 -56.93 -19.60
C ALA A 696 34.06 -57.36 -19.87
N ARG A 697 34.70 -57.87 -18.82
CA ARG A 697 36.08 -58.35 -18.88
C ARG A 697 37.05 -57.24 -19.35
N THR A 698 36.81 -56.02 -18.92
CA THR A 698 37.64 -54.89 -19.29
C THR A 698 38.66 -54.58 -18.20
N SER A 699 39.92 -54.40 -18.61
CA SER A 699 41.00 -54.10 -17.69
C SER A 699 40.91 -52.64 -17.24
N PRO A 700 41.60 -52.27 -16.14
CA PRO A 700 41.52 -50.87 -15.69
C PRO A 700 41.92 -49.90 -16.80
N GLN A 701 42.95 -50.25 -17.57
CA GLN A 701 43.39 -49.38 -18.65
C GLN A 701 42.26 -49.24 -19.65
N GLN A 702 41.53 -50.33 -19.90
CA GLN A 702 40.43 -50.26 -20.85
C GLN A 702 39.33 -49.40 -20.26
N LYS A 703 39.18 -49.43 -18.93
CA LYS A 703 38.13 -48.62 -18.30
C LYS A 703 38.42 -47.17 -18.61
N LEU A 704 39.71 -46.79 -18.49
CA LEU A 704 40.12 -45.42 -18.77
C LEU A 704 39.84 -45.08 -20.23
N ILE A 705 40.10 -46.05 -21.12
CA ILE A 705 39.88 -45.83 -22.54
C ILE A 705 38.39 -45.59 -22.80
N ILE A 706 37.53 -46.29 -22.06
CA ILE A 706 36.08 -46.13 -22.24
C ILE A 706 35.66 -44.74 -21.77
N VAL A 707 36.19 -44.30 -20.63
CA VAL A 707 35.82 -42.98 -20.13
C VAL A 707 36.23 -41.94 -21.16
N GLU A 708 37.43 -42.10 -21.72
CA GLU A 708 37.91 -41.14 -22.72
C GLU A 708 37.01 -41.19 -23.95
N GLY A 709 36.56 -42.39 -24.32
CA GLY A 709 35.71 -42.51 -25.49
C GLY A 709 34.40 -41.78 -25.27
N CYS A 710 34.00 -41.63 -24.01
CA CYS A 710 32.75 -40.93 -23.74
C CYS A 710 32.99 -39.43 -23.81
N GLN A 711 34.15 -38.98 -23.32
CA GLN A 711 34.46 -37.55 -23.35
C GLN A 711 34.71 -37.01 -24.75
N ARG A 712 35.38 -37.80 -25.61
CA ARG A 712 35.66 -37.37 -27.00
C ARG A 712 34.46 -36.75 -27.70
N GLN A 713 33.25 -37.19 -27.38
CA GLN A 713 32.06 -36.62 -28.03
C GLN A 713 31.72 -35.26 -27.44
N GLY A 714 31.54 -35.18 -26.12
CA GLY A 714 31.21 -33.91 -25.52
C GLY A 714 30.30 -33.95 -24.31
N ALA A 715 30.15 -35.11 -23.69
CA ALA A 715 29.30 -35.26 -22.53
C ALA A 715 30.14 -35.38 -21.25
N ILE A 716 29.54 -34.95 -20.13
CA ILE A 716 30.21 -34.99 -18.84
C ILE A 716 30.13 -36.42 -18.34
N VAL A 717 31.18 -36.90 -17.66
CA VAL A 717 31.18 -38.27 -17.16
C VAL A 717 31.46 -38.38 -15.66
N ALA A 718 30.73 -39.30 -15.02
CA ALA A 718 30.81 -39.60 -13.60
C ALA A 718 31.06 -41.10 -13.50
N VAL A 719 32.17 -41.48 -12.89
CA VAL A 719 32.52 -42.89 -12.72
C VAL A 719 32.32 -43.25 -11.25
N THR A 720 31.57 -44.32 -10.99
CA THR A 720 31.28 -44.78 -9.63
C THR A 720 31.95 -46.13 -9.39
N GLY A 721 32.93 -46.17 -8.49
CA GLY A 721 33.61 -47.44 -8.21
C GLY A 721 34.06 -47.68 -6.77
N ASP A 722 34.81 -48.79 -6.58
CA ASP A 722 35.30 -49.14 -5.25
C ASP A 722 36.73 -49.66 -5.14
N GLY A 723 37.18 -50.50 -6.06
CA GLY A 723 38.53 -51.04 -6.04
C GLY A 723 39.60 -50.21 -6.70
N VAL A 724 40.79 -50.82 -6.79
CA VAL A 724 41.94 -50.16 -7.40
C VAL A 724 41.81 -50.12 -8.92
N ASN A 725 41.07 -51.08 -9.51
CA ASN A 725 40.92 -51.08 -10.95
C ASN A 725 40.15 -49.86 -11.42
N ASP A 726 39.45 -49.20 -10.51
CA ASP A 726 38.66 -48.02 -10.81
C ASP A 726 39.46 -46.74 -10.63
N SER A 727 40.67 -46.82 -10.05
CA SER A 727 41.47 -45.61 -9.85
C SER A 727 41.71 -44.86 -11.15
N PRO A 728 42.22 -45.47 -12.23
CA PRO A 728 42.44 -44.69 -13.45
C PRO A 728 41.15 -44.22 -14.10
N ALA A 729 40.01 -44.80 -13.72
CA ALA A 729 38.73 -44.42 -14.28
C ALA A 729 38.11 -43.26 -13.51
N LEU A 730 38.27 -43.26 -12.19
CA LEU A 730 37.73 -42.20 -11.35
C LEU A 730 38.50 -40.91 -11.51
N LYS A 731 39.80 -41.03 -11.79
CA LYS A 731 40.67 -39.86 -11.97
C LYS A 731 40.38 -39.11 -13.27
N LYS A 732 40.37 -39.81 -14.40
CA LYS A 732 40.11 -39.16 -15.68
C LYS A 732 38.65 -38.76 -15.88
N ALA A 733 37.71 -39.33 -15.12
CA ALA A 733 36.33 -38.95 -15.31
C ALA A 733 36.10 -37.54 -14.78
N ASP A 734 35.06 -36.88 -15.31
CA ASP A 734 34.78 -35.52 -14.86
C ASP A 734 34.53 -35.51 -13.36
N ILE A 735 34.02 -36.62 -12.82
CA ILE A 735 33.76 -36.69 -11.38
C ILE A 735 33.76 -38.16 -10.96
N GLY A 736 34.54 -38.46 -9.93
CA GLY A 736 34.66 -39.80 -9.40
C GLY A 736 33.90 -39.95 -8.10
N VAL A 737 33.26 -41.10 -7.95
CA VAL A 737 32.47 -41.43 -6.77
C VAL A 737 33.05 -42.73 -6.23
N ALA A 738 33.66 -42.67 -5.06
CA ALA A 738 34.24 -43.86 -4.48
C ALA A 738 33.41 -44.33 -3.30
N MET A 739 33.38 -45.65 -3.10
CA MET A 739 32.61 -46.16 -2.00
C MET A 739 33.43 -45.90 -0.73
N GLY A 740 32.75 -45.70 0.38
CA GLY A 740 33.49 -45.45 1.60
C GLY A 740 33.88 -46.65 2.44
N ILE A 741 32.97 -47.58 2.66
CA ILE A 741 33.28 -48.76 3.47
C ILE A 741 33.92 -49.86 2.64
N SER A 742 33.36 -50.17 1.47
CA SER A 742 33.87 -51.21 0.59
C SER A 742 34.89 -50.72 -0.43
N GLY A 743 35.33 -49.46 -0.35
CA GLY A 743 36.30 -48.96 -1.30
C GLY A 743 37.76 -49.13 -0.87
N SER A 744 38.64 -49.07 -1.87
CA SER A 744 40.07 -49.20 -1.66
C SER A 744 40.66 -47.83 -1.33
N ASP A 745 41.80 -47.84 -0.63
CA ASP A 745 42.45 -46.60 -0.26
C ASP A 745 42.96 -45.81 -1.47
N VAL A 746 43.46 -46.50 -2.49
CA VAL A 746 43.96 -45.78 -3.68
C VAL A 746 42.82 -45.10 -4.42
N SER A 747 41.73 -45.84 -4.68
CA SER A 747 40.62 -45.23 -5.39
C SER A 747 39.93 -44.19 -4.51
N LYS A 748 40.06 -44.31 -3.19
CA LYS A 748 39.43 -43.35 -2.29
C LYS A 748 40.21 -42.05 -2.30
N GLN A 749 41.54 -42.14 -2.43
CA GLN A 749 42.38 -40.95 -2.46
C GLN A 749 42.39 -40.29 -3.83
N ALA A 750 42.08 -41.04 -4.89
CA ALA A 750 42.06 -40.49 -6.24
C ALA A 750 40.68 -40.02 -6.68
N ALA A 751 39.65 -40.23 -5.86
CA ALA A 751 38.31 -39.81 -6.21
C ALA A 751 38.03 -38.39 -5.74
N ASP A 752 36.91 -37.83 -6.21
CA ASP A 752 36.53 -36.48 -5.85
C ASP A 752 35.37 -36.43 -4.89
N MET A 753 34.54 -37.49 -4.84
CA MET A 753 33.40 -37.55 -3.95
C MET A 753 33.43 -38.91 -3.27
N ILE A 754 33.17 -38.93 -1.97
CA ILE A 754 33.17 -40.17 -1.19
C ILE A 754 31.80 -40.41 -0.58
N LEU A 755 31.38 -41.68 -0.63
CA LEU A 755 30.10 -42.15 -0.10
C LEU A 755 30.45 -42.91 1.18
N LEU A 756 30.50 -42.20 2.30
CA LEU A 756 30.83 -42.80 3.59
C LEU A 756 29.80 -43.84 4.06
N ASP A 757 28.59 -43.84 3.52
CA ASP A 757 27.58 -44.82 3.94
C ASP A 757 27.35 -45.91 2.91
N ASP A 758 28.01 -45.84 1.75
CA ASP A 758 27.89 -46.83 0.68
C ASP A 758 26.46 -46.93 0.13
N ASN A 759 25.71 -45.83 0.20
CA ASN A 759 24.34 -45.79 -0.29
C ASN A 759 24.39 -45.36 -1.76
N PHE A 760 23.64 -46.05 -2.63
CA PHE A 760 23.63 -45.69 -4.05
C PHE A 760 22.54 -44.71 -4.44
N ALA A 761 21.50 -44.52 -3.62
CA ALA A 761 20.44 -43.59 -3.96
C ALA A 761 21.00 -42.17 -3.95
N SER A 762 22.09 -42.00 -3.20
CA SER A 762 22.77 -40.72 -3.07
C SER A 762 23.14 -40.16 -4.42
N ILE A 763 23.30 -41.01 -5.44
CA ILE A 763 23.66 -40.50 -6.75
C ILE A 763 22.49 -39.68 -7.27
N VAL A 764 21.27 -40.17 -7.02
CA VAL A 764 20.06 -39.49 -7.46
C VAL A 764 19.93 -38.18 -6.69
N THR A 765 20.18 -38.24 -5.39
CA THR A 765 20.08 -37.02 -4.59
C THR A 765 21.03 -35.96 -5.13
N GLY A 766 22.27 -36.39 -5.42
CA GLY A 766 23.27 -35.48 -5.95
C GLY A 766 22.85 -34.86 -7.27
N VAL A 767 22.32 -35.68 -8.19
CA VAL A 767 21.91 -35.11 -9.47
C VAL A 767 20.78 -34.12 -9.29
N GLU A 768 19.99 -34.25 -8.22
CA GLU A 768 18.90 -33.29 -8.03
C GLU A 768 19.44 -31.95 -7.51
N GLU A 769 20.28 -32.05 -6.47
CA GLU A 769 20.88 -30.84 -5.88
C GLU A 769 21.75 -30.07 -6.88
N GLY A 770 22.45 -30.80 -7.77
CA GLY A 770 23.29 -30.14 -8.76
C GLY A 770 22.53 -29.21 -9.67
N ARG A 771 21.27 -29.51 -9.93
CA ARG A 771 20.45 -28.67 -10.79
C ARG A 771 19.89 -27.49 -10.00
N LEU A 772 19.23 -27.82 -8.87
CA LEU A 772 18.65 -26.78 -8.02
C LEU A 772 19.62 -25.64 -7.73
N ILE A 773 20.86 -25.96 -7.32
CA ILE A 773 21.81 -24.88 -7.04
C ILE A 773 22.30 -24.17 -8.29
N PHE A 774 21.93 -24.66 -9.46
CA PHE A 774 22.37 -24.03 -10.69
C PHE A 774 21.38 -22.93 -11.02
N ASP A 775 20.09 -23.27 -10.97
CA ASP A 775 19.12 -22.23 -11.27
C ASP A 775 19.22 -21.14 -10.22
N ASN A 776 19.70 -21.51 -9.01
CA ASN A 776 19.81 -20.49 -7.99
C ASN A 776 21.00 -19.60 -8.27
N LEU A 777 22.10 -20.17 -8.81
CA LEU A 777 23.24 -19.31 -9.08
C LEU A 777 22.84 -18.27 -10.12
N LYS A 778 22.03 -18.69 -11.10
CA LYS A 778 21.60 -17.75 -12.13
C LYS A 778 20.82 -16.59 -11.52
N LYS A 779 19.86 -16.91 -10.65
CA LYS A 779 19.06 -15.87 -10.01
C LYS A 779 19.92 -14.88 -9.20
N SER A 780 20.84 -15.40 -8.39
CA SER A 780 21.69 -14.52 -7.60
C SER A 780 22.62 -13.67 -8.47
N ILE A 781 23.12 -14.23 -9.57
CA ILE A 781 24.01 -13.44 -10.42
C ILE A 781 23.24 -12.28 -11.03
N ALA A 782 22.01 -12.54 -11.50
CA ALA A 782 21.26 -11.43 -12.09
C ALA A 782 20.99 -10.37 -11.03
N TYR A 783 20.84 -10.80 -9.76
CA TYR A 783 20.57 -9.84 -8.70
C TYR A 783 21.79 -8.94 -8.46
N THR A 784 22.96 -9.55 -8.23
CA THR A 784 24.16 -8.77 -7.99
C THR A 784 24.61 -7.98 -9.22
N LEU A 785 24.08 -8.29 -10.40
CA LEU A 785 24.47 -7.57 -11.60
C LEU A 785 23.52 -6.42 -11.92
N THR A 786 22.29 -6.48 -11.42
CA THR A 786 21.33 -5.42 -11.69
C THR A 786 21.73 -4.09 -11.06
N SER A 787 22.33 -4.14 -9.85
CA SER A 787 22.76 -2.94 -9.16
C SER A 787 23.98 -2.26 -9.79
N ASN A 788 24.64 -2.91 -10.74
CA ASN A 788 25.82 -2.30 -11.37
C ASN A 788 25.51 -0.96 -12.05
N ILE A 789 24.45 -0.91 -12.86
CA ILE A 789 24.04 0.30 -13.56
C ILE A 789 23.84 1.50 -12.64
N PRO A 790 22.96 1.43 -11.59
CA PRO A 790 22.78 2.59 -10.71
C PRO A 790 24.02 2.92 -9.89
N GLU A 791 25.12 2.23 -10.15
CA GLU A 791 26.37 2.45 -9.44
C GLU A 791 27.44 3.00 -10.35
N ILE A 792 27.18 3.10 -11.65
CA ILE A 792 28.12 3.61 -12.63
C ILE A 792 27.58 4.85 -13.32
N THR A 793 26.32 4.78 -13.83
CA THR A 793 25.68 5.91 -14.52
C THR A 793 25.98 7.28 -13.88
N PRO A 794 25.96 7.42 -12.54
CA PRO A 794 26.24 8.74 -11.95
C PRO A 794 27.56 9.32 -12.40
N PHE A 795 28.63 8.52 -12.41
CA PHE A 795 29.94 9.00 -12.84
C PHE A 795 29.96 9.36 -14.33
N LEU A 796 29.22 8.60 -15.13
CA LEU A 796 29.19 8.88 -16.56
C LEU A 796 28.52 10.23 -16.80
N VAL A 797 27.42 10.49 -16.09
CA VAL A 797 26.74 11.76 -16.28
C VAL A 797 27.58 12.84 -15.62
N PHE A 798 28.45 12.46 -14.69
CA PHE A 798 29.30 13.42 -14.02
C PHE A 798 30.32 13.99 -15.00
N ILE A 799 30.89 13.12 -15.83
CA ILE A 799 31.87 13.57 -16.81
C ILE A 799 31.21 14.19 -18.04
N ILE A 800 30.10 13.62 -18.53
CA ILE A 800 29.44 14.17 -19.70
C ILE A 800 28.60 15.42 -19.40
N GLY A 801 27.77 15.39 -18.36
CA GLY A 801 26.93 16.53 -18.00
C GLY A 801 27.42 17.53 -16.98
N ASN A 802 28.53 17.26 -16.28
CA ASN A 802 29.09 18.16 -15.26
C ASN A 802 28.13 18.55 -14.13
N VAL A 803 27.64 17.54 -13.42
CA VAL A 803 26.71 17.78 -12.31
C VAL A 803 27.43 17.31 -11.06
N PRO A 804 26.97 17.69 -9.86
CA PRO A 804 27.68 17.23 -8.66
C PRO A 804 27.60 15.71 -8.60
N LEU A 805 28.63 15.11 -8.01
CA LEU A 805 28.69 13.65 -7.88
C LEU A 805 27.48 13.05 -7.15
N PRO A 806 26.73 12.16 -7.80
CA PRO A 806 25.56 11.54 -7.16
C PRO A 806 25.83 10.37 -6.22
N LEU A 807 26.78 9.47 -6.57
CA LEU A 807 27.09 8.31 -5.72
C LEU A 807 28.57 8.19 -5.33
N GLY A 808 28.85 8.43 -4.04
CA GLY A 808 30.19 8.36 -3.48
C GLY A 808 30.78 6.95 -3.48
N THR A 809 32.04 6.85 -3.03
CA THR A 809 32.73 5.56 -2.98
C THR A 809 32.39 4.73 -1.72
N VAL A 810 32.24 5.37 -0.56
CA VAL A 810 31.92 4.59 0.63
C VAL A 810 30.48 4.14 0.62
N THR A 811 29.70 4.61 -0.35
CA THR A 811 28.29 4.21 -0.41
C THR A 811 28.22 3.02 -1.33
N ILE A 812 29.03 3.06 -2.40
CA ILE A 812 29.01 1.94 -3.32
C ILE A 812 29.49 0.75 -2.52
N LEU A 813 30.48 1.00 -1.64
CA LEU A 813 31.01 -0.09 -0.83
C LEU A 813 29.94 -0.55 0.16
N CYS A 814 29.11 0.39 0.66
CA CYS A 814 28.08 -0.04 1.61
C CYS A 814 26.96 -0.81 0.92
N ILE A 815 26.87 -0.72 -0.42
CA ILE A 815 25.82 -1.42 -1.16
C ILE A 815 26.30 -2.78 -1.67
N ASP A 816 27.50 -2.83 -2.24
CA ASP A 816 28.07 -4.07 -2.77
C ASP A 816 28.43 -5.09 -1.69
N LEU A 817 29.27 -4.68 -0.74
CA LEU A 817 29.73 -5.49 0.39
C LEU A 817 28.83 -5.54 1.60
N GLY A 818 27.77 -4.75 1.67
CA GLY A 818 26.92 -4.83 2.85
C GLY A 818 25.56 -5.43 2.61
N THR A 819 24.53 -4.58 2.65
CA THR A 819 23.13 -4.96 2.45
C THR A 819 22.91 -6.10 1.46
N ASP A 820 23.43 -5.93 0.24
CA ASP A 820 23.33 -6.91 -0.85
C ASP A 820 23.73 -8.35 -0.53
N MET A 821 24.75 -8.55 0.31
CA MET A 821 25.19 -9.90 0.66
C MET A 821 24.12 -10.85 1.20
N VAL A 822 23.39 -10.48 2.25
CA VAL A 822 22.35 -11.38 2.78
C VAL A 822 21.29 -11.78 1.75
N PRO A 823 20.71 -10.87 0.96
CA PRO A 823 19.70 -11.30 -0.02
C PRO A 823 20.25 -12.26 -1.06
N ALA A 824 21.43 -11.95 -1.61
CA ALA A 824 22.02 -12.81 -2.62
C ALA A 824 22.29 -14.19 -2.04
N ILE A 825 22.65 -14.27 -0.76
CA ILE A 825 22.92 -15.55 -0.13
C ILE A 825 21.61 -16.31 0.05
N SER A 826 20.54 -15.57 0.37
CA SER A 826 19.23 -16.18 0.56
C SER A 826 18.67 -16.76 -0.72
N LEU A 827 18.98 -16.15 -1.87
CA LEU A 827 18.45 -16.68 -3.14
C LEU A 827 18.81 -18.15 -3.39
N ALA A 828 19.69 -18.74 -2.58
CA ALA A 828 20.06 -20.14 -2.78
C ALA A 828 19.01 -21.10 -2.22
N TYR A 829 18.35 -20.72 -1.14
CA TYR A 829 17.31 -21.50 -0.46
C TYR A 829 16.00 -21.59 -1.25
N GLU A 830 15.99 -21.21 -2.53
CA GLU A 830 14.77 -21.30 -3.32
C GLU A 830 14.49 -22.70 -3.81
N GLN A 831 13.24 -23.13 -3.63
CA GLN A 831 12.78 -24.45 -4.03
C GLN A 831 12.53 -24.48 -5.54
N ALA A 832 12.24 -25.68 -6.03
CA ALA A 832 11.98 -25.85 -7.45
C ALA A 832 10.65 -25.22 -7.85
N GLU A 833 10.52 -24.95 -9.15
CA GLU A 833 9.35 -24.35 -9.74
C GLU A 833 8.52 -25.41 -10.45
N SER A 834 9.20 -26.27 -11.19
CA SER A 834 8.64 -27.37 -11.96
C SER A 834 9.43 -28.59 -11.52
N ASP A 835 9.11 -29.76 -12.06
CA ASP A 835 9.85 -30.94 -11.64
C ASP A 835 11.24 -30.87 -12.25
N ILE A 836 12.29 -30.88 -11.41
CA ILE A 836 13.63 -30.81 -11.96
C ILE A 836 14.10 -32.19 -12.40
N MET A 837 13.60 -33.24 -11.77
CA MET A 837 13.95 -34.61 -12.09
C MET A 837 13.20 -35.11 -13.31
N LYS A 838 12.66 -34.20 -14.13
CA LYS A 838 11.91 -34.53 -15.33
C LYS A 838 12.51 -33.96 -16.61
N ARG A 839 13.06 -32.75 -16.57
CA ARG A 839 13.65 -32.17 -17.77
C ARG A 839 14.94 -32.89 -18.17
N GLN A 840 15.26 -32.78 -19.46
CA GLN A 840 16.45 -33.41 -20.01
C GLN A 840 17.70 -32.68 -19.54
N PRO A 841 18.86 -33.35 -19.59
CA PRO A 841 20.10 -32.70 -19.14
C PRO A 841 20.41 -31.47 -19.99
N ARG A 842 20.95 -30.44 -19.34
CA ARG A 842 21.30 -29.21 -20.04
C ARG A 842 22.38 -29.44 -21.09
N ASN A 843 22.21 -28.79 -22.23
CA ASN A 843 23.20 -28.96 -23.30
C ASN A 843 24.40 -28.08 -22.95
N PRO A 844 25.62 -28.63 -22.97
CA PRO A 844 26.79 -27.80 -22.63
C PRO A 844 27.18 -26.82 -23.72
N LYS A 845 27.03 -27.18 -24.98
CA LYS A 845 27.38 -26.29 -26.08
C LYS A 845 26.38 -25.17 -26.35
N THR A 846 25.17 -25.21 -25.79
CA THR A 846 24.24 -24.12 -26.06
C THR A 846 23.68 -23.40 -24.84
N ASP A 847 23.20 -24.14 -23.84
CA ASP A 847 22.65 -23.51 -22.63
C ASP A 847 23.77 -23.26 -21.64
N LYS A 848 24.14 -21.99 -21.51
CA LYS A 848 25.19 -21.52 -20.61
C LYS A 848 24.62 -21.07 -19.28
N LEU A 849 25.50 -20.54 -18.43
CA LEU A 849 25.12 -20.06 -17.11
C LEU A 849 24.80 -18.56 -17.15
N VAL A 850 25.56 -17.80 -17.94
CA VAL A 850 25.37 -16.36 -18.09
C VAL A 850 25.31 -16.08 -19.59
N ASN A 851 24.11 -15.87 -20.12
CA ASN A 851 23.91 -15.60 -21.53
C ASN A 851 23.60 -14.11 -21.73
N GLU A 852 23.29 -13.73 -22.97
CA GLU A 852 22.98 -12.34 -23.26
C GLU A 852 21.59 -11.98 -22.79
N ARG A 853 20.75 -12.99 -22.52
CA ARG A 853 19.39 -12.73 -22.06
C ARG A 853 19.41 -12.16 -20.66
N LEU A 854 20.44 -12.49 -19.88
CA LEU A 854 20.54 -11.99 -18.52
C LEU A 854 21.02 -10.55 -18.56
N ILE A 855 22.10 -10.31 -19.33
CA ILE A 855 22.68 -8.99 -19.48
C ILE A 855 21.62 -8.01 -19.96
N SER A 856 20.73 -8.47 -20.84
CA SER A 856 19.68 -7.58 -21.34
C SER A 856 18.71 -7.17 -20.24
N MET A 857 18.60 -7.97 -19.19
CA MET A 857 17.69 -7.68 -18.08
C MET A 857 18.35 -6.84 -16.99
N ALA A 858 19.43 -7.35 -16.40
CA ALA A 858 20.15 -6.64 -15.34
C ALA A 858 20.73 -5.32 -15.83
N TYR A 859 21.61 -5.38 -16.84
CA TYR A 859 22.23 -4.17 -17.36
C TYR A 859 21.30 -3.33 -18.23
N GLY A 860 20.35 -3.95 -18.91
CA GLY A 860 19.42 -3.24 -19.75
C GLY A 860 18.07 -2.71 -19.32
N GLN A 861 17.29 -3.49 -18.58
CA GLN A 861 15.98 -3.04 -18.14
C GLN A 861 15.78 -2.73 -16.65
N ILE A 862 16.15 -3.63 -15.74
CA ILE A 862 15.96 -3.34 -14.32
C ILE A 862 16.98 -2.32 -13.80
N GLY A 863 18.27 -2.52 -14.10
CA GLY A 863 19.27 -1.57 -13.63
C GLY A 863 19.02 -0.16 -14.11
N MET A 864 18.44 -0.01 -15.30
CA MET A 864 18.17 1.31 -15.84
C MET A 864 17.12 2.02 -14.98
N ILE A 865 16.06 1.30 -14.62
CA ILE A 865 15.01 1.90 -13.79
C ILE A 865 15.57 2.27 -12.43
N GLN A 866 16.43 1.40 -11.87
CA GLN A 866 17.00 1.71 -10.56
C GLN A 866 17.85 2.96 -10.64
N ALA A 867 18.59 3.13 -11.74
CA ALA A 867 19.43 4.32 -11.88
C ALA A 867 18.56 5.56 -11.98
N LEU A 868 17.44 5.47 -12.71
CA LEU A 868 16.57 6.62 -12.85
C LEU A 868 15.99 6.99 -11.49
N GLY A 869 15.63 6.00 -10.69
CA GLY A 869 15.08 6.30 -9.37
C GLY A 869 16.10 7.01 -8.51
N GLY A 870 17.36 6.57 -8.59
CA GLY A 870 18.40 7.20 -7.79
C GLY A 870 18.56 8.65 -8.19
N PHE A 871 18.60 8.92 -9.51
CA PHE A 871 18.75 10.29 -9.96
C PHE A 871 17.57 11.13 -9.55
N PHE A 872 16.39 10.50 -9.44
CA PHE A 872 15.20 11.23 -9.05
C PHE A 872 15.36 11.72 -7.62
N SER A 873 15.72 10.81 -6.70
CA SER A 873 15.89 11.21 -5.31
C SER A 873 16.97 12.29 -5.22
N TYR A 874 17.99 12.17 -6.07
CA TYR A 874 19.09 13.12 -6.10
C TYR A 874 18.56 14.53 -6.38
N PHE A 875 17.98 14.70 -7.57
CA PHE A 875 17.44 16.00 -7.96
C PHE A 875 16.46 16.53 -6.92
N VAL A 876 15.73 15.64 -6.24
CA VAL A 876 14.78 16.13 -5.23
C VAL A 876 15.53 16.77 -4.07
N ILE A 877 16.57 16.10 -3.58
CA ILE A 877 17.35 16.65 -2.46
C ILE A 877 17.96 17.98 -2.85
N LEU A 878 18.52 18.08 -4.06
CA LEU A 878 19.12 19.37 -4.44
C LEU A 878 18.08 20.44 -4.75
N ALA A 879 16.87 20.07 -5.15
CA ALA A 879 15.86 21.07 -5.46
C ALA A 879 15.23 21.63 -4.20
N GLU A 880 15.14 20.82 -3.14
CA GLU A 880 14.53 21.29 -1.90
C GLU A 880 15.46 22.24 -1.14
N ASN A 881 16.78 22.10 -1.31
CA ASN A 881 17.72 22.96 -0.61
C ASN A 881 18.05 24.25 -1.37
N GLY A 882 17.60 24.41 -2.61
CA GLY A 882 17.92 25.62 -3.33
C GLY A 882 18.59 25.51 -4.69
N PHE A 883 19.04 24.32 -5.08
CA PHE A 883 19.70 24.13 -6.37
C PHE A 883 18.75 23.44 -7.34
N LEU A 884 18.09 24.23 -8.19
CA LEU A 884 17.15 23.71 -9.17
C LEU A 884 17.89 22.96 -10.30
N PRO A 885 17.19 22.05 -10.99
CA PRO A 885 17.85 21.29 -12.07
C PRO A 885 18.43 22.13 -13.20
N MET A 886 17.92 23.34 -13.47
CA MET A 886 18.49 24.13 -14.57
C MET A 886 19.85 24.71 -14.22
N ASP A 887 20.11 25.02 -12.96
CA ASP A 887 21.39 25.57 -12.54
C ASP A 887 22.45 24.54 -12.15
N LEU A 888 22.13 23.24 -12.16
CA LEU A 888 23.14 22.26 -11.79
C LEU A 888 24.06 21.87 -12.94
N ILE A 889 23.60 21.97 -14.18
CA ILE A 889 24.41 21.62 -15.35
C ILE A 889 25.48 22.69 -15.58
N GLY A 890 26.76 22.34 -15.42
CA GLY A 890 27.83 23.30 -15.62
C GLY A 890 28.46 23.85 -14.36
N LYS A 891 28.15 23.28 -13.19
CA LYS A 891 28.69 23.73 -11.91
C LYS A 891 29.87 22.95 -11.32
N ARG A 892 30.08 21.68 -11.67
CA ARG A 892 31.22 20.93 -11.08
C ARG A 892 32.55 21.68 -10.95
N VAL A 893 32.91 22.57 -11.88
CA VAL A 893 34.19 23.26 -11.74
C VAL A 893 34.18 24.14 -10.50
N ARG A 894 33.06 24.82 -10.23
CA ARG A 894 33.03 25.67 -9.05
C ARG A 894 32.47 24.90 -7.86
N TRP A 895 31.68 23.86 -8.12
CA TRP A 895 31.11 23.08 -7.03
C TRP A 895 32.21 22.31 -6.32
N ASP A 896 33.28 21.99 -7.04
CA ASP A 896 34.39 21.24 -6.46
C ASP A 896 35.46 22.18 -5.91
N ASP A 897 35.80 23.25 -6.64
CA ASP A 897 36.82 24.21 -6.19
C ASP A 897 36.71 24.38 -4.68
N ARG A 898 37.85 24.26 -4.02
CA ARG A 898 37.92 24.40 -2.57
C ARG A 898 38.11 25.84 -2.09
N TRP A 899 38.34 26.80 -2.98
CA TRP A 899 38.53 28.18 -2.55
C TRP A 899 37.42 29.16 -2.96
N ILE A 900 36.24 28.68 -3.34
CA ILE A 900 35.16 29.57 -3.74
C ILE A 900 34.11 29.50 -2.64
N SER A 901 34.16 30.47 -1.70
CA SER A 901 33.21 30.51 -0.60
C SER A 901 31.95 31.31 -0.92
N ASP A 902 31.55 31.39 -2.20
CA ASP A 902 30.33 32.14 -2.56
C ASP A 902 29.79 31.55 -3.86
N VAL A 903 28.98 30.50 -3.73
CA VAL A 903 28.38 29.83 -4.88
C VAL A 903 26.89 30.15 -4.89
N GLU A 904 26.46 30.92 -5.87
CA GLU A 904 25.07 31.32 -6.01
C GLU A 904 24.19 30.16 -6.48
N ASP A 905 23.03 30.01 -5.85
CA ASP A 905 22.11 28.95 -6.20
C ASP A 905 20.99 29.56 -7.04
N SER A 906 19.98 28.76 -7.36
CA SER A 906 18.85 29.23 -8.17
C SER A 906 18.07 30.37 -7.52
N PHE A 907 18.18 30.58 -6.21
CA PHE A 907 17.45 31.67 -5.57
C PHE A 907 18.32 32.88 -5.22
N GLY A 908 19.63 32.81 -5.40
CA GLY A 908 20.52 33.91 -5.08
C GLY A 908 21.29 33.80 -3.80
N GLN A 909 21.15 32.71 -3.05
CA GLN A 909 21.87 32.54 -1.80
C GLN A 909 23.33 32.19 -2.07
N GLN A 910 24.20 32.54 -1.13
CA GLN A 910 25.63 32.27 -1.21
C GLN A 910 25.97 31.12 -0.28
N TRP A 911 26.49 30.04 -0.87
CA TRP A 911 26.89 28.82 -0.14
C TRP A 911 28.39 28.60 -0.06
N THR A 912 28.90 28.39 1.16
CA THR A 912 30.33 28.17 1.32
C THR A 912 30.65 26.77 0.79
N TYR A 913 31.94 26.43 0.74
CA TYR A 913 32.36 25.11 0.24
C TYR A 913 31.87 23.94 1.10
N GLU A 914 32.15 23.96 2.41
CA GLU A 914 31.71 22.87 3.27
C GLU A 914 30.19 22.73 3.33
N GLN A 915 29.46 23.83 3.19
CA GLN A 915 28.01 23.74 3.24
C GLN A 915 27.47 22.99 2.04
N ARG A 916 28.00 23.26 0.84
CA ARG A 916 27.50 22.54 -0.33
C ARG A 916 27.96 21.09 -0.30
N LYS A 917 29.12 20.83 0.33
CA LYS A 917 29.58 19.45 0.38
C LYS A 917 28.69 18.61 1.29
N ILE A 918 28.18 19.21 2.37
CA ILE A 918 27.32 18.45 3.27
C ILE A 918 26.08 17.97 2.52
N VAL A 919 25.55 18.83 1.64
CA VAL A 919 24.36 18.47 0.88
C VAL A 919 24.70 17.35 -0.11
N GLU A 920 25.89 17.42 -0.73
CA GLU A 920 26.24 16.37 -1.68
C GLU A 920 26.31 15.02 -0.96
N PHE A 921 26.83 15.03 0.27
CA PHE A 921 26.94 13.78 1.01
C PHE A 921 25.54 13.28 1.38
N THR A 922 24.64 14.20 1.75
CA THR A 922 23.31 13.73 2.10
C THR A 922 22.65 13.15 0.85
N CYS A 923 23.10 13.58 -0.33
CA CYS A 923 22.52 13.06 -1.56
C CYS A 923 23.07 11.68 -1.81
N HIS A 924 24.24 11.39 -1.25
CA HIS A 924 24.81 10.07 -1.47
C HIS A 924 24.05 9.11 -0.58
N THR A 925 23.77 9.55 0.65
CA THR A 925 23.04 8.71 1.59
C THR A 925 21.66 8.36 1.03
N SER A 926 20.94 9.36 0.49
CA SER A 926 19.63 9.03 -0.04
C SER A 926 19.75 8.19 -1.31
N PHE A 927 20.84 8.34 -2.07
CA PHE A 927 20.96 7.54 -3.29
C PHE A 927 21.10 6.06 -2.90
N PHE A 928 21.88 5.81 -1.85
CA PHE A 928 22.10 4.45 -1.36
C PHE A 928 20.80 3.87 -0.83
N ILE A 929 19.99 4.71 -0.18
CA ILE A 929 18.74 4.20 0.35
C ILE A 929 17.80 3.90 -0.82
N SER A 930 17.89 4.69 -1.90
CA SER A 930 17.02 4.45 -3.04
C SER A 930 17.39 3.11 -3.64
N ILE A 931 18.70 2.81 -3.63
CA ILE A 931 19.18 1.54 -4.18
C ILE A 931 18.53 0.40 -3.41
N VAL A 932 18.51 0.50 -2.07
CA VAL A 932 17.91 -0.56 -1.26
C VAL A 932 16.42 -0.70 -1.59
N VAL A 933 15.73 0.43 -1.74
CA VAL A 933 14.29 0.40 -2.05
C VAL A 933 14.04 -0.32 -3.37
N VAL A 934 14.84 -0.04 -4.39
CA VAL A 934 14.60 -0.73 -5.66
C VAL A 934 15.08 -2.18 -5.57
N GLN A 935 16.02 -2.45 -4.66
CA GLN A 935 16.49 -3.83 -4.57
C GLN A 935 15.41 -4.69 -3.99
N TRP A 936 14.45 -4.09 -3.28
CA TRP A 936 13.37 -4.90 -2.71
C TRP A 936 12.64 -5.62 -3.85
N ALA A 937 12.15 -4.83 -4.80
CA ALA A 937 11.45 -5.38 -5.94
C ALA A 937 12.37 -6.20 -6.81
N ASP A 938 13.68 -5.94 -6.76
CA ASP A 938 14.54 -6.75 -7.61
C ASP A 938 14.71 -8.14 -7.01
N LEU A 939 14.78 -8.21 -5.68
CA LEU A 939 14.94 -9.50 -5.01
C LEU A 939 13.66 -10.30 -5.13
N ILE A 940 12.54 -9.60 -5.28
CA ILE A 940 11.27 -10.32 -5.41
C ILE A 940 11.08 -10.79 -6.85
N ILE A 941 11.53 -9.99 -7.83
CA ILE A 941 11.35 -10.44 -9.21
C ILE A 941 12.43 -11.45 -9.56
N CYS A 942 13.49 -11.53 -8.75
CA CYS A 942 14.58 -12.46 -9.01
C CYS A 942 14.32 -13.77 -8.29
N LYS A 943 13.38 -13.76 -7.34
CA LYS A 943 13.06 -14.98 -6.61
C LYS A 943 12.64 -16.09 -7.56
N THR A 944 11.78 -15.77 -8.53
CA THR A 944 11.27 -16.71 -9.52
C THR A 944 11.69 -16.26 -10.91
N ARG A 945 12.02 -17.23 -11.77
CA ARG A 945 12.44 -16.91 -13.14
C ARG A 945 11.28 -16.97 -14.13
N ARG A 946 10.31 -17.86 -13.92
CA ARG A 946 9.17 -17.98 -14.82
C ARG A 946 7.85 -17.83 -14.08
N ASN A 947 7.63 -18.69 -13.09
CA ASN A 947 6.41 -18.71 -12.27
C ASN A 947 6.10 -17.36 -11.63
N SER A 948 4.88 -17.21 -11.12
CA SER A 948 4.44 -15.98 -10.48
C SER A 948 4.65 -16.04 -8.97
N ILE A 949 4.63 -14.87 -8.34
CA ILE A 949 4.82 -14.82 -6.89
C ILE A 949 3.60 -15.39 -6.17
N PHE A 950 2.41 -15.17 -6.72
CA PHE A 950 1.20 -15.69 -6.09
C PHE A 950 1.06 -17.20 -6.23
N GLN A 951 2.00 -17.86 -6.92
CA GLN A 951 1.96 -19.30 -7.12
C GLN A 951 3.02 -19.92 -6.20
N GLN A 952 4.31 -19.67 -6.47
CA GLN A 952 5.41 -20.20 -5.68
C GLN A 952 5.10 -19.90 -4.21
N GLY A 953 5.17 -18.63 -3.84
CA GLY A 953 4.92 -18.18 -2.49
C GLY A 953 6.17 -17.71 -1.77
N MET A 954 5.95 -16.86 -0.77
CA MET A 954 7.03 -16.29 0.04
C MET A 954 7.24 -17.16 1.29
N LYS A 955 7.58 -18.42 1.03
CA LYS A 955 7.82 -19.38 2.11
C LYS A 955 9.27 -19.39 2.53
N ASN A 956 10.13 -18.66 1.81
CA ASN A 956 11.55 -18.58 2.10
C ASN A 956 11.74 -17.56 3.22
N LYS A 957 11.96 -18.04 4.44
CA LYS A 957 12.15 -17.16 5.58
C LYS A 957 13.44 -16.35 5.50
N ILE A 958 14.48 -16.92 4.88
CA ILE A 958 15.75 -16.20 4.76
C ILE A 958 15.59 -14.94 3.93
N LEU A 959 14.84 -15.01 2.81
CA LEU A 959 14.66 -13.83 1.98
C LEU A 959 13.96 -12.72 2.76
N ILE A 960 12.96 -13.09 3.56
CA ILE A 960 12.22 -12.10 4.35
C ILE A 960 13.18 -11.43 5.33
N PHE A 961 14.04 -12.25 5.94
CA PHE A 961 15.01 -11.74 6.89
C PHE A 961 15.99 -10.83 6.19
N GLY A 962 16.30 -11.15 4.93
CA GLY A 962 17.23 -10.34 4.17
C GLY A 962 16.68 -8.95 3.95
N LEU A 963 15.40 -8.87 3.57
CA LEU A 963 14.79 -7.55 3.35
C LEU A 963 14.78 -6.72 4.63
N PHE A 964 14.34 -7.34 5.73
CA PHE A 964 14.29 -6.62 7.01
C PHE A 964 15.67 -6.12 7.43
N GLU A 965 16.69 -6.98 7.34
CA GLU A 965 18.04 -6.57 7.73
C GLU A 965 18.58 -5.50 6.78
N GLU A 966 18.30 -5.65 5.48
CA GLU A 966 18.77 -4.69 4.49
C GLU A 966 18.26 -3.30 4.80
N THR A 967 17.03 -3.21 5.34
CA THR A 967 16.49 -1.89 5.67
C THR A 967 17.07 -1.37 6.98
N ALA A 968 17.19 -2.25 7.98
CA ALA A 968 17.72 -1.84 9.27
C ALA A 968 19.15 -1.32 9.15
N LEU A 969 19.96 -1.92 8.28
CA LEU A 969 21.34 -1.47 8.13
C LEU A 969 21.40 -0.07 7.54
N ALA A 970 20.56 0.23 6.53
CA ALA A 970 20.60 1.56 5.94
C ALA A 970 20.18 2.61 6.96
N ALA A 971 19.16 2.30 7.75
CA ALA A 971 18.72 3.28 8.74
C ALA A 971 19.79 3.48 9.79
N PHE A 972 20.49 2.39 10.16
CA PHE A 972 21.53 2.49 11.15
C PHE A 972 22.71 3.33 10.66
N LEU A 973 23.13 3.10 9.42
CA LEU A 973 24.24 3.87 8.88
C LEU A 973 23.91 5.34 8.75
N SER A 974 22.62 5.68 8.60
CA SER A 974 22.35 7.12 8.47
C SER A 974 22.08 7.84 9.79
N TYR A 975 21.25 7.27 10.67
CA TYR A 975 20.90 7.86 11.97
C TYR A 975 21.89 7.70 13.13
N CYS A 976 22.90 6.85 13.09
CA CYS A 976 23.79 6.77 14.25
C CYS A 976 24.74 7.97 14.34
N PRO A 977 24.87 8.59 15.52
CA PRO A 977 25.76 9.74 15.68
C PRO A 977 27.20 9.40 15.33
N GLY A 978 27.89 10.40 14.80
CA GLY A 978 29.29 10.24 14.42
C GLY A 978 29.51 9.54 13.11
N THR A 979 28.48 9.42 12.28
CA THR A 979 28.65 8.75 10.99
C THR A 979 29.07 9.76 9.94
N ASP A 980 28.60 11.00 10.09
CA ASP A 980 28.92 12.06 9.15
C ASP A 980 30.38 12.46 9.31
N VAL A 981 31.02 11.92 10.34
CA VAL A 981 32.40 12.18 10.66
C VAL A 981 33.26 11.01 10.21
N ALA A 982 32.82 9.80 10.53
CA ALA A 982 33.52 8.57 10.18
C ALA A 982 33.28 8.14 8.72
N LEU A 983 32.02 7.88 8.34
CA LEU A 983 31.71 7.47 6.97
C LEU A 983 31.13 8.55 6.07
N ARG A 984 30.80 9.74 6.57
CA ARG A 984 30.24 10.83 5.76
C ARG A 984 28.83 10.55 5.22
N MET A 985 27.91 10.22 6.13
CA MET A 985 26.51 9.92 5.78
C MET A 985 25.70 10.72 6.77
N TYR A 986 24.94 11.69 6.28
CA TYR A 986 24.09 12.55 7.10
C TYR A 986 22.66 12.04 7.19
N PRO A 987 21.95 12.45 8.25
CA PRO A 987 20.56 12.02 8.43
C PRO A 987 19.65 12.56 7.33
N LEU A 988 18.59 11.80 7.07
CA LEU A 988 17.60 12.15 6.06
C LEU A 988 16.29 12.61 6.69
N LYS A 989 15.60 13.45 5.97
CA LYS A 989 14.33 13.99 6.41
C LYS A 989 13.26 12.99 5.95
N PRO A 990 12.39 12.53 6.86
CA PRO A 990 11.33 11.58 6.50
C PRO A 990 10.56 11.72 5.19
N SER A 991 10.63 12.84 4.48
CA SER A 991 9.86 12.89 3.25
C SER A 991 10.66 12.36 2.05
N TRP A 992 11.98 12.30 2.17
CA TRP A 992 12.83 11.80 1.09
C TRP A 992 12.72 10.29 0.90
N TRP A 993 12.78 9.51 1.98
CA TRP A 993 12.67 8.05 1.92
C TRP A 993 11.58 7.50 0.99
N PHE A 994 10.63 8.33 0.56
CA PHE A 994 9.55 7.90 -0.32
C PHE A 994 9.75 8.30 -1.79
N CYS A 995 10.95 8.71 -2.19
CA CYS A 995 11.15 9.09 -3.58
C CYS A 995 11.43 7.91 -4.51
N ALA A 996 11.80 6.74 -3.98
CA ALA A 996 12.08 5.56 -4.78
C ALA A 996 10.94 4.54 -4.83
N PHE A 997 9.91 4.69 -4.01
CA PHE A 997 8.79 3.76 -3.99
C PHE A 997 8.08 3.54 -5.33
N PRO A 998 7.71 4.57 -6.10
CA PRO A 998 7.04 4.30 -7.39
C PRO A 998 7.88 3.49 -8.35
N TYR A 999 9.18 3.76 -8.41
CA TYR A 999 10.04 3.01 -9.32
C TYR A 999 10.05 1.54 -8.95
N SER A 1000 10.05 1.24 -7.64
CA SER A 1000 10.06 -0.14 -7.19
C SER A 1000 8.77 -0.84 -7.60
N LEU A 1001 7.62 -0.20 -7.36
CA LEU A 1001 6.37 -0.86 -7.75
C LEU A 1001 6.34 -1.08 -9.25
N ILE A 1002 6.86 -0.12 -10.03
CA ILE A 1002 6.87 -0.27 -11.47
C ILE A 1002 7.73 -1.46 -11.87
N ILE A 1003 8.88 -1.64 -11.21
CA ILE A 1003 9.75 -2.76 -11.52
C ILE A 1003 9.01 -4.07 -11.30
N PHE A 1004 8.26 -4.12 -10.19
CA PHE A 1004 7.49 -5.31 -9.86
C PHE A 1004 6.41 -5.60 -10.89
N LEU A 1005 5.68 -4.57 -11.33
CA LEU A 1005 4.63 -4.79 -12.32
C LEU A 1005 5.20 -5.18 -13.68
N TYR A 1006 6.31 -4.55 -14.09
CA TYR A 1006 6.91 -4.88 -15.37
C TYR A 1006 7.36 -6.34 -15.39
N ASP A 1007 8.13 -6.75 -14.37
CA ASP A 1007 8.58 -8.14 -14.36
C ASP A 1007 7.41 -9.10 -14.21
N GLU A 1008 6.33 -8.68 -13.54
CA GLU A 1008 5.19 -9.59 -13.40
C GLU A 1008 4.56 -9.84 -14.76
N MET A 1009 4.37 -8.78 -15.55
CA MET A 1009 3.76 -9.00 -16.85
C MET A 1009 4.74 -9.75 -17.74
N ARG A 1010 6.04 -9.60 -17.48
CA ARG A 1010 7.05 -10.26 -18.29
C ARG A 1010 6.92 -11.77 -18.12
N ARG A 1011 6.91 -12.22 -16.86
CA ARG A 1011 6.80 -13.62 -16.47
C ARG A 1011 5.40 -14.19 -16.72
N PHE A 1012 4.60 -13.50 -17.52
CA PHE A 1012 3.25 -13.91 -17.85
C PHE A 1012 3.10 -14.32 -19.31
N ILE A 1013 3.68 -13.54 -20.21
CA ILE A 1013 3.59 -13.87 -21.62
C ILE A 1013 4.43 -15.11 -21.88
N ILE A 1014 5.47 -15.32 -21.07
CA ILE A 1014 6.33 -16.48 -21.24
C ILE A 1014 5.52 -17.74 -20.96
N ARG A 1015 4.67 -17.68 -19.95
CA ARG A 1015 3.84 -18.82 -19.58
C ARG A 1015 2.77 -19.07 -20.64
N ARG A 1016 1.96 -18.04 -20.94
CA ARG A 1016 0.91 -18.22 -21.94
C ARG A 1016 1.45 -18.46 -23.34
N SER A 1017 2.56 -17.81 -23.71
CA SER A 1017 3.18 -17.96 -25.03
C SER A 1017 4.52 -18.68 -24.97
N PRO A 1018 4.55 -20.02 -25.02
CA PRO A 1018 5.83 -20.75 -24.96
C PRO A 1018 6.55 -20.73 -26.30
N GLY A 1019 7.80 -20.28 -26.27
CA GLY A 1019 8.64 -20.18 -27.45
C GLY A 1019 8.60 -18.85 -28.16
N GLY A 1020 7.81 -17.90 -27.66
CA GLY A 1020 7.68 -16.60 -28.26
C GLY A 1020 8.86 -15.67 -28.00
N TRP A 1021 8.70 -14.45 -28.52
CA TRP A 1021 9.69 -13.38 -28.40
C TRP A 1021 10.18 -13.13 -26.98
N VAL A 1022 9.25 -12.99 -26.03
CA VAL A 1022 9.64 -12.74 -24.65
C VAL A 1022 10.50 -13.88 -24.09
N GLU A 1023 10.33 -15.10 -24.62
CA GLU A 1023 11.12 -16.22 -24.13
C GLU A 1023 12.53 -16.24 -24.72
N GLN A 1024 12.64 -16.16 -26.05
CA GLN A 1024 13.99 -16.17 -26.62
C GLN A 1024 14.71 -14.84 -26.49
N GLU A 1025 14.11 -13.86 -25.82
CA GLU A 1025 14.71 -12.56 -25.66
C GLU A 1025 14.98 -12.21 -24.19
N THR A 1026 14.08 -12.59 -23.26
CA THR A 1026 14.26 -12.29 -21.84
C THR A 1026 14.33 -13.50 -20.89
N TYR A 1027 14.23 -14.73 -21.37
CA TYR A 1027 14.28 -15.92 -20.50
C TYR A 1027 15.69 -16.46 -20.20
N TYR A 1028 16.36 -15.80 -19.24
CA TYR A 1028 17.73 -16.12 -18.78
C TYR A 1028 18.41 -17.35 -19.39
N GLY B 12 33.86 -20.14 -35.81
CA GLY B 12 33.58 -19.21 -34.73
C GLY B 12 33.78 -17.76 -35.12
N TRP B 13 35.04 -17.32 -35.06
CA TRP B 13 35.42 -15.95 -35.40
C TRP B 13 34.73 -15.42 -36.66
N LYS B 14 34.84 -16.17 -37.77
CA LYS B 14 34.25 -15.80 -39.04
C LYS B 14 32.74 -16.05 -39.14
N LYS B 15 32.27 -17.22 -38.73
CA LYS B 15 30.84 -17.53 -38.79
C LYS B 15 29.98 -16.58 -37.98
N PHE B 16 30.21 -16.45 -36.66
CA PHE B 16 29.38 -15.53 -35.88
C PHE B 16 29.37 -14.09 -36.40
N LEU B 17 30.09 -13.84 -37.49
CA LEU B 17 30.17 -12.53 -38.09
C LEU B 17 29.35 -12.45 -39.36
N TRP B 18 29.38 -13.52 -40.16
CA TRP B 18 28.65 -13.57 -41.41
C TRP B 18 28.63 -14.96 -42.02
N ASP B 19 27.47 -15.59 -42.05
CA ASP B 19 27.29 -16.93 -42.59
C ASP B 19 26.47 -16.69 -43.86
N SER B 20 26.58 -17.56 -44.85
CA SER B 20 25.80 -17.32 -46.05
C SER B 20 24.67 -18.31 -46.30
N GLU B 21 24.33 -19.15 -45.33
CA GLU B 21 23.25 -20.08 -45.62
C GLU B 21 21.96 -19.49 -45.05
N LYS B 22 22.02 -19.04 -43.79
CA LYS B 22 20.89 -18.45 -43.11
C LYS B 22 20.83 -16.95 -43.33
N LYS B 23 21.79 -16.38 -44.07
CA LYS B 23 21.88 -14.95 -44.38
C LYS B 23 21.80 -14.11 -43.11
N GLU B 24 22.62 -14.47 -42.13
CA GLU B 24 22.71 -13.82 -40.84
C GLU B 24 23.96 -12.96 -40.65
N PHE B 25 23.79 -11.84 -39.94
CA PHE B 25 24.86 -10.90 -39.65
C PHE B 25 24.90 -10.75 -38.13
N LEU B 26 26.05 -11.08 -37.53
CA LEU B 26 26.26 -10.99 -36.08
C LEU B 26 25.39 -11.98 -35.29
N GLY B 27 24.44 -12.63 -35.93
CA GLY B 27 23.59 -13.57 -35.22
C GLY B 27 22.17 -13.62 -35.72
N ARG B 28 21.63 -12.46 -36.07
CA ARG B 28 20.26 -12.39 -36.57
C ARG B 28 20.24 -12.09 -38.06
N THR B 29 19.03 -12.03 -38.60
CA THR B 29 18.78 -11.76 -40.01
C THR B 29 18.53 -10.27 -40.14
N GLY B 30 18.11 -9.83 -41.32
CA GLY B 30 17.85 -8.41 -41.48
C GLY B 30 16.72 -7.90 -40.59
N SER B 31 15.61 -8.64 -40.55
CA SER B 31 14.43 -8.30 -39.76
C SER B 31 14.58 -8.34 -38.21
N SER B 32 15.47 -9.14 -37.61
CA SER B 32 15.60 -9.18 -36.14
C SER B 32 16.19 -7.93 -35.45
N TRP B 33 17.37 -7.45 -35.89
CA TRP B 33 17.96 -6.26 -35.26
C TRP B 33 16.93 -5.14 -35.16
N PHE B 34 15.97 -5.13 -36.08
CA PHE B 34 14.94 -4.13 -36.08
C PHE B 34 13.96 -4.35 -34.93
N LYS B 35 13.59 -5.61 -34.66
CA LYS B 35 12.65 -5.87 -33.58
C LYS B 35 13.26 -5.43 -32.25
N ILE B 36 14.55 -5.75 -32.05
CA ILE B 36 15.19 -5.36 -30.79
C ILE B 36 15.36 -3.85 -30.70
N PHE B 37 15.82 -3.20 -31.78
CA PHE B 37 16.00 -1.75 -31.73
C PHE B 37 14.68 -1.04 -31.49
N LEU B 38 13.61 -1.48 -32.15
CA LEU B 38 12.31 -0.85 -31.97
C LEU B 38 11.83 -1.03 -30.54
N PHE B 39 12.03 -2.22 -29.97
CA PHE B 39 11.59 -2.45 -28.60
C PHE B 39 12.33 -1.53 -27.64
N TYR B 40 13.66 -1.47 -27.77
CA TYR B 40 14.41 -0.59 -26.87
C TYR B 40 14.03 0.88 -27.07
N LEU B 41 13.72 1.29 -28.30
CA LEU B 41 13.36 2.68 -28.50
C LEU B 41 12.05 3.00 -27.79
N ILE B 42 11.07 2.11 -27.90
CA ILE B 42 9.79 2.36 -27.24
C ILE B 42 9.95 2.30 -25.72
N PHE B 43 10.71 1.31 -25.23
CA PHE B 43 10.94 1.17 -23.80
C PHE B 43 11.62 2.40 -23.21
N TYR B 44 12.76 2.79 -23.78
CA TYR B 44 13.47 3.96 -23.27
C TYR B 44 12.62 5.22 -23.44
N GLY B 45 11.77 5.29 -24.47
CA GLY B 45 10.96 6.47 -24.65
C GLY B 45 9.98 6.59 -23.49
N CYS B 46 9.39 5.45 -23.12
CA CYS B 46 8.42 5.47 -22.02
C CYS B 46 9.16 5.85 -20.73
N LEU B 47 10.37 5.33 -20.55
CA LEU B 47 11.15 5.62 -19.36
C LEU B 47 11.40 7.12 -19.24
N ALA B 48 11.79 7.74 -20.36
CA ALA B 48 12.05 9.17 -20.38
C ALA B 48 10.80 9.97 -20.08
N GLY B 49 9.67 9.60 -20.68
CA GLY B 49 8.44 10.33 -20.42
C GLY B 49 8.00 10.24 -18.97
N ILE B 50 8.21 9.07 -18.35
CA ILE B 50 7.82 8.91 -16.95
C ILE B 50 8.71 9.77 -16.06
N PHE B 51 10.02 9.73 -16.30
CA PHE B 51 10.93 10.53 -15.48
C PHE B 51 10.61 12.02 -15.62
N ILE B 52 10.26 12.45 -16.83
CA ILE B 52 9.94 13.86 -17.05
C ILE B 52 8.66 14.23 -16.31
N GLY B 53 7.64 13.36 -16.33
CA GLY B 53 6.42 13.69 -15.63
C GLY B 53 6.66 13.81 -14.13
N THR B 54 7.45 12.89 -13.58
CA THR B 54 7.73 12.94 -12.16
C THR B 54 8.59 14.14 -11.81
N ILE B 55 9.23 14.77 -12.80
CA ILE B 55 10.06 15.93 -12.48
C ILE B 55 9.19 17.19 -12.59
N GLN B 56 8.16 17.13 -13.43
CA GLN B 56 7.28 18.28 -13.59
C GLN B 56 6.46 18.48 -12.33
N VAL B 57 5.98 17.37 -11.74
CA VAL B 57 5.19 17.54 -10.52
C VAL B 57 6.08 18.18 -9.46
N LEU B 58 7.39 17.96 -9.57
CA LEU B 58 8.32 18.51 -8.60
C LEU B 58 8.45 20.00 -8.85
N LEU B 59 8.39 20.41 -10.12
CA LEU B 59 8.50 21.85 -10.36
C LEU B 59 7.25 22.53 -9.84
N LEU B 60 6.13 21.80 -9.83
CA LEU B 60 4.88 22.38 -9.35
C LEU B 60 4.84 22.42 -7.82
N THR B 61 5.75 21.71 -7.14
CA THR B 61 5.79 21.67 -5.68
C THR B 61 6.59 22.80 -5.00
N LEU B 62 7.58 23.41 -5.66
CA LEU B 62 8.38 24.48 -5.07
C LEU B 62 7.94 25.90 -5.43
N SER B 63 8.29 26.84 -4.54
CA SER B 63 7.99 28.27 -4.68
C SER B 63 9.18 29.01 -5.29
N ASP B 64 8.87 30.03 -6.10
CA ASP B 64 9.85 30.87 -6.78
C ASP B 64 10.41 32.02 -5.96
N PHE B 65 9.81 32.39 -4.83
CA PHE B 65 10.33 33.48 -4.03
C PHE B 65 10.98 33.08 -2.71
N GLU B 66 11.09 31.78 -2.42
CA GLU B 66 11.72 31.42 -1.16
C GLU B 66 12.14 29.96 -1.07
N PRO B 67 13.33 29.68 -0.53
CA PRO B 67 13.77 28.28 -0.43
C PRO B 67 13.04 27.65 0.75
N LYS B 68 12.44 26.49 0.51
CA LYS B 68 11.71 25.78 1.56
C LYS B 68 12.57 25.49 2.78
N TYR B 69 13.80 25.01 2.58
CA TYR B 69 14.70 24.70 3.70
C TYR B 69 15.86 25.69 3.73
N GLN B 70 16.02 26.37 4.87
CA GLN B 70 17.08 27.36 5.07
C GLN B 70 17.90 27.05 6.31
N ASP B 71 18.10 25.77 6.63
CA ASP B 71 18.88 25.43 7.81
C ASP B 71 20.35 25.15 7.52
N ARG B 72 20.70 24.81 6.28
CA ARG B 72 22.10 24.55 5.97
C ARG B 72 22.88 25.83 5.76
N VAL B 73 22.21 26.97 5.83
CA VAL B 73 22.81 28.29 5.64
C VAL B 73 22.39 29.24 6.76
N ALA B 74 22.15 28.73 7.98
CA ALA B 74 21.75 29.64 9.06
C ALA B 74 22.90 30.54 9.51
N PRO B 75 24.04 30.03 9.98
CA PRO B 75 25.11 30.96 10.39
C PRO B 75 25.86 31.43 9.16
N PRO B 76 25.74 32.71 8.80
CA PRO B 76 26.44 33.22 7.62
C PRO B 76 27.96 33.19 7.66
N GLY B 77 28.53 33.09 6.47
CA GLY B 77 29.96 33.06 6.26
C GLY B 77 30.56 34.44 6.21
N LEU B 78 31.87 34.48 6.00
CA LEU B 78 32.64 35.73 5.92
C LEU B 78 33.70 35.55 4.83
N SER B 79 33.40 36.01 3.62
CA SER B 79 34.38 35.86 2.55
C SER B 79 35.09 37.19 2.30
N HIS B 80 36.06 37.17 1.39
CA HIS B 80 36.82 38.36 1.05
C HIS B 80 36.94 38.51 -0.47
N ALA B 81 37.53 39.63 -0.88
CA ALA B 81 37.76 39.98 -2.28
C ALA B 81 38.94 39.27 -2.95
N PRO B 82 40.12 39.16 -2.34
CA PRO B 82 41.20 38.47 -3.02
C PRO B 82 40.93 36.97 -3.07
N TYR B 83 41.44 36.34 -4.13
CA TYR B 83 41.26 34.90 -4.31
C TYR B 83 42.60 34.26 -3.98
N ALA B 84 42.69 33.71 -2.79
CA ALA B 84 43.88 33.05 -2.31
C ALA B 84 43.69 31.56 -2.51
N ILE B 85 44.73 30.89 -3.01
CA ILE B 85 44.63 29.45 -3.23
C ILE B 85 44.57 28.70 -1.91
N LYS B 86 45.46 29.03 -0.98
CA LYS B 86 45.48 28.35 0.30
C LYS B 86 45.29 29.37 1.43
N THR B 87 44.52 30.41 1.15
CA THR B 87 44.22 31.48 2.12
C THR B 87 45.53 32.17 2.49
N GLU B 88 46.37 32.37 1.49
CA GLU B 88 47.66 33.02 1.63
C GLU B 88 47.84 34.11 0.57
N ILE B 89 48.36 35.25 1.00
CA ILE B 89 48.60 36.40 0.14
C ILE B 89 50.11 36.63 0.18
N SER B 90 50.81 36.17 -0.85
CA SER B 90 52.26 36.33 -0.94
C SER B 90 52.63 37.01 -2.26
N PHE B 91 53.32 38.15 -2.16
CA PHE B 91 53.72 38.88 -3.36
C PHE B 91 54.91 39.79 -3.08
N SER B 92 55.74 39.97 -4.11
CA SER B 92 56.94 40.80 -4.09
C SER B 92 56.60 42.25 -4.42
N ILE B 93 57.17 43.20 -3.66
CA ILE B 93 56.89 44.61 -3.93
C ILE B 93 57.65 45.12 -5.14
N SER B 94 58.54 44.31 -5.73
CA SER B 94 59.30 44.75 -6.90
C SER B 94 58.67 44.22 -8.19
N ASN B 95 58.60 42.90 -8.32
CA ASN B 95 58.03 42.23 -9.49
C ASN B 95 56.54 42.53 -9.61
N PRO B 96 56.12 43.25 -10.65
CA PRO B 96 54.68 43.56 -10.78
C PRO B 96 53.82 42.35 -11.13
N LYS B 97 54.35 41.38 -11.87
CA LYS B 97 53.60 40.18 -12.24
C LYS B 97 53.41 39.21 -11.08
N SER B 98 53.43 39.72 -9.85
CA SER B 98 53.27 38.88 -8.67
C SER B 98 51.93 39.09 -7.98
N TYR B 99 51.41 40.31 -7.95
CA TYR B 99 50.13 40.60 -7.32
C TYR B 99 49.02 40.85 -8.34
N GLU B 100 49.23 40.44 -9.59
CA GLU B 100 48.21 40.64 -10.62
C GLU B 100 46.97 39.81 -10.34
N SER B 101 47.15 38.57 -9.89
CA SER B 101 46.01 37.69 -9.60
C SER B 101 45.11 38.28 -8.52
N PHE B 102 45.69 39.08 -7.63
CA PHE B 102 44.91 39.69 -6.55
C PHE B 102 44.10 40.88 -7.07
N VAL B 103 44.80 41.86 -7.65
CA VAL B 103 44.15 43.05 -8.19
C VAL B 103 43.06 42.67 -9.19
N LYS B 104 43.30 41.67 -10.03
CA LYS B 104 42.30 41.26 -11.01
C LYS B 104 41.00 40.89 -10.31
N SER B 105 41.10 40.10 -9.24
CA SER B 105 39.90 39.68 -8.51
C SER B 105 39.28 40.91 -7.85
N MET B 106 40.02 41.54 -6.95
CA MET B 106 39.56 42.73 -6.24
C MET B 106 38.73 43.58 -7.19
N HIS B 107 39.33 43.87 -8.35
CA HIS B 107 38.68 44.67 -9.39
C HIS B 107 37.37 44.03 -9.81
N LYS B 108 37.37 42.71 -10.01
CA LYS B 108 36.14 42.04 -10.42
C LYS B 108 35.02 42.28 -9.42
N LEU B 109 35.37 42.29 -8.14
CA LEU B 109 34.37 42.52 -7.08
C LEU B 109 33.89 43.96 -7.05
N MET B 110 34.81 44.93 -7.01
CA MET B 110 34.42 46.34 -6.97
C MET B 110 33.79 46.83 -8.27
N ASP B 111 34.06 46.18 -9.40
CA ASP B 111 33.51 46.56 -10.69
C ASP B 111 32.00 46.49 -10.74
N LEU B 112 31.36 45.93 -9.71
CA LEU B 112 29.90 45.81 -9.65
C LEU B 112 29.24 46.94 -8.87
N TYR B 113 30.03 47.77 -8.19
CA TYR B 113 29.52 48.89 -7.41
C TYR B 113 29.69 50.22 -8.14
N ASN B 114 29.99 50.16 -9.44
CA ASN B 114 30.19 51.35 -10.26
C ASN B 114 28.94 52.22 -10.19
N GLU B 115 29.14 53.54 -10.08
CA GLU B 115 27.99 54.45 -10.01
C GLU B 115 27.14 54.38 -11.27
N SER B 116 27.76 54.20 -12.43
CA SER B 116 26.99 54.13 -13.67
C SER B 116 25.91 53.06 -13.57
N SER B 117 26.21 51.97 -12.86
CA SER B 117 25.24 50.89 -12.71
C SER B 117 24.08 51.34 -11.83
N GLN B 118 24.40 52.06 -10.74
CA GLN B 118 23.42 52.57 -9.78
C GLN B 118 22.96 53.95 -10.23
N ALA B 119 21.84 54.01 -10.95
CA ALA B 119 21.36 55.31 -11.40
C ALA B 119 19.85 55.31 -11.56
N GLY B 120 19.26 56.49 -11.36
CA GLY B 120 17.83 56.68 -11.45
C GLY B 120 17.11 56.37 -10.16
N ASN B 121 15.78 56.43 -10.22
CA ASN B 121 14.99 56.16 -9.03
C ASN B 121 14.78 54.67 -8.93
N SER B 122 14.67 54.04 -10.08
CA SER B 122 14.48 52.62 -10.20
C SER B 122 15.77 52.00 -10.67
N PRO B 123 16.22 50.92 -10.05
CA PRO B 123 15.39 50.44 -8.94
C PRO B 123 16.07 50.86 -7.64
N PHE B 124 17.08 51.72 -7.72
CA PHE B 124 17.84 52.22 -6.57
C PHE B 124 17.23 53.42 -5.82
N GLU B 125 17.48 53.42 -4.50
CA GLU B 125 17.02 54.45 -3.57
C GLU B 125 18.12 54.94 -2.62
N ASP B 126 18.20 56.27 -2.45
CA ASP B 126 19.19 56.88 -1.57
C ASP B 126 18.85 56.59 -0.11
N CYS B 127 19.80 56.03 0.63
CA CYS B 127 19.58 55.70 2.03
C CYS B 127 20.53 56.51 2.91
N SER B 128 20.23 56.53 4.21
CA SER B 128 20.98 57.22 5.25
C SER B 128 22.49 57.08 5.09
N ASP B 129 23.19 58.22 5.02
CA ASP B 129 24.64 58.19 4.87
C ASP B 129 25.34 57.66 6.11
N THR B 130 24.61 57.55 7.22
CA THR B 130 25.05 57.08 8.51
C THR B 130 24.29 55.79 8.81
N PRO B 131 24.92 54.79 9.46
CA PRO B 131 24.21 53.54 9.75
C PRO B 131 22.81 53.76 10.30
N ALA B 132 21.86 52.91 9.89
CA ALA B 132 20.48 53.03 10.35
C ALA B 132 19.94 51.64 10.66
N ASP B 133 18.63 51.57 10.85
CA ASP B 133 17.95 50.31 11.15
C ASP B 133 17.49 49.58 9.91
N TYR B 134 16.82 48.45 10.14
CA TYR B 134 16.29 47.59 9.11
C TYR B 134 15.25 48.35 8.30
N ILE B 135 14.90 47.78 7.15
CA ILE B 135 13.92 48.37 6.25
C ILE B 135 13.18 47.19 5.66
N LYS B 136 11.86 47.15 5.87
CA LYS B 136 11.02 46.08 5.36
C LYS B 136 10.20 46.61 4.19
N ARG B 137 10.44 46.05 3.00
CA ARG B 137 9.72 46.45 1.79
C ARG B 137 8.53 45.54 1.54
N GLY B 138 7.89 45.12 2.62
CA GLY B 138 6.74 44.25 2.57
C GLY B 138 7.13 42.80 2.73
N ASP B 139 6.23 41.93 2.28
CA ASP B 139 6.43 40.50 2.37
C ASP B 139 7.23 40.01 1.16
N LEU B 140 7.29 38.69 0.99
CA LEU B 140 8.01 38.07 -0.11
C LEU B 140 6.98 37.67 -1.17
N ASP B 141 6.39 38.70 -1.78
CA ASP B 141 5.39 38.51 -2.81
C ASP B 141 5.70 39.32 -4.06
N ASP B 142 4.84 39.12 -5.05
CA ASP B 142 4.90 39.76 -6.35
C ASP B 142 3.84 40.84 -6.45
N SER B 143 3.05 41.06 -5.38
CA SER B 143 2.01 42.07 -5.35
C SER B 143 2.71 43.35 -5.76
N GLN B 144 3.58 43.87 -4.90
CA GLN B 144 4.26 45.09 -5.29
C GLN B 144 5.31 44.63 -6.27
N GLY B 145 5.64 45.46 -7.25
CA GLY B 145 6.65 45.02 -8.18
C GLY B 145 8.02 44.84 -7.55
N GLN B 146 9.04 44.77 -8.39
CA GLN B 146 10.42 44.59 -7.94
C GLN B 146 10.74 45.55 -6.81
N LYS B 147 11.11 45.01 -5.65
CA LYS B 147 11.44 45.85 -4.50
C LYS B 147 12.61 46.78 -4.83
N LYS B 148 13.00 47.64 -3.89
CA LYS B 148 14.10 48.57 -4.08
C LYS B 148 15.21 48.34 -3.07
N ALA B 149 16.46 48.38 -3.54
CA ALA B 149 17.64 48.17 -2.70
C ALA B 149 18.43 49.47 -2.54
N CYS B 150 19.10 49.60 -1.39
CA CYS B 150 19.90 50.78 -1.09
C CYS B 150 21.18 50.82 -1.91
N ARG B 151 21.61 52.05 -2.24
CA ARG B 151 22.82 52.27 -3.02
C ARG B 151 24.05 52.20 -2.14
N PHE B 152 25.13 51.62 -2.66
CA PHE B 152 26.39 51.49 -1.93
C PHE B 152 27.46 52.07 -2.84
N SER B 153 28.02 53.21 -2.44
CA SER B 153 29.05 53.86 -3.20
C SER B 153 30.45 53.30 -2.99
N ARG B 154 31.24 53.38 -4.06
CA ARG B 154 32.61 52.91 -4.07
C ARG B 154 33.43 53.73 -3.08
N MET B 155 33.51 55.03 -3.34
CA MET B 155 34.22 56.04 -2.56
C MET B 155 34.09 55.82 -1.06
N TRP B 156 33.01 55.18 -0.59
CA TRP B 156 32.88 54.97 0.85
C TRP B 156 34.17 54.33 1.33
N LEU B 157 34.67 53.34 0.57
CA LEU B 157 35.91 52.65 0.91
C LEU B 157 36.90 53.74 0.50
N LYS B 158 37.63 54.31 1.47
CA LYS B 158 38.59 55.36 1.14
C LYS B 158 39.92 55.03 0.47
N ASN B 159 40.85 54.32 1.13
CA ASN B 159 42.07 54.08 0.38
C ASN B 159 42.05 52.82 -0.49
N CYS B 160 41.00 51.99 -0.45
CA CYS B 160 40.95 50.78 -1.27
C CYS B 160 39.69 50.87 -2.12
N SER B 161 39.80 51.47 -3.29
CA SER B 161 38.67 51.63 -4.19
C SER B 161 39.05 51.49 -5.66
N GLY B 162 40.34 51.42 -5.97
CA GLY B 162 40.85 51.30 -7.32
C GLY B 162 40.53 52.51 -8.17
N LEU B 163 40.02 53.56 -7.54
CA LEU B 163 39.68 54.78 -8.26
C LEU B 163 40.86 55.74 -8.25
N ASP B 164 41.69 55.64 -7.21
CA ASP B 164 42.88 56.45 -7.02
C ASP B 164 44.13 55.67 -7.34
N ASP B 165 44.36 54.58 -6.62
CA ASP B 165 45.51 53.68 -6.78
C ASP B 165 44.94 52.33 -7.19
N THR B 166 44.64 52.21 -8.49
CA THR B 166 44.08 51.02 -9.14
C THR B 166 44.55 49.72 -8.48
N THR B 167 45.86 49.62 -8.23
CA THR B 167 46.45 48.44 -7.61
C THR B 167 45.83 48.11 -6.24
N TYR B 168 45.32 49.11 -5.53
CA TYR B 168 44.67 49.09 -4.20
C TYR B 168 45.62 48.95 -3.02
N GLY B 169 46.93 49.14 -3.17
CA GLY B 169 47.78 48.99 -2.00
C GLY B 169 49.00 48.13 -2.19
N TYR B 170 48.80 47.00 -2.87
CA TYR B 170 49.80 45.99 -3.18
C TYR B 170 51.07 46.55 -3.82
N ALA B 171 51.02 47.80 -4.28
CA ALA B 171 52.17 48.44 -4.90
C ALA B 171 53.27 48.84 -3.93
N GLU B 172 52.94 49.21 -2.69
CA GLU B 172 54.03 49.59 -1.79
C GLU B 172 53.99 48.91 -0.43
N GLY B 173 53.59 47.66 -0.35
CA GLY B 173 53.55 47.02 0.96
C GLY B 173 52.43 47.43 1.89
N LYS B 174 51.23 47.64 1.36
CA LYS B 174 50.08 48.04 2.17
C LYS B 174 48.82 47.50 1.50
N PRO B 175 48.65 46.18 1.49
CA PRO B 175 47.47 45.60 0.86
C PRO B 175 46.17 45.82 1.64
N CYS B 176 45.07 45.70 0.90
CA CYS B 176 43.73 45.87 1.41
C CYS B 176 43.02 44.53 1.28
N VAL B 177 41.92 44.37 2.02
CA VAL B 177 41.13 43.16 2.00
C VAL B 177 39.67 43.54 2.20
N VAL B 178 38.88 43.41 1.15
CA VAL B 178 37.46 43.74 1.18
C VAL B 178 36.67 42.53 1.70
N ALA B 179 36.14 42.65 2.91
CA ALA B 179 35.37 41.59 3.52
C ALA B 179 33.91 41.76 3.13
N LYS B 180 33.19 40.63 3.13
CA LYS B 180 31.78 40.59 2.77
C LYS B 180 31.02 39.49 3.50
N LEU B 181 29.79 39.82 3.89
CA LEU B 181 28.88 38.93 4.60
C LEU B 181 28.02 38.19 3.58
N ASN B 182 27.95 36.86 3.71
CA ASN B 182 27.16 36.03 2.80
C ASN B 182 25.67 36.35 2.83
N ARG B 183 25.14 36.66 1.65
CA ARG B 183 23.73 37.01 1.42
C ARG B 183 22.76 35.88 1.74
N ILE B 184 21.84 36.12 2.67
CA ILE B 184 20.84 35.13 3.09
C ILE B 184 19.47 35.79 3.00
N ILE B 185 18.50 35.05 2.45
CA ILE B 185 17.13 35.56 2.31
C ILE B 185 16.44 35.66 3.66
N GLY B 186 15.81 36.81 3.91
CA GLY B 186 15.11 37.04 5.17
C GLY B 186 15.96 36.99 6.41
N PHE B 187 17.27 37.22 6.28
CA PHE B 187 18.17 37.20 7.42
C PHE B 187 18.40 38.59 7.99
N TYR B 188 18.08 38.77 9.27
CA TYR B 188 18.26 40.05 9.94
C TYR B 188 19.52 40.00 10.78
N PRO B 189 20.52 40.83 10.54
CA PRO B 189 21.72 40.74 11.37
C PRO B 189 21.40 41.42 12.70
N LYS B 190 21.83 40.77 13.79
CA LYS B 190 21.58 41.31 15.12
C LYS B 190 22.89 41.47 15.89
N PRO B 191 23.22 42.66 16.37
CA PRO B 191 24.45 42.87 17.11
C PRO B 191 24.29 42.66 18.61
N LEU B 192 25.44 42.47 19.26
CA LEU B 192 25.50 42.25 20.70
C LEU B 192 25.06 43.51 21.43
N LYS B 193 24.38 43.36 22.56
CA LYS B 193 23.95 44.55 23.29
C LYS B 193 25.05 45.06 24.23
N ASN B 194 24.86 46.30 24.71
CA ASN B 194 25.75 47.05 25.61
C ASN B 194 25.97 46.52 27.03
N THR B 195 25.38 45.38 27.41
CA THR B 195 25.56 44.84 28.76
C THR B 195 27.04 44.55 29.10
N THR B 196 27.32 44.40 30.40
CA THR B 196 28.67 44.15 30.93
C THR B 196 29.40 43.01 30.26
N ASP B 197 28.72 42.10 29.56
CA ASP B 197 29.42 41.01 28.92
C ASP B 197 29.37 41.40 27.46
N LEU B 198 30.51 41.60 26.91
CA LEU B 198 30.80 41.98 25.55
C LEU B 198 32.31 41.87 25.46
N PRO B 199 32.86 41.55 24.30
CA PRO B 199 34.32 41.45 24.22
C PRO B 199 34.95 42.78 24.58
N GLU B 200 36.27 42.75 24.72
CA GLU B 200 37.01 43.95 25.05
C GLU B 200 36.84 44.97 23.93
N GLU B 201 37.35 44.61 22.75
CA GLU B 201 37.34 45.37 21.50
C GLU B 201 36.08 46.20 21.16
N LEU B 202 34.92 45.54 21.16
CA LEU B 202 33.60 46.09 20.88
C LEU B 202 33.07 47.23 21.75
N GLN B 203 33.54 47.42 22.97
CA GLN B 203 33.03 48.51 23.80
C GLN B 203 33.00 49.88 23.11
N ALA B 204 34.13 50.39 22.65
CA ALA B 204 34.12 51.70 21.98
C ALA B 204 33.34 51.69 20.66
N ASN B 205 32.65 52.81 20.40
CA ASN B 205 31.83 53.01 19.17
C ASN B 205 30.71 51.98 19.02
N TYR B 206 29.84 51.87 20.02
CA TYR B 206 28.74 50.90 19.92
C TYR B 206 27.52 51.37 19.11
N ASN B 207 27.68 51.53 17.81
CA ASN B 207 26.51 51.99 17.07
C ASN B 207 25.63 50.74 17.00
N GLN B 208 24.49 50.71 17.68
CA GLN B 208 23.65 49.51 17.61
C GLN B 208 23.46 49.02 16.18
N TYR B 209 23.16 49.93 15.27
CA TYR B 209 22.94 49.64 13.86
C TYR B 209 24.13 49.13 13.05
N VAL B 210 25.27 48.81 13.67
CA VAL B 210 26.42 48.31 12.92
C VAL B 210 26.86 46.95 13.41
N LEU B 211 27.10 46.03 12.45
CA LEU B 211 27.54 44.68 12.78
C LEU B 211 29.05 44.81 12.77
N PRO B 212 29.73 44.65 13.90
CA PRO B 212 31.20 44.77 13.93
C PRO B 212 32.03 43.62 13.39
N LEU B 213 33.13 44.00 12.75
CA LEU B 213 34.12 43.13 12.14
C LEU B 213 35.43 43.57 12.75
N ARG B 214 36.18 42.64 13.33
CA ARG B 214 37.45 42.98 13.94
C ARG B 214 38.44 41.87 13.70
N CYS B 215 39.59 42.22 13.13
CA CYS B 215 40.67 41.29 12.82
C CYS B 215 41.75 41.32 13.90
N ALA B 216 42.46 40.20 14.00
CA ALA B 216 43.53 40.07 14.99
C ALA B 216 44.51 38.99 14.50
N ALA B 217 45.41 38.57 15.38
CA ALA B 217 46.42 37.57 15.07
C ALA B 217 46.06 36.23 15.72
N LYS B 218 46.26 35.15 14.95
CA LYS B 218 45.96 33.81 15.43
C LYS B 218 46.78 33.43 16.66
N ARG B 219 48.09 33.67 16.62
CA ARG B 219 48.94 33.35 17.76
C ARG B 219 49.26 34.59 18.58
N GLU B 220 49.61 34.36 19.84
CA GLU B 220 49.94 35.46 20.74
C GLU B 220 51.23 36.15 20.33
N GLU B 221 52.17 35.42 19.74
CA GLU B 221 53.43 36.00 19.30
C GLU B 221 53.23 37.04 18.20
N ASP B 222 52.60 36.62 17.10
CA ASP B 222 52.30 37.45 15.94
C ASP B 222 51.69 38.83 16.23
N ARG B 223 51.08 39.04 17.40
CA ARG B 223 50.49 40.34 17.70
C ARG B 223 51.44 41.47 17.31
N GLU B 224 52.61 41.46 17.95
CA GLU B 224 53.67 42.44 17.75
C GLU B 224 54.08 42.65 16.28
N LYS B 225 54.17 41.57 15.50
CA LYS B 225 54.55 41.73 14.09
C LYS B 225 53.46 42.27 13.17
N ILE B 226 52.23 42.41 13.64
CA ILE B 226 51.13 42.93 12.83
C ILE B 226 50.99 44.37 13.27
N GLY B 227 50.98 45.31 12.33
CA GLY B 227 50.85 46.68 12.79
C GLY B 227 49.52 47.34 13.10
N SER B 228 49.07 48.28 12.27
CA SER B 228 47.80 48.96 12.52
C SER B 228 46.72 48.63 11.50
N ILE B 229 45.75 47.83 11.94
CA ILE B 229 44.62 47.39 11.15
C ILE B 229 43.68 48.58 10.95
N GLU B 230 43.64 49.15 9.75
CA GLU B 230 42.79 50.31 9.48
C GLU B 230 41.58 49.90 8.64
N TYR B 231 40.40 49.88 9.27
CA TYR B 231 39.15 49.52 8.62
C TYR B 231 38.42 50.71 8.02
N PHE B 232 37.78 50.47 6.87
CA PHE B 232 37.00 51.46 6.13
C PHE B 232 35.60 50.91 5.92
N GLY B 233 34.59 51.76 6.09
CA GLY B 233 33.23 51.29 5.92
C GLY B 233 32.24 52.43 5.87
N LEU B 234 30.96 52.05 5.91
CA LEU B 234 29.86 53.02 5.88
C LEU B 234 29.83 53.80 7.18
N GLY B 235 30.01 55.12 7.09
CA GLY B 235 30.00 55.94 8.29
C GLY B 235 31.33 55.99 8.98
N GLY B 236 32.33 55.27 8.47
CA GLY B 236 33.65 55.24 9.05
C GLY B 236 33.82 54.13 10.06
N TYR B 237 32.75 53.40 10.36
CA TYR B 237 32.78 52.31 11.32
C TYR B 237 33.30 51.02 10.68
N ALA B 238 33.72 50.10 11.53
CA ALA B 238 34.25 48.82 11.10
C ALA B 238 33.14 47.76 11.17
N GLY B 239 32.15 47.93 10.31
CA GLY B 239 31.06 46.98 10.31
C GLY B 239 30.15 47.15 9.12
N PHE B 240 29.01 46.47 9.21
CA PHE B 240 27.98 46.50 8.17
C PHE B 240 26.72 47.18 8.66
N PRO B 241 26.22 48.17 7.93
CA PRO B 241 25.00 48.88 8.36
C PRO B 241 23.79 47.97 8.21
N LEU B 242 22.97 47.93 9.27
CA LEU B 242 21.76 47.11 9.29
C LEU B 242 20.73 47.52 8.23
N GLN B 243 20.83 48.71 7.67
CA GLN B 243 19.87 49.15 6.66
C GLN B 243 19.92 48.37 5.35
N TYR B 244 21.00 47.66 5.04
CA TYR B 244 21.09 46.90 3.79
C TYR B 244 20.47 45.51 3.90
N TYR B 245 19.61 45.29 4.88
CA TYR B 245 18.95 44.01 5.08
C TYR B 245 17.48 44.26 5.41
N PRO B 246 16.62 43.25 5.20
CA PRO B 246 17.07 41.96 4.67
C PRO B 246 17.16 41.90 3.14
N TYR B 247 17.64 40.76 2.67
CA TYR B 247 17.81 40.47 1.25
C TYR B 247 16.56 39.72 0.86
N TYR B 248 15.86 40.20 -0.17
CA TYR B 248 14.63 39.58 -0.65
C TYR B 248 14.85 38.54 -1.74
N GLY B 249 16.08 38.16 -2.03
CA GLY B 249 16.26 37.17 -3.07
C GLY B 249 16.37 37.79 -4.45
N LYS B 250 17.06 37.08 -5.34
CA LYS B 250 17.28 37.54 -6.71
C LYS B 250 15.98 37.91 -7.43
N ARG B 251 15.02 36.98 -7.44
CA ARG B 251 13.74 37.22 -8.10
C ARG B 251 13.02 38.48 -7.62
N LEU B 252 13.03 38.74 -6.32
CA LEU B 252 12.36 39.93 -5.82
C LEU B 252 13.25 41.16 -5.65
N GLN B 253 14.55 41.06 -5.93
CA GLN B 253 15.41 42.23 -5.77
C GLN B 253 16.62 42.23 -6.70
N LYS B 254 16.44 41.94 -7.99
CA LYS B 254 17.62 41.94 -8.86
C LYS B 254 18.26 43.32 -8.70
N LYS B 255 19.54 43.46 -9.01
CA LYS B 255 20.23 44.74 -8.89
C LYS B 255 20.31 45.15 -7.40
N TYR B 256 20.73 44.21 -6.57
CA TYR B 256 20.86 44.42 -5.13
C TYR B 256 22.34 44.36 -4.78
N LEU B 257 22.79 45.31 -3.96
CA LEU B 257 24.17 45.39 -3.52
C LEU B 257 24.28 45.20 -2.02
N GLN B 258 25.17 44.31 -1.60
CA GLN B 258 25.46 43.95 -0.22
C GLN B 258 26.58 44.85 0.31
N PRO B 259 26.51 45.30 1.57
CA PRO B 259 27.57 46.16 2.09
C PRO B 259 28.93 45.47 2.00
N LEU B 260 29.99 46.27 2.12
CA LEU B 260 31.35 45.77 2.07
C LEU B 260 32.20 46.52 3.09
N LEU B 261 33.29 45.88 3.54
CA LEU B 261 34.15 46.53 4.51
C LEU B 261 35.60 46.36 4.10
N ALA B 262 36.34 47.46 3.95
CA ALA B 262 37.74 47.35 3.54
C ALA B 262 38.66 47.30 4.76
N ILE B 263 39.75 46.55 4.64
CA ILE B 263 40.70 46.43 5.74
C ILE B 263 42.12 46.60 5.22
N GLN B 264 42.82 47.63 5.68
CA GLN B 264 44.20 47.89 5.25
C GLN B 264 45.15 47.43 6.33
N PHE B 265 46.08 46.58 5.95
CA PHE B 265 47.08 46.03 6.86
C PHE B 265 48.39 46.82 6.82
N THR B 266 48.27 48.10 7.15
CA THR B 266 49.42 48.99 7.16
C THR B 266 50.47 48.47 8.14
N ASN B 267 51.70 48.98 8.01
CA ASN B 267 52.81 48.59 8.88
C ASN B 267 52.93 47.08 9.05
N LEU B 268 53.14 46.39 7.95
CA LEU B 268 53.28 44.94 7.98
C LEU B 268 54.75 44.54 7.91
N THR B 269 55.16 43.72 8.87
CA THR B 269 56.55 43.27 8.91
C THR B 269 56.88 42.61 7.59
N GLN B 270 58.06 42.89 7.08
CA GLN B 270 58.53 42.34 5.83
C GLN B 270 59.27 41.01 5.98
N ASN B 271 59.13 40.18 4.95
CA ASN B 271 59.72 38.85 4.82
C ASN B 271 59.39 37.88 5.98
N MET B 272 58.09 37.65 6.24
CA MET B 272 57.66 36.76 7.31
C MET B 272 56.14 36.50 7.23
N GLU B 273 55.74 35.23 7.27
CA GLU B 273 54.35 34.76 7.21
C GLU B 273 53.50 35.16 8.41
N LEU B 274 52.47 36.00 8.20
CA LEU B 274 51.58 36.46 9.25
C LEU B 274 50.18 35.89 9.09
N ARG B 275 49.68 35.24 10.15
CA ARG B 275 48.36 34.60 10.22
C ARG B 275 47.38 35.59 10.86
N ILE B 276 46.48 36.15 10.05
CA ILE B 276 45.47 37.11 10.51
C ILE B 276 44.06 36.53 10.42
N GLU B 277 43.37 36.47 11.57
CA GLU B 277 42.02 35.94 11.65
C GLU B 277 41.04 37.10 11.88
N CYS B 278 40.07 37.25 10.97
CA CYS B 278 39.08 38.31 11.07
C CYS B 278 37.81 37.67 11.60
N LYS B 279 37.07 38.40 12.46
CA LYS B 279 35.85 37.84 13.02
C LYS B 279 34.75 38.86 13.26
N VAL B 280 33.51 38.46 12.93
CA VAL B 280 32.31 39.28 13.08
C VAL B 280 31.68 38.85 14.40
N TYR B 281 30.95 39.75 15.05
CA TYR B 281 30.32 39.44 16.31
C TYR B 281 28.82 39.73 16.23
N GLY B 282 28.03 38.85 16.84
CA GLY B 282 26.58 39.01 16.84
C GLY B 282 25.80 37.81 17.34
N GLU B 283 24.54 38.04 17.69
CA GLU B 283 23.63 37.01 18.20
C GLU B 283 23.42 35.86 17.22
N ASN B 284 22.76 36.14 16.09
CA ASN B 284 22.51 35.11 15.09
C ASN B 284 23.75 34.71 14.31
N ILE B 285 24.92 34.87 14.91
CA ILE B 285 26.20 34.54 14.30
C ILE B 285 26.87 33.53 15.23
N ASP B 286 27.27 32.39 14.67
CA ASP B 286 27.92 31.33 15.41
C ASP B 286 29.01 30.74 14.52
N TYR B 287 30.14 30.42 15.12
CA TYR B 287 31.27 29.84 14.40
C TYR B 287 31.26 28.32 14.44
N SER B 288 32.11 27.72 13.60
CA SER B 288 32.24 26.27 13.51
C SER B 288 33.70 25.84 13.45
N GLU B 289 34.06 24.84 14.27
CA GLU B 289 35.43 24.35 14.29
C GLU B 289 35.78 23.57 13.02
N LYS B 290 34.78 23.20 12.22
CA LYS B 290 34.98 22.45 10.99
C LYS B 290 35.01 23.37 9.77
N ASP B 291 34.11 24.34 9.71
CA ASP B 291 34.03 25.29 8.60
C ASP B 291 34.76 26.53 9.09
N ARG B 292 35.92 26.81 8.49
CA ARG B 292 36.73 27.97 8.88
C ARG B 292 36.32 29.25 8.16
N PHE B 293 35.12 29.30 7.60
CA PHE B 293 34.62 30.47 6.90
C PHE B 293 33.26 30.90 7.43
N ARG B 294 32.78 30.23 8.47
CA ARG B 294 31.50 30.51 9.10
C ARG B 294 31.69 31.62 10.14
N GLY B 295 31.34 32.85 9.76
CA GLY B 295 31.46 34.00 10.62
C GLY B 295 32.83 34.65 10.65
N ARG B 296 33.89 33.85 10.55
CA ARG B 296 35.26 34.36 10.57
C ARG B 296 35.98 33.89 9.32
N PHE B 297 37.24 34.31 9.20
CA PHE B 297 38.03 33.92 8.03
C PHE B 297 39.50 34.11 8.40
N GLU B 298 40.36 33.35 7.72
CA GLU B 298 41.79 33.40 7.95
C GLU B 298 42.55 33.79 6.69
N VAL B 299 43.61 34.56 6.86
CA VAL B 299 44.44 35.02 5.75
C VAL B 299 45.91 34.92 6.18
N LYS B 300 46.76 34.49 5.24
CA LYS B 300 48.19 34.34 5.49
C LYS B 300 48.87 35.37 4.59
N ILE B 301 49.14 36.56 5.14
CA ILE B 301 49.80 37.59 4.36
C ILE B 301 51.31 37.53 4.55
N GLU B 302 52.03 37.77 3.46
CA GLU B 302 53.49 37.74 3.46
C GLU B 302 53.95 38.68 2.34
N VAL B 303 54.32 39.90 2.70
CA VAL B 303 54.78 40.89 1.73
C VAL B 303 56.30 40.75 1.69
N LYS B 304 56.77 39.81 0.87
CA LYS B 304 58.19 39.55 0.72
C LYS B 304 58.80 40.47 -0.34
N SER B 305 59.74 41.31 0.08
CA SER B 305 60.37 42.24 -0.85
C SER B 305 61.87 42.40 -0.55
N GLU C 24 5.62 37.33 13.86
CA GLU C 24 6.95 37.02 13.31
C GLU C 24 7.76 38.31 13.16
N GLY C 25 8.55 38.37 12.08
CA GLY C 25 9.37 39.52 11.82
C GLY C 25 10.84 39.37 12.20
N PRO C 26 11.33 40.32 13.02
CA PRO C 26 12.73 40.28 13.45
C PRO C 26 13.15 39.02 14.21
N ASP C 27 12.32 38.52 15.12
CA ASP C 27 12.64 37.32 15.90
C ASP C 27 12.27 36.02 15.20
N ASN C 28 12.31 35.96 13.87
CA ASN C 28 11.96 34.75 13.12
C ASN C 28 13.13 33.77 13.11
N ASP C 29 13.60 33.43 14.32
CA ASP C 29 14.72 32.50 14.46
C ASP C 29 14.32 31.05 14.18
N GLU C 30 13.07 30.67 14.44
CA GLU C 30 12.63 29.30 14.19
C GLU C 30 12.75 28.91 12.73
N ARG C 31 12.63 29.86 11.81
CA ARG C 31 12.73 29.61 10.37
C ARG C 31 14.09 29.06 9.94
N PHE C 32 15.02 28.93 10.89
CA PHE C 32 16.35 28.40 10.58
C PHE C 32 16.77 27.30 11.52
N THR C 33 15.82 26.64 12.18
CA THR C 33 16.11 25.56 13.11
C THR C 33 15.34 24.29 12.74
N TYR C 34 15.98 23.15 12.98
CA TYR C 34 15.41 21.84 12.70
C TYR C 34 15.83 20.93 13.84
N ASP C 35 14.87 20.16 14.36
CA ASP C 35 15.13 19.23 15.46
C ASP C 35 15.66 17.89 14.97
N TYR C 36 16.94 17.90 14.57
CA TYR C 36 17.56 16.67 14.08
C TYR C 36 17.68 15.64 15.19
N TYR C 37 17.80 16.09 16.44
CA TYR C 37 17.92 15.18 17.57
C TYR C 37 16.73 14.23 17.64
N ARG C 38 15.52 14.80 17.73
CA ARG C 38 14.31 13.98 17.80
C ARG C 38 14.20 13.05 16.59
N LEU C 39 14.63 13.54 15.43
CA LEU C 39 14.55 12.73 14.22
C LEU C 39 15.46 11.52 14.35
N ARG C 40 16.68 11.72 14.86
CA ARG C 40 17.60 10.60 15.00
C ARG C 40 17.06 9.61 16.01
N VAL C 41 16.51 10.12 17.12
CA VAL C 41 15.96 9.21 18.15
C VAL C 41 14.90 8.31 17.55
N VAL C 42 13.92 8.90 16.85
CA VAL C 42 12.85 8.11 16.24
C VAL C 42 13.41 7.14 15.19
N GLY C 43 14.30 7.63 14.30
CA GLY C 43 14.85 6.74 13.29
C GLY C 43 15.58 5.55 13.90
N LEU C 44 16.13 5.73 15.10
CA LEU C 44 16.83 4.61 15.70
C LEU C 44 15.82 3.65 16.29
N ILE C 45 14.78 4.19 16.95
CA ILE C 45 13.77 3.32 17.55
C ILE C 45 13.21 2.41 16.46
N VAL C 46 12.87 3.01 15.31
CA VAL C 46 12.33 2.27 14.18
C VAL C 46 13.32 1.23 13.67
N ALA C 47 14.60 1.62 13.48
CA ALA C 47 15.57 0.65 13.00
C ALA C 47 15.62 -0.55 13.93
N ALA C 48 15.67 -0.28 15.23
CA ALA C 48 15.72 -1.34 16.25
C ALA C 48 14.53 -2.28 16.12
N VAL C 49 13.33 -1.72 16.02
CA VAL C 49 12.12 -2.52 15.88
C VAL C 49 12.20 -3.43 14.66
N LEU C 50 12.56 -2.85 13.50
CA LEU C 50 12.67 -3.65 12.28
C LEU C 50 13.65 -4.79 12.48
N CYS C 51 14.77 -4.52 13.16
CA CYS C 51 15.78 -5.54 13.40
C CYS C 51 15.21 -6.68 14.25
N VAL C 52 14.46 -6.33 15.29
CA VAL C 52 13.87 -7.35 16.16
C VAL C 52 12.92 -8.20 15.33
N ILE C 53 11.91 -7.58 14.72
CA ILE C 53 10.93 -8.29 13.89
C ILE C 53 11.67 -9.28 13.00
N GLY C 54 12.76 -8.82 12.38
CA GLY C 54 13.52 -9.68 11.50
C GLY C 54 13.95 -10.94 12.23
N ILE C 55 14.59 -10.76 13.39
CA ILE C 55 15.04 -11.92 14.17
C ILE C 55 13.87 -12.85 14.49
N ILE C 56 12.74 -12.27 14.90
CA ILE C 56 11.55 -13.06 15.23
C ILE C 56 11.19 -13.98 14.07
N ILE C 57 11.05 -13.40 12.88
CA ILE C 57 10.71 -14.17 11.69
C ILE C 57 11.74 -15.26 11.43
N LEU C 58 13.03 -14.91 11.54
CA LEU C 58 14.11 -15.87 11.31
C LEU C 58 14.07 -17.08 12.25
N LEU C 59 13.93 -16.86 13.55
CA LEU C 59 13.89 -17.98 14.49
C LEU C 59 12.51 -18.61 14.71
N ALA C 60 11.45 -18.03 14.17
CA ALA C 60 10.09 -18.57 14.33
C ALA C 60 9.93 -19.86 13.54
N GLY C 61 10.05 -20.99 14.22
CA GLY C 61 9.91 -22.31 13.61
C GLY C 61 10.86 -23.28 14.27
N LYS C 62 11.98 -22.75 14.75
CA LYS C 62 13.01 -23.52 15.41
C LYS C 62 12.75 -23.56 16.91
N CYS C 63 11.47 -23.49 17.27
CA CYS C 63 10.98 -23.50 18.63
C CYS C 63 9.45 -23.60 18.60
N ASP D 36 -58.56 44.84 4.96
CA ASP D 36 -57.23 45.18 5.45
C ASP D 36 -56.48 45.97 4.37
N LEU D 37 -56.91 47.20 4.13
CA LEU D 37 -56.27 48.04 3.13
C LEU D 37 -54.83 48.31 3.56
N ASP D 38 -53.88 47.81 2.78
CA ASP D 38 -52.47 48.01 3.12
C ASP D 38 -52.00 49.43 2.81
N GLU D 39 -52.44 50.03 1.71
CA GLU D 39 -51.97 51.39 1.44
C GLU D 39 -52.40 52.36 2.52
N LEU D 40 -53.56 52.13 3.16
CA LEU D 40 -53.97 53.07 4.20
C LEU D 40 -53.26 52.77 5.49
N LYS D 41 -52.54 51.66 5.51
CA LYS D 41 -51.81 51.22 6.67
C LYS D 41 -50.34 51.51 6.42
N LYS D 42 -49.99 51.72 5.14
CA LYS D 42 -48.59 52.00 4.81
C LYS D 42 -48.30 53.46 5.06
N GLU D 43 -49.34 54.29 4.99
CA GLU D 43 -49.27 55.73 5.20
C GLU D 43 -48.81 56.04 6.62
N VAL D 44 -48.24 57.22 6.79
CA VAL D 44 -47.78 57.61 8.11
C VAL D 44 -48.97 58.09 8.93
N SER D 45 -48.92 57.80 10.22
CA SER D 45 -49.98 58.18 11.16
C SER D 45 -50.37 59.65 11.10
N MET D 46 -51.67 59.88 11.23
CA MET D 46 -52.34 61.18 11.22
C MET D 46 -53.05 61.27 12.57
N ASP D 47 -53.56 62.44 12.94
CA ASP D 47 -54.24 62.52 14.23
C ASP D 47 -55.04 63.81 14.35
N ASP D 48 -55.68 63.96 15.51
CA ASP D 48 -56.52 65.10 15.87
C ASP D 48 -55.94 65.82 17.09
N HIS D 49 -54.63 65.68 17.31
CA HIS D 49 -53.94 66.30 18.43
C HIS D 49 -54.13 67.83 18.47
N LYS D 50 -53.85 68.50 17.35
CA LYS D 50 -53.99 69.96 17.27
C LYS D 50 -55.46 70.37 17.39
N LEU D 51 -55.96 70.34 18.61
CA LEU D 51 -57.34 70.69 18.91
C LEU D 51 -57.34 71.34 20.29
N SER D 52 -58.50 71.34 20.94
CA SER D 52 -58.66 71.92 22.26
C SER D 52 -59.32 70.89 23.16
N LEU D 53 -59.50 71.24 24.43
CA LEU D 53 -60.13 70.28 25.33
C LEU D 53 -61.63 70.29 25.07
N ASP D 54 -62.14 71.43 24.61
CA ASP D 54 -63.56 71.55 24.33
C ASP D 54 -63.87 70.85 23.03
N GLU D 55 -63.00 71.02 22.01
CA GLU D 55 -63.23 70.38 20.72
C GLU D 55 -63.13 68.86 20.88
N LEU D 56 -62.21 68.41 21.73
CA LEU D 56 -62.02 66.99 21.95
C LEU D 56 -63.25 66.39 22.63
N HIS D 57 -63.69 67.04 23.72
CA HIS D 57 -64.85 66.55 24.44
C HIS D 57 -66.09 66.65 23.56
N ASN D 58 -66.10 67.60 22.62
CA ASN D 58 -67.24 67.78 21.72
C ASN D 58 -67.22 66.78 20.58
N LYS D 59 -66.06 66.19 20.29
CA LYS D 59 -66.02 65.23 19.19
C LYS D 59 -66.29 63.82 19.70
N TYR D 60 -65.70 63.41 20.82
CA TYR D 60 -66.01 62.05 21.23
C TYR D 60 -67.16 62.00 22.24
N GLY D 61 -67.42 63.10 22.93
CA GLY D 61 -68.49 63.17 23.91
C GLY D 61 -67.96 62.81 25.28
N THR D 62 -67.67 63.80 26.14
CA THR D 62 -67.16 63.45 27.47
C THR D 62 -66.97 64.59 28.45
N ASP D 63 -67.35 64.34 29.70
CA ASP D 63 -67.24 65.31 30.78
C ASP D 63 -65.79 65.35 31.25
N LEU D 64 -65.17 66.53 31.20
CA LEU D 64 -63.78 66.63 31.63
C LEU D 64 -63.64 66.44 33.14
N THR D 65 -64.68 66.71 33.91
CA THR D 65 -64.63 66.55 35.36
C THR D 65 -65.49 65.41 35.90
N ARG D 66 -66.36 64.81 35.09
CA ARG D 66 -67.20 63.73 35.56
C ARG D 66 -67.07 62.47 34.73
N GLY D 67 -66.44 62.54 33.56
CA GLY D 67 -66.28 61.39 32.72
C GLY D 67 -67.61 60.95 32.13
N LEU D 68 -67.64 59.70 31.70
CA LEU D 68 -68.82 59.11 31.10
C LEU D 68 -69.69 58.45 32.16
N THR D 69 -70.87 58.01 31.73
CA THR D 69 -71.84 57.37 32.59
C THR D 69 -71.65 55.88 32.36
N ASN D 70 -71.99 55.07 33.36
CA ASN D 70 -71.82 53.62 33.18
C ASN D 70 -72.68 53.09 32.04
N ALA D 71 -73.93 53.54 31.94
CA ALA D 71 -74.79 53.06 30.86
C ALA D 71 -74.20 53.43 29.51
N ARG D 72 -73.69 54.66 29.39
CA ARG D 72 -73.11 55.12 28.13
C ARG D 72 -71.83 54.35 27.84
N ALA D 73 -71.07 54.07 28.90
CA ALA D 73 -69.81 53.33 28.74
C ALA D 73 -70.09 51.95 28.18
N LYS D 74 -71.10 51.27 28.73
CA LYS D 74 -71.41 49.93 28.22
C LYS D 74 -71.99 50.02 26.82
N GLU D 75 -72.71 51.11 26.51
CA GLU D 75 -73.28 51.24 25.18
C GLU D 75 -72.17 51.33 24.14
N ILE D 76 -71.05 51.96 24.52
CA ILE D 76 -69.95 52.07 23.57
C ILE D 76 -69.13 50.79 23.57
N LEU D 77 -68.96 50.18 24.76
CA LEU D 77 -68.19 48.95 24.87
C LEU D 77 -68.78 47.90 23.94
N ALA D 78 -70.10 47.83 23.89
CA ALA D 78 -70.78 46.87 23.04
C ALA D 78 -70.86 47.38 21.61
N ARG D 79 -70.78 48.70 21.43
CA ARG D 79 -70.85 49.29 20.09
C ARG D 79 -69.60 49.09 19.24
N ASP D 80 -68.39 49.11 19.82
CA ASP D 80 -67.23 48.89 18.95
C ASP D 80 -66.21 47.82 19.30
N GLY D 81 -66.21 47.24 20.50
CA GLY D 81 -65.22 46.24 20.79
C GLY D 81 -64.24 46.56 21.90
N PRO D 82 -63.80 45.53 22.62
CA PRO D 82 -62.85 45.74 23.72
C PRO D 82 -61.51 46.28 23.26
N ASN D 83 -60.84 46.97 24.20
CA ASN D 83 -59.53 47.58 23.99
C ASN D 83 -58.40 46.55 24.05
N SER D 84 -58.50 45.52 23.20
CA SER D 84 -57.50 44.47 23.16
C SER D 84 -57.16 44.07 21.73
N LEU D 85 -55.86 43.95 21.45
CA LEU D 85 -55.38 43.57 20.12
C LEU D 85 -55.85 42.17 19.73
N THR D 86 -56.12 42.00 18.44
CA THR D 86 -56.58 40.73 17.91
C THR D 86 -55.50 39.65 18.04
N PRO D 87 -55.91 38.38 18.13
CA PRO D 87 -54.94 37.29 18.24
C PRO D 87 -54.38 36.92 16.89
N PRO D 88 -53.21 36.30 16.82
CA PRO D 88 -52.62 35.92 15.52
C PRO D 88 -53.44 34.84 14.82
N PRO D 89 -53.21 34.65 13.51
CA PRO D 89 -53.94 33.64 12.74
C PRO D 89 -53.39 32.25 13.02
N THR D 90 -53.98 31.55 13.99
CA THR D 90 -53.56 30.20 14.37
C THR D 90 -53.27 29.30 13.17
N THR D 91 -52.17 28.55 13.30
CA THR D 91 -51.67 27.61 12.30
C THR D 91 -51.82 26.16 12.75
N PRO D 92 -52.83 25.43 12.27
CA PRO D 92 -52.98 24.02 12.69
C PRO D 92 -51.72 23.22 12.38
N GLU D 93 -51.50 22.17 13.18
CA GLU D 93 -50.32 21.33 12.97
C GLU D 93 -50.42 20.42 11.75
N TRP D 94 -51.62 20.06 11.32
CA TRP D 94 -51.67 19.20 10.13
C TRP D 94 -51.32 20.01 8.89
N ILE D 95 -51.56 21.32 8.96
CA ILE D 95 -51.26 22.17 7.82
C ILE D 95 -49.75 22.23 7.62
N LYS D 96 -49.00 22.49 8.69
CA LYS D 96 -47.56 22.54 8.50
C LYS D 96 -46.98 21.16 8.28
N PHE D 97 -47.71 20.09 8.65
CA PHE D 97 -47.12 18.78 8.43
C PHE D 97 -47.21 18.53 6.92
N CYS D 98 -48.35 18.92 6.34
CA CYS D 98 -48.54 18.72 4.92
C CYS D 98 -47.56 19.63 4.19
N ARG D 99 -47.21 20.76 4.81
CA ARG D 99 -46.28 21.70 4.20
C ARG D 99 -44.91 21.03 4.10
N GLN D 100 -44.48 20.38 5.19
CA GLN D 100 -43.19 19.71 5.18
C GLN D 100 -43.20 18.55 4.21
N LEU D 101 -44.38 18.00 3.90
CA LEU D 101 -44.41 16.86 2.98
C LEU D 101 -44.25 17.31 1.53
N PHE D 102 -44.40 18.61 1.25
CA PHE D 102 -44.27 19.23 -0.06
C PHE D 102 -43.01 20.11 -0.10
N GLY D 103 -42.92 20.98 -1.11
CA GLY D 103 -41.79 21.86 -1.27
C GLY D 103 -41.22 21.80 -2.67
N GLY D 104 -39.90 21.79 -2.81
CA GLY D 104 -39.32 21.73 -4.14
C GLY D 104 -38.60 20.42 -4.39
N PHE D 105 -37.87 19.94 -3.38
CA PHE D 105 -37.13 18.69 -3.49
C PHE D 105 -38.07 17.50 -3.32
N SER D 106 -38.90 17.56 -2.25
CA SER D 106 -39.84 16.48 -1.99
C SER D 106 -40.80 16.32 -3.15
N ILE D 107 -41.06 17.41 -3.88
CA ILE D 107 -41.98 17.32 -5.01
C ILE D 107 -41.31 16.53 -6.12
N LEU D 108 -40.00 16.72 -6.30
CA LEU D 108 -39.30 15.99 -7.35
C LEU D 108 -39.35 14.50 -7.01
N LEU D 109 -39.18 14.16 -5.74
CA LEU D 109 -39.23 12.75 -5.38
C LEU D 109 -40.64 12.23 -5.54
N TRP D 110 -41.65 13.10 -5.38
CA TRP D 110 -43.03 12.67 -5.51
C TRP D 110 -43.31 12.31 -6.97
N ILE D 111 -42.87 13.17 -7.89
CA ILE D 111 -43.09 12.89 -9.31
C ILE D 111 -42.32 11.63 -9.68
N GLY D 112 -41.20 11.37 -9.01
CA GLY D 112 -40.44 10.18 -9.34
C GLY D 112 -41.23 8.94 -8.97
N ALA D 113 -41.84 8.96 -7.78
CA ALA D 113 -42.62 7.81 -7.35
C ALA D 113 -43.80 7.59 -8.28
N ILE D 114 -44.44 8.69 -8.69
CA ILE D 114 -45.59 8.60 -9.60
C ILE D 114 -45.16 7.92 -10.91
N LEU D 115 -44.02 8.35 -11.45
CA LEU D 115 -43.53 7.77 -12.70
C LEU D 115 -43.26 6.28 -12.52
N CYS D 116 -42.65 5.90 -11.40
CA CYS D 116 -42.35 4.49 -11.16
C CYS D 116 -43.63 3.65 -11.19
N PHE D 117 -44.70 4.14 -10.54
CA PHE D 117 -45.92 3.34 -10.56
C PHE D 117 -46.54 3.33 -11.95
N LEU D 118 -46.33 4.38 -12.74
CA LEU D 118 -46.92 4.38 -14.08
C LEU D 118 -46.26 3.29 -14.91
N ALA D 119 -44.93 3.22 -14.84
CA ALA D 119 -44.22 2.21 -15.61
C ALA D 119 -44.59 0.82 -15.12
N TYR D 120 -44.94 0.68 -13.84
CA TYR D 120 -45.30 -0.65 -13.37
C TYR D 120 -46.65 -1.03 -13.95
N GLY D 121 -47.59 -0.07 -13.99
CA GLY D 121 -48.90 -0.36 -14.53
C GLY D 121 -48.79 -0.83 -15.97
N ILE D 122 -47.99 -0.10 -16.76
CA ILE D 122 -47.81 -0.47 -18.16
C ILE D 122 -47.25 -1.88 -18.28
N GLN D 123 -46.24 -2.21 -17.46
CA GLN D 123 -45.66 -3.56 -17.54
C GLN D 123 -46.66 -4.63 -17.12
N ALA D 124 -47.58 -4.31 -16.21
CA ALA D 124 -48.54 -5.29 -15.75
C ALA D 124 -49.61 -5.56 -16.82
N ALA D 125 -50.11 -4.50 -17.45
CA ALA D 125 -51.13 -4.69 -18.48
C ALA D 125 -50.58 -5.11 -19.84
N THR D 126 -49.28 -4.93 -20.09
CA THR D 126 -48.70 -5.31 -21.37
C THR D 126 -48.00 -6.66 -21.37
N GLU D 127 -47.29 -7.03 -20.31
CA GLU D 127 -46.61 -8.31 -20.27
C GLU D 127 -46.97 -9.13 -19.05
N ASP D 128 -46.83 -10.44 -19.22
CA ASP D 128 -47.12 -11.42 -18.19
C ASP D 128 -45.78 -11.67 -17.49
N GLU D 129 -45.82 -11.82 -16.15
CA GLU D 129 -44.72 -12.05 -15.22
C GLU D 129 -43.94 -10.76 -14.97
N PRO D 130 -44.63 -9.60 -14.97
CA PRO D 130 -43.95 -8.32 -14.75
C PRO D 130 -43.09 -8.24 -13.49
N ALA D 131 -41.86 -7.78 -13.64
CA ALA D 131 -40.97 -7.67 -12.50
C ALA D 131 -41.50 -6.56 -11.60
N ASN D 132 -41.28 -6.71 -10.29
CA ASN D 132 -41.74 -5.71 -9.31
C ASN D 132 -40.66 -4.70 -8.91
N ASP D 133 -39.61 -4.55 -9.71
CA ASP D 133 -38.54 -3.60 -9.40
C ASP D 133 -39.06 -2.16 -9.23
N ASN D 134 -39.86 -1.71 -10.20
CA ASN D 134 -40.43 -0.36 -10.16
C ASN D 134 -41.37 -0.12 -8.98
N LEU D 135 -42.15 -1.12 -8.58
CA LEU D 135 -43.04 -0.88 -7.45
C LEU D 135 -42.24 -0.71 -6.16
N TYR D 136 -41.10 -1.40 -6.07
CA TYR D 136 -40.29 -1.29 -4.87
C TYR D 136 -39.67 0.10 -4.82
N LEU D 137 -39.09 0.51 -5.95
CA LEU D 137 -38.45 1.82 -6.02
C LEU D 137 -39.45 2.94 -5.72
N GLY D 138 -40.71 2.77 -6.14
CA GLY D 138 -41.69 3.81 -5.87
C GLY D 138 -42.10 3.89 -4.41
N VAL D 139 -42.34 2.73 -3.77
CA VAL D 139 -42.73 2.83 -2.37
C VAL D 139 -41.56 3.37 -1.56
N VAL D 140 -40.33 3.06 -1.99
CA VAL D 140 -39.16 3.54 -1.25
C VAL D 140 -39.07 5.06 -1.36
N LEU D 141 -39.29 5.61 -2.57
CA LEU D 141 -39.21 7.06 -2.71
C LEU D 141 -40.27 7.75 -1.86
N SER D 142 -41.48 7.17 -1.83
CA SER D 142 -42.54 7.77 -1.03
C SER D 142 -42.15 7.76 0.45
N THR D 143 -41.57 6.65 0.91
CA THR D 143 -41.16 6.56 2.31
C THR D 143 -40.09 7.59 2.62
N VAL D 144 -39.18 7.83 1.67
CA VAL D 144 -38.11 8.81 1.88
C VAL D 144 -38.71 10.19 2.10
N VAL D 145 -39.68 10.56 1.26
CA VAL D 145 -40.31 11.88 1.40
C VAL D 145 -41.04 12.00 2.74
N ILE D 146 -41.77 10.96 3.13
CA ILE D 146 -42.50 10.99 4.41
C ILE D 146 -41.55 11.11 5.59
N VAL D 147 -40.46 10.34 5.61
CA VAL D 147 -39.51 10.41 6.72
C VAL D 147 -38.86 11.79 6.81
N THR D 148 -38.46 12.35 5.66
CA THR D 148 -37.83 13.67 5.69
C THR D 148 -38.81 14.70 6.25
N GLY D 149 -40.09 14.58 5.86
CA GLY D 149 -41.07 15.53 6.36
C GLY D 149 -41.25 15.42 7.85
N CYS D 150 -41.28 14.19 8.37
CA CYS D 150 -41.45 13.98 9.80
C CYS D 150 -40.31 14.61 10.60
N PHE D 151 -39.07 14.43 10.14
CA PHE D 151 -37.92 15.01 10.85
C PHE D 151 -37.93 16.55 10.81
N SER D 152 -38.09 17.14 9.63
CA SER D 152 -38.10 18.60 9.54
C SER D 152 -39.24 19.21 10.37
N TYR D 153 -40.40 18.57 10.36
CA TYR D 153 -41.53 19.07 11.11
C TYR D 153 -41.27 19.00 12.61
N TYR D 154 -40.64 17.91 13.07
CA TYR D 154 -40.35 17.77 14.48
C TYR D 154 -39.42 18.87 14.96
N GLN D 155 -38.45 19.27 14.12
CA GLN D 155 -37.55 20.33 14.56
C GLN D 155 -38.28 21.67 14.68
N GLU D 156 -39.07 22.02 13.65
CA GLU D 156 -39.76 23.30 13.78
C GLU D 156 -40.75 23.30 14.95
N ALA D 157 -41.18 22.11 15.40
CA ALA D 157 -42.12 22.11 16.52
C ALA D 157 -41.35 22.32 17.81
N LYS D 158 -40.13 21.76 17.86
CA LYS D 158 -39.31 21.91 19.06
C LYS D 158 -39.10 23.39 19.33
N SER D 159 -38.72 24.11 18.26
CA SER D 159 -38.48 25.54 18.40
C SER D 159 -39.77 26.25 18.80
N SER D 160 -40.92 25.80 18.30
CA SER D 160 -42.16 26.49 18.69
C SER D 160 -42.47 26.30 20.17
N ARG D 161 -42.15 25.13 20.73
CA ARG D 161 -42.44 24.92 22.15
C ARG D 161 -41.55 25.81 23.02
N ILE D 162 -40.24 25.82 22.70
CA ILE D 162 -39.39 26.67 23.53
C ILE D 162 -39.77 28.13 23.30
N MET D 163 -40.47 28.41 22.19
CA MET D 163 -40.88 29.78 21.91
C MET D 163 -42.12 30.14 22.72
N ASP D 164 -42.98 29.14 22.97
CA ASP D 164 -44.19 29.38 23.74
C ASP D 164 -43.85 29.58 25.20
N SER D 165 -42.70 29.07 25.63
CA SER D 165 -42.41 29.29 27.06
C SER D 165 -42.01 30.78 27.37
N PHE D 166 -42.13 31.75 26.46
CA PHE D 166 -41.76 33.13 26.74
C PHE D 166 -42.92 34.11 26.86
N LYS D 167 -44.08 33.84 26.27
CA LYS D 167 -45.21 34.76 26.37
C LYS D 167 -45.81 34.67 27.77
N ASN D 168 -45.42 35.60 28.64
CA ASN D 168 -45.90 35.67 30.02
C ASN D 168 -46.85 36.87 30.03
N MET D 169 -48.14 36.61 29.91
CA MET D 169 -49.17 37.64 29.89
C MET D 169 -50.00 37.69 31.18
N VAL D 170 -49.70 38.68 32.02
CA VAL D 170 -50.38 38.89 33.29
C VAL D 170 -51.47 39.93 33.05
N PRO D 171 -52.73 39.67 33.42
CA PRO D 171 -53.78 40.66 33.20
C PRO D 171 -53.43 42.00 33.82
N GLN D 172 -53.94 43.08 33.21
CA GLN D 172 -53.73 44.44 33.66
C GLN D 172 -55.04 45.22 33.74
N GLN D 173 -55.18 46.02 34.80
CA GLN D 173 -56.38 46.83 35.02
C GLN D 173 -56.04 48.32 35.10
N ALA D 174 -56.85 49.13 34.42
CA ALA D 174 -56.71 50.58 34.36
C ALA D 174 -57.64 51.30 35.35
N LEU D 175 -57.35 52.57 35.60
CA LEU D 175 -58.12 53.42 36.51
C LEU D 175 -58.92 54.40 35.66
N VAL D 176 -60.23 54.20 35.62
CA VAL D 176 -61.18 55.03 34.87
C VAL D 176 -62.11 55.76 35.84
N ILE D 177 -62.52 56.96 35.44
CA ILE D 177 -63.42 57.79 36.24
C ILE D 177 -64.76 57.90 35.51
N ARG D 178 -65.79 57.31 36.11
CA ARG D 178 -67.15 57.33 35.56
C ARG D 178 -68.11 57.85 36.60
N ASP D 179 -69.03 58.73 36.16
CA ASP D 179 -70.03 59.34 37.02
C ASP D 179 -69.37 60.12 38.16
N GLY D 180 -68.11 60.48 37.98
CA GLY D 180 -67.37 61.21 38.98
C GLY D 180 -66.66 60.35 40.00
N GLU D 181 -66.63 59.03 39.82
CA GLU D 181 -65.95 58.14 40.74
C GLU D 181 -64.83 57.36 40.07
N LYS D 182 -63.81 57.04 40.86
CA LYS D 182 -62.63 56.30 40.43
C LYS D 182 -62.83 54.80 40.60
N SER D 183 -62.59 54.03 39.53
CA SER D 183 -62.75 52.59 39.56
C SER D 183 -61.65 51.95 38.71
N THR D 184 -61.19 50.78 39.15
CA THR D 184 -60.15 50.03 38.44
C THR D 184 -60.82 48.86 37.74
N ILE D 185 -60.84 48.92 36.41
CA ILE D 185 -61.45 47.87 35.60
C ILE D 185 -60.43 47.28 34.63
N ASN D 186 -60.66 46.02 34.27
CA ASN D 186 -59.80 45.29 33.35
C ASN D 186 -59.46 46.14 32.14
N ALA D 187 -58.26 45.94 31.58
CA ALA D 187 -57.86 46.73 30.42
C ALA D 187 -58.78 46.50 29.23
N GLU D 188 -59.44 45.34 29.17
CA GLU D 188 -60.35 44.99 28.09
C GLU D 188 -61.71 45.68 28.17
N PHE D 189 -61.98 46.48 29.20
CA PHE D 189 -63.26 47.18 29.33
C PHE D 189 -63.18 48.68 29.12
N VAL D 190 -62.03 49.21 28.72
CA VAL D 190 -61.91 50.66 28.51
C VAL D 190 -62.46 51.01 27.14
N VAL D 191 -63.19 52.12 27.06
CA VAL D 191 -63.77 52.54 25.77
C VAL D 191 -63.30 53.93 25.42
N ALA D 192 -63.72 54.41 24.25
CA ALA D 192 -63.34 55.73 23.78
C ALA D 192 -64.25 56.77 24.43
N GLY D 193 -63.67 57.78 25.09
CA GLY D 193 -64.47 58.81 25.73
C GLY D 193 -64.37 58.89 27.25
N ASP D 194 -64.19 57.77 27.94
CA ASP D 194 -64.12 57.90 29.39
C ASP D 194 -62.80 58.55 29.83
N LEU D 195 -62.79 58.96 31.09
CA LEU D 195 -61.64 59.60 31.70
C LEU D 195 -60.74 58.52 32.27
N VAL D 196 -59.44 58.65 32.06
CA VAL D 196 -58.48 57.67 32.55
C VAL D 196 -57.35 58.39 33.26
N GLU D 197 -57.02 57.90 34.45
CA GLU D 197 -55.96 58.46 35.26
C GLU D 197 -54.81 57.46 35.30
N VAL D 198 -53.58 57.97 35.27
CA VAL D 198 -52.40 57.13 35.30
C VAL D 198 -51.53 57.63 36.43
N LYS D 199 -50.64 56.75 36.88
CA LYS D 199 -49.70 57.00 37.95
C LYS D 199 -48.37 56.33 37.65
N GLY D 200 -47.27 57.00 37.99
CA GLY D 200 -45.94 56.49 37.77
C GLY D 200 -45.76 55.04 38.18
N GLY D 201 -45.60 54.18 37.18
CA GLY D 201 -45.42 52.77 37.41
C GLY D 201 -46.45 51.95 36.66
N ASP D 202 -47.52 52.59 36.22
CA ASP D 202 -48.58 51.92 35.48
C ASP D 202 -48.36 52.08 33.98
N ARG D 203 -49.16 51.34 33.22
CA ARG D 203 -49.11 51.34 31.77
C ARG D 203 -50.29 52.09 31.17
N ILE D 204 -50.00 52.89 30.13
CA ILE D 204 -51.03 53.67 29.46
C ILE D 204 -51.92 52.65 28.78
N PRO D 205 -53.21 52.56 29.14
CA PRO D 205 -54.10 51.58 28.49
C PRO D 205 -54.28 51.74 26.98
N ALA D 206 -54.98 52.79 26.57
CA ALA D 206 -55.25 53.08 25.17
C ALA D 206 -54.59 54.40 24.78
N ASP D 207 -54.92 54.90 23.59
CA ASP D 207 -54.33 56.16 23.15
C ASP D 207 -55.15 57.27 23.78
N LEU D 208 -54.54 57.96 24.74
CA LEU D 208 -55.11 59.06 25.50
C LEU D 208 -54.69 60.43 25.00
N ARG D 209 -55.46 61.42 25.42
CA ARG D 209 -55.29 62.83 25.09
C ARG D 209 -55.20 63.45 26.48
N ILE D 210 -53.98 63.75 26.91
CA ILE D 210 -53.76 64.35 28.23
C ILE D 210 -54.53 65.64 28.41
N ILE D 211 -55.23 65.74 29.55
CA ILE D 211 -56.01 66.92 29.88
C ILE D 211 -55.43 67.66 31.08
N SER D 212 -54.73 66.97 31.97
CA SER D 212 -54.12 67.56 33.16
C SER D 212 -53.00 66.64 33.62
N ALA D 213 -51.79 67.18 33.78
CA ALA D 213 -50.65 66.39 34.21
C ALA D 213 -49.96 67.04 35.40
N HIS D 214 -49.19 66.22 36.15
CA HIS D 214 -48.45 66.69 37.33
C HIS D 214 -47.05 66.09 37.25
N GLY D 215 -46.17 66.73 36.47
CA GLY D 215 -44.81 66.26 36.31
C GLY D 215 -44.77 64.81 35.86
N CYS D 216 -45.60 64.49 34.86
CA CYS D 216 -45.69 63.14 34.32
C CYS D 216 -44.74 62.90 33.14
N LYS D 217 -43.99 61.79 33.22
CA LYS D 217 -43.03 61.37 32.21
C LYS D 217 -43.40 59.98 31.74
N VAL D 218 -43.16 59.70 30.44
CA VAL D 218 -43.47 58.40 29.86
C VAL D 218 -42.27 57.87 29.07
N ASP D 219 -42.20 56.54 28.96
CA ASP D 219 -41.13 55.84 28.24
C ASP D 219 -41.63 55.46 26.84
N ASN D 220 -41.26 56.28 25.84
CA ASN D 220 -41.64 56.08 24.44
C ASN D 220 -40.55 55.36 23.65
N SER D 221 -39.86 54.41 24.28
CA SER D 221 -38.79 53.66 23.62
C SER D 221 -39.27 52.57 22.65
N SER D 222 -40.25 51.76 23.05
CA SER D 222 -40.74 50.71 22.16
C SER D 222 -41.47 51.26 20.92
N LEU D 223 -42.41 52.18 21.11
CA LEU D 223 -43.13 52.72 19.96
C LEU D 223 -42.33 53.74 19.14
N THR D 224 -41.97 54.87 19.74
CA THR D 224 -41.21 55.88 19.00
C THR D 224 -39.69 55.76 19.06
N GLY D 225 -39.11 55.06 20.03
CA GLY D 225 -37.66 54.96 20.07
C GLY D 225 -36.92 56.07 20.77
N GLU D 226 -37.52 56.73 21.76
CA GLU D 226 -36.88 57.82 22.50
C GLU D 226 -36.30 57.26 23.80
N SER D 227 -34.95 57.25 23.86
CA SER D 227 -34.22 56.74 25.03
C SER D 227 -34.53 57.48 26.33
N GLU D 228 -34.45 58.82 26.36
CA GLU D 228 -34.77 59.45 27.64
C GLU D 228 -36.27 59.67 27.83
N PRO D 229 -36.70 59.88 29.10
CA PRO D 229 -38.12 60.10 29.38
C PRO D 229 -38.66 61.47 28.98
N GLN D 230 -39.53 61.49 27.97
CA GLN D 230 -40.13 62.71 27.48
C GLN D 230 -41.32 63.09 28.37
N THR D 231 -41.33 64.33 28.85
CA THR D 231 -42.42 64.79 29.71
C THR D 231 -43.70 65.02 28.93
N ARG D 232 -44.82 64.54 29.48
CA ARG D 232 -46.13 64.68 28.85
C ARG D 232 -46.82 65.88 29.48
N SER D 233 -47.30 66.79 28.64
CA SER D 233 -47.99 67.99 29.09
C SER D 233 -49.31 68.17 28.34
N PRO D 234 -50.30 68.77 29.00
CA PRO D 234 -51.60 68.96 28.32
C PRO D 234 -51.52 69.90 27.13
N GLU D 235 -50.52 70.75 27.05
CA GLU D 235 -50.39 71.67 25.93
C GLU D 235 -49.80 70.95 24.72
N PHE D 236 -50.01 71.52 23.54
CA PHE D 236 -49.51 70.95 22.30
C PHE D 236 -48.17 71.59 21.94
N SER D 237 -47.30 70.79 21.29
CA SER D 237 -46.00 71.38 20.94
C SER D 237 -45.51 71.13 19.52
N SER D 238 -45.71 69.94 18.95
CA SER D 238 -45.26 69.67 17.60
C SER D 238 -46.36 69.13 16.68
N GLU D 239 -46.23 69.47 15.40
CA GLU D 239 -47.18 69.05 14.37
C GLU D 239 -47.23 67.54 14.22
N ASN D 240 -46.16 66.84 14.60
CA ASN D 240 -46.09 65.39 14.49
C ASN D 240 -46.70 64.79 15.76
N PRO D 241 -47.73 63.95 15.65
CA PRO D 241 -48.31 63.38 16.88
C PRO D 241 -47.34 62.58 17.74
N LEU D 242 -46.32 61.96 17.14
CA LEU D 242 -45.36 61.20 17.95
C LEU D 242 -44.46 62.11 18.78
N GLU D 243 -44.31 63.37 18.39
CA GLU D 243 -43.46 64.32 19.12
C GLU D 243 -44.21 65.17 20.14
N THR D 244 -45.51 65.38 19.97
CA THR D 244 -46.25 66.19 20.94
C THR D 244 -46.34 65.48 22.29
N ARG D 245 -46.60 66.28 23.33
CA ARG D 245 -46.73 65.79 24.70
C ARG D 245 -48.16 65.64 25.20
N ASN D 246 -49.17 66.00 24.41
CA ASN D 246 -50.55 65.89 24.85
C ASN D 246 -51.19 64.56 24.47
N ILE D 247 -50.38 63.56 24.11
CA ILE D 247 -50.91 62.25 23.72
C ILE D 247 -50.11 61.12 24.35
N ALA D 248 -50.82 60.23 25.06
CA ALA D 248 -50.21 59.08 25.73
C ALA D 248 -50.38 57.94 24.72
N PHE D 249 -49.46 56.98 24.73
CA PHE D 249 -49.62 55.90 23.77
C PHE D 249 -49.75 54.51 24.38
N PHE D 250 -50.26 53.62 23.54
CA PHE D 250 -50.49 52.22 23.89
C PHE D 250 -49.16 51.51 24.12
N SER D 251 -49.12 50.69 25.16
CA SER D 251 -47.97 49.90 25.58
C SER D 251 -46.86 50.73 26.22
N THR D 252 -47.09 52.03 26.44
CA THR D 252 -46.07 52.86 27.04
C THR D 252 -46.27 52.84 28.55
N ASN D 253 -45.27 53.30 29.29
CA ASN D 253 -45.37 53.31 30.74
C ASN D 253 -45.04 54.68 31.31
N CYS D 254 -45.75 55.05 32.37
CA CYS D 254 -45.55 56.34 33.03
C CYS D 254 -44.47 56.12 34.07
N VAL D 255 -43.28 56.68 33.82
CA VAL D 255 -42.15 56.55 34.73
C VAL D 255 -42.40 57.28 36.05
N GLU D 256 -42.54 58.60 36.00
CA GLU D 256 -42.79 59.38 37.20
C GLU D 256 -43.85 60.44 36.98
N GLY D 257 -44.75 60.57 37.95
CA GLY D 257 -45.83 61.53 37.90
C GLY D 257 -47.18 60.86 37.69
N THR D 258 -48.22 61.70 37.69
CA THR D 258 -49.59 61.27 37.51
C THR D 258 -50.24 62.16 36.45
N ALA D 259 -51.21 61.58 35.73
CA ALA D 259 -51.87 62.37 34.70
C ALA D 259 -53.28 61.86 34.43
N ARG D 260 -54.05 62.69 33.71
CA ARG D 260 -55.42 62.41 33.34
C ARG D 260 -55.53 62.52 31.83
N GLY D 261 -56.55 61.90 31.26
CA GLY D 261 -56.71 61.99 29.81
C GLY D 261 -57.95 61.30 29.31
N VAL D 262 -58.38 61.74 28.13
CA VAL D 262 -59.56 61.22 27.45
C VAL D 262 -59.08 60.21 26.42
N VAL D 263 -59.66 59.03 26.43
CA VAL D 263 -59.29 57.98 25.49
C VAL D 263 -59.71 58.38 24.09
N VAL D 264 -58.73 58.62 23.22
CA VAL D 264 -59.00 59.02 21.84
C VAL D 264 -59.07 57.80 20.93
N TYR D 265 -58.09 56.91 21.05
CA TYR D 265 -58.05 55.70 20.23
C TYR D 265 -58.11 54.48 21.13
N THR D 266 -58.85 53.46 20.69
CA THR D 266 -59.02 52.22 21.43
C THR D 266 -58.97 51.02 20.49
N GLY D 267 -58.61 49.87 21.06
CA GLY D 267 -58.49 48.60 20.38
C GLY D 267 -57.44 48.57 19.28
N ASP D 268 -57.66 47.69 18.31
CA ASP D 268 -56.74 47.54 17.18
C ASP D 268 -56.52 48.84 16.43
N ARG D 269 -57.46 49.79 16.51
CA ARG D 269 -57.32 51.07 15.83
C ARG D 269 -56.21 51.93 16.40
N THR D 270 -55.50 51.46 17.42
CA THR D 270 -54.43 52.24 18.03
C THR D 270 -53.20 52.26 17.10
N VAL D 271 -52.20 53.05 17.49
CA VAL D 271 -50.97 53.16 16.70
C VAL D 271 -50.29 51.81 16.56
N MET D 272 -49.90 51.21 17.70
CA MET D 272 -49.24 49.92 17.63
C MET D 272 -50.19 48.84 17.12
N GLY D 273 -51.48 49.13 17.04
CA GLY D 273 -52.44 48.16 16.56
C GLY D 273 -52.33 48.17 15.06
N ARG D 274 -52.26 49.36 14.46
CA ARG D 274 -52.15 49.43 13.02
C ARG D 274 -50.80 48.87 12.60
N ILE D 275 -49.78 49.08 13.44
CA ILE D 275 -48.45 48.58 13.10
C ILE D 275 -48.45 47.05 13.13
N ALA D 276 -49.07 46.46 14.17
CA ALA D 276 -49.10 45.00 14.25
C ALA D 276 -49.92 44.41 13.11
N THR D 277 -51.05 45.03 12.79
CA THR D 277 -51.88 44.53 11.70
C THR D 277 -51.13 44.61 10.39
N LEU D 278 -50.29 45.65 10.23
CA LEU D 278 -49.54 45.78 8.99
C LEU D 278 -48.48 44.69 8.92
N ALA D 279 -47.85 44.41 10.07
CA ALA D 279 -46.82 43.38 10.12
C ALA D 279 -47.40 42.05 9.70
N SER D 280 -48.58 41.71 10.24
CA SER D 280 -49.20 40.44 9.88
C SER D 280 -49.63 40.42 8.41
N GLY D 281 -49.95 41.58 7.85
CA GLY D 281 -50.36 41.67 6.47
C GLY D 281 -49.26 42.01 5.47
N LEU D 282 -48.11 41.36 5.64
CA LEU D 282 -46.94 41.55 4.80
C LEU D 282 -46.60 40.17 4.25
N GLU D 283 -45.94 40.09 3.10
CA GLU D 283 -45.63 38.76 2.64
C GLU D 283 -44.39 38.21 3.36
N VAL D 284 -44.04 36.97 3.05
CA VAL D 284 -42.88 36.33 3.65
C VAL D 284 -41.63 36.43 2.79
N GLY D 285 -41.70 35.99 1.54
CA GLY D 285 -40.50 36.09 0.72
C GLY D 285 -40.01 34.71 0.31
N ARG D 286 -38.72 34.61 -0.01
CA ARG D 286 -38.14 33.34 -0.42
C ARG D 286 -36.63 33.48 -0.25
N THR D 287 -36.09 32.83 0.79
CA THR D 287 -34.68 32.82 1.15
C THR D 287 -33.74 32.49 -0.01
N PRO D 288 -32.43 32.74 0.14
CA PRO D 288 -31.50 32.42 -0.97
C PRO D 288 -31.24 30.94 -1.14
N ILE D 289 -31.16 30.19 -0.04
CA ILE D 289 -30.91 28.75 -0.10
C ILE D 289 -32.01 28.04 -0.90
N ALA D 290 -33.24 28.53 -0.79
CA ALA D 290 -34.33 27.90 -1.53
C ALA D 290 -34.14 28.11 -3.02
N ILE D 291 -33.73 29.32 -3.41
CA ILE D 291 -33.51 29.62 -4.82
C ILE D 291 -32.37 28.76 -5.38
N GLU D 292 -31.33 28.54 -4.57
CA GLU D 292 -30.23 27.72 -5.05
C GLU D 292 -30.67 26.28 -5.27
N ILE D 293 -31.45 25.73 -4.34
CA ILE D 293 -31.90 24.35 -4.50
C ILE D 293 -32.78 24.26 -5.74
N GLU D 294 -33.56 25.31 -6.00
CA GLU D 294 -34.44 25.32 -7.16
C GLU D 294 -33.64 25.27 -8.46
N HIS D 295 -32.60 26.12 -8.57
CA HIS D 295 -31.82 26.09 -9.80
C HIS D 295 -31.08 24.76 -9.94
N PHE D 296 -30.83 24.09 -8.81
CA PHE D 296 -30.14 22.81 -8.85
C PHE D 296 -31.06 21.79 -9.48
N ILE D 297 -32.33 21.78 -9.04
CA ILE D 297 -33.29 20.83 -9.59
C ILE D 297 -33.48 21.14 -11.06
N HIS D 298 -33.36 22.43 -11.44
CA HIS D 298 -33.54 22.80 -12.84
C HIS D 298 -32.50 22.10 -13.71
N ILE D 299 -31.24 22.06 -13.24
CA ILE D 299 -30.21 21.39 -14.03
C ILE D 299 -30.41 19.88 -14.02
N ILE D 300 -30.72 19.31 -12.86
CA ILE D 300 -30.93 17.87 -12.77
C ILE D 300 -32.03 17.41 -13.73
N THR D 301 -33.11 18.20 -13.85
CA THR D 301 -34.16 17.80 -14.76
C THR D 301 -33.78 18.06 -16.20
N GLY D 302 -32.94 19.05 -16.45
CA GLY D 302 -32.55 19.32 -17.82
C GLY D 302 -31.84 18.12 -18.39
N VAL D 303 -30.78 17.68 -17.69
CA VAL D 303 -30.05 16.52 -18.18
C VAL D 303 -30.86 15.23 -18.10
N ALA D 304 -31.87 15.15 -17.21
CA ALA D 304 -32.64 13.92 -17.15
C ALA D 304 -33.59 13.78 -18.33
N VAL D 305 -34.34 14.84 -18.64
CA VAL D 305 -35.24 14.70 -19.77
C VAL D 305 -34.44 14.67 -21.07
N PHE D 306 -33.21 15.17 -21.06
CA PHE D 306 -32.45 15.15 -22.31
C PHE D 306 -32.02 13.72 -22.60
N LEU D 307 -31.48 13.03 -21.57
CA LEU D 307 -31.05 11.66 -21.81
C LEU D 307 -32.24 10.76 -22.10
N GLY D 308 -33.42 11.10 -21.59
CA GLY D 308 -34.55 10.24 -21.87
C GLY D 308 -35.15 10.39 -23.26
N VAL D 309 -35.40 11.63 -23.70
CA VAL D 309 -35.97 11.77 -25.03
C VAL D 309 -34.96 11.31 -26.09
N SER D 310 -33.67 11.44 -25.80
CA SER D 310 -32.71 11.01 -26.80
C SER D 310 -32.62 9.49 -26.83
N PHE D 311 -32.54 8.84 -25.65
CA PHE D 311 -32.47 7.41 -25.86
C PHE D 311 -33.81 6.83 -26.28
N PHE D 312 -34.85 7.68 -26.41
CA PHE D 312 -36.14 7.17 -26.81
C PHE D 312 -36.16 7.14 -28.32
N ILE D 313 -35.36 8.02 -28.92
CA ILE D 313 -35.34 8.04 -30.37
C ILE D 313 -34.37 6.98 -30.83
N LEU D 314 -33.27 6.81 -30.08
CA LEU D 314 -32.29 5.80 -30.47
C LEU D 314 -32.93 4.42 -30.39
N SER D 315 -33.75 4.16 -29.33
CA SER D 315 -34.34 2.83 -29.28
C SER D 315 -35.36 2.69 -30.39
N LEU D 316 -36.07 3.78 -30.75
CA LEU D 316 -37.03 3.58 -31.83
C LEU D 316 -36.31 3.36 -33.16
N ILE D 317 -35.00 3.60 -33.21
CA ILE D 317 -34.22 3.42 -34.44
C ILE D 317 -33.54 2.05 -34.45
N LEU D 318 -33.41 1.41 -33.29
CA LEU D 318 -32.77 0.10 -33.21
C LEU D 318 -33.76 -1.06 -33.26
N GLY D 319 -35.05 -0.77 -33.46
CA GLY D 319 -36.06 -1.81 -33.52
C GLY D 319 -37.12 -1.96 -32.45
N TYR D 320 -36.80 -1.76 -31.17
CA TYR D 320 -37.78 -1.89 -30.09
C TYR D 320 -39.13 -1.23 -30.38
N SER D 321 -40.16 -1.63 -29.64
CA SER D 321 -41.50 -1.10 -29.81
C SER D 321 -41.73 0.11 -28.91
N TRP D 322 -42.86 0.77 -29.13
CA TRP D 322 -43.23 1.95 -28.34
C TRP D 322 -43.40 1.62 -26.86
N LEU D 323 -44.21 0.60 -26.57
CA LEU D 323 -44.47 0.18 -25.18
C LEU D 323 -43.20 0.08 -24.36
N GLU D 324 -42.13 -0.45 -24.94
CA GLU D 324 -40.85 -0.60 -24.25
C GLU D 324 -40.11 0.72 -24.15
N ALA D 325 -40.11 1.51 -25.23
CA ALA D 325 -39.42 2.79 -25.22
C ALA D 325 -39.98 3.73 -24.16
N VAL D 326 -41.29 3.65 -23.89
CA VAL D 326 -41.86 4.53 -22.87
C VAL D 326 -41.29 4.17 -21.51
N ILE D 327 -41.16 2.87 -21.24
CA ILE D 327 -40.62 2.41 -19.97
C ILE D 327 -39.16 2.83 -19.88
N PHE D 328 -38.47 2.85 -21.01
CA PHE D 328 -37.05 3.23 -21.01
C PHE D 328 -36.93 4.71 -20.64
N LEU D 329 -37.82 5.53 -21.21
CA LEU D 329 -37.81 6.97 -20.94
C LEU D 329 -38.03 7.23 -19.46
N ILE D 330 -39.04 6.59 -18.88
CA ILE D 330 -39.33 6.78 -17.46
C ILE D 330 -38.19 6.28 -16.59
N GLY D 331 -37.61 5.13 -16.93
CA GLY D 331 -36.51 4.59 -16.14
C GLY D 331 -35.30 5.49 -16.14
N ILE D 332 -34.95 6.06 -17.30
CA ILE D 332 -33.80 6.93 -17.36
C ILE D 332 -34.06 8.23 -16.61
N ILE D 333 -35.28 8.76 -16.71
CA ILE D 333 -35.57 10.00 -15.99
C ILE D 333 -35.61 9.79 -14.48
N VAL D 334 -35.89 8.57 -14.01
CA VAL D 334 -35.93 8.35 -12.57
C VAL D 334 -34.56 8.02 -11.99
N ALA D 335 -33.70 7.32 -12.73
CA ALA D 335 -32.37 6.99 -12.21
C ALA D 335 -31.53 8.24 -11.95
N ASN D 336 -31.78 9.33 -12.68
CA ASN D 336 -31.06 10.59 -12.55
C ASN D 336 -31.58 11.49 -11.42
N VAL D 337 -32.25 10.97 -10.40
CA VAL D 337 -32.78 11.77 -9.30
C VAL D 337 -32.07 11.35 -8.02
N PRO D 338 -31.47 12.28 -7.28
CA PRO D 338 -30.78 11.93 -6.02
C PRO D 338 -31.78 11.74 -4.90
N GLU D 339 -31.86 10.53 -4.34
CA GLU D 339 -32.84 10.39 -3.27
C GLU D 339 -32.20 10.67 -1.91
N GLY D 340 -30.97 10.21 -1.70
CA GLY D 340 -30.36 10.47 -0.42
C GLY D 340 -29.95 11.91 -0.24
N LEU D 341 -29.90 12.66 -1.35
CA LEU D 341 -29.53 14.06 -1.27
C LEU D 341 -30.51 14.84 -0.42
N LEU D 342 -31.81 14.49 -0.50
CA LEU D 342 -32.79 15.20 0.30
C LEU D 342 -32.49 15.02 1.78
N ALA D 343 -32.32 13.76 2.20
CA ALA D 343 -32.03 13.47 3.60
C ALA D 343 -30.66 14.00 3.98
N THR D 344 -29.70 13.92 3.06
CA THR D 344 -28.35 14.40 3.34
C THR D 344 -28.33 15.91 3.53
N VAL D 345 -29.03 16.64 2.65
CA VAL D 345 -29.09 18.09 2.74
C VAL D 345 -29.82 18.50 4.01
N THR D 346 -30.89 17.78 4.35
CA THR D 346 -31.65 18.11 5.55
C THR D 346 -30.77 17.94 6.78
N VAL D 347 -30.06 16.81 6.88
CA VAL D 347 -29.21 16.58 8.04
C VAL D 347 -28.07 17.60 8.04
N CYS D 348 -27.58 17.98 6.85
CA CYS D 348 -26.50 18.95 6.76
C CYS D 348 -26.93 20.25 7.40
N LEU D 349 -28.08 20.76 6.97
CA LEU D 349 -28.60 22.02 7.51
C LEU D 349 -28.88 21.89 9.01
N THR D 350 -29.41 20.73 9.43
CA THR D 350 -29.71 20.49 10.84
C THR D 350 -28.48 20.50 11.73
N LEU D 351 -27.34 20.02 11.24
CA LEU D 351 -26.13 20.01 12.07
C LEU D 351 -25.65 21.41 12.47
N THR D 352 -25.61 22.35 11.52
CA THR D 352 -25.16 23.71 11.86
C THR D 352 -26.11 24.44 12.82
N ALA D 353 -27.38 24.03 12.89
CA ALA D 353 -28.29 24.71 13.78
C ALA D 353 -28.06 24.32 15.23
N LYS D 354 -27.52 23.12 15.48
CA LYS D 354 -27.29 22.74 16.86
C LYS D 354 -26.11 23.53 17.40
N ARG D 355 -25.08 23.73 16.54
CA ARG D 355 -23.92 24.48 16.98
C ARG D 355 -24.38 25.86 17.37
N MET D 356 -25.37 26.38 16.62
CA MET D 356 -25.88 27.71 16.93
C MET D 356 -26.66 27.70 18.24
N ALA D 357 -27.47 26.65 18.46
CA ALA D 357 -28.25 26.57 19.70
C ALA D 357 -27.36 26.38 20.92
N ARG D 358 -26.10 26.00 20.72
CA ARG D 358 -25.22 25.81 21.86
C ARG D 358 -24.76 27.16 22.38
N LYS D 359 -24.67 28.17 21.51
CA LYS D 359 -24.24 29.51 21.88
C LYS D 359 -25.42 30.47 22.09
N ASN D 360 -26.64 29.95 22.30
CA ASN D 360 -27.89 30.73 22.54
C ASN D 360 -28.45 31.50 21.33
N CYS D 361 -28.39 30.92 20.12
CA CYS D 361 -28.90 31.57 18.90
C CYS D 361 -29.97 30.62 18.36
N LEU D 362 -31.26 30.92 18.55
CA LEU D 362 -32.31 30.03 18.05
C LEU D 362 -33.02 30.51 16.78
N VAL D 363 -33.16 29.59 15.82
CA VAL D 363 -33.81 29.84 14.53
C VAL D 363 -35.15 29.12 14.52
N LYS D 364 -36.20 29.81 14.05
CA LYS D 364 -37.52 29.18 14.02
C LYS D 364 -37.65 28.26 12.82
N ASN D 365 -37.18 28.70 11.65
CA ASN D 365 -37.27 27.89 10.45
C ASN D 365 -35.98 27.08 10.39
N LEU D 366 -35.74 26.37 9.29
CA LEU D 366 -34.52 25.57 9.21
C LEU D 366 -33.50 26.15 8.23
N GLU D 367 -33.94 26.82 7.17
CA GLU D 367 -33.03 27.38 6.20
C GLU D 367 -32.50 28.76 6.59
N ALA D 368 -33.09 29.40 7.60
CA ALA D 368 -32.65 30.72 8.04
C ALA D 368 -31.25 30.69 8.63
N VAL D 369 -30.62 29.51 8.67
CA VAL D 369 -29.28 29.35 9.21
C VAL D 369 -28.20 29.76 8.22
N GLU D 370 -28.52 29.72 6.92
CA GLU D 370 -27.60 30.09 5.85
C GLU D 370 -27.68 31.55 5.42
N THR D 371 -28.85 32.19 5.57
CA THR D 371 -29.01 33.59 5.18
C THR D 371 -27.99 34.53 5.82
N LEU D 372 -27.57 34.28 7.06
CA LEU D 372 -26.60 35.17 7.70
C LEU D 372 -25.28 35.22 6.93
N GLY D 373 -24.79 34.07 6.49
CA GLY D 373 -23.54 34.06 5.75
C GLY D 373 -23.59 34.77 4.42
N SER D 374 -24.75 34.77 3.77
CA SER D 374 -24.92 35.43 2.49
C SER D 374 -25.27 36.92 2.59
N THR D 375 -25.50 37.43 3.80
CA THR D 375 -25.83 38.83 3.97
C THR D 375 -24.67 39.73 3.59
N SER D 376 -24.99 40.89 3.01
CA SER D 376 -23.99 41.86 2.59
C SER D 376 -24.35 43.28 2.99
N THR D 377 -25.44 43.47 3.74
CA THR D 377 -25.87 44.79 4.19
C THR D 377 -26.74 44.57 5.41
N ILE D 378 -26.25 44.95 6.58
CA ILE D 378 -26.98 44.79 7.83
C ILE D 378 -27.57 46.13 8.28
N CYS D 379 -28.89 46.17 8.39
CA CYS D 379 -29.61 47.37 8.80
C CYS D 379 -29.89 47.15 10.28
N SER D 380 -29.28 47.96 11.14
CA SER D 380 -29.52 47.81 12.57
C SER D 380 -30.30 48.92 13.24
N PHD D 381 -30.78 48.62 14.45
CA PHD D 381 -31.56 49.53 15.25
C PHD D 381 -30.61 50.03 16.37
O PHD D 381 -29.66 49.28 16.78
CB PHD D 381 -32.83 48.92 15.85
CG PHD D 381 -33.60 49.76 16.84
OD1 PHD D 381 -34.32 50.73 16.35
OD2 PHD D 381 -33.62 49.58 18.08
P PHD D 381 -34.68 51.85 17.31
OP1 PHD D 381 -33.45 52.63 17.65
OP2 PHD D 381 -35.70 52.75 16.67
OP3 PHD D 381 -35.26 51.25 18.56
N LYS D 382 -30.84 51.24 16.87
CA LYS D 382 -30.01 51.80 17.93
C LYS D 382 -30.50 51.47 19.34
N THR D 383 -31.67 52.02 19.68
CA THR D 383 -32.26 51.79 21.00
C THR D 383 -32.70 50.34 21.17
N GLY D 384 -32.12 49.66 22.17
CA GLY D 384 -32.42 48.29 22.47
C GLY D 384 -31.60 47.26 21.71
N THR D 385 -31.01 47.63 20.59
CA THR D 385 -30.21 46.70 19.79
C THR D 385 -28.74 47.12 19.83
N LEU D 386 -28.43 48.30 19.31
CA LEU D 386 -27.05 48.77 19.30
C LEU D 386 -26.64 49.23 20.70
N THR D 387 -27.60 49.67 21.52
CA THR D 387 -27.37 50.15 22.88
C THR D 387 -28.04 49.26 23.94
N GLN D 388 -27.97 49.71 25.19
CA GLN D 388 -28.53 49.04 26.35
C GLN D 388 -29.80 49.69 26.91
N ASN D 389 -30.20 50.85 26.42
CA ASN D 389 -31.40 51.56 26.87
C ASN D 389 -31.40 51.82 28.39
N ARG D 390 -30.22 51.98 29.00
CA ARG D 390 -30.10 52.24 30.44
C ARG D 390 -29.08 53.34 30.69
N MET D 391 -29.47 54.39 31.41
CA MET D 391 -28.56 55.51 31.70
C MET D 391 -27.42 55.07 32.63
N THR D 392 -26.18 55.46 32.30
CA THR D 392 -25.01 55.12 33.10
C THR D 392 -24.00 56.27 33.17
N VAL D 393 -23.41 56.46 34.34
CA VAL D 393 -22.41 57.51 34.59
C VAL D 393 -21.21 57.22 33.69
N ALA D 394 -20.97 58.05 32.69
CA ALA D 394 -19.85 57.87 31.77
C ALA D 394 -18.53 58.58 32.12
N HIS D 395 -18.54 59.91 32.20
CA HIS D 395 -17.34 60.68 32.53
C HIS D 395 -17.54 61.58 33.75
N MET D 396 -16.44 61.82 34.48
CA MET D 396 -16.45 62.64 35.68
C MET D 396 -15.32 63.68 35.68
N TRP D 397 -15.61 64.87 36.17
CA TRP D 397 -14.63 65.96 36.24
C TRP D 397 -14.24 66.24 37.68
N PHE D 398 -12.94 66.30 37.95
CA PHE D 398 -12.40 66.57 39.28
C PHE D 398 -10.89 66.70 39.15
N ASP D 399 -10.32 67.63 39.93
CA ASP D 399 -8.89 67.91 39.94
C ASP D 399 -8.40 68.24 38.53
N ASN D 400 -9.11 69.16 37.88
CA ASN D 400 -8.80 69.61 36.52
C ASN D 400 -8.38 68.42 35.67
N GLN D 401 -9.20 67.37 35.70
CA GLN D 401 -8.88 66.18 34.92
C GLN D 401 -10.10 65.32 34.65
N ILE D 402 -10.28 64.94 33.38
CA ILE D 402 -11.41 64.11 32.98
C ILE D 402 -11.09 62.66 33.33
N HIS D 403 -12.03 61.99 33.97
CA HIS D 403 -11.89 60.61 34.39
C HIS D 403 -13.00 59.81 33.72
N GLU D 404 -12.67 58.59 33.28
CA GLU D 404 -13.65 57.74 32.62
C GLU D 404 -14.01 56.58 33.53
N ALA D 405 -15.29 56.23 33.54
CA ALA D 405 -15.81 55.14 34.36
C ALA D 405 -16.24 53.99 33.46
N ASP D 406 -16.28 52.80 34.04
CA ASP D 406 -16.68 51.61 33.29
C ASP D 406 -18.19 51.62 33.10
N THR D 407 -18.61 51.60 31.84
CA THR D 407 -20.02 51.59 31.47
C THR D 407 -20.37 50.32 30.72
N THR D 408 -19.93 49.17 31.22
CA THR D 408 -20.20 47.88 30.59
C THR D 408 -20.92 46.94 31.55
N GLU D 409 -21.94 46.26 31.00
CA GLU D 409 -22.80 45.30 31.69
C GLU D 409 -22.14 44.40 32.74
N ASN D 410 -21.13 43.62 32.33
CA ASN D 410 -20.45 42.74 33.27
C ASN D 410 -19.30 43.39 34.04
N GLN D 411 -19.10 44.69 33.89
CA GLN D 411 -18.02 45.41 34.60
C GLN D 411 -16.66 44.78 34.33
N SER D 412 -16.24 44.85 33.06
CA SER D 412 -14.97 44.30 32.62
C SER D 412 -14.17 45.44 31.99
N GLY D 413 -13.52 46.25 32.83
CA GLY D 413 -12.74 47.35 32.29
C GLY D 413 -11.69 47.98 33.16
N ALA D 414 -11.60 49.30 33.13
CA ALA D 414 -10.62 50.07 33.90
C ALA D 414 -11.24 50.92 35.01
N ALA D 415 -10.65 50.87 36.20
CA ALA D 415 -11.14 51.63 37.34
C ALA D 415 -10.75 53.09 37.09
N PHE D 416 -11.24 54.02 37.93
CA PHE D 416 -10.88 55.42 37.72
C PHE D 416 -9.97 56.04 38.77
N ASP D 417 -9.09 55.27 39.42
CA ASP D 417 -8.20 55.87 40.44
C ASP D 417 -8.93 56.43 41.67
N LYS D 418 -9.48 55.55 42.51
CA LYS D 418 -10.19 55.95 43.72
C LYS D 418 -9.27 56.22 44.90
N THR D 419 -8.24 57.06 44.72
CA THR D 419 -7.33 57.36 45.83
C THR D 419 -7.27 58.83 46.28
N SER D 420 -8.00 59.73 45.65
CA SER D 420 -7.95 61.13 46.08
C SER D 420 -9.12 61.46 47.00
N ALA D 421 -8.95 62.52 47.78
CA ALA D 421 -10.02 62.92 48.70
C ALA D 421 -11.16 63.53 47.93
N THR D 422 -10.84 64.18 46.80
CA THR D 422 -11.85 64.81 45.96
C THR D 422 -12.93 63.81 45.61
N TRP D 423 -12.53 62.62 45.16
CA TRP D 423 -13.50 61.59 44.81
C TRP D 423 -14.39 61.24 45.99
N SER D 424 -13.81 61.16 47.19
CA SER D 424 -14.62 60.84 48.37
C SER D 424 -15.68 61.90 48.58
N ALA D 425 -15.28 63.18 48.50
CA ALA D 425 -16.24 64.25 48.70
C ALA D 425 -17.33 64.17 47.63
N LEU D 426 -16.94 63.78 46.42
CA LEU D 426 -17.90 63.67 45.32
C LEU D 426 -18.90 62.58 45.64
N SER D 427 -18.40 61.46 46.18
CA SER D 427 -19.26 60.35 46.52
C SER D 427 -20.26 60.78 47.59
N ARG D 428 -19.81 61.62 48.52
CA ARG D 428 -20.73 62.06 49.57
C ARG D 428 -21.78 63.00 49.00
N ILE D 429 -21.38 63.88 48.07
CA ILE D 429 -22.33 64.81 47.46
C ILE D 429 -23.42 64.04 46.70
N ALA D 430 -23.01 63.22 45.75
CA ALA D 430 -23.97 62.44 44.96
C ALA D 430 -24.77 61.43 45.79
N ALA D 431 -24.11 60.68 46.69
CA ALA D 431 -24.82 59.70 47.50
C ALA D 431 -25.78 60.34 48.50
N LEU D 432 -25.54 61.58 48.92
CA LEU D 432 -26.46 62.19 49.88
C LEU D 432 -27.56 62.98 49.17
N CYS D 433 -27.17 63.93 48.33
CA CYS D 433 -28.13 64.75 47.58
C CYS D 433 -28.71 63.92 46.44
N ASN D 434 -29.52 62.92 46.82
CA ASN D 434 -30.17 62.00 45.91
C ASN D 434 -31.26 61.31 46.74
N ARG D 435 -32.49 61.27 46.22
CA ARG D 435 -33.64 60.67 46.88
C ARG D 435 -34.05 59.27 46.40
N ALA D 436 -33.42 58.70 45.37
CA ALA D 436 -33.84 57.37 44.93
C ALA D 436 -33.17 56.27 45.76
N VAL D 437 -33.84 55.12 45.84
CA VAL D 437 -33.36 53.96 46.59
C VAL D 437 -33.76 52.67 45.89
N PHE D 438 -32.87 51.68 45.94
CA PHE D 438 -33.13 50.39 45.31
C PHE D 438 -34.46 49.83 45.78
N GLN D 439 -35.14 49.11 44.89
CA GLN D 439 -36.43 48.53 45.24
C GLN D 439 -36.25 47.37 46.21
N ALA D 440 -37.08 47.33 47.24
CA ALA D 440 -37.01 46.26 48.25
C ALA D 440 -36.84 44.90 47.58
N GLY D 441 -36.08 44.00 48.21
CA GLY D 441 -35.86 42.68 47.65
C GLY D 441 -35.04 42.49 46.38
N GLN D 442 -33.90 43.18 46.25
CA GLN D 442 -33.05 43.07 45.08
C GLN D 442 -31.67 42.55 45.49
N ASP D 443 -31.55 42.11 46.74
CA ASP D 443 -30.37 41.56 47.38
C ASP D 443 -29.69 40.47 46.56
N ASN D 444 -30.35 39.98 45.53
CA ASN D 444 -29.82 38.93 44.67
C ASN D 444 -29.28 39.39 43.32
N VAL D 445 -30.00 40.25 42.59
CA VAL D 445 -29.52 40.72 41.28
C VAL D 445 -28.20 41.48 41.38
N PRO D 446 -27.55 41.81 40.27
CA PRO D 446 -26.28 42.54 40.34
C PRO D 446 -26.56 44.03 40.58
N ILE D 447 -25.49 44.77 40.84
CA ILE D 447 -25.59 46.21 41.09
C ILE D 447 -26.13 47.01 39.91
N LEU D 448 -25.93 46.56 38.67
CA LEU D 448 -26.47 47.36 37.58
C LEU D 448 -27.87 46.97 37.11
N LYS D 449 -28.21 45.68 37.12
CA LYS D 449 -29.54 45.25 36.68
C LYS D 449 -30.64 45.36 37.74
N ARG D 450 -30.41 45.94 38.92
CA ARG D 450 -31.53 45.98 39.85
C ARG D 450 -32.45 47.18 39.59
N SER D 451 -33.67 47.06 40.11
CA SER D 451 -34.71 48.08 39.99
C SER D 451 -34.50 49.22 40.99
N VAL D 452 -34.55 50.46 40.49
CA VAL D 452 -34.37 51.65 41.31
C VAL D 452 -35.55 52.58 41.07
N ALA D 453 -36.22 52.98 42.17
CA ALA D 453 -37.38 53.88 42.11
C ALA D 453 -36.93 55.34 42.09
N GLY D 454 -37.09 56.00 40.96
CA GLY D 454 -36.69 57.39 40.84
C GLY D 454 -36.37 57.75 39.41
N ASP D 455 -35.83 58.96 39.25
CA ASP D 455 -35.46 59.46 37.93
C ASP D 455 -34.28 58.65 37.42
N ALA D 456 -33.98 58.78 36.12
CA ALA D 456 -32.86 58.03 35.58
C ALA D 456 -31.51 58.63 35.97
N SER D 457 -31.48 59.90 36.35
CA SER D 457 -30.21 60.51 36.73
C SER D 457 -29.83 60.11 38.14
N GLU D 458 -30.78 60.22 39.08
CA GLU D 458 -30.45 59.84 40.44
C GLU D 458 -30.16 58.35 40.48
N SER D 459 -30.80 57.58 39.60
CA SER D 459 -30.58 56.13 39.59
C SER D 459 -29.17 55.84 39.09
N ALA D 460 -28.74 56.53 38.02
CA ALA D 460 -27.38 56.28 37.51
C ALA D 460 -26.35 56.67 38.55
N LEU D 461 -26.57 57.79 39.24
CA LEU D 461 -25.62 58.23 40.27
C LEU D 461 -25.59 57.24 41.43
N LEU D 462 -26.77 56.78 41.86
CA LEU D 462 -26.86 55.84 42.96
C LEU D 462 -26.12 54.56 42.61
N LYS D 463 -26.27 54.09 41.37
CA LYS D 463 -25.60 52.86 40.97
C LYS D 463 -24.09 53.04 40.93
N CYS D 464 -23.59 54.19 40.45
CA CYS D 464 -22.14 54.37 40.41
C CYS D 464 -21.56 54.44 41.82
N ILE D 465 -22.26 55.11 42.74
CA ILE D 465 -21.75 55.21 44.10
C ILE D 465 -21.83 53.85 44.77
N GLU D 466 -22.92 53.13 44.57
CA GLU D 466 -23.07 51.81 45.18
C GLU D 466 -22.10 50.82 44.55
N LEU D 467 -21.56 51.15 43.38
CA LEU D 467 -20.63 50.29 42.68
C LEU D 467 -19.21 50.41 43.22
N CYS D 468 -18.64 51.62 43.31
CA CYS D 468 -17.28 51.69 43.84
C CYS D 468 -17.15 52.42 45.18
N CYS D 469 -18.22 52.47 45.97
CA CYS D 469 -18.19 53.14 47.26
C CYS D 469 -18.98 52.34 48.30
N GLY D 470 -19.36 51.11 47.97
CA GLY D 470 -20.11 50.27 48.87
C GLY D 470 -21.52 50.77 49.10
N SER D 471 -22.22 50.03 49.98
CA SER D 471 -23.61 50.30 50.36
C SER D 471 -23.99 51.75 50.66
N VAL D 472 -24.85 52.32 49.80
CA VAL D 472 -25.29 53.69 49.97
C VAL D 472 -26.23 53.79 51.17
N GLN D 473 -26.98 52.73 51.47
CA GLN D 473 -27.90 52.76 52.61
C GLN D 473 -27.20 53.06 53.93
N GLY D 474 -25.93 52.71 54.05
CA GLY D 474 -25.25 52.98 55.30
C GLY D 474 -24.59 54.32 55.13
N MET D 475 -24.21 54.65 53.89
CA MET D 475 -23.57 55.92 53.66
C MET D 475 -24.57 57.03 53.96
N ARG D 476 -25.86 56.73 53.74
CA ARG D 476 -26.97 57.65 53.97
C ARG D 476 -27.36 57.64 55.43
N ASP D 477 -27.30 56.48 56.10
CA ASP D 477 -27.70 56.57 57.50
C ASP D 477 -26.55 57.10 58.35
N ARG D 478 -25.35 57.12 57.79
CA ARG D 478 -24.16 57.60 58.48
C ARG D 478 -24.18 59.12 58.62
N ASN D 479 -25.01 59.81 57.81
CA ASN D 479 -25.19 61.26 57.79
C ASN D 479 -26.69 61.56 57.69
N PRO D 480 -27.31 62.01 58.79
CA PRO D 480 -28.76 62.33 58.79
C PRO D 480 -29.13 63.63 58.09
N LYS D 481 -30.02 63.52 57.09
CA LYS D 481 -30.50 64.67 56.32
C LYS D 481 -31.46 65.52 57.13
N ILE D 482 -31.09 66.78 57.36
CA ILE D 482 -31.94 67.67 58.14
C ILE D 482 -32.99 68.40 57.30
N VAL D 483 -32.56 69.18 56.31
CA VAL D 483 -33.55 69.90 55.50
C VAL D 483 -33.16 69.89 54.03
N GLU D 484 -34.13 69.60 53.17
CA GLU D 484 -33.95 69.55 51.74
C GLU D 484 -34.92 70.44 50.97
N ILE D 485 -34.41 71.16 49.98
CA ILE D 485 -35.27 72.04 49.20
C ILE D 485 -35.36 71.37 47.83
N PRO D 486 -36.49 70.74 47.49
CA PRO D 486 -36.62 70.08 46.18
C PRO D 486 -36.27 70.92 44.96
N PHE D 487 -35.95 70.21 43.88
CA PHE D 487 -35.58 70.85 42.62
C PHE D 487 -36.68 71.84 42.23
N ASN D 488 -36.28 73.05 41.88
CA ASN D 488 -37.22 74.08 41.48
C ASN D 488 -37.01 74.48 40.03
N SER D 489 -38.09 74.87 39.38
CA SER D 489 -38.00 75.28 37.98
C SER D 489 -37.26 76.60 37.84
N THR D 490 -37.21 77.38 38.92
CA THR D 490 -36.53 78.67 38.95
C THR D 490 -35.12 78.55 39.51
N ASN D 491 -34.98 77.80 40.60
CA ASN D 491 -33.67 77.62 41.22
C ASN D 491 -32.75 76.77 40.34
N LYS D 492 -33.31 75.82 39.60
CA LYS D 492 -32.56 74.94 38.71
C LYS D 492 -31.46 74.20 39.49
N TYR D 493 -31.80 73.77 40.71
CA TYR D 493 -30.85 73.05 41.56
C TYR D 493 -31.56 72.27 42.64
N GLN D 494 -30.85 71.28 43.19
CA GLN D 494 -31.36 70.40 44.24
C GLN D 494 -30.36 70.46 45.38
N LEU D 495 -30.78 70.95 46.55
CA LEU D 495 -29.88 71.04 47.70
C LEU D 495 -30.48 70.45 48.97
N SER D 496 -29.60 70.18 49.93
CA SER D 496 -30.00 69.61 51.22
C SER D 496 -28.84 69.64 52.21
N ILE D 497 -29.19 69.77 53.49
CA ILE D 497 -28.24 69.82 54.59
C ILE D 497 -28.45 68.59 55.45
N HIS D 498 -27.31 68.04 55.89
CA HIS D 498 -27.22 66.86 56.73
C HIS D 498 -26.13 67.06 57.77
N GLU D 499 -26.16 66.21 58.79
CA GLU D 499 -25.18 66.28 59.86
C GLU D 499 -23.86 65.70 59.33
N ASN D 500 -22.76 66.04 59.99
CA ASN D 500 -21.46 65.55 59.58
C ASN D 500 -21.07 64.40 60.50
N GLU D 501 -20.80 63.23 59.90
CA GLU D 501 -20.43 62.07 60.70
C GLU D 501 -19.03 62.16 61.31
N LYS D 502 -18.31 63.26 61.14
CA LYS D 502 -16.98 63.33 61.73
C LYS D 502 -17.18 63.35 63.24
N SER D 503 -16.59 62.39 63.96
CA SER D 503 -16.79 62.42 65.40
C SER D 503 -16.02 63.56 66.04
N SER D 504 -15.18 64.26 65.29
CA SER D 504 -14.40 65.37 65.80
C SER D 504 -14.95 66.71 65.34
N GLU D 505 -15.89 66.69 64.39
CA GLU D 505 -16.52 67.88 63.85
C GLU D 505 -18.02 67.69 63.88
N SER D 506 -18.71 68.49 64.68
CA SER D 506 -20.15 68.44 64.82
C SER D 506 -20.86 69.46 63.95
N ARG D 507 -20.14 70.07 63.01
CA ARG D 507 -20.72 71.07 62.12
C ARG D 507 -21.79 70.51 61.21
N TYR D 508 -22.28 71.35 60.30
CA TYR D 508 -23.32 70.95 59.37
C TYR D 508 -22.80 70.95 57.93
N LEU D 509 -23.20 69.95 57.17
CA LEU D 509 -22.79 69.81 55.78
C LEU D 509 -23.95 70.20 54.87
N LEU D 510 -23.63 70.93 53.80
CA LEU D 510 -24.61 71.39 52.82
C LEU D 510 -24.13 70.92 51.47
N VAL D 511 -25.03 70.31 50.70
CA VAL D 511 -24.67 69.82 49.38
C VAL D 511 -25.73 70.25 48.39
N MET D 512 -25.30 70.45 47.15
CA MET D 512 -26.24 70.87 46.11
C MET D 512 -25.69 70.45 44.76
N LYS D 513 -26.62 70.09 43.88
CA LYS D 513 -26.32 69.64 42.53
C LYS D 513 -27.20 70.43 41.58
N GLY D 514 -26.77 70.49 40.31
CA GLY D 514 -27.56 71.22 39.34
C GLY D 514 -26.79 71.43 38.05
N ALA D 515 -27.40 72.21 37.17
CA ALA D 515 -26.75 72.49 35.89
C ALA D 515 -25.38 73.11 36.15
N PRO D 516 -24.34 72.72 35.40
CA PRO D 516 -23.02 73.30 35.64
C PRO D 516 -22.94 74.81 35.50
N GLU D 517 -23.76 75.45 34.66
CA GLU D 517 -23.68 76.90 34.55
C GLU D 517 -24.20 77.57 35.82
N ARG D 518 -25.38 77.15 36.28
CA ARG D 518 -25.98 77.72 37.47
C ARG D 518 -25.07 77.50 38.68
N ILE D 519 -24.54 76.28 38.82
CA ILE D 519 -23.66 76.00 39.96
C ILE D 519 -22.35 76.76 39.83
N LEU D 520 -21.87 76.97 38.60
CA LEU D 520 -20.62 77.70 38.45
C LEU D 520 -20.81 79.13 38.93
N ASP D 521 -22.00 79.68 38.70
CA ASP D 521 -22.25 81.05 39.14
C ASP D 521 -22.44 81.13 40.66
N ARG D 522 -22.34 80.01 41.38
CA ARG D 522 -22.51 80.00 42.83
C ARG D 522 -21.28 79.52 43.59
N CYS D 523 -20.10 79.57 42.99
CA CYS D 523 -18.93 79.11 43.72
C CYS D 523 -17.84 80.16 43.67
N SER D 524 -16.83 79.95 44.49
CA SER D 524 -15.69 80.85 44.58
C SER D 524 -14.45 80.10 45.01
N THR D 525 -14.55 78.79 45.23
CA THR D 525 -13.45 77.94 45.65
C THR D 525 -13.54 76.66 44.83
N ILE D 526 -12.46 75.88 44.88
CA ILE D 526 -12.37 74.63 44.17
C ILE D 526 -11.54 73.67 45.01
N LEU D 527 -12.08 72.46 45.19
CA LEU D 527 -11.43 71.43 45.98
C LEU D 527 -10.44 70.73 45.05
N LEU D 528 -9.18 71.17 45.10
CA LEU D 528 -8.13 70.61 44.28
C LEU D 528 -7.28 69.64 45.08
N ASN D 529 -7.27 68.37 44.66
CA ASN D 529 -6.53 67.29 45.30
C ASN D 529 -6.79 67.19 46.80
N GLY D 530 -7.84 67.86 47.27
CA GLY D 530 -8.21 67.85 48.67
C GLY D 530 -8.22 69.26 49.23
N ALA D 531 -7.12 69.98 49.08
CA ALA D 531 -7.07 71.35 49.61
C ALA D 531 -8.03 72.23 48.81
N GLU D 532 -8.18 73.48 49.25
CA GLU D 532 -9.08 74.38 48.55
C GLU D 532 -8.24 75.45 47.86
N GLU D 533 -8.81 76.06 46.83
CA GLU D 533 -8.13 77.10 46.07
C GLU D 533 -9.17 78.07 45.53
N PRO D 534 -8.76 79.26 45.10
CA PRO D 534 -9.73 80.21 44.57
C PRO D 534 -10.23 79.76 43.19
N LEU D 535 -11.24 80.47 42.70
CA LEU D 535 -11.84 80.18 41.39
C LEU D 535 -11.34 81.11 40.29
N LYS D 536 -10.03 81.38 40.22
CA LYS D 536 -9.52 82.27 39.17
C LYS D 536 -9.95 81.79 37.78
N GLU D 537 -9.94 82.71 36.81
CA GLU D 537 -10.32 82.40 35.43
C GLU D 537 -9.57 81.23 34.81
N ASP D 538 -8.41 80.84 35.33
CA ASP D 538 -7.70 79.73 34.71
C ASP D 538 -8.53 78.46 34.85
N MET D 539 -8.99 78.18 36.06
CA MET D 539 -9.79 76.98 36.25
C MET D 539 -11.20 77.20 35.72
N LYS D 540 -11.63 78.47 35.58
CA LYS D 540 -12.97 78.71 35.08
C LYS D 540 -12.99 78.35 33.60
N GLU D 541 -11.86 78.57 32.93
CA GLU D 541 -11.81 78.25 31.51
C GLU D 541 -11.59 76.76 31.37
N ALA D 542 -10.89 76.15 32.35
CA ALA D 542 -10.68 74.72 32.24
C ALA D 542 -12.02 74.03 32.45
N PHE D 543 -12.91 74.69 33.19
CA PHE D 543 -14.23 74.16 33.48
C PHE D 543 -15.11 74.34 32.25
N GLN D 544 -14.86 75.40 31.48
CA GLN D 544 -15.67 75.61 30.29
C GLN D 544 -15.28 74.59 29.24
N ASN D 545 -13.98 74.35 29.08
CA ASN D 545 -13.57 73.38 28.08
C ASN D 545 -14.03 71.99 28.51
N ALA D 546 -14.07 71.73 29.82
CA ALA D 546 -14.52 70.41 30.26
C ALA D 546 -16.01 70.26 29.98
N TYR D 547 -16.76 71.35 30.15
CA TYR D 547 -18.19 71.31 29.90
C TYR D 547 -18.44 71.01 28.43
N LEU D 548 -17.70 71.67 27.54
CA LEU D 548 -17.92 71.41 26.12
C LEU D 548 -17.38 70.04 25.72
N GLU D 549 -16.43 69.49 26.49
CA GLU D 549 -15.89 68.19 26.13
C GLU D 549 -16.93 67.13 26.44
N LEU D 550 -17.51 67.19 27.64
CA LEU D 550 -18.51 66.21 28.01
C LEU D 550 -19.79 66.43 27.22
N GLY D 551 -20.08 67.68 26.85
CA GLY D 551 -21.28 67.98 26.08
C GLY D 551 -21.18 67.47 24.65
N GLY D 552 -20.04 67.70 24.01
CA GLY D 552 -19.86 67.26 22.64
C GLY D 552 -19.92 65.75 22.51
N LEU D 553 -19.68 65.04 23.61
CA LEU D 553 -19.71 63.59 23.63
C LEU D 553 -21.13 63.04 23.66
N GLY D 554 -22.13 63.91 23.50
CA GLY D 554 -23.51 63.48 23.51
C GLY D 554 -24.02 63.14 24.89
N GLU D 555 -23.26 63.46 25.93
CA GLU D 555 -23.61 63.20 27.31
C GLU D 555 -24.23 64.42 28.00
N ARG D 556 -24.92 64.15 29.09
CA ARG D 556 -25.59 65.15 29.90
C ARG D 556 -24.72 65.33 31.14
N VAL D 557 -24.29 66.56 31.40
CA VAL D 557 -23.45 66.85 32.56
C VAL D 557 -24.18 67.61 33.66
N LEU D 558 -23.77 67.32 34.90
CA LEU D 558 -24.30 67.91 36.11
C LEU D 558 -23.13 68.37 36.97
N GLY D 559 -23.35 69.37 37.80
CA GLY D 559 -22.34 69.92 38.68
C GLY D 559 -22.71 69.65 40.13
N PHE D 560 -21.70 69.31 40.92
CA PHE D 560 -21.87 69.01 42.34
C PHE D 560 -20.96 69.88 43.20
N CYS D 561 -21.52 70.49 44.24
CA CYS D 561 -20.74 71.34 45.13
C CYS D 561 -21.28 71.16 46.54
N HIS D 562 -20.45 71.57 47.50
CA HIS D 562 -20.84 71.46 48.90
C HIS D 562 -20.14 72.55 49.71
N PHE D 563 -20.57 72.69 50.96
CA PHE D 563 -19.98 73.69 51.83
C PHE D 563 -20.23 73.32 53.28
N ALA D 564 -19.25 73.66 54.12
CA ALA D 564 -19.31 73.39 55.55
C ALA D 564 -19.93 74.61 56.22
N LEU D 565 -21.13 74.45 56.75
CA LEU D 565 -21.78 75.58 57.40
C LEU D 565 -21.10 75.86 58.74
N PRO D 566 -20.76 77.11 59.04
CA PRO D 566 -20.10 77.41 60.31
C PRO D 566 -21.04 77.15 61.48
N GLU D 567 -20.62 76.25 62.37
CA GLU D 567 -21.45 75.94 63.53
C GLU D 567 -21.55 77.09 64.51
N ASP D 568 -20.85 78.20 64.28
CA ASP D 568 -20.92 79.33 65.18
C ASP D 568 -22.09 80.23 64.84
N LYS D 569 -22.45 80.29 63.56
CA LYS D 569 -23.54 81.12 63.08
C LYS D 569 -24.82 80.30 62.94
N TYR D 570 -24.69 78.97 62.90
CA TYR D 570 -25.78 78.01 62.77
C TYR D 570 -25.38 76.85 63.69
N ASN D 571 -25.77 76.94 64.96
CA ASN D 571 -25.45 75.90 65.94
C ASN D 571 -26.16 74.59 65.61
N GLU D 572 -25.82 73.56 66.38
CA GLU D 572 -26.41 72.23 66.20
C GLU D 572 -27.89 72.20 66.56
N GLY D 573 -28.37 73.20 67.29
CA GLY D 573 -29.77 73.22 67.67
C GLY D 573 -30.66 74.06 66.78
N TYR D 574 -30.07 75.01 66.04
CA TYR D 574 -30.86 75.85 65.16
C TYR D 574 -31.50 75.04 64.03
N PRO D 575 -32.79 75.29 63.75
CA PRO D 575 -33.46 74.54 62.68
C PRO D 575 -33.59 75.42 61.44
N PHE D 576 -33.02 74.99 60.32
CA PHE D 576 -33.08 75.77 59.08
C PHE D 576 -34.33 75.43 58.26
N ASP D 577 -35.47 75.99 58.68
CA ASP D 577 -36.71 75.73 57.97
C ASP D 577 -36.58 76.27 56.55
N ALA D 578 -37.07 75.50 55.57
CA ALA D 578 -37.01 75.90 54.16
C ALA D 578 -37.99 77.03 53.83
N ASP D 579 -37.64 78.24 54.23
CA ASP D 579 -38.50 79.40 53.98
C ASP D 579 -37.75 80.63 53.48
N GLU D 580 -36.71 81.04 54.21
CA GLU D 580 -35.87 82.19 53.90
C GLU D 580 -34.43 81.81 53.60
N PRO D 581 -33.51 82.79 53.32
CA PRO D 581 -32.12 82.41 53.03
C PRO D 581 -31.33 82.01 54.25
N ASN D 582 -31.43 80.72 54.61
CA ASN D 582 -30.72 80.19 55.76
C ASN D 582 -29.38 79.61 55.37
N PHE D 583 -29.14 79.42 54.07
CA PHE D 583 -27.88 78.87 53.61
C PHE D 583 -27.26 79.81 52.58
N PRO D 584 -25.95 79.95 52.58
CA PRO D 584 -25.32 80.85 51.61
C PRO D 584 -25.40 80.24 50.21
N THR D 585 -26.22 80.84 49.34
CA THR D 585 -26.35 80.31 47.99
C THR D 585 -25.01 80.37 47.26
N THR D 586 -24.29 81.47 47.40
CA THR D 586 -23.01 81.65 46.75
C THR D 586 -21.91 81.22 47.72
N ASP D 587 -20.65 81.46 47.34
CA ASP D 587 -19.47 81.13 48.14
C ASP D 587 -19.37 79.63 48.45
N LEU D 588 -19.97 78.77 47.62
CA LEU D 588 -19.91 77.34 47.85
C LEU D 588 -18.59 76.78 47.33
N CYS D 589 -18.35 75.48 47.52
CA CYS D 589 -17.13 74.83 47.07
C CYS D 589 -17.48 73.80 46.00
N PHE D 590 -17.16 74.12 44.76
CA PHE D 590 -17.44 73.23 43.64
C PHE D 590 -16.44 72.08 43.67
N VAL D 591 -16.92 70.84 43.60
CA VAL D 591 -16.01 69.71 43.63
C VAL D 591 -15.79 69.13 42.23
N GLY D 592 -16.83 69.01 41.42
CA GLY D 592 -16.65 68.47 40.09
C GLY D 592 -17.89 68.08 39.33
N LEU D 593 -17.77 68.02 38.00
CA LEU D 593 -18.87 67.66 37.12
C LEU D 593 -19.03 66.14 37.04
N MET D 594 -20.24 65.72 36.67
CA MET D 594 -20.59 64.30 36.54
C MET D 594 -21.49 64.12 35.33
N ALA D 595 -20.97 63.51 34.27
CA ALA D 595 -21.74 63.27 33.05
C ALA D 595 -22.38 61.88 33.09
N MET D 596 -23.26 61.63 32.11
CA MET D 596 -23.94 60.34 32.04
C MET D 596 -24.61 60.18 30.67
N ILE D 597 -24.70 58.94 30.21
CA ILE D 597 -25.31 58.63 28.92
C ILE D 597 -25.52 57.12 28.84
N ASP D 598 -26.38 56.67 27.92
CA ASP D 598 -26.66 55.25 27.75
C ASP D 598 -25.52 54.58 26.98
N PRO D 599 -24.80 53.64 27.57
CA PRO D 599 -23.70 52.97 26.85
C PRO D 599 -24.15 51.76 26.04
N PRO D 600 -23.40 51.41 25.00
CA PRO D 600 -23.74 50.26 24.15
C PRO D 600 -23.40 48.93 24.81
N ARG D 601 -23.96 47.86 24.26
CA ARG D 601 -23.70 46.53 24.79
C ARG D 601 -22.23 46.17 24.58
N ALA D 602 -21.72 45.33 25.48
CA ALA D 602 -20.33 44.84 25.46
C ALA D 602 -19.70 44.49 24.12
N ALA D 603 -20.20 43.45 23.44
CA ALA D 603 -19.63 43.05 22.16
C ALA D 603 -20.20 43.81 20.96
N VAL D 604 -20.70 45.03 21.13
CA VAL D 604 -21.24 45.77 20.00
C VAL D 604 -20.13 46.31 19.10
N PRO D 605 -19.13 47.04 19.61
CA PRO D 605 -18.08 47.54 18.70
C PRO D 605 -17.30 46.42 18.01
N ASP D 606 -16.89 45.40 18.75
CA ASP D 606 -16.15 44.30 18.17
C ASP D 606 -16.97 43.59 17.09
N ALA D 607 -18.26 43.36 17.36
CA ALA D 607 -19.09 42.69 16.36
C ALA D 607 -19.26 43.54 15.12
N VAL D 608 -19.47 44.85 15.29
CA VAL D 608 -19.63 45.70 14.11
C VAL D 608 -18.34 45.69 13.29
N GLY D 609 -17.19 45.72 13.98
CA GLY D 609 -15.93 45.70 13.27
C GLY D 609 -15.74 44.40 12.51
N LYS D 610 -16.16 43.29 13.13
CA LYS D 610 -16.02 41.99 12.49
C LYS D 610 -16.89 41.93 11.24
N CYS D 611 -18.11 42.51 11.32
CA CYS D 611 -18.99 42.49 10.17
C CYS D 611 -18.40 43.32 9.05
N ARG D 612 -17.85 44.50 9.40
CA ARG D 612 -17.27 45.35 8.38
C ARG D 612 -16.07 44.66 7.75
N SER D 613 -15.34 43.88 8.54
CA SER D 613 -14.16 43.18 8.04
C SER D 613 -14.57 42.16 6.97
N ALA D 614 -15.73 41.54 7.14
CA ALA D 614 -16.25 40.55 6.22
C ALA D 614 -16.92 41.18 5.00
N GLY D 615 -16.79 42.50 4.84
CA GLY D 615 -17.39 43.19 3.72
C GLY D 615 -18.88 43.44 3.84
N ILE D 616 -19.42 43.46 5.05
CA ILE D 616 -20.85 43.69 5.27
C ILE D 616 -21.07 45.17 5.56
N LYS D 617 -21.92 45.80 4.77
CA LYS D 617 -22.22 47.22 4.94
C LYS D 617 -23.15 47.40 6.13
N VAL D 618 -22.71 48.18 7.11
CA VAL D 618 -23.50 48.44 8.31
C VAL D 618 -24.16 49.81 8.12
N ILE D 619 -25.49 49.84 8.16
CA ILE D 619 -26.26 51.06 8.00
C ILE D 619 -27.16 51.21 9.21
N MET D 620 -27.04 52.34 9.92
CA MET D 620 -27.86 52.55 11.11
C MET D 620 -29.23 53.11 10.73
N VAL D 621 -30.29 52.57 11.30
CA VAL D 621 -31.66 53.00 11.04
C VAL D 621 -32.36 53.13 12.40
N THR D 622 -32.41 54.35 12.95
CA THR D 622 -33.06 54.56 14.23
C THR D 622 -33.87 55.85 14.28
N GLY D 623 -34.89 55.85 15.15
CA GLY D 623 -35.78 56.98 15.34
C GLY D 623 -35.42 57.90 16.49
N ASP D 624 -34.14 58.04 16.81
CA ASP D 624 -33.68 58.89 17.89
C ASP D 624 -33.15 60.22 17.38
N HIS D 625 -32.88 61.12 18.33
CA HIS D 625 -32.36 62.44 18.01
C HIS D 625 -31.01 62.31 17.29
N PRO D 626 -30.81 63.01 16.16
CA PRO D 626 -29.53 62.90 15.44
C PRO D 626 -28.30 63.31 16.24
N ILE D 627 -28.41 64.27 17.17
CA ILE D 627 -27.25 64.69 17.94
C ILE D 627 -26.71 63.52 18.77
N THR D 628 -27.57 62.59 19.17
CA THR D 628 -27.13 61.45 19.96
C THR D 628 -26.78 60.27 19.06
N ALA D 629 -27.52 60.14 17.95
CA ALA D 629 -27.28 59.05 17.01
C ALA D 629 -25.89 59.16 16.41
N LYS D 630 -25.47 60.39 16.05
CA LYS D 630 -24.14 60.56 15.46
C LYS D 630 -23.04 60.18 16.44
N ALA D 631 -23.20 60.54 17.72
CA ALA D 631 -22.18 60.21 18.71
C ALA D 631 -22.11 58.69 18.92
N ILE D 632 -23.27 58.04 19.02
CA ILE D 632 -23.24 56.60 19.22
C ILE D 632 -22.65 55.95 17.98
N ALA D 633 -22.92 56.52 16.80
CA ALA D 633 -22.38 55.95 15.58
C ALA D 633 -20.86 56.03 15.62
N LYS D 634 -20.34 57.21 15.98
CA LYS D 634 -18.89 57.36 16.05
C LYS D 634 -18.32 56.52 17.17
N GLY D 635 -19.18 55.79 17.89
CA GLY D 635 -18.73 54.97 18.98
C GLY D 635 -18.82 53.47 18.71
N VAL D 636 -19.69 53.03 17.80
CA VAL D 636 -19.80 51.59 17.52
C VAL D 636 -19.09 51.16 16.24
N GLY D 637 -18.65 52.10 15.41
CA GLY D 637 -17.95 51.77 14.17
C GLY D 637 -18.71 52.01 12.88
N ILE D 638 -19.97 52.45 12.93
CA ILE D 638 -20.70 52.68 11.69
C ILE D 638 -20.07 53.85 10.93
N ILE D 639 -19.72 54.91 11.65
CA ILE D 639 -19.11 56.08 11.05
C ILE D 639 -17.66 56.03 11.52
N SER D 640 -16.80 55.41 10.72
CA SER D 640 -15.38 55.30 11.06
C SER D 640 -14.80 56.65 11.43
N GLU D 641 -13.93 56.65 12.44
CA GLU D 641 -13.32 57.88 12.88
C GLU D 641 -12.47 58.41 11.73
N GLY D 642 -12.74 59.67 11.36
CA GLY D 642 -12.03 60.33 10.28
C GLY D 642 -12.94 60.73 9.13
N ASN D 643 -13.97 59.91 8.87
CA ASN D 643 -14.89 60.22 7.79
C ASN D 643 -15.65 61.49 8.16
N GLU D 644 -16.22 62.17 7.17
CA GLU D 644 -16.96 63.39 7.49
C GLU D 644 -18.19 63.62 6.64
N THR D 645 -19.16 64.31 7.26
CA THR D 645 -20.45 64.68 6.70
C THR D 645 -20.33 66.08 6.08
N ILE D 646 -21.30 66.44 5.23
CA ILE D 646 -21.27 67.75 4.59
C ILE D 646 -21.34 68.89 5.61
N GLU D 647 -22.09 68.70 6.71
CA GLU D 647 -22.17 69.79 7.68
C GLU D 647 -20.84 69.93 8.41
N ASP D 648 -20.14 68.82 8.64
CA ASP D 648 -18.87 68.89 9.33
C ASP D 648 -17.87 69.69 8.50
N ILE D 649 -17.92 69.51 7.17
CA ILE D 649 -16.99 70.23 6.31
C ILE D 649 -17.35 71.71 6.31
N ALA D 650 -18.64 72.02 6.27
CA ALA D 650 -19.04 73.42 6.26
C ALA D 650 -18.66 74.09 7.58
N ALA D 651 -18.61 73.32 8.67
CA ALA D 651 -18.25 73.89 9.96
C ALA D 651 -16.74 74.03 10.09
N ARG D 652 -15.98 73.10 9.49
CA ARG D 652 -14.53 73.17 9.57
C ARG D 652 -13.99 74.29 8.70
N LEU D 653 -14.72 74.66 7.65
CA LEU D 653 -14.28 75.72 6.74
C LEU D 653 -14.91 77.08 7.03
N ASN D 654 -16.11 77.09 7.62
CA ASN D 654 -16.87 78.30 7.97
C ASN D 654 -17.54 78.88 6.73
N ILE D 655 -18.12 78.01 5.90
CA ILE D 655 -18.79 78.40 4.67
C ILE D 655 -20.16 77.75 4.66
N PRO D 656 -21.10 78.25 3.85
CA PRO D 656 -22.44 77.66 3.80
C PRO D 656 -22.36 76.20 3.35
N ILE D 657 -23.43 75.46 3.62
CA ILE D 657 -23.47 74.05 3.24
C ILE D 657 -23.83 73.84 1.77
N GLY D 658 -24.51 74.79 1.13
CA GLY D 658 -24.87 74.63 -0.27
C GLY D 658 -23.72 74.74 -1.25
N GLN D 659 -22.53 75.09 -0.80
CA GLN D 659 -21.35 75.23 -1.65
C GLN D 659 -20.53 73.95 -1.79
N VAL D 660 -20.33 73.20 -0.71
CA VAL D 660 -19.56 71.97 -0.77
C VAL D 660 -20.21 70.92 -1.67
N ASN D 661 -19.36 70.05 -2.25
CA ASN D 661 -19.76 68.98 -3.15
C ASN D 661 -20.05 67.74 -2.30
N PRO D 662 -21.20 67.08 -2.50
CA PRO D 662 -21.52 65.88 -1.69
C PRO D 662 -20.70 64.65 -2.02
N ARG D 663 -19.80 64.68 -3.02
CA ARG D 663 -19.02 63.49 -3.31
C ARG D 663 -17.82 63.35 -2.40
N ASP D 664 -17.39 64.44 -1.77
CA ASP D 664 -16.24 64.42 -0.87
C ASP D 664 -16.61 63.94 0.53
N ALA D 665 -17.88 63.58 0.76
CA ALA D 665 -18.36 63.11 2.06
C ALA D 665 -18.71 61.63 1.97
N LYS D 666 -17.96 60.80 2.68
CA LYS D 666 -18.17 59.36 2.69
C LYS D 666 -19.38 58.94 3.53
N ALA D 667 -19.58 59.55 4.71
CA ALA D 667 -20.70 59.24 5.60
C ALA D 667 -21.77 60.32 5.57
N CYS D 668 -23.03 59.89 5.66
CA CYS D 668 -24.15 60.84 5.64
C CYS D 668 -25.24 60.47 6.65
N VAL D 669 -25.80 61.51 7.26
CA VAL D 669 -26.86 61.43 8.26
C VAL D 669 -28.13 61.92 7.57
N VAL D 670 -29.04 61.00 7.28
CA VAL D 670 -30.31 61.33 6.61
C VAL D 670 -31.41 61.45 7.65
N HIS D 671 -32.02 62.63 7.74
CA HIS D 671 -33.09 62.88 8.68
C HIS D 671 -34.42 62.34 8.15
N GLY D 672 -35.27 61.87 9.06
CA GLY D 672 -36.56 61.34 8.65
C GLY D 672 -37.45 62.35 7.96
N SER D 673 -37.52 63.57 8.52
CA SER D 673 -38.34 64.61 7.92
C SER D 673 -37.97 64.81 6.47
N ASP D 674 -36.67 64.73 6.17
CA ASP D 674 -36.20 64.91 4.80
C ASP D 674 -36.44 63.63 4.00
N LEU D 675 -36.44 62.48 4.67
CA LEU D 675 -36.66 61.20 4.01
C LEU D 675 -38.08 61.11 3.47
N LYS D 676 -39.02 61.79 4.12
CA LYS D 676 -40.42 61.76 3.68
C LYS D 676 -40.60 62.34 2.28
N ASP D 677 -39.79 63.34 1.92
CA ASP D 677 -39.83 64.01 0.62
C ASP D 677 -38.76 63.52 -0.35
N LEU D 678 -38.45 62.23 -0.45
CA LEU D 678 -37.43 61.80 -1.40
C LEU D 678 -37.90 60.75 -2.38
N SER D 679 -37.49 60.93 -3.65
CA SER D 679 -37.81 60.05 -4.76
C SER D 679 -37.08 58.72 -4.63
N THR D 680 -37.44 57.77 -5.50
CA THR D 680 -36.82 56.45 -5.49
C THR D 680 -35.35 56.53 -5.91
N GLU D 681 -35.05 57.27 -6.98
CA GLU D 681 -33.68 57.40 -7.44
C GLU D 681 -32.80 58.05 -6.38
N VAL D 682 -33.33 59.05 -5.68
CA VAL D 682 -32.52 59.72 -4.65
C VAL D 682 -32.08 58.71 -3.59
N LEU D 683 -32.99 57.82 -3.16
CA LEU D 683 -32.59 56.85 -2.14
C LEU D 683 -31.54 55.91 -2.73
N ASP D 684 -31.72 55.55 -4.01
CA ASP D 684 -30.75 54.65 -4.63
C ASP D 684 -29.37 55.29 -4.61
N ASP D 685 -29.33 56.60 -4.92
CA ASP D 685 -28.06 57.32 -4.94
C ASP D 685 -27.49 57.47 -3.53
N ILE D 686 -28.36 57.61 -2.54
CA ILE D 686 -27.90 57.75 -1.15
C ILE D 686 -27.15 56.50 -0.75
N LEU D 687 -27.69 55.34 -1.12
CA LEU D 687 -27.03 54.08 -0.77
C LEU D 687 -25.87 53.76 -1.71
N HIS D 688 -25.90 54.29 -2.94
CA HIS D 688 -24.88 54.09 -3.95
C HIS D 688 -23.64 54.98 -3.81
N TYR D 689 -23.73 56.12 -3.14
CA TYR D 689 -22.57 56.99 -2.98
C TYR D 689 -22.05 57.12 -1.55
N HIS D 690 -22.86 56.84 -0.54
CA HIS D 690 -22.42 56.95 0.85
C HIS D 690 -22.17 55.56 1.41
N THR D 691 -20.97 55.36 1.97
CA THR D 691 -20.58 54.08 2.54
C THR D 691 -20.99 53.92 4.00
N GLU D 692 -21.07 55.02 4.75
CA GLU D 692 -21.45 55.01 6.16
C GLU D 692 -22.71 55.87 6.28
N ILE D 693 -23.87 55.21 6.16
CA ILE D 693 -25.16 55.89 6.24
C ILE D 693 -25.86 55.66 7.58
N VAL D 694 -26.49 56.73 8.06
CA VAL D 694 -27.21 56.70 9.33
C VAL D 694 -28.54 57.42 9.10
N PHE D 695 -29.64 56.69 9.18
CA PHE D 695 -30.98 57.19 9.00
C PHE D 695 -31.51 57.49 10.40
N ALA D 696 -31.74 58.77 10.69
CA ALA D 696 -32.25 59.19 11.98
C ALA D 696 -33.65 59.75 11.86
N ARG D 697 -34.41 59.61 12.95
CA ARG D 697 -35.79 60.09 13.04
C ARG D 697 -36.69 59.45 11.96
N THR D 698 -36.45 58.17 11.67
CA THR D 698 -37.22 57.46 10.67
C THR D 698 -38.31 56.63 11.32
N SER D 699 -39.53 56.74 10.77
CA SER D 699 -40.69 56.02 11.27
C SER D 699 -40.60 54.55 10.86
N PRO D 700 -41.37 53.66 11.50
CA PRO D 700 -41.30 52.24 11.11
C PRO D 700 -41.57 52.04 9.64
N GLN D 701 -42.53 52.79 9.10
CA GLN D 701 -42.85 52.65 7.68
C GLN D 701 -41.63 53.05 6.86
N GLN D 702 -40.91 54.08 7.32
CA GLN D 702 -39.73 54.52 6.59
C GLN D 702 -38.67 53.44 6.71
N LYS D 703 -38.63 52.73 7.85
CA LYS D 703 -37.63 51.69 8.02
C LYS D 703 -37.85 50.65 6.94
N LEU D 704 -39.12 50.31 6.72
CA LEU D 704 -39.47 49.32 5.71
C LEU D 704 -39.05 49.83 4.34
N ILE D 705 -39.27 51.13 4.10
CA ILE D 705 -38.90 51.72 2.81
C ILE D 705 -37.39 51.62 2.60
N ILE D 706 -36.61 51.78 3.67
CA ILE D 706 -35.17 51.70 3.57
C ILE D 706 -34.74 50.28 3.24
N VAL D 707 -35.36 49.30 3.90
CA VAL D 707 -35.01 47.90 3.62
C VAL D 707 -35.30 47.60 2.16
N GLU D 708 -36.44 48.08 1.67
CA GLU D 708 -36.79 47.84 0.27
C GLU D 708 -35.80 48.53 -0.64
N GLY D 709 -35.35 49.73 -0.25
CA GLY D 709 -34.39 50.44 -1.08
C GLY D 709 -33.10 49.67 -1.18
N CYS D 710 -32.81 48.85 -0.17
CA CYS D 710 -31.58 48.08 -0.22
C CYS D 710 -31.76 46.87 -1.13
N GLN D 711 -32.94 46.25 -1.06
CA GLN D 711 -33.21 45.07 -1.89
C GLN D 711 -33.33 45.41 -3.39
N ARG D 712 -33.93 46.56 -3.73
CA ARG D 712 -34.07 46.95 -5.14
C ARG D 712 -32.80 46.78 -5.96
N GLN D 713 -31.64 46.95 -5.35
CA GLN D 713 -30.39 46.80 -6.09
C GLN D 713 -30.05 45.32 -6.32
N GLY D 714 -30.00 44.54 -5.24
CA GLY D 714 -29.69 43.14 -5.41
C GLY D 714 -28.90 42.48 -4.30
N ALA D 715 -28.83 43.12 -3.13
CA ALA D 715 -28.10 42.57 -2.00
C ALA D 715 -29.05 42.00 -0.95
N ILE D 716 -28.54 41.02 -0.21
CA ILE D 716 -29.32 40.35 0.84
C ILE D 716 -29.34 41.29 2.04
N VAL D 717 -30.45 41.34 2.78
CA VAL D 717 -30.53 42.22 3.94
C VAL D 717 -30.94 41.50 5.22
N ALA D 718 -30.31 41.90 6.33
CA ALA D 718 -30.52 41.37 7.66
C ALA D 718 -30.81 42.58 8.55
N VAL D 719 -31.98 42.60 9.16
CA VAL D 719 -32.40 43.69 10.04
C VAL D 719 -32.34 43.18 11.48
N THR D 720 -31.63 43.91 12.35
CA THR D 720 -31.49 43.55 13.75
C THR D 720 -32.20 44.57 14.64
N GLY D 721 -33.28 44.14 15.33
CA GLY D 721 -34.00 45.05 16.19
C GLY D 721 -34.59 44.49 17.48
N ASP D 722 -35.38 45.33 18.17
CA ASP D 722 -36.00 44.91 19.43
C ASP D 722 -37.45 45.32 19.68
N GLY D 723 -37.83 46.55 19.32
CA GLY D 723 -39.19 47.02 19.53
C GLY D 723 -40.18 46.72 18.42
N VAL D 724 -41.37 47.31 18.57
CA VAL D 724 -42.44 47.12 17.59
C VAL D 724 -42.17 47.91 16.33
N ASN D 725 -41.41 49.02 16.42
CA ASN D 725 -41.13 49.81 15.23
C ASN D 725 -40.28 49.03 14.25
N ASP D 726 -39.66 47.94 14.71
CA ASP D 726 -38.82 47.11 13.88
C ASP D 726 -39.59 45.95 13.26
N SER D 727 -40.84 45.74 13.68
CA SER D 727 -41.62 44.63 13.12
C SER D 727 -41.74 44.73 11.60
N PRO D 728 -42.17 45.85 10.99
CA PRO D 728 -42.25 45.86 9.52
C PRO D 728 -40.89 45.79 8.85
N ALA D 729 -39.80 46.04 9.57
CA ALA D 729 -38.46 45.98 9.01
C ALA D 729 -37.88 44.58 9.08
N LEU D 730 -38.17 43.86 10.17
CA LEU D 730 -37.68 42.50 10.34
C LEU D 730 -38.41 41.54 9.43
N LYS D 731 -39.68 41.81 9.15
CA LYS D 731 -40.48 40.96 8.28
C LYS D 731 -40.06 41.04 6.82
N LYS D 732 -39.97 42.24 6.25
CA LYS D 732 -39.57 42.39 4.85
C LYS D 732 -38.09 42.13 4.61
N ALA D 733 -37.25 42.16 5.63
CA ALA D 733 -35.84 41.91 5.39
C ALA D 733 -35.62 40.43 5.07
N ASP D 734 -34.52 40.14 4.37
CA ASP D 734 -34.25 38.75 4.03
C ASP D 734 -34.13 37.92 5.29
N ILE D 735 -33.70 38.53 6.40
CA ILE D 735 -33.58 37.80 7.66
C ILE D 735 -33.66 38.80 8.81
N GLY D 736 -34.53 38.51 9.76
CA GLY D 736 -34.73 39.36 10.92
C GLY D 736 -34.10 38.74 12.15
N VAL D 737 -33.51 39.60 12.97
CA VAL D 737 -32.84 39.21 14.21
C VAL D 737 -33.49 40.02 15.30
N ALA D 738 -34.21 39.35 16.19
CA ALA D 738 -34.86 40.05 17.28
C ALA D 738 -34.16 39.77 18.58
N MET D 739 -34.19 40.76 19.47
CA MET D 739 -33.54 40.57 20.75
C MET D 739 -34.46 39.69 21.58
N GLY D 740 -33.88 38.89 22.46
CA GLY D 740 -34.72 38.04 23.28
C GLY D 740 -35.21 38.58 24.59
N ILE D 741 -34.35 39.22 25.37
CA ILE D 741 -34.76 39.77 26.65
C ILE D 741 -35.36 41.16 26.51
N SER D 742 -34.69 42.04 25.77
CA SER D 742 -35.15 43.41 25.55
C SER D 742 -36.07 43.58 24.34
N GLY D 743 -36.48 42.50 23.68
CA GLY D 743 -37.35 42.63 22.54
C GLY D 743 -38.84 42.58 22.84
N SER D 744 -39.62 43.09 21.90
CA SER D 744 -41.08 43.13 22.01
C SER D 744 -41.66 41.82 21.49
N ASP D 745 -42.85 41.48 21.98
CA ASP D 745 -43.50 40.24 21.54
C ASP D 745 -43.87 40.26 20.06
N VAL D 746 -44.30 41.41 19.53
CA VAL D 746 -44.67 41.48 18.12
C VAL D 746 -43.45 41.27 17.24
N SER D 747 -42.36 42.01 17.52
CA SER D 747 -41.17 41.85 16.69
C SER D 747 -40.54 40.49 16.91
N LYS D 748 -40.79 39.87 18.07
CA LYS D 748 -40.23 38.56 18.36
C LYS D 748 -40.97 37.51 17.56
N GLN D 749 -42.29 37.69 17.38
CA GLN D 749 -43.07 36.72 16.63
C GLN D 749 -42.95 36.92 15.13
N ALA D 750 -42.56 38.12 14.69
CA ALA D 750 -42.40 38.39 13.27
C ALA D 750 -40.98 38.21 12.77
N ALA D 751 -40.04 37.90 13.64
CA ALA D 751 -38.65 37.72 13.26
C ALA D 751 -38.39 36.26 12.89
N ASP D 752 -37.22 36.02 12.30
CA ASP D 752 -36.83 34.68 11.88
C ASP D 752 -35.75 34.09 12.77
N MET D 753 -34.97 34.92 13.47
CA MET D 753 -33.91 34.45 14.34
C MET D 753 -34.04 35.22 15.65
N ILE D 754 -33.90 34.52 16.77
CA ILE D 754 -34.00 35.12 18.09
C ILE D 754 -32.70 34.95 18.85
N LEU D 755 -32.31 36.04 19.55
CA LEU D 755 -31.10 36.11 20.36
C LEU D 755 -31.58 36.06 21.81
N LEU D 756 -31.71 34.84 22.35
CA LEU D 756 -32.17 34.66 23.72
C LEU D 756 -31.22 35.24 24.77
N ASP D 757 -29.97 35.50 24.44
CA ASP D 757 -29.02 36.06 25.40
C ASP D 757 -28.73 37.53 25.17
N ASP D 758 -29.29 38.13 24.11
CA ASP D 758 -29.08 39.54 23.77
C ASP D 758 -27.62 39.88 23.49
N ASN D 759 -26.85 38.90 23.02
CA ASN D 759 -25.44 39.11 22.71
C ASN D 759 -25.34 39.54 21.25
N PHE D 760 -24.54 40.58 20.96
CA PHE D 760 -24.40 41.06 19.59
C PHE D 760 -23.24 40.42 18.83
N ALA D 761 -22.28 39.78 19.51
CA ALA D 761 -21.17 39.16 18.80
C ALA D 761 -21.69 37.98 17.98
N SER D 762 -22.84 37.46 18.42
CA SER D 762 -23.49 36.33 17.78
C SER D 762 -23.72 36.61 16.31
N ILE D 763 -23.82 37.89 15.91
CA ILE D 763 -24.04 38.18 14.50
C ILE D 763 -22.81 37.75 13.72
N VAL D 764 -21.63 37.99 14.31
CA VAL D 764 -20.37 37.63 13.68
C VAL D 764 -20.27 36.11 13.62
N THR D 765 -20.64 35.46 14.72
CA THR D 765 -20.58 34.00 14.74
C THR D 765 -21.45 33.44 13.61
N GLY D 766 -22.66 33.98 13.49
CA GLY D 766 -23.59 33.54 12.46
C GLY D 766 -23.04 33.73 11.06
N VAL D 767 -22.45 34.90 10.79
CA VAL D 767 -21.91 35.12 9.45
C VAL D 767 -20.77 34.15 9.16
N GLU D 768 -20.08 33.65 10.19
CA GLU D 768 -18.98 32.72 9.93
C GLU D 768 -19.54 31.34 9.58
N GLU D 769 -20.47 30.86 10.41
CA GLU D 769 -21.10 29.55 10.20
C GLU D 769 -21.84 29.47 8.87
N GLY D 770 -22.48 30.59 8.46
CA GLY D 770 -23.22 30.60 7.21
C GLY D 770 -22.35 30.30 6.00
N ARG D 771 -21.08 30.66 6.06
CA ARG D 771 -20.17 30.41 4.96
C ARG D 771 -19.65 28.97 5.03
N LEU D 772 -19.10 28.62 6.21
CA LEU D 772 -18.57 27.27 6.40
C LEU D 772 -19.53 26.18 5.92
N ILE D 773 -20.81 26.25 6.33
CA ILE D 773 -21.75 25.22 5.89
C ILE D 773 -22.11 25.32 4.42
N PHE D 774 -21.66 26.37 3.74
CA PHE D 774 -21.96 26.52 2.33
C PHE D 774 -20.91 25.75 1.55
N ASP D 775 -19.64 25.98 1.89
CA ASP D 775 -18.62 25.25 1.16
C ASP D 775 -18.79 23.76 1.42
N ASN D 776 -19.37 23.43 2.59
CA ASN D 776 -19.56 22.02 2.88
C ASN D 776 -20.70 21.45 2.05
N LEU D 777 -21.75 22.25 1.81
CA LEU D 777 -22.85 21.71 1.02
C LEU D 777 -22.33 21.40 -0.37
N LYS D 778 -21.44 22.26 -0.89
CA LYS D 778 -20.89 22.03 -2.23
C LYS D 778 -20.14 20.70 -2.28
N LYS D 779 -19.27 20.47 -1.30
CA LYS D 779 -18.50 19.23 -1.27
C LYS D 779 -19.41 17.98 -1.21
N SER D 780 -20.42 18.01 -0.33
CA SER D 780 -21.31 16.85 -0.23
C SER D 780 -22.13 16.65 -1.50
N ILE D 781 -22.54 17.73 -2.16
CA ILE D 781 -23.33 17.56 -3.38
C ILE D 781 -22.48 16.90 -4.44
N ALA D 782 -21.22 17.33 -4.59
CA ALA D 782 -20.39 16.71 -5.61
C ALA D 782 -20.19 15.24 -5.29
N TYR D 783 -20.16 14.90 -4.00
CA TYR D 783 -19.97 13.51 -3.60
C TYR D 783 -21.17 12.66 -4.00
N THR D 784 -22.38 13.08 -3.59
CA THR D 784 -23.58 12.33 -3.92
C THR D 784 -23.89 12.35 -5.41
N LEU D 785 -23.26 13.23 -6.18
CA LEU D 785 -23.53 13.29 -7.61
C LEU D 785 -22.52 12.48 -8.42
N THR D 786 -21.34 12.24 -7.86
CA THR D 786 -20.32 11.47 -8.58
C THR D 786 -20.76 10.03 -8.81
N SER D 787 -21.45 9.42 -7.83
CA SER D 787 -21.92 8.04 -7.96
C SER D 787 -23.05 7.85 -8.95
N ASN D 788 -23.65 8.93 -9.46
CA ASN D 788 -24.75 8.80 -10.42
C ASN D 788 -24.34 8.04 -11.69
N ILE D 789 -23.21 8.41 -12.29
CA ILE D 789 -22.70 7.77 -13.51
C ILE D 789 -22.56 6.25 -13.38
N PRO D 790 -21.78 5.72 -12.38
CA PRO D 790 -21.64 4.27 -12.27
C PRO D 790 -22.95 3.57 -11.88
N GLU D 791 -24.04 4.33 -11.81
CA GLU D 791 -25.34 3.80 -11.46
C GLU D 791 -26.31 3.85 -12.62
N ILE D 792 -25.93 4.48 -13.73
CA ILE D 792 -26.76 4.61 -14.91
C ILE D 792 -26.12 3.94 -16.12
N THR D 793 -24.83 4.24 -16.39
CA THR D 793 -24.11 3.65 -17.52
C THR D 793 -24.42 2.17 -17.75
N PRO D 794 -24.51 1.31 -16.71
CA PRO D 794 -24.82 -0.11 -16.97
C PRO D 794 -26.08 -0.32 -17.78
N PHE D 795 -27.16 0.40 -17.46
CA PHE D 795 -28.41 0.25 -18.20
C PHE D 795 -28.29 0.77 -19.62
N LEU D 796 -27.49 1.83 -19.82
CA LEU D 796 -27.34 2.37 -21.16
C LEU D 796 -26.61 1.36 -22.03
N VAL D 797 -25.57 0.72 -21.48
CA VAL D 797 -24.84 -0.26 -22.27
C VAL D 797 -25.71 -1.50 -22.40
N PHE D 798 -26.67 -1.67 -21.49
CA PHE D 798 -27.55 -2.82 -21.54
C PHE D 798 -28.46 -2.73 -22.75
N ILE D 799 -28.98 -1.53 -23.02
CA ILE D 799 -29.86 -1.34 -24.17
C ILE D 799 -29.07 -1.20 -25.48
N ILE D 800 -27.94 -0.49 -25.47
CA ILE D 800 -27.15 -0.33 -26.69
C ILE D 800 -26.31 -1.56 -27.05
N GLY D 801 -25.57 -2.13 -26.09
CA GLY D 801 -24.75 -3.30 -26.34
C GLY D 801 -25.31 -4.68 -26.07
N ASN D 802 -26.48 -4.81 -25.45
CA ASN D 802 -27.11 -6.11 -25.15
C ASN D 802 -26.24 -7.07 -24.33
N VAL D 803 -25.84 -6.64 -23.14
CA VAL D 803 -25.01 -7.46 -22.26
C VAL D 803 -25.85 -7.73 -21.03
N PRO D 804 -25.49 -8.73 -20.20
CA PRO D 804 -26.32 -8.98 -19.02
C PRO D 804 -26.29 -7.74 -18.13
N LEU D 805 -27.38 -7.53 -17.39
CA LEU D 805 -27.49 -6.38 -16.49
C LEU D 805 -26.37 -6.31 -15.45
N PRO D 806 -25.59 -5.22 -15.43
CA PRO D 806 -24.50 -5.09 -14.45
C PRO D 806 -24.89 -4.61 -13.06
N LEU D 807 -25.82 -3.65 -12.94
CA LEU D 807 -26.24 -3.14 -11.63
C LEU D 807 -27.75 -3.21 -11.37
N GLY D 808 -28.14 -4.10 -10.46
CA GLY D 808 -29.53 -4.31 -10.08
C GLY D 808 -30.15 -3.11 -9.36
N THR D 809 -31.44 -3.24 -9.03
CA THR D 809 -32.17 -2.18 -8.35
C THR D 809 -31.97 -2.18 -6.83
N VAL D 810 -31.90 -3.36 -6.20
CA VAL D 810 -31.71 -3.36 -4.75
C VAL D 810 -30.29 -3.02 -4.38
N THR D 811 -29.42 -2.90 -5.36
CA THR D 811 -28.03 -2.58 -5.09
C THR D 811 -27.90 -1.07 -5.19
N ILE D 812 -28.61 -0.50 -6.16
CA ILE D 812 -28.53 0.94 -6.33
C ILE D 812 -29.12 1.51 -5.05
N LEU D 813 -30.18 0.85 -4.54
CA LEU D 813 -30.80 1.33 -3.32
C LEU D 813 -29.84 1.14 -2.15
N CYS D 814 -29.03 0.07 -2.17
CA CYS D 814 -28.11 -0.12 -1.05
C CYS D 814 -26.95 0.87 -1.11
N ILE D 815 -26.74 1.51 -2.25
CA ILE D 815 -25.65 2.48 -2.40
C ILE D 815 -26.12 3.92 -2.13
N ASP D 816 -27.26 4.30 -2.69
CA ASP D 816 -27.81 5.64 -2.49
C ASP D 816 -28.29 5.91 -1.07
N LEU D 817 -29.20 5.07 -0.58
CA LEU D 817 -29.79 5.15 0.76
C LEU D 817 -29.01 4.50 1.87
N GLY D 818 -27.93 3.78 1.60
CA GLY D 818 -27.20 3.18 2.70
C GLY D 818 -25.84 3.77 2.95
N THR D 819 -24.79 3.01 2.61
CA THR D 819 -23.39 3.40 2.78
C THR D 819 -23.11 4.89 2.60
N ASP D 820 -23.51 5.43 1.45
CA ASP D 820 -23.34 6.84 1.08
C ASP D 820 -23.81 7.88 2.09
N MET D 821 -24.91 7.62 2.82
CA MET D 821 -25.41 8.57 3.81
C MET D 821 -24.41 9.04 4.87
N VAL D 822 -23.77 8.13 5.62
CA VAL D 822 -22.81 8.57 6.64
C VAL D 822 -21.68 9.44 6.09
N PRO D 823 -21.01 9.09 4.99
CA PRO D 823 -19.93 9.97 4.50
C PRO D 823 -20.40 11.35 4.10
N ALA D 824 -21.51 11.42 3.38
CA ALA D 824 -22.04 12.71 2.96
C ALA D 824 -22.39 13.56 4.16
N ILE D 825 -22.87 12.93 5.24
CA ILE D 825 -23.23 13.67 6.44
C ILE D 825 -21.96 14.17 7.12
N SER D 826 -20.91 13.35 7.09
CA SER D 826 -19.63 13.71 7.70
C SER D 826 -18.97 14.88 6.99
N LEU D 827 -19.16 15.02 5.68
CA LEU D 827 -18.53 16.13 4.96
C LEU D 827 -18.91 17.51 5.52
N ALA D 828 -19.88 17.59 6.43
CA ALA D 828 -20.27 18.88 7.01
C ALA D 828 -19.30 19.35 8.08
N TYR D 829 -18.73 18.43 8.84
CA TYR D 829 -17.77 18.67 9.92
C TYR D 829 -16.41 19.16 9.43
N GLU D 830 -16.27 19.53 8.16
CA GLU D 830 -14.98 20.00 7.65
C GLU D 830 -14.70 21.44 8.05
N GLN D 831 -13.48 21.67 8.54
CA GLN D 831 -13.03 22.98 8.97
C GLN D 831 -12.64 23.82 7.76
N ALA D 832 -12.34 25.08 8.03
CA ALA D 832 -11.96 25.99 6.97
C ALA D 832 -10.58 25.65 6.41
N GLU D 833 -10.33 26.13 5.19
CA GLU D 833 -9.08 25.91 4.47
C GLU D 833 -8.22 27.16 4.54
N SER D 834 -8.85 28.31 4.33
CA SER D 834 -8.26 29.64 4.34
C SER D 834 -9.12 30.45 5.31
N ASP D 835 -8.78 31.70 5.53
CA ASP D 835 -9.59 32.49 6.45
C ASP D 835 -10.93 32.81 5.78
N ILE D 836 -12.04 32.37 6.39
CA ILE D 836 -13.33 32.65 5.77
C ILE D 836 -13.79 34.06 6.11
N MET D 837 -13.38 34.58 7.27
CA MET D 837 -13.74 35.91 7.71
C MET D 837 -12.89 36.99 7.04
N LYS D 838 -12.26 36.65 5.91
CA LYS D 838 -11.41 37.57 5.15
C LYS D 838 -11.88 37.80 3.73
N ARG D 839 -12.40 36.79 3.04
CA ARG D 839 -12.86 36.97 1.67
C ARG D 839 -14.12 37.82 1.63
N GLN D 840 -14.32 38.45 0.47
CA GLN D 840 -15.47 39.30 0.24
C GLN D 840 -16.74 38.48 0.12
N PRO D 841 -17.92 39.09 0.35
CA PRO D 841 -19.16 38.33 0.24
C PRO D 841 -19.37 37.78 -1.17
N ARG D 842 -19.93 36.58 -1.23
CA ARG D 842 -20.18 35.93 -2.51
C ARG D 842 -21.17 36.73 -3.36
N ASN D 843 -20.89 36.82 -4.65
CA ASN D 843 -21.78 37.56 -5.53
C ASN D 843 -22.98 36.67 -5.82
N PRO D 844 -24.21 37.17 -5.66
CA PRO D 844 -25.37 36.33 -5.94
C PRO D 844 -25.66 36.11 -7.41
N LYS D 845 -25.38 37.10 -8.26
CA LYS D 845 -25.63 36.96 -9.69
C LYS D 845 -24.57 36.14 -10.44
N THR D 846 -23.42 35.84 -9.84
CA THR D 846 -22.44 35.05 -10.59
C THR D 846 -21.97 33.77 -9.89
N ASP D 847 -21.60 33.83 -8.63
CA ASP D 847 -21.14 32.63 -7.92
C ASP D 847 -22.35 31.90 -7.33
N LYS D 848 -22.70 30.77 -7.94
CA LYS D 848 -23.81 29.92 -7.55
C LYS D 848 -23.34 28.79 -6.63
N LEU D 849 -24.27 27.91 -6.29
CA LEU D 849 -24.01 26.77 -5.43
C LEU D 849 -23.65 25.54 -6.25
N VAL D 850 -24.31 25.36 -7.39
CA VAL D 850 -24.07 24.23 -8.29
C VAL D 850 -23.87 24.81 -9.69
N ASN D 851 -22.62 24.90 -10.13
CA ASN D 851 -22.29 25.43 -11.44
C ASN D 851 -21.92 24.28 -12.38
N GLU D 852 -21.49 24.64 -13.60
CA GLU D 852 -21.12 23.62 -14.57
C GLU D 852 -19.77 23.02 -14.26
N ARG D 853 -18.98 23.71 -13.41
CA ARG D 853 -17.67 23.21 -13.04
C ARG D 853 -17.79 21.96 -12.18
N LEU D 854 -18.90 21.84 -11.46
CA LEU D 854 -19.11 20.68 -10.60
C LEU D 854 -19.54 19.51 -11.47
N ILE D 855 -20.54 19.76 -12.32
CA ILE D 855 -21.07 18.75 -13.24
C ILE D 855 -19.94 18.16 -14.07
N SER D 856 -18.99 19.00 -14.48
CA SER D 856 -17.88 18.51 -15.29
C SER D 856 -17.00 17.53 -14.51
N MET D 857 -17.00 17.63 -13.18
CA MET D 857 -16.20 16.76 -12.33
C MET D 857 -16.93 15.47 -11.94
N ALA D 858 -18.08 15.61 -11.27
CA ALA D 858 -18.86 14.45 -10.85
C ALA D 858 -19.37 13.63 -12.02
N TYR D 859 -20.15 14.25 -12.91
CA TYR D 859 -20.68 13.53 -14.07
C TYR D 859 -19.66 13.28 -15.16
N GLY D 860 -18.67 14.16 -15.30
CA GLY D 860 -17.65 13.99 -16.31
C GLY D 860 -16.33 13.28 -16.12
N GLN D 861 -15.64 13.51 -15.00
CA GLN D 861 -14.36 12.85 -14.76
C GLN D 861 -14.29 11.78 -13.69
N ILE D 862 -14.75 12.04 -12.46
CA ILE D 862 -14.70 11.02 -11.42
C ILE D 862 -15.73 9.91 -11.64
N GLY D 863 -16.99 10.27 -11.90
CA GLY D 863 -18.00 9.26 -12.11
C GLY D 863 -17.67 8.32 -13.25
N MET D 864 -16.98 8.84 -14.28
CA MET D 864 -16.63 8.01 -15.43
C MET D 864 -15.65 6.92 -15.00
N ILE D 865 -14.64 7.30 -14.21
CA ILE D 865 -13.65 6.32 -13.75
C ILE D 865 -14.33 5.29 -12.87
N GLN D 866 -15.25 5.73 -12.01
CA GLN D 866 -15.93 4.77 -11.14
C GLN D 866 -16.74 3.78 -11.97
N ALA D 867 -17.37 4.26 -13.05
CA ALA D 867 -18.16 3.37 -13.88
C ALA D 867 -17.26 2.36 -14.58
N LEU D 868 -16.08 2.81 -15.03
CA LEU D 868 -15.17 1.89 -15.70
C LEU D 868 -14.70 0.82 -14.72
N GLY D 869 -14.45 1.21 -13.46
CA GLY D 869 -14.00 0.22 -12.49
C GLY D 869 -15.08 -0.82 -12.25
N GLY D 870 -16.34 -0.36 -12.18
CA GLY D 870 -17.42 -1.30 -11.96
C GLY D 870 -17.52 -2.30 -13.11
N PHE D 871 -17.43 -1.80 -14.35
CA PHE D 871 -17.51 -2.69 -15.50
C PHE D 871 -16.33 -3.65 -15.50
N PHE D 872 -15.20 -3.22 -14.96
CA PHE D 872 -14.03 -4.08 -14.92
C PHE D 872 -14.30 -5.27 -14.01
N SER D 873 -14.76 -5.00 -12.80
CA SER D 873 -15.05 -6.09 -11.86
C SER D 873 -16.10 -7.02 -12.47
N TYR D 874 -17.04 -6.43 -13.21
CA TYR D 874 -18.11 -7.17 -13.86
C TYR D 874 -17.52 -8.21 -14.81
N PHE D 875 -16.84 -7.71 -15.85
CA PHE D 875 -16.22 -8.61 -16.83
C PHE D 875 -15.33 -9.64 -16.17
N VAL D 876 -14.68 -9.29 -15.05
CA VAL D 876 -13.81 -10.28 -14.39
C VAL D 876 -14.65 -11.43 -13.85
N ILE D 877 -15.75 -11.10 -13.15
CA ILE D 877 -16.61 -12.15 -12.60
C ILE D 877 -17.15 -13.04 -13.71
N LEU D 878 -17.60 -12.45 -14.82
CA LEU D 878 -18.13 -13.30 -15.89
C LEU D 878 -17.03 -14.06 -16.65
N ALA D 879 -15.80 -13.56 -16.66
CA ALA D 879 -14.74 -14.26 -17.38
C ALA D 879 -14.21 -15.43 -16.58
N GLU D 880 -14.24 -15.33 -15.24
CA GLU D 880 -13.74 -16.43 -14.42
C GLU D 880 -14.70 -17.61 -14.39
N ASN D 881 -16.00 -17.36 -14.57
CA ASN D 881 -16.97 -18.45 -14.55
C ASN D 881 -17.20 -19.10 -15.91
N GLY D 882 -16.64 -18.56 -16.99
CA GLY D 882 -16.86 -19.17 -18.29
C GLY D 882 -17.40 -18.32 -19.42
N PHE D 883 -17.85 -17.10 -19.13
CA PHE D 883 -18.40 -16.21 -20.16
C PHE D 883 -17.38 -15.12 -20.51
N LEU D 884 -16.63 -15.35 -21.58
CA LEU D 884 -15.62 -14.40 -22.02
C LEU D 884 -16.26 -13.15 -22.62
N PRO D 885 -15.54 -12.02 -22.63
CA PRO D 885 -16.11 -10.78 -23.19
C PRO D 885 -16.57 -10.84 -24.64
N MET D 886 -16.00 -11.72 -25.47
CA MET D 886 -16.46 -11.76 -26.87
C MET D 886 -17.83 -12.40 -27.02
N ASP D 887 -18.18 -13.34 -26.16
CA ASP D 887 -19.49 -14.01 -26.23
C ASP D 887 -20.60 -13.32 -25.44
N LEU D 888 -20.32 -12.24 -24.71
CA LEU D 888 -21.38 -11.59 -23.95
C LEU D 888 -22.21 -10.62 -24.79
N ILE D 889 -21.63 -10.03 -25.84
CA ILE D 889 -22.34 -9.09 -26.69
C ILE D 889 -23.36 -9.83 -27.56
N GLY D 890 -24.66 -9.58 -27.34
CA GLY D 890 -25.68 -10.25 -28.13
C GLY D 890 -26.40 -11.39 -27.44
N LYS D 891 -26.22 -11.54 -26.13
CA LYS D 891 -26.85 -12.61 -25.37
C LYS D 891 -28.10 -12.25 -24.55
N ARG D 892 -28.33 -10.99 -24.16
CA ARG D 892 -29.52 -10.66 -23.38
C ARG D 892 -30.85 -11.31 -23.78
N VAL D 893 -31.09 -11.54 -25.09
CA VAL D 893 -32.36 -12.17 -25.46
C VAL D 893 -32.43 -13.58 -24.90
N ARG D 894 -31.34 -14.32 -24.95
CA ARG D 894 -31.38 -15.68 -24.43
C ARG D 894 -30.96 -15.70 -22.97
N TRP D 895 -30.18 -14.71 -22.54
CA TRP D 895 -29.73 -14.67 -21.16
C TRP D 895 -30.90 -14.39 -20.24
N ASP D 896 -31.91 -13.70 -20.76
CA ASP D 896 -33.09 -13.36 -19.98
C ASP D 896 -34.18 -14.41 -20.13
N ASP D 897 -34.42 -14.90 -21.35
CA ASP D 897 -35.45 -15.92 -21.59
C ASP D 897 -35.48 -16.89 -20.43
N ARG D 898 -36.67 -17.12 -19.90
CA ARG D 898 -36.87 -18.03 -18.78
C ARG D 898 -37.07 -19.49 -19.18
N TRP D 899 -37.19 -19.80 -20.47
CA TRP D 899 -37.38 -21.18 -20.89
C TRP D 899 -36.22 -21.81 -21.66
N ILE D 900 -35.02 -21.23 -21.61
CA ILE D 900 -33.88 -21.79 -22.34
C ILE D 900 -32.93 -22.37 -21.29
N SER D 901 -33.04 -23.68 -21.05
CA SER D 901 -32.20 -24.35 -20.06
C SER D 901 -30.89 -24.88 -20.65
N ASP D 902 -30.37 -24.25 -21.72
CA ASP D 902 -29.11 -24.71 -22.33
C ASP D 902 -28.46 -23.53 -23.04
N VAL D 903 -27.70 -22.74 -22.28
CA VAL D 903 -27.01 -21.57 -22.82
C VAL D 903 -25.52 -21.88 -22.86
N GLU D 904 -24.99 -22.00 -24.07
CA GLU D 904 -23.58 -22.29 -24.27
C GLU D 904 -22.70 -21.09 -23.95
N ASP D 905 -21.60 -21.33 -23.24
CA ASP D 905 -20.68 -20.28 -22.87
C ASP D 905 -19.47 -20.36 -23.80
N SER D 906 -18.45 -19.53 -23.53
CA SER D 906 -17.25 -19.52 -24.36
C SER D 906 -16.50 -20.86 -24.38
N PHE D 907 -16.73 -21.75 -23.42
CA PHE D 907 -16.03 -23.03 -23.41
C PHE D 907 -16.89 -24.21 -23.86
N GLY D 908 -18.18 -24.01 -24.08
CA GLY D 908 -19.06 -25.08 -24.51
C GLY D 908 -19.95 -25.68 -23.45
N GLN D 909 -19.91 -25.17 -22.22
CA GLN D 909 -20.74 -25.70 -21.15
C GLN D 909 -22.18 -25.21 -21.30
N GLN D 910 -23.12 -26.00 -20.79
CA GLN D 910 -24.55 -25.69 -20.85
C GLN D 910 -25.01 -25.22 -19.48
N TRP D 911 -25.50 -23.98 -19.41
CA TRP D 911 -25.98 -23.35 -18.19
C TRP D 911 -27.50 -23.17 -18.12
N THR D 912 -28.11 -23.66 -17.04
CA THR D 912 -29.56 -23.52 -16.91
C THR D 912 -29.87 -22.04 -16.62
N TYR D 913 -31.15 -21.70 -16.60
CA TYR D 913 -31.57 -20.31 -16.33
C TYR D 913 -31.19 -19.81 -14.92
N GLU D 914 -31.59 -20.54 -13.88
CA GLU D 914 -31.26 -20.10 -12.52
C GLU D 914 -29.75 -20.06 -12.26
N GLN D 915 -28.98 -20.93 -12.92
CA GLN D 915 -27.54 -20.93 -12.69
C GLN D 915 -26.92 -19.65 -13.23
N ARG D 916 -27.33 -19.20 -14.43
CA ARG D 916 -26.74 -17.98 -14.96
C ARG D 916 -27.24 -16.76 -14.17
N LYS D 917 -28.46 -16.86 -13.62
CA LYS D 917 -28.97 -15.72 -12.87
C LYS D 917 -28.19 -15.55 -11.58
N ILE D 918 -27.76 -16.65 -10.96
CA ILE D 918 -27.01 -16.53 -9.71
C ILE D 918 -25.71 -15.76 -9.97
N VAL D 919 -25.08 -16.01 -11.12
CA VAL D 919 -23.84 -15.31 -11.44
C VAL D 919 -24.12 -13.84 -11.68
N GLU D 920 -25.25 -13.52 -12.34
CA GLU D 920 -25.53 -12.10 -12.59
C GLU D 920 -25.71 -11.38 -11.26
N PHE D 921 -26.34 -12.05 -10.29
CA PHE D 921 -26.54 -11.40 -9.00
C PHE D 921 -25.21 -11.21 -8.30
N THR D 922 -24.32 -12.21 -8.41
CA THR D 922 -23.03 -12.05 -7.75
C THR D 922 -22.27 -10.90 -8.41
N CYS D 923 -22.61 -10.60 -9.67
CA CYS D 923 -21.94 -9.51 -10.36
C CYS D 923 -22.49 -8.20 -9.86
N HIS D 924 -23.72 -8.23 -9.34
CA HIS D 924 -24.31 -6.99 -8.85
C HIS D 924 -23.65 -6.68 -7.51
N THR D 925 -23.46 -7.74 -6.71
CA THR D 925 -22.85 -7.57 -5.40
C THR D 925 -21.44 -7.01 -5.55
N SER D 926 -20.65 -7.57 -6.47
CA SER D 926 -19.30 -7.05 -6.63
C SER D 926 -19.33 -5.64 -7.23
N PHE D 927 -20.34 -5.32 -8.05
CA PHE D 927 -20.38 -3.98 -8.63
C PHE D 927 -20.58 -2.96 -7.51
N PHE D 928 -21.47 -3.30 -6.57
CA PHE D 928 -21.77 -2.43 -5.44
C PHE D 928 -20.54 -2.26 -4.56
N ILE D 929 -19.77 -3.34 -4.41
CA ILE D 929 -18.58 -3.23 -3.58
C ILE D 929 -17.54 -2.38 -4.30
N SER D 930 -17.53 -2.44 -5.64
CA SER D 930 -16.56 -1.64 -6.38
C SER D 930 -16.91 -0.17 -6.18
N ILE D 931 -18.22 0.10 -6.13
CA ILE D 931 -18.68 1.47 -5.94
C ILE D 931 -18.14 1.99 -4.61
N VAL D 932 -18.24 1.18 -3.56
CA VAL D 932 -17.73 1.61 -2.25
C VAL D 932 -16.22 1.86 -2.31
N VAL D 933 -15.49 0.97 -2.99
CA VAL D 933 -14.04 1.13 -3.09
C VAL D 933 -13.68 2.45 -3.77
N VAL D 934 -14.39 2.80 -4.86
CA VAL D 934 -14.05 4.06 -5.51
C VAL D 934 -14.57 5.24 -4.70
N GLN D 935 -15.60 5.00 -3.87
CA GLN D 935 -16.11 6.10 -3.08
C GLN D 935 -15.11 6.49 -2.02
N TRP D 936 -14.20 5.57 -1.67
CA TRP D 936 -13.21 5.90 -0.66
C TRP D 936 -12.40 7.11 -1.15
N ALA D 937 -11.80 6.96 -2.34
CA ALA D 937 -11.00 8.02 -2.92
C ALA D 937 -11.87 9.21 -3.28
N ASP D 938 -13.18 9.01 -3.50
CA ASP D 938 -13.98 10.17 -3.85
C ASP D 938 -14.24 11.00 -2.59
N LEU D 939 -14.42 10.34 -1.45
CA LEU D 939 -14.68 11.05 -0.21
C LEU D 939 -13.42 11.77 0.24
N ILE D 940 -12.27 11.23 -0.17
CA ILE D 940 -11.02 11.86 0.24
C ILE D 940 -10.72 13.04 -0.68
N ILE D 941 -11.05 12.91 -1.98
CA ILE D 941 -10.75 14.04 -2.86
C ILE D 941 -11.83 15.10 -2.71
N CYS D 942 -12.96 14.76 -2.08
CA CYS D 942 -14.04 15.71 -1.88
C CYS D 942 -13.89 16.41 -0.56
N LYS D 943 -13.04 15.86 0.32
CA LYS D 943 -12.82 16.47 1.63
C LYS D 943 -12.34 17.90 1.48
N THR D 944 -11.38 18.14 0.57
CA THR D 944 -10.82 19.46 0.31
C THR D 944 -11.10 19.86 -1.14
N ARG D 945 -11.37 21.14 -1.35
CA ARG D 945 -11.65 21.63 -2.70
C ARG D 945 -10.43 22.20 -3.39
N ARG D 946 -9.50 22.79 -2.64
CA ARG D 946 -8.28 23.36 -3.22
C ARG D 946 -7.03 22.79 -2.56
N ASN D 947 -6.92 22.97 -1.25
CA ASN D 947 -5.79 22.50 -0.44
C ASN D 947 -5.49 21.00 -0.63
N SER D 948 -4.32 20.57 -0.17
CA SER D 948 -3.91 19.19 -0.28
C SER D 948 -4.27 18.42 1.00
N ILE D 949 -4.26 17.08 0.88
CA ILE D 949 -4.58 16.27 2.04
C ILE D 949 -3.45 16.31 3.06
N PHE D 950 -2.20 16.40 2.60
CA PHE D 950 -1.08 16.46 3.52
C PHE D 950 -0.96 17.79 4.23
N GLN D 951 -1.85 18.74 3.94
CA GLN D 951 -1.84 20.06 4.57
C GLN D 951 -2.99 20.10 5.57
N GLN D 952 -4.24 20.08 5.09
CA GLN D 952 -5.42 20.11 5.95
C GLN D 952 -5.24 19.06 7.03
N GLY D 953 -5.30 17.79 6.64
CA GLY D 953 -5.17 16.67 7.54
C GLY D 953 -6.47 15.93 7.78
N MET D 954 -6.31 14.66 8.16
CA MET D 954 -7.45 13.77 8.43
C MET D 954 -7.79 13.82 9.91
N LYS D 955 -8.14 15.01 10.36
CA LYS D 955 -8.49 15.23 11.75
C LYS D 955 -9.99 15.06 11.99
N ASN D 956 -10.76 14.87 10.92
CA ASN D 956 -12.20 14.68 10.98
C ASN D 956 -12.46 13.21 11.33
N LYS D 957 -12.80 12.96 12.60
CA LYS D 957 -13.06 11.59 13.05
C LYS D 957 -14.32 11.00 12.42
N ILE D 958 -15.31 11.84 12.11
CA ILE D 958 -16.55 11.34 11.52
C ILE D 958 -16.28 10.74 10.14
N LEU D 959 -15.44 11.39 9.33
CA LEU D 959 -15.16 10.85 8.00
C LEU D 959 -14.49 9.47 8.10
N ILE D 960 -13.58 9.32 9.06
CA ILE D 960 -12.89 8.04 9.24
C ILE D 960 -13.92 6.98 9.62
N PHE D 961 -14.85 7.36 10.49
CA PHE D 961 -15.88 6.42 10.91
C PHE D 961 -16.78 6.08 9.74
N GLY D 962 -16.98 7.04 8.84
CA GLY D 962 -17.81 6.80 7.68
C GLY D 962 -17.20 5.74 6.80
N LEU D 963 -15.90 5.84 6.55
CA LEU D 963 -15.23 4.86 5.70
C LEU D 963 -15.32 3.46 6.31
N PHE D 964 -14.99 3.36 7.60
CA PHE D 964 -15.05 2.07 8.28
C PHE D 964 -16.44 1.45 8.23
N GLU D 965 -17.47 2.24 8.54
CA GLU D 965 -18.84 1.73 8.51
C GLU D 965 -19.26 1.37 7.09
N GLU D 966 -18.88 2.19 6.12
CA GLU D 966 -19.22 1.94 4.73
C GLU D 966 -18.71 0.59 4.28
N THR D 967 -17.54 0.19 4.79
CA THR D 967 -16.99 -1.11 4.37
C THR D 967 -17.66 -2.24 5.13
N ALA D 968 -17.90 -2.06 6.44
CA ALA D 968 -18.53 -3.09 7.24
C ALA D 968 -19.93 -3.42 6.73
N LEU D 969 -20.67 -2.41 6.26
CA LEU D 969 -22.02 -2.67 5.76
C LEU D 969 -22.00 -3.52 4.50
N ALA D 970 -21.07 -3.24 3.58
CA ALA D 970 -21.01 -4.03 2.34
C ALA D 970 -20.65 -5.48 2.65
N ALA D 971 -19.72 -5.68 3.58
CA ALA D 971 -19.34 -7.06 3.91
C ALA D 971 -20.50 -7.76 4.58
N PHE D 972 -21.25 -7.04 5.41
CA PHE D 972 -22.38 -7.64 6.10
C PHE D 972 -23.48 -8.04 5.12
N LEU D 973 -23.80 -7.15 4.17
CA LEU D 973 -24.84 -7.47 3.21
C LEU D 973 -24.45 -8.64 2.32
N SER D 974 -23.15 -8.87 2.13
CA SER D 974 -22.84 -10.02 1.27
C SER D 974 -22.66 -11.35 1.99
N TYR D 975 -21.93 -11.38 3.11
CA TYR D 975 -21.68 -12.59 3.90
C TYR D 975 -22.77 -13.07 4.86
N CYS D 976 -23.79 -12.31 5.20
CA CYS D 976 -24.80 -12.85 6.12
C CYS D 976 -25.71 -13.88 5.47
N PRO D 977 -25.93 -15.04 6.09
CA PRO D 977 -26.80 -16.06 5.53
C PRO D 977 -28.22 -15.56 5.28
N GLY D 978 -28.84 -16.08 4.24
CA GLY D 978 -30.19 -15.69 3.88
C GLY D 978 -30.31 -14.39 3.15
N THR D 979 -29.22 -13.85 2.62
CA THR D 979 -29.28 -12.60 1.90
C THR D 979 -29.57 -12.86 0.44
N ASP D 980 -29.09 -13.99 -0.08
CA ASP D 980 -29.30 -14.35 -1.47
C ASP D 980 -30.75 -14.74 -1.69
N VAL D 981 -31.50 -14.83 -0.59
CA VAL D 981 -32.90 -15.18 -0.59
C VAL D 981 -33.75 -13.93 -0.41
N ALA D 982 -33.37 -13.11 0.56
CA ALA D 982 -34.07 -11.87 0.88
C ALA D 982 -33.71 -10.71 -0.07
N LEU D 983 -32.43 -10.33 -0.14
CA LEU D 983 -32.00 -9.25 -1.02
C LEU D 983 -31.32 -9.67 -2.32
N ARG D 984 -31.00 -10.95 -2.51
CA ARG D 984 -30.34 -11.43 -3.73
C ARG D 984 -28.90 -10.94 -3.90
N MET D 985 -28.07 -11.18 -2.89
CA MET D 985 -26.66 -10.78 -2.89
C MET D 985 -25.91 -12.02 -2.42
N TYR D 986 -25.08 -12.58 -3.30
CA TYR D 986 -24.29 -13.76 -3.01
C TYR D 986 -22.88 -13.44 -2.53
N PRO D 987 -22.27 -14.37 -1.80
CA PRO D 987 -20.91 -14.15 -1.30
C PRO D 987 -19.90 -14.02 -2.41
N LEU D 988 -18.83 -13.28 -2.14
CA LEU D 988 -17.74 -13.05 -3.07
C LEU D 988 -16.49 -13.80 -2.68
N LYS D 989 -15.72 -14.14 -3.67
CA LYS D 989 -14.48 -14.86 -3.49
C LYS D 989 -13.39 -13.81 -3.23
N PRO D 990 -12.63 -13.94 -2.14
CA PRO D 990 -11.56 -12.97 -1.83
C PRO D 990 -10.67 -12.40 -2.92
N SER D 991 -10.65 -12.94 -4.13
CA SER D 991 -9.77 -12.34 -5.12
C SER D 991 -10.47 -11.22 -5.89
N TRP D 992 -11.80 -11.20 -5.88
CA TRP D 992 -12.57 -10.16 -6.59
C TRP D 992 -12.47 -8.80 -5.91
N TRP D 993 -12.65 -8.74 -4.58
CA TRP D 993 -12.57 -7.47 -3.84
C TRP D 993 -11.43 -6.54 -4.21
N PHE D 994 -10.42 -7.03 -4.93
CA PHE D 994 -9.28 -6.21 -5.33
C PHE D 994 -9.32 -5.74 -6.79
N CYS D 995 -10.49 -5.83 -7.45
CA CYS D 995 -10.54 -5.39 -8.84
C CYS D 995 -10.76 -3.88 -9.00
N ALA D 996 -11.22 -3.19 -7.94
CA ALA D 996 -11.46 -1.75 -7.99
C ALA D 996 -10.34 -0.90 -7.37
N PHE D 997 -9.39 -1.51 -6.67
CA PHE D 997 -8.30 -0.77 -6.05
C PHE D 997 -7.48 0.14 -6.99
N PRO D 998 -7.01 -0.32 -8.16
CA PRO D 998 -6.24 0.59 -9.02
C PRO D 998 -7.01 1.82 -9.46
N TYR D 999 -8.30 1.67 -9.77
CA TYR D 999 -9.09 2.80 -10.20
C TYR D 999 -9.16 3.84 -9.08
N SER D 1000 -9.29 3.38 -7.84
CA SER D 1000 -9.38 4.29 -6.70
C SER D 1000 -8.07 5.07 -6.54
N LEU D 1001 -6.93 4.36 -6.58
CA LEU D 1001 -5.67 5.09 -6.44
C LEU D 1001 -5.52 6.11 -7.57
N ILE D 1002 -5.93 5.73 -8.78
CA ILE D 1002 -5.82 6.65 -9.90
C ILE D 1002 -6.67 7.89 -9.67
N ILE D 1003 -7.88 7.70 -9.11
CA ILE D 1003 -8.76 8.84 -8.85
C ILE D 1003 -8.06 9.79 -7.88
N PHE D 1004 -7.42 9.21 -6.86
CA PHE D 1004 -6.72 10.00 -5.86
C PHE D 1004 -5.56 10.78 -6.47
N LEU D 1005 -4.76 10.14 -7.33
CA LEU D 1005 -3.63 10.83 -7.95
C LEU D 1005 -4.10 11.92 -8.91
N TYR D 1006 -5.14 11.64 -9.69
CA TYR D 1006 -5.63 12.64 -10.63
C TYR D 1006 -6.12 13.88 -9.89
N ASP D 1007 -6.98 13.69 -8.89
CA ASP D 1007 -7.48 14.86 -8.16
C ASP D 1007 -6.34 15.55 -7.41
N GLU D 1008 -5.32 14.80 -6.99
CA GLU D 1008 -4.23 15.46 -6.26
C GLU D 1008 -3.48 16.39 -7.20
N MET D 1009 -3.19 15.92 -8.42
CA MET D 1009 -2.46 16.81 -9.32
C MET D 1009 -3.38 17.95 -9.76
N ARG D 1010 -4.70 17.71 -9.73
CA ARG D 1010 -5.66 18.74 -10.13
C ARG D 1010 -5.58 19.90 -9.16
N ARG D 1011 -5.70 19.59 -7.86
CA ARG D 1011 -5.66 20.55 -6.76
C ARG D 1011 -4.26 21.13 -6.54
N PHE D 1012 -3.37 20.96 -7.51
CA PHE D 1012 -2.00 21.45 -7.43
C PHE D 1012 -1.74 22.59 -8.40
N ILE D 1013 -2.21 22.44 -9.64
CA ILE D 1013 -2.00 23.49 -10.62
C ILE D 1013 -2.85 24.69 -10.24
N ILE D 1014 -3.96 24.45 -9.54
CA ILE D 1014 -4.84 25.53 -9.12
C ILE D 1014 -4.09 26.42 -8.13
N ARG D 1015 -3.33 25.80 -7.25
CA ARG D 1015 -2.57 26.52 -6.24
C ARG D 1015 -1.42 27.28 -6.89
N ARG D 1016 -0.55 26.56 -7.63
CA ARG D 1016 0.58 27.23 -8.27
C ARG D 1016 0.15 28.21 -9.35
N SER D 1017 -0.89 27.89 -10.12
CA SER D 1017 -1.39 28.77 -11.19
C SER D 1017 -2.76 29.37 -10.86
N PRO D 1018 -2.82 30.51 -10.18
CA PRO D 1018 -4.11 31.13 -9.85
C PRO D 1018 -4.72 31.87 -11.04
N GLY D 1019 -5.95 31.51 -11.38
CA GLY D 1019 -6.68 32.09 -12.49
C GLY D 1019 -6.53 31.36 -13.79
N GLY D 1020 -5.76 30.28 -13.83
CA GLY D 1020 -5.55 29.51 -15.03
C GLY D 1020 -6.72 28.62 -15.43
N TRP D 1021 -6.49 27.88 -16.51
CA TRP D 1021 -7.46 26.95 -17.08
C TRP D 1021 -8.06 25.97 -16.08
N VAL D 1022 -7.21 25.32 -15.29
CA VAL D 1022 -7.73 24.36 -14.31
C VAL D 1022 -8.65 25.04 -13.30
N GLU D 1023 -8.47 26.34 -13.06
CA GLU D 1023 -9.34 27.03 -12.10
C GLU D 1023 -10.69 27.41 -12.72
N GLN D 1024 -10.68 28.07 -13.87
CA GLN D 1024 -11.96 28.43 -14.45
C GLN D 1024 -12.66 27.27 -15.15
N GLU D 1025 -12.09 26.06 -15.08
CA GLU D 1025 -12.68 24.90 -15.70
C GLU D 1025 -13.07 23.81 -14.70
N THR D 1026 -12.27 23.59 -13.64
CA THR D 1026 -12.57 22.58 -12.63
C THR D 1026 -12.75 23.06 -11.19
N TYR D 1027 -12.64 24.36 -10.90
CA TYR D 1027 -12.80 24.88 -9.53
C TYR D 1027 -14.25 25.20 -9.13
N TYR D 1028 -14.99 24.15 -8.74
CA TYR D 1028 -16.40 24.21 -8.31
C TYR D 1028 -17.05 25.58 -8.21
N GLY E 12 -31.03 37.31 -21.73
CA GLY E 12 -30.82 35.93 -21.32
C GLY E 12 -30.95 34.94 -22.46
N TRP E 13 -32.19 34.57 -22.76
CA TRP E 13 -32.50 33.63 -23.83
C TRP E 13 -31.69 33.85 -25.11
N LYS E 14 -31.72 35.08 -25.62
CA LYS E 14 -31.01 35.45 -26.84
C LYS E 14 -29.50 35.66 -26.64
N LYS E 15 -29.10 36.42 -25.62
CA LYS E 15 -27.68 36.67 -25.37
C LYS E 15 -26.87 35.40 -25.14
N PHE E 16 -27.21 34.59 -24.13
CA PHE E 16 -26.43 33.37 -23.91
C PHE E 16 -26.35 32.45 -25.12
N LEU E 17 -26.95 32.86 -26.24
CA LEU E 17 -26.94 32.08 -27.47
C LEU E 17 -26.01 32.69 -28.49
N TRP E 18 -26.00 34.02 -28.57
CA TRP E 18 -25.15 34.73 -29.52
C TRP E 18 -25.13 36.23 -29.27
N ASP E 19 -23.99 36.74 -28.84
CA ASP E 19 -23.79 38.15 -28.55
C ASP E 19 -22.86 38.62 -29.66
N SER E 20 -22.90 39.89 -30.03
CA SER E 20 -21.99 40.32 -31.08
C SER E 20 -20.88 41.26 -30.64
N GLU E 21 -20.65 41.43 -29.36
CA GLU E 21 -19.57 42.34 -28.98
C GLU E 21 -18.33 41.49 -28.71
N LYS E 22 -18.50 40.44 -27.92
CA LYS E 22 -17.41 39.53 -27.56
C LYS E 22 -17.29 38.39 -28.58
N LYS E 23 -18.17 38.36 -29.58
CA LYS E 23 -18.19 37.33 -30.63
C LYS E 23 -18.20 35.93 -30.03
N GLU E 24 -19.12 35.71 -29.09
CA GLU E 24 -19.31 34.47 -28.37
C GLU E 24 -20.54 33.67 -28.80
N PHE E 25 -20.41 32.35 -28.80
CA PHE E 25 -21.48 31.44 -29.18
C PHE E 25 -21.64 30.48 -28.00
N LEU E 26 -22.85 30.46 -27.42
CA LEU E 26 -23.19 29.61 -26.28
C LEU E 26 -22.43 29.96 -25.00
N GLY E 27 -21.42 30.83 -25.09
CA GLY E 27 -20.68 31.21 -23.91
C GLY E 27 -19.21 31.48 -24.16
N ARG E 28 -18.62 30.70 -25.05
CA ARG E 28 -17.21 30.86 -25.38
C ARG E 28 -17.05 31.43 -26.79
N THR E 29 -15.79 31.65 -27.16
CA THR E 29 -15.41 32.19 -28.45
C THR E 29 -15.11 31.00 -29.35
N GLY E 30 -14.57 31.27 -30.53
CA GLY E 30 -14.26 30.17 -31.43
C GLY E 30 -13.20 29.23 -30.87
N SER E 31 -12.13 29.79 -30.34
CA SER E 31 -11.01 29.03 -29.74
C SER E 31 -11.30 28.23 -28.45
N SER E 32 -12.26 28.59 -27.60
CA SER E 32 -12.53 27.82 -26.36
C SER E 32 -13.14 26.41 -26.53
N TRP E 33 -14.26 26.28 -27.26
CA TRP E 33 -14.88 24.96 -27.44
C TRP E 33 -13.83 23.94 -27.86
N PHE E 34 -12.79 24.41 -28.55
CA PHE E 34 -11.72 23.54 -29.01
C PHE E 34 -10.87 23.07 -27.84
N LYS E 35 -10.56 23.98 -26.90
CA LYS E 35 -9.74 23.57 -25.77
C LYS E 35 -10.45 22.50 -24.95
N ILE E 36 -11.75 22.70 -24.73
CA ILE E 36 -12.50 21.70 -23.96
C ILE E 36 -12.64 20.38 -24.72
N PHE E 37 -12.98 20.44 -26.02
CA PHE E 37 -13.12 19.21 -26.79
C PHE E 37 -11.80 18.44 -26.85
N LEU E 38 -10.69 19.15 -27.07
CA LEU E 38 -9.40 18.48 -27.14
C LEU E 38 -9.05 17.84 -25.81
N PHE E 39 -9.34 18.54 -24.70
CA PHE E 39 -9.03 17.96 -23.40
C PHE E 39 -9.82 16.69 -23.17
N TYR E 40 -11.13 16.73 -23.43
CA TYR E 40 -11.94 15.54 -23.23
C TYR E 40 -11.52 14.41 -24.17
N LEU E 41 -11.09 14.73 -25.38
CA LEU E 41 -10.67 13.66 -26.28
C LEU E 41 -9.43 12.97 -25.74
N ILE E 42 -8.45 13.75 -25.26
CA ILE E 42 -7.24 13.15 -24.73
C ILE E 42 -7.53 12.37 -23.45
N PHE E 43 -8.36 12.94 -22.57
CA PHE E 43 -8.72 12.29 -21.32
C PHE E 43 -9.42 10.96 -21.56
N TYR E 44 -10.49 10.97 -22.36
CA TYR E 44 -11.21 9.73 -22.64
C TYR E 44 -10.32 8.74 -23.39
N GLY E 45 -9.38 9.23 -24.20
CA GLY E 45 -8.52 8.32 -24.92
C GLY E 45 -7.65 7.56 -23.95
N CYS E 46 -7.12 8.29 -22.95
CA CYS E 46 -6.26 7.65 -21.96
C CYS E 46 -7.08 6.65 -21.16
N LEU E 47 -8.33 7.03 -20.84
CA LEU E 47 -9.21 6.15 -20.08
C LEU E 47 -9.43 4.84 -20.83
N ALA E 48 -9.70 4.94 -22.13
CA ALA E 48 -9.92 3.76 -22.95
C ALA E 48 -8.67 2.88 -23.02
N GLY E 49 -7.51 3.50 -23.21
CA GLY E 49 -6.29 2.71 -23.29
C GLY E 49 -5.98 1.98 -21.99
N ILE E 50 -6.28 2.62 -20.86
CA ILE E 50 -6.02 1.99 -19.57
C ILE E 50 -6.96 0.79 -19.38
N PHE E 51 -8.25 1.00 -19.68
CA PHE E 51 -9.21 -0.09 -19.52
C PHE E 51 -8.83 -1.27 -20.41
N ILE E 52 -8.38 -0.98 -21.63
CA ILE E 52 -7.99 -2.04 -22.55
C ILE E 52 -6.77 -2.80 -22.02
N GLY E 53 -5.79 -2.08 -21.47
CA GLY E 53 -4.61 -2.77 -20.96
C GLY E 53 -4.98 -3.69 -19.81
N THR E 54 -5.85 -3.19 -18.91
CA THR E 54 -6.26 -4.02 -17.77
C THR E 54 -7.11 -5.18 -18.23
N ILE E 55 -7.64 -5.16 -19.45
CA ILE E 55 -8.47 -6.28 -19.88
C ILE E 55 -7.56 -7.29 -20.59
N GLN E 56 -6.45 -6.81 -21.17
CA GLN E 56 -5.54 -7.71 -21.85
C GLN E 56 -4.84 -8.58 -20.83
N VAL E 57 -4.44 -7.99 -19.69
CA VAL E 57 -3.75 -8.82 -18.70
C VAL E 57 -4.71 -9.92 -18.24
N LEU E 58 -6.02 -9.64 -18.33
CA LEU E 58 -7.02 -10.60 -17.92
C LEU E 58 -7.08 -11.71 -18.95
N LEU E 59 -6.89 -11.37 -20.22
CA LEU E 59 -6.95 -12.42 -21.22
C LEU E 59 -5.73 -13.31 -21.05
N LEU E 60 -4.64 -12.75 -20.54
CA LEU E 60 -3.42 -13.52 -20.34
C LEU E 60 -3.51 -14.39 -19.08
N THR E 61 -4.51 -14.14 -18.22
CA THR E 61 -4.68 -14.91 -16.99
C THR E 61 -5.51 -16.21 -17.10
N LEU E 62 -6.41 -16.33 -18.07
CA LEU E 62 -7.23 -17.52 -18.25
C LEU E 62 -6.73 -18.53 -19.29
N SER E 63 -7.13 -19.79 -19.09
CA SER E 63 -6.78 -20.91 -19.96
C SER E 63 -7.89 -21.17 -20.98
N ASP E 64 -7.47 -21.59 -22.18
CA ASP E 64 -8.37 -21.90 -23.29
C ASP E 64 -8.97 -23.30 -23.29
N PHE E 65 -8.47 -24.23 -22.49
CA PHE E 65 -9.02 -25.58 -22.47
C PHE E 65 -9.79 -25.93 -21.21
N GLU E 66 -9.98 -25.00 -20.27
CA GLU E 66 -10.72 -25.38 -19.09
C GLU E 66 -11.19 -24.20 -18.25
N PRO E 67 -12.43 -24.23 -17.76
CA PRO E 67 -12.92 -23.10 -16.94
C PRO E 67 -12.32 -23.24 -15.55
N LYS E 68 -11.73 -22.14 -15.06
CA LYS E 68 -11.11 -22.15 -13.74
C LYS E 68 -12.09 -22.55 -12.63
N TYR E 69 -13.31 -22.00 -12.65
CA TYR E 69 -14.32 -22.33 -11.64
C TYR E 69 -15.44 -23.15 -12.25
N GLN E 70 -15.68 -24.34 -11.70
CA GLN E 70 -16.73 -25.24 -12.17
C GLN E 70 -17.67 -25.64 -11.04
N ASP E 71 -17.93 -24.74 -10.09
CA ASP E 71 -18.83 -25.08 -8.99
C ASP E 71 -20.27 -24.64 -9.21
N ARG E 72 -20.52 -23.68 -10.09
CA ARG E 72 -21.89 -23.25 -10.33
C ARG E 72 -22.61 -24.18 -11.28
N VAL E 73 -21.92 -25.20 -11.79
CA VAL E 73 -22.46 -26.18 -12.71
C VAL E 73 -22.12 -27.60 -12.26
N ALA E 74 -22.01 -27.84 -10.94
CA ALA E 74 -21.68 -29.20 -10.51
C ALA E 74 -22.84 -30.17 -10.73
N PRO E 75 -24.04 -29.97 -10.16
CA PRO E 75 -25.12 -30.94 -10.42
C PRO E 75 -25.74 -30.64 -11.77
N PRO E 76 -25.55 -31.53 -12.76
CA PRO E 76 -26.13 -31.29 -14.09
C PRO E 76 -27.64 -31.25 -14.17
N GLY E 77 -28.11 -30.50 -15.17
CA GLY E 77 -29.51 -30.31 -15.44
C GLY E 77 -30.07 -31.44 -16.31
N LEU E 78 -31.35 -31.31 -16.61
CA LEU E 78 -32.07 -32.29 -17.43
C LEU E 78 -33.03 -31.53 -18.34
N SER E 79 -32.61 -31.26 -19.57
CA SER E 79 -33.49 -30.51 -20.47
C SER E 79 -34.15 -31.47 -21.47
N HIS E 80 -35.03 -30.93 -22.30
CA HIS E 80 -35.72 -31.72 -23.30
C HIS E 80 -35.71 -31.01 -24.66
N ALA E 81 -36.23 -31.70 -25.66
CA ALA E 81 -36.33 -31.23 -27.04
C ALA E 81 -37.45 -30.24 -27.32
N PRO E 82 -38.68 -30.45 -26.85
CA PRO E 82 -39.72 -29.46 -27.14
C PRO E 82 -39.49 -28.19 -26.35
N TYR E 83 -39.91 -27.07 -26.92
CA TYR E 83 -39.75 -25.78 -26.28
C TYR E 83 -41.14 -25.39 -25.78
N ALA E 84 -41.34 -25.58 -24.48
CA ALA E 84 -42.60 -25.25 -23.83
C ALA E 84 -42.43 -23.90 -23.17
N ILE E 85 -43.44 -23.04 -23.31
CA ILE E 85 -43.35 -21.72 -22.71
C ILE E 85 -43.44 -21.81 -21.19
N LYS E 86 -44.39 -22.57 -20.67
CA LYS E 86 -44.54 -22.71 -19.22
C LYS E 86 -44.44 -24.17 -18.82
N THR E 87 -43.61 -24.92 -19.56
CA THR E 87 -43.38 -26.35 -19.32
C THR E 87 -44.69 -27.10 -19.50
N GLU E 88 -45.44 -26.69 -20.53
CA GLU E 88 -46.72 -27.27 -20.88
C GLU E 88 -46.77 -27.60 -22.36
N ILE E 89 -47.29 -28.78 -22.68
CA ILE E 89 -47.42 -29.27 -24.06
C ILE E 89 -48.92 -29.45 -24.29
N SER E 90 -49.54 -28.48 -24.96
CA SER E 90 -50.97 -28.52 -25.25
C SER E 90 -51.21 -28.36 -26.75
N PHE E 91 -51.87 -29.35 -27.34
CA PHE E 91 -52.14 -29.29 -28.78
C PHE E 91 -53.33 -30.17 -29.16
N SER E 92 -54.05 -29.74 -30.19
CA SER E 92 -55.23 -30.41 -30.73
C SER E 92 -54.82 -31.46 -31.77
N ILE E 93 -55.43 -32.64 -31.70
CA ILE E 93 -55.10 -33.68 -32.68
C ILE E 93 -55.73 -33.43 -34.03
N SER E 94 -56.58 -32.41 -34.16
CA SER E 94 -57.21 -32.12 -35.45
C SER E 94 -56.49 -30.99 -36.17
N ASN E 95 -56.44 -29.81 -35.55
CA ASN E 95 -55.79 -28.63 -36.11
C ASN E 95 -54.29 -28.86 -36.23
N PRO E 96 -53.75 -28.90 -37.46
CA PRO E 96 -52.30 -29.12 -37.61
C PRO E 96 -51.45 -27.95 -37.16
N LYS E 97 -51.94 -26.71 -37.29
CA LYS E 97 -51.18 -25.53 -36.88
C LYS E 97 -51.14 -25.35 -35.36
N SER E 98 -51.25 -26.45 -34.62
CA SER E 98 -51.21 -26.40 -33.16
C SER E 98 -49.94 -26.99 -32.59
N TYR E 99 -49.38 -28.05 -33.19
CA TYR E 99 -48.16 -28.66 -32.69
C TYR E 99 -46.96 -28.34 -33.58
N GLU E 100 -47.07 -27.31 -34.41
CA GLU E 100 -45.96 -26.94 -35.29
C GLU E 100 -44.76 -26.43 -34.50
N SER E 101 -45.01 -25.62 -33.45
CA SER E 101 -43.93 -25.09 -32.63
C SER E 101 -43.12 -26.20 -31.98
N PHE E 102 -43.76 -27.34 -31.72
CA PHE E 102 -43.06 -28.46 -31.08
C PHE E 102 -42.18 -29.19 -32.09
N VAL E 103 -42.79 -29.68 -33.18
CA VAL E 103 -42.06 -30.40 -34.22
C VAL E 103 -40.90 -29.56 -34.75
N LYS E 104 -41.10 -28.25 -34.92
CA LYS E 104 -40.01 -27.41 -35.43
C LYS E 104 -38.80 -27.51 -34.52
N SER E 105 -39.01 -27.43 -33.20
CA SER E 105 -37.90 -27.52 -32.26
C SER E 105 -37.29 -28.91 -32.33
N MET E 106 -38.11 -29.93 -31.98
CA MET E 106 -37.68 -31.32 -32.00
C MET E 106 -36.74 -31.53 -33.19
N HIS E 107 -37.23 -31.12 -34.37
CA HIS E 107 -36.47 -31.25 -35.61
C HIS E 107 -35.14 -30.52 -35.50
N LYS E 108 -35.15 -29.29 -34.94
CA LYS E 108 -33.91 -28.54 -34.80
C LYS E 108 -32.88 -29.33 -34.01
N LEU E 109 -33.34 -30.03 -32.96
CA LEU E 109 -32.45 -30.83 -32.12
C LEU E 109 -31.93 -32.06 -32.84
N MET E 110 -32.83 -32.87 -33.42
CA MET E 110 -32.40 -34.08 -34.13
C MET E 110 -31.64 -33.79 -35.42
N ASP E 111 -31.82 -32.63 -36.03
CA ASP E 111 -31.15 -32.26 -37.26
C ASP E 111 -29.64 -32.21 -37.12
N LEU E 112 -29.11 -32.32 -35.91
CA LEU E 112 -27.68 -32.29 -35.65
C LEU E 112 -27.06 -33.67 -35.57
N TYR E 113 -27.88 -34.74 -35.53
CA TYR E 113 -27.41 -36.10 -35.44
C TYR E 113 -27.49 -36.81 -36.79
N ASN E 114 -27.66 -36.05 -37.87
CA ASN E 114 -27.76 -36.59 -39.22
C ASN E 114 -26.50 -37.39 -39.52
N GLU E 115 -26.67 -38.55 -40.17
CA GLU E 115 -25.51 -39.37 -40.51
C GLU E 115 -24.55 -38.66 -41.44
N SER E 116 -25.07 -37.85 -42.37
CA SER E 116 -24.19 -37.13 -43.30
C SER E 116 -23.15 -36.33 -42.52
N SER E 117 -23.55 -35.79 -41.37
CA SER E 117 -22.62 -35.00 -40.56
C SER E 117 -21.54 -35.89 -39.96
N GLN E 118 -21.93 -37.07 -39.49
CA GLN E 118 -21.03 -38.06 -38.87
C GLN E 118 -20.49 -38.97 -39.97
N ALA E 119 -19.31 -38.66 -40.50
CA ALA E 119 -18.75 -39.51 -41.54
C ALA E 119 -17.24 -39.48 -41.53
N GLY E 120 -16.63 -40.59 -41.96
CA GLY E 120 -15.19 -40.73 -42.01
C GLY E 120 -14.60 -41.21 -40.71
N ASN E 121 -13.28 -41.25 -40.67
CA ASN E 121 -12.61 -41.70 -39.46
C ASN E 121 -12.45 -40.51 -38.53
N SER E 122 -12.25 -39.36 -39.14
CA SER E 122 -12.09 -38.10 -38.45
C SER E 122 -13.35 -37.29 -38.62
N PRO E 123 -13.88 -36.72 -37.54
CA PRO E 123 -13.16 -36.94 -36.30
C PRO E 123 -13.93 -37.99 -35.49
N PHE E 124 -14.93 -38.64 -36.12
CA PHE E 124 -15.76 -39.67 -35.51
C PHE E 124 -15.21 -41.09 -35.49
N GLU E 125 -15.57 -41.81 -34.41
CA GLU E 125 -15.17 -43.20 -34.16
C GLU E 125 -16.33 -44.10 -33.74
N ASP E 126 -16.40 -45.29 -34.33
CA ASP E 126 -17.45 -46.26 -34.02
C ASP E 126 -17.24 -46.82 -32.62
N CYS E 127 -18.27 -46.73 -31.77
CA CYS E 127 -18.19 -47.23 -30.41
C CYS E 127 -19.19 -48.36 -30.21
N SER E 128 -19.01 -49.10 -29.10
CA SER E 128 -19.82 -50.23 -28.70
C SER E 128 -21.32 -49.98 -28.88
N ASP E 129 -21.98 -50.88 -29.62
CA ASP E 129 -23.41 -50.74 -29.87
C ASP E 129 -24.24 -50.95 -28.61
N THR E 130 -23.62 -51.48 -27.55
CA THR E 130 -24.18 -51.78 -26.26
C THR E 130 -23.49 -50.88 -25.24
N PRO E 131 -24.19 -50.39 -24.21
CA PRO E 131 -23.55 -49.52 -23.21
C PRO E 131 -22.19 -50.04 -22.77
N ALA E 132 -21.24 -49.13 -22.54
CA ALA E 132 -19.91 -49.53 -22.11
C ALA E 132 -19.43 -48.55 -21.05
N ASP E 133 -18.14 -48.63 -20.73
CA ASP E 133 -17.53 -47.76 -19.73
C ASP E 133 -16.97 -46.47 -20.32
N TYR E 134 -16.36 -45.68 -19.44
CA TYR E 134 -15.76 -44.41 -19.79
C TYR E 134 -14.63 -44.62 -20.79
N ILE E 135 -14.20 -43.53 -21.39
CA ILE E 135 -13.13 -43.57 -22.38
C ILE E 135 -12.36 -42.27 -22.16
N LYS E 136 -11.08 -42.38 -21.85
CA LYS E 136 -10.22 -41.24 -21.61
C LYS E 136 -9.28 -41.06 -22.80
N ARG E 137 -9.43 -39.94 -23.50
CA ARG E 137 -8.60 -39.63 -24.67
C ARG E 137 -7.42 -38.76 -24.27
N GLY E 138 -6.89 -39.01 -23.08
CA GLY E 138 -5.76 -38.29 -22.55
C GLY E 138 -6.20 -37.16 -21.65
N ASP E 139 -5.28 -36.21 -21.48
CA ASP E 139 -5.53 -35.04 -20.64
C ASP E 139 -6.23 -33.96 -21.44
N LEU E 140 -6.31 -32.77 -20.87
CA LEU E 140 -6.95 -31.62 -21.51
C LEU E 140 -5.84 -30.74 -22.08
N ASP E 141 -5.17 -31.28 -23.10
CA ASP E 141 -4.08 -30.58 -23.77
C ASP E 141 -4.26 -30.57 -25.28
N ASP E 142 -3.32 -29.88 -25.91
CA ASP E 142 -3.24 -29.70 -27.35
C ASP E 142 -2.15 -30.58 -27.94
N SER E 143 -1.46 -31.37 -27.08
CA SER E 143 -0.39 -32.26 -27.52
C SER E 143 -1.02 -33.09 -28.62
N GLN E 144 -1.95 -33.97 -28.27
CA GLN E 144 -2.56 -34.76 -29.32
C GLN E 144 -3.54 -33.81 -29.98
N GLY E 145 -3.74 -33.97 -31.28
CA GLY E 145 -4.68 -33.06 -31.92
C GLY E 145 -6.10 -33.22 -31.41
N GLN E 146 -7.05 -32.67 -32.16
CA GLN E 146 -8.46 -32.73 -31.81
C GLN E 146 -8.86 -34.15 -31.43
N LYS E 147 -9.34 -34.32 -30.19
CA LYS E 147 -9.76 -35.64 -29.73
C LYS E 147 -10.87 -36.20 -30.62
N LYS E 148 -11.31 -37.43 -30.34
CA LYS E 148 -12.37 -38.07 -31.10
C LYS E 148 -13.58 -38.40 -30.24
N ALA E 149 -14.78 -38.14 -30.76
CA ALA E 149 -16.03 -38.40 -30.06
C ALA E 149 -16.80 -39.55 -30.70
N CYS E 150 -17.56 -40.27 -29.88
CA CYS E 150 -18.36 -41.40 -30.34
C CYS E 150 -19.55 -40.95 -31.17
N ARG E 151 -19.92 -41.79 -32.15
CA ARG E 151 -21.04 -41.52 -33.03
C ARG E 151 -22.35 -41.91 -32.37
N PHE E 152 -23.40 -41.11 -32.60
CA PHE E 152 -24.71 -41.36 -32.02
C PHE E 152 -25.70 -41.33 -33.18
N SER E 153 -26.25 -42.49 -33.52
CA SER E 153 -27.20 -42.57 -34.62
C SER E 153 -28.62 -42.18 -34.26
N ARG E 154 -29.31 -41.65 -35.26
CA ARG E 154 -30.69 -41.21 -35.13
C ARG E 154 -31.57 -42.41 -34.83
N MET E 155 -31.59 -43.36 -35.77
CA MET E 155 -32.33 -44.61 -35.74
C MET E 155 -32.35 -45.26 -34.36
N TRP E 156 -31.33 -45.00 -33.52
CA TRP E 156 -31.34 -45.62 -32.19
C TRP E 156 -32.69 -45.30 -31.56
N LEU E 157 -33.14 -44.06 -31.70
CA LEU E 157 -34.43 -43.62 -31.15
C LEU E 157 -35.35 -44.29 -32.17
N LYS E 158 -36.14 -45.28 -31.75
CA LYS E 158 -37.05 -45.95 -32.68
C LYS E 158 -38.32 -45.27 -33.18
N ASN E 159 -39.31 -45.03 -32.33
CA ASN E 159 -40.48 -44.37 -32.93
C ASN E 159 -40.40 -42.83 -32.97
N CYS E 160 -39.39 -42.20 -32.37
CA CYS E 160 -39.29 -40.73 -32.40
C CYS E 160 -37.96 -40.37 -33.04
N SER E 161 -37.95 -40.24 -34.36
CA SER E 161 -36.75 -39.91 -35.09
C SER E 161 -36.99 -38.98 -36.27
N GLY E 162 -38.25 -38.72 -36.61
CA GLY E 162 -38.64 -37.86 -37.70
C GLY E 162 -38.21 -38.41 -39.05
N LEU E 163 -37.73 -39.66 -39.06
CA LEU E 163 -37.30 -40.30 -40.28
C LEU E 163 -38.45 -41.07 -40.91
N ASP E 164 -39.36 -41.53 -40.06
CA ASP E 164 -40.54 -42.30 -40.45
C ASP E 164 -41.79 -41.42 -40.40
N ASP E 165 -42.11 -40.91 -39.22
CA ASP E 165 -43.26 -40.04 -38.98
C ASP E 165 -42.70 -38.68 -38.53
N THR E 166 -42.28 -37.89 -39.52
CA THR E 166 -41.70 -36.56 -39.35
C THR E 166 -42.26 -35.82 -38.15
N THR E 167 -43.58 -35.84 -38.00
CA THR E 167 -44.26 -35.17 -36.89
C THR E 167 -43.78 -35.65 -35.52
N TYR E 168 -43.31 -36.90 -35.43
CA TYR E 168 -42.78 -37.62 -34.24
C TYR E 168 -43.83 -38.12 -33.27
N GLY E 169 -45.12 -38.16 -33.62
CA GLY E 169 -46.07 -38.66 -32.64
C GLY E 169 -47.30 -37.80 -32.43
N TYR E 170 -47.07 -36.49 -32.36
CA TYR E 170 -48.06 -35.44 -32.17
C TYR E 170 -49.26 -35.53 -33.12
N ALA E 171 -49.13 -36.33 -34.18
CA ALA E 171 -50.20 -36.49 -35.15
C ALA E 171 -51.37 -37.33 -34.65
N GLU E 172 -51.14 -38.33 -33.80
CA GLU E 172 -52.30 -39.11 -33.36
C GLU E 172 -52.41 -39.28 -31.85
N GLY E 173 -52.04 -38.28 -31.05
CA GLY E 173 -52.14 -38.46 -29.62
C GLY E 173 -51.10 -39.35 -28.97
N LYS E 174 -49.85 -39.27 -29.42
CA LYS E 174 -48.76 -40.08 -28.86
C LYS E 174 -47.48 -39.29 -29.01
N PRO E 175 -47.34 -38.19 -28.28
CA PRO E 175 -46.12 -37.39 -28.37
C PRO E 175 -44.90 -38.04 -27.74
N CYS E 176 -43.74 -37.56 -28.18
CA CYS E 176 -42.43 -38.02 -27.73
C CYS E 176 -41.76 -36.84 -27.04
N VAL E 177 -40.73 -37.15 -26.24
CA VAL E 177 -39.98 -36.14 -25.52
C VAL E 177 -38.53 -36.61 -25.42
N VAL E 178 -37.66 -35.94 -26.17
CA VAL E 178 -36.23 -36.28 -26.19
C VAL E 178 -35.53 -35.57 -25.04
N ALA E 179 -35.10 -36.35 -24.04
CA ALA E 179 -34.42 -35.82 -22.88
C ALA E 179 -32.93 -35.77 -23.17
N LYS E 180 -32.24 -34.85 -22.48
CA LYS E 180 -30.80 -34.67 -22.64
C LYS E 180 -30.14 -34.15 -21.36
N LEU E 181 -28.94 -34.68 -21.10
CA LEU E 181 -28.13 -34.35 -19.94
C LEU E 181 -27.20 -33.19 -20.31
N ASN E 182 -27.18 -32.16 -19.47
CA ASN E 182 -26.34 -30.99 -19.70
C ASN E 182 -24.84 -31.32 -19.72
N ARG E 183 -24.19 -30.94 -20.83
CA ARG E 183 -22.77 -31.15 -21.07
C ARG E 183 -21.86 -30.40 -20.10
N ILE E 184 -21.02 -31.14 -19.37
CA ILE E 184 -20.09 -30.56 -18.39
C ILE E 184 -18.70 -31.10 -18.71
N ILE E 185 -17.70 -30.21 -18.67
CA ILE E 185 -16.32 -30.59 -18.95
C ILE E 185 -15.75 -31.43 -17.82
N GLY E 186 -15.11 -32.55 -18.17
CA GLY E 186 -14.52 -33.45 -17.19
C GLY E 186 -15.48 -34.07 -16.21
N PHE E 187 -16.76 -34.15 -16.56
CA PHE E 187 -17.76 -34.74 -15.67
C PHE E 187 -18.01 -36.21 -15.99
N TYR E 188 -17.80 -37.06 -14.99
CA TYR E 188 -18.00 -38.49 -15.16
C TYR E 188 -19.33 -38.88 -14.53
N PRO E 189 -20.29 -39.41 -15.28
CA PRO E 189 -21.56 -39.76 -14.66
C PRO E 189 -21.35 -41.06 -13.87
N LYS E 190 -21.89 -41.11 -12.66
CA LYS E 190 -21.76 -42.30 -11.83
C LYS E 190 -23.12 -42.81 -11.39
N PRO E 191 -23.45 -44.06 -11.68
CA PRO E 191 -24.74 -44.61 -11.29
C PRO E 191 -24.72 -45.25 -9.90
N LEU E 192 -25.93 -45.43 -9.36
CA LEU E 192 -26.12 -46.03 -8.05
C LEU E 192 -25.72 -47.49 -8.10
N LYS E 193 -25.14 -48.01 -7.00
CA LYS E 193 -24.75 -49.41 -7.01
C LYS E 193 -25.91 -50.32 -6.61
N ASN E 194 -25.74 -51.61 -6.88
CA ASN E 194 -26.69 -52.71 -6.61
C ASN E 194 -27.05 -53.05 -5.16
N THR E 195 -26.53 -52.32 -4.16
CA THR E 195 -26.84 -52.59 -2.75
C THR E 195 -28.34 -52.50 -2.46
N THR E 196 -28.75 -53.09 -1.31
CA THR E 196 -30.15 -53.12 -0.86
C THR E 196 -30.85 -51.78 -0.85
N ASP E 197 -30.13 -50.66 -0.88
CA ASP E 197 -30.80 -49.37 -0.88
C ASP E 197 -30.60 -48.91 -2.30
N LEU E 198 -31.70 -48.73 -2.98
CA LEU E 198 -31.85 -48.31 -4.35
C LEU E 198 -33.34 -48.13 -4.49
N PRO E 199 -33.80 -47.22 -5.34
CA PRO E 199 -35.24 -47.04 -5.47
C PRO E 199 -35.87 -48.33 -5.96
N GLU E 200 -37.20 -48.34 -5.94
CA GLU E 200 -37.94 -49.52 -6.39
C GLU E 200 -37.63 -49.76 -7.87
N GLU E 201 -38.04 -48.80 -8.70
CA GLU E 201 -37.90 -48.75 -10.15
C GLU E 201 -36.60 -49.29 -10.78
N LEU E 202 -35.46 -48.77 -10.31
CA LEU E 202 -34.10 -49.11 -10.74
C LEU E 202 -33.62 -50.56 -10.58
N GLN E 203 -34.19 -51.37 -9.70
CA GLN E 203 -33.73 -52.76 -9.57
C GLN E 203 -33.60 -53.53 -10.89
N ALA E 204 -34.68 -53.67 -11.66
CA ALA E 204 -34.57 -54.40 -12.93
C ALA E 204 -33.67 -53.70 -13.95
N ASN E 205 -32.93 -54.51 -14.73
CA ASN E 205 -32.00 -54.03 -15.77
C ASN E 205 -30.90 -53.11 -15.24
N TYR E 206 -30.12 -53.58 -14.26
CA TYR E 206 -29.04 -52.75 -13.72
C TYR E 206 -27.74 -52.74 -14.54
N ASN E 207 -27.79 -52.15 -15.73
CA ASN E 207 -26.54 -52.16 -16.48
C ASN E 207 -25.70 -51.10 -15.78
N GLN E 208 -24.61 -51.48 -15.10
CA GLN E 208 -23.81 -50.46 -14.41
C GLN E 208 -23.50 -49.27 -15.33
N TYR E 209 -23.09 -49.56 -16.55
CA TYR E 209 -22.77 -48.55 -17.55
C TYR E 209 -23.89 -47.63 -18.05
N VAL E 210 -25.08 -47.68 -17.48
CA VAL E 210 -26.18 -46.83 -17.92
C VAL E 210 -26.70 -45.93 -16.81
N LEU E 211 -26.87 -44.64 -17.12
CA LEU E 211 -27.37 -43.68 -16.15
C LEU E 211 -28.88 -43.74 -16.38
N PRO E 212 -29.66 -44.20 -15.41
CA PRO E 212 -31.11 -44.28 -15.58
C PRO E 212 -31.93 -42.99 -15.47
N LEU E 213 -32.95 -42.94 -16.31
CA LEU E 213 -33.91 -41.84 -16.44
C LEU E 213 -35.26 -42.52 -16.28
N ARG E 214 -36.08 -42.03 -15.36
CA ARG E 214 -37.39 -42.62 -15.16
C ARG E 214 -38.39 -41.52 -14.84
N CYS E 215 -39.47 -41.48 -15.60
CA CYS E 215 -40.54 -40.50 -15.45
C CYS E 215 -41.72 -41.08 -14.66
N ALA E 216 -42.47 -40.19 -14.03
CA ALA E 216 -43.62 -40.59 -13.23
C ALA E 216 -44.58 -39.40 -13.15
N ALA E 217 -45.57 -39.50 -12.26
CA ALA E 217 -46.57 -38.46 -12.06
C ALA E 217 -46.30 -37.71 -10.76
N LYS E 218 -46.46 -36.38 -10.83
CA LYS E 218 -46.25 -35.53 -9.67
C LYS E 218 -47.18 -35.87 -8.51
N ARG E 219 -48.47 -36.01 -8.80
CA ARG E 219 -49.43 -36.34 -7.75
C ARG E 219 -49.79 -37.82 -7.77
N GLU E 220 -50.27 -38.29 -6.62
CA GLU E 220 -50.66 -39.70 -6.50
C GLU E 220 -51.87 -40.03 -7.35
N GLU E 221 -52.78 -39.07 -7.52
CA GLU E 221 -53.97 -39.28 -8.32
C GLU E 221 -53.65 -39.55 -9.78
N ASP E 222 -52.93 -38.61 -10.41
CA ASP E 222 -52.50 -38.68 -11.81
C ASP E 222 -51.88 -40.01 -12.26
N ARG E 223 -51.38 -40.85 -11.35
CA ARG E 223 -50.78 -42.12 -11.76
C ARG E 223 -51.66 -42.82 -12.79
N GLU E 224 -52.89 -43.13 -12.36
CA GLU E 224 -53.90 -43.81 -13.16
C GLU E 224 -54.17 -43.17 -14.52
N LYS E 225 -54.21 -41.85 -14.60
CA LYS E 225 -54.47 -41.19 -15.88
C LYS E 225 -53.28 -41.17 -16.85
N ILE E 226 -52.10 -41.58 -16.43
CA ILE E 226 -50.92 -41.60 -17.29
C ILE E 226 -50.78 -43.05 -17.69
N GLY E 227 -50.66 -43.32 -18.99
CA GLY E 227 -50.52 -44.73 -19.34
C GLY E 227 -49.22 -45.48 -19.33
N SER E 228 -48.67 -45.83 -20.49
CA SER E 228 -47.42 -46.56 -20.55
C SER E 228 -46.25 -45.76 -21.11
N ILE E 229 -45.35 -45.36 -20.22
CA ILE E 229 -44.16 -44.58 -20.53
C ILE E 229 -43.18 -45.50 -21.27
N GLU E 230 -43.02 -45.32 -22.57
CA GLU E 230 -42.10 -46.16 -23.35
C GLU E 230 -40.84 -45.40 -23.72
N TYR E 231 -39.72 -45.76 -23.08
CA TYR E 231 -38.43 -45.14 -23.31
C TYR E 231 -37.61 -45.83 -24.40
N PHE E 232 -36.88 -45.02 -25.16
CA PHE E 232 -36.02 -45.45 -26.25
C PHE E 232 -34.61 -44.92 -26.00
N GLY E 233 -33.61 -45.74 -26.22
CA GLY E 233 -32.24 -45.31 -26.00
C GLY E 233 -31.22 -46.26 -26.57
N LEU E 234 -29.96 -45.99 -26.22
CA LEU E 234 -28.85 -46.82 -26.66
C LEU E 234 -28.91 -48.19 -26.01
N GLY E 235 -29.04 -49.23 -26.82
CA GLY E 235 -29.12 -50.57 -26.27
C GLY E 235 -30.50 -50.96 -25.84
N GLY E 236 -31.47 -50.05 -25.96
CA GLY E 236 -32.84 -50.31 -25.58
C GLY E 236 -33.12 -49.94 -24.15
N TYR E 237 -32.11 -49.50 -23.40
CA TYR E 237 -32.26 -49.12 -22.02
C TYR E 237 -32.74 -47.68 -21.89
N ALA E 238 -33.27 -47.36 -20.71
CA ALA E 238 -33.80 -46.03 -20.42
C ALA E 238 -32.72 -45.23 -19.68
N GLY E 239 -31.66 -44.92 -20.40
CA GLY E 239 -30.59 -44.16 -19.78
C GLY E 239 -29.57 -43.67 -20.79
N PHE E 240 -28.47 -43.18 -20.25
CA PHE E 240 -27.35 -42.66 -21.03
C PHE E 240 -26.12 -43.54 -20.88
N PRO E 241 -25.53 -43.98 -21.98
CA PRO E 241 -24.33 -44.84 -21.91
C PRO E 241 -23.14 -44.03 -21.41
N LEU E 242 -22.42 -44.60 -20.45
CA LEU E 242 -21.25 -43.95 -19.87
C LEU E 242 -20.11 -43.74 -20.88
N GLN E 243 -20.12 -44.43 -22.01
CA GLN E 243 -19.07 -44.28 -23.00
C GLN E 243 -19.02 -42.91 -23.68
N TYR E 244 -20.08 -42.11 -23.64
CA TYR E 244 -20.08 -40.79 -24.27
C TYR E 244 -19.51 -39.70 -23.37
N TYR E 245 -18.75 -40.08 -22.36
CA TYR E 245 -18.15 -39.14 -21.42
C TYR E 245 -16.71 -39.56 -21.15
N PRO E 246 -15.86 -38.63 -20.71
CA PRO E 246 -16.29 -37.24 -20.48
C PRO E 246 -16.24 -36.36 -21.72
N TYR E 247 -16.71 -35.13 -21.54
CA TYR E 247 -16.76 -34.11 -22.58
C TYR E 247 -15.50 -33.30 -22.38
N TYR E 248 -14.70 -33.16 -23.42
CA TYR E 248 -13.46 -32.41 -23.38
C TYR E 248 -13.60 -30.93 -23.74
N GLY E 249 -14.80 -30.43 -23.90
CA GLY E 249 -14.91 -29.02 -24.23
C GLY E 249 -14.89 -28.79 -25.73
N LYS E 250 -15.52 -27.69 -26.14
CA LYS E 250 -15.59 -27.32 -27.55
C LYS E 250 -14.23 -27.27 -28.23
N ARG E 251 -13.29 -26.52 -27.65
CA ARG E 251 -11.95 -26.39 -28.21
C ARG E 251 -11.24 -27.72 -28.43
N LEU E 252 -11.38 -28.65 -27.50
CA LEU E 252 -10.72 -29.95 -27.67
C LEU E 252 -11.59 -31.03 -28.28
N GLN E 253 -12.85 -30.78 -28.58
CA GLN E 253 -13.69 -31.81 -29.17
C GLN E 253 -14.81 -31.27 -30.05
N LYS E 254 -14.52 -30.32 -30.95
CA LYS E 254 -15.62 -29.81 -31.78
C LYS E 254 -16.24 -31.04 -32.46
N LYS E 255 -17.48 -30.95 -32.91
CA LYS E 255 -18.14 -32.08 -33.57
C LYS E 255 -18.35 -33.23 -32.57
N TYR E 256 -18.87 -32.89 -31.39
CA TYR E 256 -19.12 -33.85 -30.32
C TYR E 256 -20.63 -33.95 -30.12
N LEU E 257 -21.12 -35.19 -30.00
CA LEU E 257 -22.53 -35.44 -29.80
C LEU E 257 -22.78 -36.11 -28.46
N GLN E 258 -23.73 -35.56 -27.71
CA GLN E 258 -24.15 -36.02 -26.40
C GLN E 258 -25.28 -37.03 -26.55
N PRO E 259 -25.32 -38.09 -25.74
CA PRO E 259 -26.41 -39.06 -25.87
C PRO E 259 -27.77 -38.40 -25.69
N LEU E 260 -28.80 -39.12 -26.11
CA LEU E 260 -30.18 -38.63 -26.01
C LEU E 260 -31.09 -39.79 -25.65
N LEU E 261 -32.23 -39.47 -25.02
CA LEU E 261 -33.16 -40.53 -24.64
C LEU E 261 -34.58 -40.11 -25.03
N ALA E 262 -35.27 -40.94 -25.82
CA ALA E 262 -36.62 -40.59 -26.23
C ALA E 262 -37.65 -41.19 -25.27
N ILE E 263 -38.74 -40.46 -25.05
CA ILE E 263 -39.80 -40.94 -24.16
C ILE E 263 -41.16 -40.75 -24.82
N GLN E 264 -41.87 -41.85 -25.05
CA GLN E 264 -43.19 -41.80 -25.69
C GLN E 264 -44.25 -41.98 -24.61
N PHE E 265 -45.17 -41.02 -24.55
CA PHE E 265 -46.26 -41.05 -23.58
C PHE E 265 -47.53 -41.65 -24.17
N THR E 266 -47.41 -42.90 -24.58
CA THR E 266 -48.54 -43.62 -25.16
C THR E 266 -49.68 -43.70 -24.16
N ASN E 267 -50.87 -44.02 -24.65
CA ASN E 267 -52.07 -44.13 -23.83
C ASN E 267 -52.26 -42.96 -22.86
N LEU E 268 -52.39 -41.77 -23.42
CA LEU E 268 -52.56 -40.57 -22.62
C LEU E 268 -54.03 -40.16 -22.59
N THR E 269 -54.55 -39.99 -21.37
CA THR E 269 -55.94 -39.60 -21.23
C THR E 269 -56.17 -38.31 -21.99
N GLN E 270 -57.30 -38.24 -22.67
CA GLN E 270 -57.67 -37.08 -23.46
C GLN E 270 -58.45 -36.04 -22.66
N ASN E 271 -58.24 -34.78 -23.06
CA ASN E 271 -58.85 -33.57 -22.49
C ASN E 271 -58.66 -33.41 -20.97
N MET E 272 -57.39 -33.39 -20.52
CA MET E 272 -57.08 -33.25 -19.10
C MET E 272 -55.57 -33.03 -18.89
N GLU E 273 -55.21 -31.99 -18.12
CA GLU E 273 -53.83 -31.61 -17.79
C GLU E 273 -53.08 -32.62 -16.93
N LEU E 274 -52.02 -33.23 -17.48
CA LEU E 274 -51.21 -34.22 -16.76
C LEU E 274 -49.82 -33.68 -16.46
N ARG E 275 -49.43 -33.74 -15.18
CA ARG E 275 -48.15 -33.28 -14.65
C ARG E 275 -47.20 -34.48 -14.58
N ILE E 276 -46.21 -34.53 -15.48
CA ILE E 276 -45.23 -35.62 -15.52
C ILE E 276 -43.82 -35.13 -15.15
N GLU E 277 -43.25 -35.72 -14.10
CA GLU E 277 -41.92 -35.36 -13.62
C GLU E 277 -40.93 -36.47 -13.98
N CYS E 278 -39.89 -36.13 -14.73
CA CYS E 278 -38.88 -37.10 -15.14
C CYS E 278 -37.68 -36.89 -14.22
N LYS E 279 -37.01 -37.98 -13.84
CA LYS E 279 -35.85 -37.86 -12.97
C LYS E 279 -34.75 -38.87 -13.23
N VAL E 280 -33.50 -38.39 -13.17
CA VAL E 280 -32.30 -39.18 -13.38
C VAL E 280 -31.80 -39.57 -11.99
N TYR E 281 -31.12 -40.70 -11.89
CA TYR E 281 -30.60 -41.15 -10.60
C TYR E 281 -29.10 -41.39 -10.69
N GLY E 282 -28.39 -41.00 -9.63
CA GLY E 282 -26.95 -41.17 -9.59
C GLY E 282 -26.24 -40.46 -8.45
N GLU E 283 -25.01 -40.89 -8.17
CA GLU E 283 -24.18 -40.33 -7.10
C GLU E 283 -23.91 -38.83 -7.27
N ASN E 284 -23.15 -38.46 -8.30
CA ASN E 284 -22.83 -37.06 -8.55
C ASN E 284 -24.00 -36.26 -9.09
N ILE E 285 -25.23 -36.70 -8.78
CA ILE E 285 -26.45 -36.06 -9.22
C ILE E 285 -27.23 -35.70 -7.96
N ASP E 286 -27.61 -34.42 -7.84
CA ASP E 286 -28.35 -33.92 -6.70
C ASP E 286 -29.36 -32.92 -7.22
N TYR E 287 -30.56 -32.94 -6.65
CA TYR E 287 -31.63 -32.04 -7.03
C TYR E 287 -31.67 -30.79 -6.16
N SER E 288 -32.46 -29.82 -6.61
CA SER E 288 -32.63 -28.54 -5.91
C SER E 288 -34.08 -28.11 -5.85
N GLU E 289 -34.53 -27.70 -4.66
CA GLU E 289 -35.91 -27.26 -4.50
C GLU E 289 -36.17 -25.92 -5.15
N LYS E 290 -35.11 -25.19 -5.53
CA LYS E 290 -35.22 -23.89 -6.17
C LYS E 290 -35.12 -23.99 -7.69
N ASP E 291 -34.19 -24.80 -8.19
CA ASP E 291 -33.97 -24.98 -9.62
C ASP E 291 -34.73 -26.26 -9.95
N ARG E 292 -35.81 -26.15 -10.71
CA ARG E 292 -36.62 -27.31 -11.09
C ARG E 292 -36.11 -28.00 -12.35
N PHE E 293 -34.86 -27.76 -12.74
CA PHE E 293 -34.28 -28.37 -13.92
C PHE E 293 -32.97 -29.06 -13.58
N ARG E 294 -32.59 -29.09 -12.31
CA ARG E 294 -31.36 -29.70 -11.83
C ARG E 294 -31.62 -31.19 -11.59
N GLY E 295 -31.21 -32.02 -12.54
CA GLY E 295 -31.37 -33.45 -12.47
C GLY E 295 -32.72 -33.97 -12.92
N ARG E 296 -33.78 -33.22 -12.66
CA ARG E 296 -35.13 -33.62 -13.05
C ARG E 296 -35.76 -32.52 -13.91
N PHE E 297 -36.99 -32.78 -14.35
CA PHE E 297 -37.68 -31.79 -15.17
C PHE E 297 -39.17 -32.11 -15.09
N GLU E 298 -39.98 -31.09 -15.33
CA GLU E 298 -41.43 -31.21 -15.30
C GLU E 298 -42.06 -30.82 -16.63
N VAL E 299 -43.11 -31.54 -17.00
CA VAL E 299 -43.82 -31.29 -18.25
C VAL E 299 -45.33 -31.40 -17.98
N LYS E 300 -46.10 -30.50 -18.59
CA LYS E 300 -47.56 -30.48 -18.43
C LYS E 300 -48.13 -30.83 -19.80
N ILE E 301 -48.41 -32.12 -20.02
CA ILE E 301 -48.97 -32.54 -21.30
C ILE E 301 -50.49 -32.55 -21.23
N GLU E 302 -51.11 -32.13 -22.34
CA GLU E 302 -52.56 -32.07 -22.46
C GLU E 302 -52.88 -32.23 -23.94
N VAL E 303 -53.26 -33.44 -24.34
CA VAL E 303 -53.59 -33.72 -25.75
C VAL E 303 -55.11 -33.55 -25.85
N LYS E 304 -55.53 -32.31 -26.04
CA LYS E 304 -56.95 -31.96 -26.16
C LYS E 304 -57.42 -32.14 -27.59
N SER E 305 -58.38 -33.04 -27.79
CA SER E 305 -58.90 -33.29 -29.13
C SER E 305 -60.41 -33.54 -29.10
N GLU F 24 -5.86 -38.71 -9.26
CA GLU F 24 -7.13 -38.11 -9.68
C GLU F 24 -7.89 -39.08 -10.57
N GLY F 25 -8.58 -38.52 -11.56
CA GLY F 25 -9.35 -39.33 -12.49
C GLY F 25 -10.83 -39.37 -12.23
N PRO F 26 -11.37 -40.59 -12.11
CA PRO F 26 -12.81 -40.75 -11.85
C PRO F 26 -13.34 -40.11 -10.58
N ASP F 27 -12.61 -40.21 -9.46
CA ASP F 27 -13.03 -39.62 -8.19
C ASP F 27 -12.62 -38.16 -8.03
N ASN F 28 -12.54 -37.38 -9.11
CA ASN F 28 -12.16 -35.97 -9.03
C ASN F 28 -13.36 -35.11 -8.61
N ASP F 29 -13.94 -35.48 -7.46
CA ASP F 29 -15.09 -34.74 -6.95
C ASP F 29 -14.71 -33.38 -6.35
N GLU F 30 -13.50 -33.25 -5.80
CA GLU F 30 -13.08 -31.98 -5.23
C GLU F 30 -13.07 -30.84 -6.24
N ARG F 31 -12.84 -31.14 -7.53
CA ARG F 31 -12.82 -30.14 -8.58
C ARG F 31 -14.15 -29.41 -8.76
N PHE F 32 -15.17 -29.79 -7.99
CA PHE F 32 -16.47 -29.15 -8.09
C PHE F 32 -17.01 -28.73 -6.72
N THR F 33 -16.13 -28.56 -5.73
CA THR F 33 -16.54 -28.15 -4.40
C THR F 33 -15.78 -26.92 -3.95
N TYR F 34 -16.47 -26.07 -3.18
CA TYR F 34 -15.91 -24.84 -2.64
C TYR F 34 -16.45 -24.69 -1.23
N ASP F 35 -15.56 -24.35 -0.30
CA ASP F 35 -15.95 -24.17 1.11
C ASP F 35 -16.48 -22.76 1.39
N TYR F 36 -17.71 -22.52 0.93
CA TYR F 36 -18.31 -21.21 1.14
C TYR F 36 -18.56 -20.95 2.62
N TYR F 37 -18.77 -22.02 3.40
CA TYR F 37 -19.02 -21.86 4.84
C TYR F 37 -17.87 -21.14 5.52
N ARG F 38 -16.66 -21.70 5.39
CA ARG F 38 -15.48 -21.08 6.01
C ARG F 38 -15.29 -19.65 5.51
N LEU F 39 -15.60 -19.41 4.23
CA LEU F 39 -15.44 -18.07 3.69
C LEU F 39 -16.39 -17.10 4.36
N ARG F 40 -17.64 -17.52 4.57
CA ARG F 40 -18.60 -16.64 5.22
C ARG F 40 -18.18 -16.37 6.66
N VAL F 41 -17.72 -17.41 7.35
CA VAL F 41 -17.28 -17.24 8.75
C VAL F 41 -16.20 -16.18 8.84
N VAL F 42 -15.14 -16.32 8.02
CA VAL F 42 -14.05 -15.35 8.04
C VAL F 42 -14.54 -13.95 7.65
N GLY F 43 -15.32 -13.86 6.56
CA GLY F 43 -15.80 -12.54 6.16
C GLY F 43 -16.62 -11.86 7.25
N LEU F 44 -17.27 -12.65 8.11
CA LEU F 44 -18.06 -12.02 9.14
C LEU F 44 -17.13 -11.57 10.27
N ILE F 45 -16.14 -12.40 10.60
CA ILE F 45 -15.20 -12.04 11.66
C ILE F 45 -14.58 -10.69 11.31
N VAL F 46 -14.13 -10.57 10.06
CA VAL F 46 -13.50 -9.35 9.57
C VAL F 46 -14.47 -8.18 9.62
N ALA F 47 -15.71 -8.37 9.14
CA ALA F 47 -16.66 -7.26 9.17
C ALA F 47 -16.83 -6.77 10.61
N ALA F 48 -16.99 -7.70 11.54
CA ALA F 48 -17.16 -7.37 12.95
C ALA F 48 -15.99 -6.54 13.46
N VAL F 49 -14.76 -7.00 13.18
CA VAL F 49 -13.58 -6.28 13.63
C VAL F 49 -13.58 -4.85 13.08
N LEU F 50 -13.80 -4.69 11.77
CA LEU F 50 -13.83 -3.35 11.19
C LEU F 50 -14.85 -2.48 11.89
N CYS F 51 -16.02 -3.05 12.21
CA CYS F 51 -17.08 -2.30 12.87
C CYS F 51 -16.61 -1.83 14.25
N VAL F 52 -15.95 -2.71 15.00
CA VAL F 52 -15.47 -2.34 16.32
C VAL F 52 -14.48 -1.21 16.20
N ILE F 53 -13.40 -1.41 15.43
CA ILE F 53 -12.36 -0.40 15.23
C ILE F 53 -13.04 0.93 14.96
N GLY F 54 -14.06 0.92 14.09
CA GLY F 54 -14.77 2.14 13.76
C GLY F 54 -15.29 2.80 15.02
N ILE F 55 -16.03 2.04 15.83
CA ILE F 55 -16.58 2.59 17.07
C ILE F 55 -15.47 3.17 17.94
N ILE F 56 -14.36 2.43 18.08
CA ILE F 56 -13.23 2.88 18.89
C ILE F 56 -12.80 4.27 18.46
N ILE F 57 -12.52 4.43 17.17
CA ILE F 57 -12.10 5.72 16.63
C ILE F 57 -13.14 6.81 16.91
N LEU F 58 -14.42 6.49 16.70
CA LEU F 58 -15.50 7.45 16.93
C LEU F 58 -15.58 7.95 18.38
N LEU F 59 -15.55 7.04 19.36
CA LEU F 59 -15.62 7.46 20.76
C LEU F 59 -14.29 7.83 21.41
N ALA F 60 -13.16 7.61 20.73
CA ALA F 60 -11.84 7.94 21.29
C ALA F 60 -11.64 9.45 21.35
N GLY F 61 -11.86 10.04 22.52
CA GLY F 61 -11.69 11.46 22.75
C GLY F 61 -12.73 11.94 23.75
N LYS F 62 -13.88 11.27 23.74
CA LYS F 62 -14.99 11.58 24.64
C LYS F 62 -14.86 10.79 25.93
N CYS F 63 -13.61 10.48 26.30
CA CYS F 63 -13.25 9.74 27.49
C CYS F 63 -11.73 9.80 27.64
C1 NAG G . 33.63 50.40 -13.82
C2 NAG G . 33.56 49.79 -15.24
C3 NAG G . 34.94 49.42 -15.76
C4 NAG G . 35.86 50.62 -15.77
C5 NAG G . 36.00 51.12 -14.33
C6 NAG G . 36.83 52.38 -14.21
C7 NAG G . 31.35 48.72 -15.38
C8 NAG G . 30.61 47.41 -15.39
N2 NAG G . 32.68 48.63 -15.26
O3 NAG G . 34.82 48.90 -17.08
O4 NAG G . 37.13 50.17 -16.23
O5 NAG G . 34.72 51.43 -13.75
O6 NAG G . 36.13 53.51 -14.69
O7 NAG G . 30.78 49.79 -15.49
C1 NAG G . 37.90 50.97 -17.17
C2 NAG G . 39.35 50.55 -16.95
C3 NAG G . 40.29 51.33 -17.87
C4 NAG G . 39.86 51.19 -19.32
C5 NAG G . 38.37 51.53 -19.49
C6 NAG G . 37.85 51.21 -20.88
C7 NAG G . 40.24 49.73 -14.82
C8 NAG G . 40.56 50.07 -13.39
N2 NAG G . 39.73 50.72 -15.56
O3 NAG G . 41.61 50.84 -17.70
O4 NAG G . 40.64 52.06 -20.13
O5 NAG G . 37.56 50.79 -18.56
O6 NAG G . 38.32 49.95 -21.34
O7 NAG G . 40.40 48.60 -15.27
C1 BMA G . 41.71 51.41 -20.85
C2 BMA G . 41.89 52.10 -22.21
C3 BMA G . 43.00 51.38 -23.00
C4 BMA G . 44.30 51.40 -22.18
C5 BMA G . 43.98 50.67 -20.87
C6 BMA G . 45.18 50.37 -19.98
O2 BMA G . 42.32 53.44 -22.05
O3 BMA G . 43.21 51.91 -24.33
O4 BMA G . 45.35 50.76 -22.87
O5 BMA G . 42.97 51.44 -20.16
O6 BMA G . 44.74 50.11 -18.66
C1 MAN G . 41.94 52.01 -25.01
C2 MAN G . 42.08 51.39 -26.44
C3 MAN G . 42.94 52.28 -27.34
C4 MAN G . 42.51 53.76 -27.29
C5 MAN G . 42.42 54.23 -25.82
C6 MAN G . 41.88 55.64 -25.69
O2 MAN G . 40.81 51.28 -27.09
O3 MAN G . 42.94 51.82 -28.69
O4 MAN G . 43.43 54.57 -27.99
O5 MAN G . 41.53 53.36 -25.09
O6 MAN G . 42.00 56.03 -24.31
C1 MAN G . 45.88 50.06 -17.77
C2 MAN G . 46.60 48.72 -17.96
C3 MAN G . 45.67 47.59 -17.52
C4 MAN G . 45.20 47.82 -16.07
C5 MAN G . 44.55 49.21 -15.96
C6 MAN G . 44.15 49.58 -14.54
O2 MAN G . 47.75 48.62 -17.13
O3 MAN G . 46.29 46.31 -17.65
O4 MAN G . 44.25 46.82 -15.70
O5 MAN G . 45.46 50.23 -16.43
O6 MAN G . 43.43 50.81 -14.59
C1 FUC G . 37.02 54.62 -14.85
C2 FUC G . 36.54 55.42 -16.05
C3 FUC G . 35.11 55.92 -15.79
C4 FUC G . 35.08 56.68 -14.45
C5 FUC G . 35.68 55.79 -13.36
C6 FUC G . 35.71 56.48 -12.02
O2 FUC G . 36.60 54.67 -17.26
O3 FUC G . 34.68 56.80 -16.81
O4 FUC G . 35.85 57.87 -14.56
O5 FUC G . 37.01 55.42 -13.72
C1 NAG H . 44.94 57.60 2.03
C2 NAG H . 46.47 57.51 2.26
C3 NAG H . 47.19 58.80 1.88
C4 NAG H . 46.73 59.36 0.53
C5 NAG H . 45.21 59.46 0.48
C6 NAG H . 44.67 59.86 -0.87
C7 NAG H . 46.99 55.96 4.10
C8 NAG H . 47.27 55.84 5.58
N2 NAG H . 46.74 57.19 3.65
O3 NAG H . 48.59 58.57 1.84
O4 NAG H . 47.46 60.56 0.24
O5 NAG H . 44.68 58.14 0.72
O6 NAG H . 43.24 59.79 -0.89
O7 NAG H . 46.99 54.98 3.37
C1 NAG H . 46.95 61.90 0.30
C2 NAG H . 47.68 62.77 1.29
C3 NAG H . 47.13 64.19 1.24
C4 NAG H . 47.40 64.76 -0.14
C5 NAG H . 46.76 63.86 -1.22
C6 NAG H . 47.21 64.22 -2.61
C7 NAG H . 47.02 62.65 3.74
C8 NAG H . 47.17 61.81 4.97
N2 NAG H . 47.64 62.19 2.64
O3 NAG H . 47.76 64.99 2.22
O4 NAG H . 46.81 66.05 -0.24
O5 NAG H . 47.09 62.47 -1.03
O6 NAG H . 48.06 63.23 -3.16
O7 NAG H . 46.36 63.70 3.76
C1 BMA H . 47.77 67.11 -0.53
C2 BMA H . 47.79 68.04 0.71
C3 BMA H . 48.73 69.23 0.41
C4 BMA H . 50.13 68.76 -0.05
C5 BMA H . 49.99 67.75 -1.22
C6 BMA H . 51.32 67.17 -1.72
O2 BMA H . 48.30 67.29 1.81
O3 BMA H . 48.81 70.27 1.45
O4 BMA H . 50.90 69.86 -0.46
O5 BMA H . 49.10 66.66 -0.82
O6 BMA H . 51.67 67.78 -2.97
C1 MAN H . 49.38 69.88 2.73
C2 MAN H . 48.32 70.23 3.83
C3 MAN H . 48.25 71.77 4.02
C4 MAN H . 49.65 72.39 4.20
C5 MAN H . 50.57 71.96 3.04
C6 MAN H . 52.00 72.45 3.22
O2 MAN H . 48.43 69.55 5.16
O3 MAN H . 47.42 72.11 5.13
O4 MAN H . 49.55 73.81 4.26
O5 MAN H . 50.63 70.52 2.94
O6 MAN H . 52.76 72.04 2.09
C1 NAG H . 49.74 69.40 5.74
C2 NAG H . 49.60 69.14 7.25
C3 NAG H . 50.94 68.79 7.90
C4 NAG H . 51.61 67.65 7.16
C5 NAG H . 51.79 68.03 5.69
C6 NAG H . 52.39 66.92 4.85
C7 NAG H . 47.84 70.25 8.58
C8 NAG H . 47.13 68.93 8.58
N2 NAG H . 49.01 70.29 7.92
O3 NAG H . 50.72 68.41 9.25
O4 NAG H . 52.89 67.38 7.72
O5 NAG H . 50.51 68.33 5.11
O6 NAG H . 53.12 66.00 5.65
O7 NAG H . 47.37 71.25 9.13
C1 MAN H . 52.78 68.70 -2.78
C2 MAN H . 52.51 69.97 -3.63
C3 MAN H . 52.61 69.63 -5.13
C4 MAN H . 53.94 68.90 -5.45
C5 MAN H . 54.13 67.69 -4.52
C6 MAN H . 55.48 67.00 -4.70
O2 MAN H . 53.51 70.97 -3.40
O3 MAN H . 52.48 70.79 -5.95
O4 MAN H . 53.94 68.46 -6.80
O5 MAN H . 54.03 68.12 -3.14
O6 MAN H . 56.03 66.76 -3.41
C1 NAG I . 27.11 51.78 25.81
C2 NAG I . 26.73 53.27 25.62
C3 NAG I . 27.89 54.19 26.00
C4 NAG I . 28.33 53.94 27.43
C5 NAG I . 28.79 52.49 27.56
C6 NAG I . 29.08 52.09 28.98
C7 NAG I . 25.03 53.65 23.87
C8 NAG I . 24.81 53.94 22.42
N2 NAG I . 26.32 53.54 24.26
O3 NAG I . 27.50 55.54 25.84
O4 NAG I . 29.47 54.79 27.64
O5 NAG I . 27.76 51.59 27.12
O6 NAG I . 27.91 52.19 29.78
O7 NAG I . 24.11 53.53 24.68
C1 NAG I . 29.72 55.33 28.96
C2 NAG I . 31.24 55.41 29.07
C3 NAG I . 31.65 55.99 30.42
C4 NAG I . 30.96 57.32 30.67
C5 NAG I . 29.45 57.22 30.45
C6 NAG I . 28.76 58.57 30.48
C7 NAG I . 32.83 53.88 27.99
C8 NAG I . 33.34 52.48 27.90
N2 NAG I . 31.85 54.10 28.86
O3 NAG I . 33.06 56.15 30.44
O4 NAG I . 31.22 57.74 32.01
O5 NAG I . 29.16 56.63 29.18
O6 NAG I . 29.38 59.49 29.60
O7 NAG I . 33.27 54.78 27.27
C1 BMA I . 32.17 58.83 32.03
C2 BMA I . 31.53 59.98 32.79
C3 BMA I . 32.50 61.16 32.83
C4 BMA I . 33.81 60.71 33.47
C5 BMA I . 34.35 59.58 32.60
C6 BMA I . 35.76 59.10 32.93
O2 BMA I . 31.29 59.61 34.14
O3 BMA I . 31.95 62.32 33.46
O4 BMA I . 34.74 61.78 33.54
O5 BMA I . 33.40 58.49 32.67
O6 BMA I . 35.96 57.80 32.37
C1 MAN I . 30.64 62.58 32.91
C2 MAN I . 30.53 64.10 32.55
C3 MAN I . 30.45 64.95 33.83
C4 MAN I . 29.40 64.40 34.82
C5 MAN I . 29.64 62.90 35.08
C6 MAN I . 28.58 62.26 35.96
O2 MAN I . 29.33 64.37 31.82
O3 MAN I . 30.18 66.30 33.53
O4 MAN I . 29.50 65.10 36.05
O5 MAN I . 29.62 62.20 33.83
O6 MAN I . 29.00 60.93 36.24
C1 FUC I . 28.24 52.01 31.17
C2 FUC I . 27.08 52.44 32.09
C3 FUC I . 25.87 51.51 31.87
C4 FUC I . 26.33 50.05 32.07
C5 FUC I . 27.54 49.77 31.15
C6 FUC I . 28.07 48.36 31.28
O2 FUC I . 26.72 53.80 31.90
O3 FUC I . 24.85 51.79 32.81
O4 FUC I . 26.71 49.83 33.42
O5 FUC I . 28.59 50.69 31.47
C1 NAG J . 55.48 50.55 12.47
C2 NAG J . 55.23 51.53 13.60
C3 NAG J . 56.51 52.27 13.95
C4 NAG J . 57.67 51.29 14.16
C5 NAG J . 57.74 50.24 13.06
C6 NAG J . 58.69 49.10 13.36
C7 NAG J . 52.88 52.23 13.46
C8 NAG J . 51.93 53.30 13.03
N2 NAG J . 54.17 52.47 13.25
O3 NAG J . 56.31 53.03 15.13
O4 NAG J . 58.86 52.09 14.11
O5 NAG J . 56.45 49.63 12.86
O6 NAG J . 58.91 48.27 12.22
O7 NAG J . 52.48 51.19 13.98
C1 NAG J . 59.94 51.72 15.00
C2 NAG J . 61.21 52.20 14.30
C3 NAG J . 62.43 51.85 15.15
C4 NAG J . 62.27 52.39 16.56
C5 NAG J . 60.94 51.93 17.16
C6 NAG J . 60.66 52.55 18.51
C7 NAG J . 60.89 52.27 11.88
C8 NAG J . 61.09 51.54 10.58
N2 NAG J . 61.32 51.63 12.97
O3 NAG J . 63.59 52.40 14.53
O4 NAG J . 63.35 51.93 17.38
O5 NAG J . 59.85 52.31 16.30
O6 NAG J . 59.59 51.88 19.17
O7 NAG J . 60.37 53.37 11.92
C1 NAG K . -30.89 -33.75 -41.97
C2 NAG K . -30.70 -32.47 -42.82
C3 NAG K . -32.04 -31.84 -43.18
C4 NAG K . -32.93 -32.82 -43.91
C5 NAG K . -33.18 -34.02 -43.01
C6 NAG K . -33.99 -35.11 -43.67
C7 NAG K . -28.52 -31.54 -42.16
C8 NAG K . -27.82 -30.48 -41.38
N2 NAG K . -29.86 -31.51 -42.13
O3 NAG K . -31.82 -30.68 -43.98
O4 NAG K . -34.16 -32.15 -44.17
O5 NAG K . -31.95 -34.62 -42.58
O6 NAG K . -33.21 -35.81 -44.63
O7 NAG K . -27.91 -32.41 -42.77
C1 NAG K . -34.83 -32.28 -45.46
C2 NAG K . -36.30 -32.02 -45.17
C3 NAG K . -37.13 -32.14 -46.45
C4 NAG K . -36.57 -31.24 -47.55
C5 NAG K . -35.06 -31.47 -47.74
C6 NAG K . -34.43 -30.46 -48.67
C7 NAG K . -37.39 -32.47 -43.03
C8 NAG K . -37.84 -33.52 -42.07
N2 NAG K . -36.80 -32.91 -44.15
O3 NAG K . -38.47 -31.78 -46.17
O4 NAG K . -37.25 -31.51 -48.78
O5 NAG K . -34.36 -31.39 -46.49
O6 NAG K . -34.88 -29.14 -48.40
O7 NAG K . -37.55 -31.27 -42.81
C1 BMA K . -38.27 -30.54 -49.10
C2 BMA K . -38.31 -30.37 -50.64
C3 BMA K . -39.36 -29.30 -51.00
C4 BMA K . -40.73 -29.74 -50.44
C5 BMA K . -40.54 -29.84 -48.92
C6 BMA K . -41.84 -30.05 -48.13
O2 BMA K . -38.71 -31.57 -51.27
O3 BMA K . -39.44 -29.01 -52.41
O4 BMA K . -41.73 -28.79 -50.76
O5 BMA K . -39.58 -30.91 -48.67
O6 BMA K . -41.52 -30.57 -46.84
C1 MAN K . -38.11 -28.76 -52.93
C2 MAN K . -38.14 -27.45 -53.78
C3 MAN K . -38.88 -27.69 -55.10
C4 MAN K . -38.42 -28.97 -55.82
C5 MAN K . -38.45 -30.17 -54.86
C6 MAN K . -37.89 -31.44 -55.46
O2 MAN K . -36.81 -27.05 -54.15
O3 MAN K . -38.77 -26.56 -55.97
O4 MAN K . -39.25 -29.23 -56.94
O5 MAN K . -37.66 -29.86 -53.69
O6 MAN K . -38.11 -32.50 -54.54
C1 MAN K . -42.73 -30.99 -46.19
C2 MAN K . -43.47 -29.72 -45.66
C3 MAN K . -42.61 -29.06 -44.59
C4 MAN K . -42.27 -30.05 -43.47
C5 MAN K . -41.59 -31.30 -44.09
C6 MAN K . -41.31 -32.40 -43.07
O2 MAN K . -44.69 -30.07 -45.02
O3 MAN K . -43.24 -27.90 -44.06
O4 MAN K . -41.39 -29.45 -42.54
O5 MAN K . -42.43 -31.86 -45.12
O6 MAN K . -40.55 -33.40 -43.73
C1 FUC K . -34.06 -36.63 -45.44
C2 FUC K . -33.45 -36.65 -46.84
C3 FUC K . -32.04 -37.26 -46.75
C4 FUC K . -32.10 -38.63 -46.07
C5 FUC K . -32.82 -38.46 -44.73
C6 FUC K . -32.95 -39.77 -44.00
O2 FUC K . -33.42 -35.37 -47.45
O3 FUC K . -31.49 -37.45 -48.06
O4 FUC K . -32.82 -39.55 -46.88
O5 FUC K . -34.12 -37.92 -44.94
C1 NAG L . -43.38 -48.14 -33.75
C2 NAG L . -44.93 -48.15 -33.63
C3 NAG L . -45.57 -49.01 -34.73
C4 NAG L . -44.99 -48.74 -36.11
C5 NAG L . -43.46 -48.83 -36.07
C6 NAG L . -42.78 -48.44 -37.36
C7 NAG L . -45.66 -47.84 -31.29
C8 NAG L . -46.08 -48.55 -30.03
N2 NAG L . -45.33 -48.64 -32.32
O3 NAG L . -46.97 -48.75 -34.75
O4 NAG L . -45.66 -49.57 -37.06
O5 NAG L . -42.99 -47.89 -35.09
O6 NAG L . -41.38 -48.42 -37.21
O7 NAG L . -45.61 -46.62 -31.38
C1 NAG L . -45.10 -50.74 -37.71
C2 NAG L . -45.91 -51.99 -37.43
C3 NAG L . -45.32 -53.16 -38.19
C4 NAG L . -45.44 -52.87 -39.68
C5 NAG L . -44.73 -51.56 -40.03
C6 NAG L . -45.04 -51.09 -41.43
C7 NAG L . -45.47 -53.25 -35.26
C8 NAG L . -45.76 -53.21 -33.79
N2 NAG L . -46.00 -52.25 -35.98
O3 NAG L . -46.01 -54.36 -37.87
O4 NAG L . -44.81 -53.92 -40.42
O5 NAG L . -45.12 -50.49 -39.14
O6 NAG L . -45.87 -49.93 -41.42
O7 NAG L . -44.79 -54.15 -35.75
C1 BMA L . -45.71 -54.63 -41.32
C2 BMA L . -45.82 -56.07 -40.79
C3 BMA L . -46.70 -56.89 -41.78
C4 BMA L . -48.06 -56.20 -42.03
C5 BMA L . -47.85 -54.72 -42.44
C6 BMA L . -49.15 -53.92 -42.66
O2 BMA L . -46.45 -56.04 -39.52
O3 BMA L . -46.84 -58.33 -41.49
O4 BMA L . -48.77 -56.88 -43.05
O5 BMA L . -47.03 -54.05 -41.43
O6 BMA L . -49.36 -53.74 -44.07
C1 MAN L . -47.54 -58.68 -40.27
C2 MAN L . -46.57 -59.61 -39.46
C3 MAN L . -46.48 -61.00 -40.13
C4 MAN L . -47.87 -61.58 -40.44
C5 MAN L . -48.69 -60.56 -41.26
C6 MAN L . -50.12 -61.03 -41.51
O2 MAN L . -46.81 -59.76 -37.99
O3 MAN L . -45.74 -61.91 -39.32
O4 MAN L . -47.74 -62.79 -41.16
O5 MAN L . -48.78 -59.30 -40.56
O6 MAN L . -50.78 -60.05 -42.29
C1 NAG L . -48.18 -59.92 -37.54
C2 NAG L . -48.18 -60.53 -36.11
C3 NAG L . -49.58 -60.54 -35.50
C4 NAG L . -50.22 -59.17 -35.57
C5 NAG L . -50.25 -58.68 -37.01
C6 NAG L . -50.81 -57.28 -37.16
C7 NAG L . -46.52 -62.23 -35.47
C8 NAG L . -45.84 -61.15 -34.69
N2 NAG L . -47.62 -61.88 -36.13
O3 NAG L . -49.51 -60.99 -34.16
O4 NAG L . -51.55 -59.22 -35.06
O5 NAG L . -48.92 -58.66 -37.54
O6 NAG L . -51.63 -56.93 -36.06
O7 NAG L . -46.08 -63.38 -35.50
C1 MAN L . -50.45 -54.59 -44.52
C2 MAN L . -50.08 -55.19 -45.90
C3 MAN L . -50.05 -54.09 -46.97
C4 MAN L . -51.36 -53.27 -46.95
C5 MAN L . -51.67 -52.76 -45.53
C6 MAN L . -53.02 -52.05 -45.43
O2 MAN L . -51.06 -56.13 -46.34
O3 MAN L . -49.82 -54.62 -48.27
O4 MAN L . -51.25 -52.16 -47.84
O5 MAN L . -51.69 -53.86 -44.61
O6 MAN L . -53.69 -52.53 -44.26
C1 NAG M . -27.93 -56.75 -9.15
C2 NAG M . -27.51 -57.90 -10.09
C3 NAG M . -28.67 -58.84 -10.37
C4 NAG M . -29.25 -59.41 -9.10
C5 NAG M . -29.75 -58.25 -8.23
C6 NAG M . -30.17 -58.69 -6.85
C7 NAG M . -25.64 -57.31 -11.60
C8 NAG M . -25.27 -56.77 -12.94
N2 NAG M . -26.95 -57.39 -11.34
O3 NAG M . -28.22 -59.90 -11.21
O4 NAG M . -30.36 -60.21 -9.49
O5 NAG M . -28.71 -57.28 -8.02
O6 NAG M . -29.07 -59.24 -6.15
O7 NAG M . -24.80 -57.68 -10.78
C1 NAG M . -30.72 -61.37 -8.71
C2 NAG M . -32.24 -61.46 -8.79
C3 NAG M . -32.75 -62.67 -8.03
C4 NAG M . -32.06 -63.95 -8.48
C5 NAG M . -30.54 -63.79 -8.48
C6 NAG M . -29.81 -64.94 -9.12
C7 NAG M . -33.76 -59.54 -9.00
C8 NAG M . -34.30 -58.32 -8.35
N2 NAG M . -32.87 -60.24 -8.30
O3 NAG M . -34.16 -62.79 -8.23
O4 NAG M . -32.42 -65.01 -7.63
O5 NAG M . -30.14 -62.59 -9.19
O6 NAG M . -30.33 -65.21 -10.42
O7 NAG M . -34.12 -59.89 -10.13
C1 BMA M . -33.35 -65.90 -8.28
C2 BMA M . -32.73 -67.31 -8.22
C3 BMA M . -33.68 -68.29 -8.93
C4 BMA M . -35.05 -68.24 -8.26
C5 BMA M . -35.55 -66.78 -8.41
C6 BMA M . -37.00 -66.54 -8.00
O2 BMA M . -32.63 -67.74 -6.88
O3 BMA M . -33.15 -69.63 -8.98
O4 BMA M . -35.95 -69.14 -8.88
O5 BMA M . -34.63 -65.95 -7.67
O6 BMA M . -37.17 -65.14 -7.77
C1 MAN M . -31.79 -69.58 -9.46
C2 MAN M . -31.61 -70.65 -10.58
C3 MAN M . -31.63 -72.06 -9.97
C4 MAN M . -30.69 -72.17 -8.75
C5 MAN M . -30.99 -71.05 -7.74
C6 MAN M . -30.03 -71.03 -6.56
O2 MAN M . -30.35 -70.51 -11.23
O3 MAN M . -31.30 -73.05 -10.95
O4 MAN M . -30.88 -73.43 -8.12
O5 MAN M . -30.88 -69.78 -8.39
O6 MAN M . -30.51 -70.05 -5.64
C1 FUC M . -29.54 -59.84 -4.91
C2 FUC M . -28.46 -60.74 -4.29
C3 FUC M . -27.26 -59.87 -3.84
C4 FUC M . -27.77 -58.74 -2.92
C5 FUC M . -28.89 -57.98 -3.65
C6 FUC M . -29.47 -56.85 -2.81
O2 FUC M . -28.03 -61.79 -5.14
O3 FUC M . -26.32 -60.64 -3.12
O4 FUC M . -28.27 -59.29 -1.71
O5 FUC M . -29.95 -58.89 -3.98
C1 NAG N . -55.00 -47.67 -22.15
C2 NAG N . -54.83 -49.11 -21.72
C3 NAG N . -56.12 -49.88 -21.94
C4 NAG N . -57.33 -49.15 -21.33
C5 NAG N . -57.32 -47.66 -21.69
C6 NAG N . -58.32 -46.85 -20.90
C7 NAG N . -52.46 -49.68 -22.00
C8 NAG N . -51.44 -50.37 -22.86
N2 NAG N . -53.73 -49.73 -22.43
O3 NAG N . -56.00 -51.17 -21.36
O4 NAG N . -58.48 -49.76 -21.91
O5 NAG N . -56.04 -47.07 -21.41
O6 NAG N . -58.45 -45.53 -21.41
O7 NAG N . -52.14 -49.10 -20.97
C1 NAG N . -59.64 -49.91 -21.07
C2 NAG N . -60.84 -49.89 -22.04
C3 NAG N . -62.14 -50.02 -21.26
C4 NAG N . -62.09 -51.26 -20.36
C5 NAG N . -60.83 -51.24 -19.49
C6 NAG N . -60.66 -52.50 -18.67
C7 NAG N . -60.30 -48.63 -24.07
C8 NAG N . -60.40 -47.31 -24.77
N2 NAG N . -60.83 -48.69 -22.85
O3 NAG N . -63.22 -50.12 -22.17
O4 NAG N . -63.24 -51.29 -19.52
O5 NAG N . -59.66 -51.11 -20.31
O6 NAG N . -59.67 -52.33 -17.66
O7 NAG N . -59.75 -49.59 -24.59
MG MG O . 34.76 -53.17 -7.82
MG MG P . 38.91 -35.71 -10.64
MG MG Q . 28.99 -2.71 -7.29
CAA 7Q2 R . 36.79 10.99 -8.25
CAB 7Q2 R . 35.58 10.05 -8.41
CAD 7Q2 R . 37.93 10.06 -8.43
CAE 7Q2 R . 37.14 8.62 -10.20
CAF 7Q2 R . 37.38 8.79 -8.69
CAG 7Q2 R . 36.14 8.82 -8.00
CAH 7Q2 R . 38.21 7.69 -8.18
CAI 7Q2 R . 35.32 7.68 -8.41
CAJ 7Q2 R . 33.94 7.77 -7.80
CAK 7Q2 R . 37.47 6.33 -8.48
CAL 7Q2 R . 35.99 6.41 -7.92
CAM 7Q2 R . 33.23 6.56 -8.09
CAO 7Q2 R . 35.09 5.24 -9.88
CAP 7Q2 R . 35.21 5.24 -8.36
CAQ 7Q2 R . 33.83 5.32 -7.75
CAR 7Q2 R . 35.87 3.97 -7.91
CAS 7Q2 R . 32.98 4.18 -8.28
CAT 7Q2 R . 35.05 2.77 -8.41
CAU 7Q2 R . 33.70 2.97 -8.10
CAX 7Q2 R . 32.84 -0.36 -7.16
CAY 7Q2 R . 33.32 -1.66 -7.80
NAV 7Q2 R . 33.01 1.94 -7.65
NAZ 7Q2 R . 32.18 -2.50 -8.20
OAC 7Q2 R . 39.13 10.34 -8.36
OAN 7Q2 R . 32.12 6.60 -8.60
OAW 7Q2 R . 33.75 0.69 -7.48
C1 CLR S . 7.09 16.14 -3.20
C2 CLR S . 7.98 17.04 -2.35
C3 CLR S . 8.48 16.35 -1.05
C4 CLR S . 9.15 15.02 -1.45
C5 CLR S . 8.34 14.12 -2.36
C6 CLR S . 8.17 12.84 -2.03
C7 CLR S . 7.34 11.88 -2.87
C8 CLR S . 7.17 12.42 -4.31
C9 CLR S . 6.71 13.91 -4.28
C10 CLR S . 7.78 14.83 -3.62
C11 CLR S . 6.27 14.39 -5.67
C12 CLR S . 5.25 13.47 -6.37
C13 CLR S . 5.82 12.01 -6.44
C14 CLR S . 6.10 11.60 -4.96
C15 CLR S . 6.30 10.05 -4.95
C16 CLR S . 5.38 9.57 -6.14
C17 CLR S . 4.76 10.91 -6.79
C18 CLR S . 7.06 11.86 -7.32
C19 CLR S . 8.93 15.13 -4.64
C20 CLR S . 4.52 10.68 -8.28
C21 CLR S . 3.80 11.83 -9.02
C22 CLR S . 3.62 9.40 -8.35
C23 CLR S . 3.88 8.57 -9.61
C24 CLR S . 2.76 7.46 -9.55
C25 CLR S . 2.77 6.65 -10.84
C26 CLR S . 2.28 7.38 -12.10
C27 CLR S . 2.13 5.28 -10.56
O1 CLR S . 9.30 17.17 -0.23
C1 PCW T . 24.02 -22.56 7.45
C2 PCW T . 24.44 -21.09 7.59
C3 PCW T . 25.84 -20.92 6.98
C4 PCW T . 22.45 -26.38 10.54
C5 PCW T . 22.13 -26.54 12.03
C6 PCW T . 20.44 -28.20 11.56
C7 PCW T . 22.71 -28.87 11.94
C8 PCW T . 21.39 -28.04 13.76
C11 PCW T . 27.49 -19.38 6.59
C12 PCW T . 28.14 -18.02 6.86
C31 PCW T . 23.01 -19.28 7.63
C32 PCW T . 22.05 -18.33 6.90
N PCW T . 21.66 -27.91 12.32
O2 PCW T . 23.53 -20.27 6.85
O3 PCW T . 26.36 -19.63 7.31
O11 PCW T . 27.97 -20.17 5.77
O31 PCW T . 23.28 -19.12 8.83
O1P PCW T . 24.50 -25.51 8.44
O2P PCW T . 22.10 -24.88 7.87
O3P PCW T . 23.69 -23.15 8.71
O4P PCW T . 22.85 -25.03 10.23
P PCW T . 23.29 -24.70 8.71
C1 PCW U . 33.33 -14.89 -25.85
C2 PCW U . 33.63 -13.45 -25.38
C3 PCW U . 35.05 -13.02 -25.75
C4 PCW U . 37.00 -17.10 -26.48
C5 PCW U . 38.07 -18.19 -26.53
C6 PCW U . 39.79 -16.60 -27.11
C7 PCW U . 39.37 -17.13 -24.80
C8 PCW U . 40.38 -18.76 -26.24
C11 PCW U . 36.91 -11.97 -24.86
C12 PCW U . 37.10 -10.46 -24.75
C31 PCW U . 32.42 -11.53 -25.12
C32 PCW U . 32.21 -10.16 -25.79
N PCW U . 39.40 -17.67 -26.18
O2 PCW U . 32.67 -12.55 -25.96
O3 PCW U . 35.65 -12.42 -24.60
O11 PCW U . 37.84 -12.71 -25.20
O31 PCW U . 32.35 -11.63 -23.90
O1P PCW U . 33.36 -17.28 -27.46
O2P PCW U . 34.13 -18.06 -25.16
O3P PCW U . 34.51 -15.69 -25.89
O4P PCW U . 35.77 -17.63 -26.98
P PCW U . 34.34 -17.23 -26.36
C1 PCW V . 5.56 -10.05 -32.12
C2 PCW V . 6.43 -9.32 -31.08
C3 PCW V . 7.02 -8.03 -31.66
C4 PCW V . 8.00 -14.32 -33.58
C5 PCW V . 9.48 -13.95 -33.82
C6 PCW V . 11.70 -13.99 -32.97
C7 PCW V . 9.89 -14.76 -31.57
C8 PCW V . 10.57 -16.06 -33.44
C11 PCW V . 7.67 -5.91 -30.81
C12 PCW V . 7.93 -5.06 -29.55
C13 PCW V . 7.18 -3.72 -29.58
C14 PCW V . 6.40 -3.52 -28.27
C15 PCW V . 7.36 -3.15 -27.14
C16 PCW V . 6.56 -2.75 -25.89
C17 PCW V . 7.50 -2.30 -24.77
C18 PCW V . 6.77 -1.43 -23.75
C19 PCW V . 6.50 -2.29 -22.50
C20 PCW V . 6.66 -1.64 -21.12
C21 PCW V . 7.07 -0.18 -21.01
C22 PCW V . 6.73 0.30 -19.60
C23 PCW V . 7.99 0.42 -18.74
C24 PCW V . 7.73 1.34 -17.55
C25 PCW V . 9.01 1.59 -16.77
C26 PCW V . 8.83 2.81 -15.86
C27 PCW V . 10.05 2.99 -14.94
C28 PCW V . 9.90 4.27 -14.12
C31 PCW V . 5.27 -9.84 -29.04
C32 PCW V . 4.44 -9.25 -27.90
C33 PCW V . 5.32 -8.87 -26.71
C34 PCW V . 5.02 -7.42 -26.30
C35 PCW V . 5.88 -7.04 -25.09
C36 PCW V . 5.02 -7.07 -23.81
C37 PCW V . 5.83 -6.48 -22.66
C38 PCW V . 4.95 -5.79 -21.62
C39 PCW V . 5.89 -5.35 -20.50
C40 PCW V . 5.45 -4.24 -19.53
C41 PCW V . 4.08 -3.60 -19.70
C42 PCW V . 3.58 -3.39 -18.28
C43 PCW V . 3.71 -1.93 -17.83
C44 PCW V . 3.24 -1.82 -16.37
C45 PCW V . 3.57 -0.42 -15.87
C46 PCW V . 2.69 -0.03 -14.68
C47 PCW V . 3.03 1.43 -14.33
C48 PCW V . 2.36 1.81 -13.02
N PCW V . 10.40 -14.69 -32.95
O2 PCW V . 5.65 -8.90 -29.97
O3 PCW V . 7.23 -7.16 -30.54
O11 PCW V . 7.84 -5.45 -31.94
O31 PCW V . 5.56 -11.03 -29.09
O1P PCW V . 4.76 -12.94 -33.22
O2P PCW V . 6.55 -13.01 -31.39
O3P PCW V . 6.33 -10.99 -32.88
O4P PCW V . 7.19 -13.16 -33.82
P PCW V . 6.12 -12.58 -32.75
C1 PCW W . 0.57 -19.21 -1.89
C2 PCW W . 1.01 -17.96 -1.10
C3 PCW W . 0.08 -16.78 -1.36
C4 PCW W . -0.11 -24.09 -0.25
C5 PCW W . -0.09 -24.64 1.17
C6 PCW W . -0.33 -26.55 2.61
C7 PCW W . -1.57 -26.45 0.57
C8 PCW W . 0.80 -26.77 0.50
C11 PCW W . 0.88 -14.54 -1.43
C12 PCW W . 1.67 -13.50 -2.23
C13 PCW W . 1.81 -12.15 -1.50
C14 PCW W . 2.77 -11.27 -2.30
C15 PCW W . 2.83 -9.85 -1.70
C16 PCW W . 4.00 -9.07 -2.32
C17 PCW W . 4.68 -8.25 -1.23
C18 PCW W . 5.76 -7.31 -1.80
C19 PCW W . 6.58 -6.78 -0.62
C20 PCW W . 7.78 -5.84 -0.89
C21 PCW W . 8.14 -5.46 -2.34
C22 PCW W . 7.22 -4.35 -2.85
C23 PCW W . 8.10 -3.22 -3.40
C24 PCW W . 7.24 -2.09 -3.98
C25 PCW W . 6.73 -1.16 -2.88
C26 PCW W . 5.84 -0.10 -3.52
C27 PCW W . 5.15 0.74 -2.43
C28 PCW W . 4.08 1.62 -3.08
C31 PCW W . 2.35 -18.16 0.84
C32 PCW W . 2.42 -18.54 2.32
C33 PCW W . 2.22 -17.34 3.26
C34 PCW W . 3.31 -16.28 3.05
C35 PCW W . 2.87 -14.94 3.66
C36 PCW W . 3.87 -13.85 3.27
C37 PCW W . 3.60 -12.57 4.06
C38 PCW W . 4.86 -11.67 4.02
C39 PCW W . 4.78 -10.79 2.77
C40 PCW W . 5.78 -9.64 2.63
C41 PCW W . 6.82 -9.43 3.74
C42 PCW W . 7.01 -7.91 3.88
C43 PCW W . 8.35 -7.43 3.30
C44 PCW W . 8.48 -5.94 3.61
C45 PCW W . 9.87 -5.38 3.26
C46 PCW W . 10.04 -4.01 3.92
C47 PCW W . 11.00 -4.09 5.10
C48 PCW W . 10.98 -2.76 5.85
N PCW W . -0.30 -26.10 1.21
O2 PCW W . 1.10 -18.25 0.30
O3 PCW W . 0.79 -15.74 -2.06
O11 PCW W . 0.39 -14.28 -0.33
O31 PCW W . 3.35 -17.80 0.22
O1P PCW W . 1.17 -22.15 -2.40
O2P PCW W . -1.36 -21.88 -2.12
O3P PCW W . 0.22 -20.27 -1.00
O4P PCW W . 0.06 -22.66 -0.21
P PCW W . 0.01 -21.77 -1.56
C1 PCW X . -1.15 -17.04 -13.45
C2 PCW X . -2.11 -16.33 -12.48
C3 PCW X . -2.56 -17.29 -11.39
C4 PCW X . 0.34 -20.78 -15.77
C5 PCW X . 0.76 -21.97 -14.90
C6 PCW X . 1.88 -24.08 -14.77
C7 PCW X . 0.78 -23.44 -16.81
C8 PCW X . 2.80 -22.34 -16.14
C11 PCW X . -3.96 -16.93 -9.52
C12 PCW X . -4.30 -16.06 -8.32
C13 PCW X . -4.15 -14.58 -8.68
C14 PCW X . -4.19 -13.72 -7.41
C15 PCW X . -3.92 -12.25 -7.75
C16 PCW X . -4.39 -11.38 -6.59
C17 PCW X . -4.87 -10.01 -7.09
C18 PCW X . -3.84 -8.90 -6.87
C19 PCW X . -3.90 -8.46 -5.41
C20 PCW X . -4.00 -6.96 -5.13
C21 PCW X . -4.01 -6.03 -6.33
C22 PCW X . -3.39 -4.70 -5.89
C23 PCW X . -3.57 -3.65 -6.99
C24 PCW X . -2.85 -2.38 -6.53
C25 PCW X . -2.83 -1.44 -7.72
C26 PCW X . -2.01 -0.20 -7.38
C27 PCW X . -1.95 0.60 -8.66
C28 PCW X . -1.22 1.91 -8.40
C31 PCW X . -1.50 -14.02 -12.38
C32 PCW X . -0.76 -12.92 -11.60
C33 PCW X . -0.68 -11.65 -12.45
C34 PCW X . -0.99 -10.43 -11.56
C35 PCW X . -0.22 -9.20 -12.04
C36 PCW X . -0.79 -7.94 -11.35
C37 PCW X . 0.21 -7.31 -10.37
C38 PCW X . -0.52 -6.26 -9.53
C39 PCW X . 0.51 -5.25 -9.00
C40 PCW X . 0.75 -5.07 -7.50
C41 PCW X . -0.05 -5.93 -6.51
C42 PCW X . 0.10 -5.27 -5.12
C43 PCW X . 1.19 -6.00 -4.34
C44 PCW X . 2.17 -5.00 -3.69
C45 PCW X . 1.47 -4.19 -2.59
C46 PCW X . 2.02 -2.76 -2.58
C47 PCW X . 1.40 -2.01 -1.39
C48 PCW X . 1.75 -0.53 -1.45
N PCW X . 1.55 -22.96 -15.66
O2 PCW X . -1.44 -15.25 -11.79
O3 PCW X . -2.94 -16.45 -10.29
O11 PCW X . -4.58 -17.98 -9.76
O31 PCW X . -2.10 -13.78 -13.41
O1P PCW X . 0.07 -17.71 -16.11
O2P PCW X . -2.07 -18.98 -16.67
O3P PCW X . -1.86 -17.81 -14.44
O4P PCW X . -0.44 -19.86 -14.98
P PCW X . -1.07 -18.53 -15.67
C1 PCW Y . 39.78 11.29 7.19
C2 PCW Y . 39.13 9.95 7.58
C3 PCW Y . 39.65 8.81 6.69
C4 PCW Y . 39.94 15.72 7.96
C5 PCW Y . 40.34 16.01 9.41
C6 PCW Y . 40.04 17.88 10.89
C7 PCW Y . 42.18 17.47 9.89
C8 PCW Y . 40.36 18.31 8.56
C11 PCW Y . 38.59 6.73 6.24
C12 PCW Y . 37.32 6.03 5.73
C13 PCW Y . 37.39 4.51 5.88
C14 PCW Y . 36.21 3.89 5.11
C15 PCW Y . 36.30 2.35 5.13
C16 PCW Y . 35.24 1.77 4.17
C17 PCW Y . 34.55 0.52 4.77
C18 PCW Y . 33.09 0.46 4.31
C19 PCW Y . 32.90 -0.82 3.49
C20 PCW Y . 31.89 -1.88 3.96
C21 PCW Y . 31.10 -1.64 5.25
C22 PCW Y . 30.26 -2.91 5.52
C23 PCW Y . 29.03 -2.59 6.37
C24 PCW Y . 29.03 -3.45 7.65
C25 PCW Y . 27.85 -4.44 7.61
C26 PCW Y . 28.37 -5.86 7.78
C27 PCW Y . 27.20 -6.85 7.84
C28 PCW Y . 27.73 -8.25 8.19
C31 PCW Y . 38.34 9.40 9.75
C32 PCW Y . 38.70 9.03 11.19
C33 PCW Y . 37.77 7.97 11.80
C34 PCW Y . 38.13 6.55 11.31
C35 PCW Y . 36.86 5.76 10.98
C36 PCW Y . 37.20 4.33 10.55
C37 PCW Y . 35.88 3.60 10.25
C38 PCW Y . 36.12 2.20 9.65
C39 PCW Y . 34.75 1.69 9.18
C40 PCW Y . 34.62 0.21 8.76
C41 PCW Y . 35.87 -0.67 8.82
C42 PCW Y . 35.47 -2.03 9.44
C43 PCW Y . 34.44 -2.73 8.55
C44 PCW Y . 34.57 -4.26 8.69
C45 PCW Y . 33.20 -4.90 8.42
C46 PCW Y . 33.20 -5.67 7.10
C47 PCW Y . 31.79 -6.19 6.83
C48 PCW Y . 31.84 -7.38 5.86
N PCW Y . 40.72 17.41 9.67
O2 PCW Y . 39.42 9.66 8.96
O3 PCW Y . 38.51 8.10 6.19
O11 PCW Y . 39.56 6.11 6.65
O31 PCW Y . 37.17 9.43 9.37
O1P PCW Y . 37.87 14.44 5.99
O2P PCW Y . 40.29 13.80 5.48
O3P PCW Y . 38.78 12.20 6.72
O4P PCW Y . 39.58 14.34 7.82
P PCW Y . 39.12 13.75 6.39
C1 PCW Z . 30.10 12.00 18.61
C2 PCW Z . 30.74 10.73 19.20
C3 PCW Z . 29.68 9.68 19.54
C4 PCW Z . 30.88 16.19 17.19
C5 PCW Z . 31.84 16.17 15.99
C6 PCW Z . 33.30 17.80 15.00
C7 PCW Z . 31.20 17.28 13.96
C8 PCW Z . 31.26 18.55 15.98
C11 PCW Z . 29.43 7.37 19.12
C12 PCW Z . 29.76 6.19 18.20
C13 PCW Z . 29.11 4.88 18.68
C14 PCW Z . 29.19 3.83 17.58
C15 PCW Z . 28.38 2.59 17.95
C16 PCW Z . 28.64 1.48 16.91
C17 PCW Z . 27.31 0.81 16.59
C18 PCW Z . 26.72 -0.04 17.72
C19 PCW Z . 25.19 -0.12 17.49
C20 PCW Z . 24.51 -1.43 17.08
C21 PCW Z . 25.36 -2.70 16.89
C22 PCW Z . 24.47 -3.74 16.22
C23 PCW Z . 24.98 -5.16 16.52
C24 PCW Z . 23.90 -6.19 16.22
C25 PCW Z . 24.41 -7.58 16.60
C26 PCW Z . 23.29 -8.62 16.46
C27 PCW Z . 23.90 -10.01 16.35
C28 PCW Z . 22.82 -11.04 16.03
C31 PCW Z . 32.80 10.68 17.93
C32 PCW Z . 33.68 9.83 17.02
C33 PCW Z . 32.83 8.91 16.15
C34 PCW Z . 33.51 7.53 16.03
C35 PCW Z . 32.92 6.73 14.86
C36 PCW Z . 32.53 5.31 15.30
C37 PCW Z . 31.59 4.71 14.24
C38 PCW Z . 32.14 3.36 13.75
C39 PCW Z . 32.28 3.43 12.22
C40 PCW Z . 31.96 2.20 11.35
C41 PCW Z . 31.51 0.90 12.03
C42 PCW Z . 30.07 0.59 11.58
C43 PCW Z . 30.08 -0.74 10.81
C44 PCW Z . 28.66 -1.32 10.63
C45 PCW Z . 28.47 -2.54 11.53
C46 PCW Z . 27.04 -3.08 11.34
C47 PCW Z . 26.80 -4.23 12.32
C48 PCW Z . 25.40 -4.80 12.08
N PCW Z . 31.89 17.45 15.24
O2 PCW Z . 31.62 10.08 18.28
O3 PCW Z . 29.97 8.55 18.73
O11 PCW Z . 28.74 7.23 20.13
O31 PCW Z . 33.15 11.80 18.31
O1P PCW Z . 30.44 15.52 20.20
O2P PCW Z . 28.56 14.68 18.68
O3P PCW Z . 30.35 13.10 19.49
O4P PCW Z . 30.89 14.90 17.82
P PCW Z . 29.97 14.63 19.11
C1 PCW AA . 31.22 -22.50 10.36
C2 PCW AA . 32.02 -21.26 9.93
C3 PCW AA . 31.41 -20.02 10.58
C4 PCW AA . 29.58 -26.22 12.00
C5 PCW AA . 28.24 -25.97 12.72
C6 PCW AA . 27.34 -28.12 12.10
C7 PCW AA . 28.62 -27.90 14.12
C8 PCW AA . 26.44 -26.93 13.98
C11 PCW AA . 31.14 -17.84 10.02
C12 PCW AA . 30.74 -16.75 9.02
C31 PCW AA . 34.21 -20.95 9.36
C32 PCW AA . 35.69 -20.92 9.71
N PCW AA . 27.67 -27.23 13.23
O2 PCW AA . 33.38 -21.32 10.38
O3 PCW AA . 30.99 -19.11 9.56
O11 PCW AA . 31.58 -17.55 11.13
O31 PCW AA . 33.83 -20.68 8.22
O1P PCW AA . 32.51 -25.83 11.64
O2P PCW AA . 31.24 -25.59 9.45
O3P PCW AA . 32.11 -23.58 10.63
O4P PCW AA . 30.18 -24.98 11.60
P PCW AA . 31.57 -25.08 10.80
C1 PCW BA . 27.24 -14.13 -26.18
C2 PCW BA . 26.98 -12.62 -26.32
C3 PCW BA . 27.77 -11.83 -25.26
C4 PCW BA . 26.20 -18.24 -27.69
C5 PCW BA . 26.54 -18.37 -29.18
C6 PCW BA . 25.79 -19.82 -30.95
C7 PCW BA . 27.93 -20.17 -29.94
C8 PCW BA . 25.93 -20.70 -28.73
C11 PCW BA . 27.23 -9.49 -25.19
C12 PCW BA . 26.28 -8.43 -24.61
C13 PCW BA . 26.35 -7.08 -25.34
C14 PCW BA . 26.53 -5.93 -24.33
C15 PCW BA . 27.12 -4.70 -25.03
C16 PCW BA . 27.49 -3.59 -24.03
C17 PCW BA . 26.23 -2.96 -23.42
C18 PCW BA . 26.51 -2.53 -21.97
C19 PCW BA . 25.19 -2.18 -21.27
C20 PCW BA . 25.06 -0.83 -20.55
C21 PCW BA . 26.27 0.12 -20.55
C22 PCW BA . 25.88 1.42 -19.81
C23 PCW BA . 26.12 2.67 -20.67
C24 PCW BA . 25.79 3.91 -19.82
C25 PCW BA . 25.96 5.20 -20.65
C26 PCW BA . 25.49 6.41 -19.83
C27 PCW BA . 25.59 7.68 -20.69
C28 PCW BA . 26.31 8.79 -19.93
C31 PCW BA . 26.40 -11.51 -28.35
C32 PCW BA . 26.89 -11.01 -29.71
C33 PCW BA . 27.44 -9.58 -29.64
C34 PCW BA . 26.36 -8.56 -29.98
C35 PCW BA . 26.93 -7.15 -29.83
C36 PCW BA . 25.85 -6.10 -30.13
C37 PCW BA . 26.45 -4.70 -29.98
C38 PCW BA . 25.36 -3.65 -29.73
C39 PCW BA . 26.00 -2.47 -28.99
C40 PCW BA . 25.52 -1.05 -29.29
C41 PCW BA . 24.42 -0.85 -30.34
C42 PCW BA . 24.17 0.66 -30.42
C43 PCW BA . 23.38 1.08 -31.66
C44 PCW BA . 22.59 2.35 -31.34
C45 PCW BA . 21.84 2.84 -32.57
C46 PCW BA . 20.53 2.10 -32.78
C47 PCW BA . 19.93 2.56 -34.10
C48 PCW BA . 18.99 3.75 -33.84
N PCW BA . 26.54 -19.76 -29.68
O2 PCW BA . 27.35 -12.18 -27.64
O3 PCW BA . 26.96 -10.75 -24.75
O11 PCW BA . 28.14 -9.20 -25.96
O31 PCW BA . 25.24 -11.31 -27.97
O1P PCW BA . 24.51 -16.81 -25.50
O2P PCW BA . 27.00 -16.94 -24.94
O3P PCW BA . 26.01 -14.81 -25.85
O4P PCW BA . 26.24 -16.86 -27.31
P PCW BA . 25.91 -16.43 -25.79
C1 CLR CA . 22.27 -5.97 -28.23
C2 CLR CA . 22.03 -7.42 -28.66
C3 CLR CA . 22.64 -8.44 -27.67
C4 CLR CA . 22.08 -8.12 -26.26
C5 CLR CA . 22.20 -6.67 -25.82
C6 CLR CA . 22.73 -6.40 -24.62
C7 CLR CA . 22.91 -4.98 -24.11
C8 CLR CA . 22.00 -4.00 -24.90
C9 CLR CA . 22.18 -4.24 -26.43
C10 CLR CA . 21.69 -5.65 -26.84
C11 CLR CA . 21.58 -3.10 -27.28
C12 CLR CA . 22.00 -1.70 -26.82
C13 CLR CA . 21.66 -1.51 -25.31
C14 CLR CA . 22.45 -2.61 -24.55
C15 CLR CA . 22.41 -2.22 -23.05
C16 CLR CA . 22.35 -0.63 -23.09
C17 CLR CA . 22.29 -0.24 -24.65
C18 CLR CA . 20.15 -1.57 -25.02
C19 CLR CA . 20.11 -5.66 -26.90
C20 CLR CA . 21.50 1.05 -24.83
C21 CLR CA . 21.29 1.52 -26.29
C22 CLR CA . 22.34 2.14 -24.08
C23 CLR CA . 21.63 3.50 -24.04
C24 CLR CA . 22.58 4.40 -23.15
C25 CLR CA . 21.93 5.75 -22.90
C26 CLR CA . 21.93 6.73 -24.08
C27 CLR CA . 22.46 6.31 -21.58
O1 CLR CA . 22.44 -9.80 -28.04
C1 CLR DA . 4.90 19.62 -22.02
C2 CLR DA . 5.31 21.08 -21.94
C3 CLR DA . 4.81 21.77 -20.64
C4 CLR DA . 5.30 20.92 -19.44
C5 CLR DA . 5.01 19.44 -19.52
C6 CLR DA . 4.43 18.83 -18.48
C7 CLR DA . 4.06 17.37 -18.48
C8 CLR DA . 4.86 16.60 -19.57
C9 CLR DA . 4.77 17.37 -20.92
C10 CLR DA . 5.42 18.78 -20.85
C11 CLR DA . 5.28 16.52 -22.10
C12 CLR DA . 4.68 15.09 -22.16
C13 CLR DA . 4.89 14.36 -20.81
C14 CLR DA . 4.22 15.26 -19.72
C15 CLR DA . 4.09 14.39 -18.44
C16 CLR DA . 3.93 12.92 -19.01
C17 CLR DA . 4.04 13.07 -20.62
C18 CLR DA . 6.37 14.09 -20.48
C19 CLR DA . 6.97 18.64 -20.94
C20 CLR DA . 4.63 11.78 -21.19
C21 CLR DA . 4.71 11.74 -22.74
C22 CLR DA . 3.66 10.66 -20.72
C23 CLR DA . 4.37 9.30 -20.55
C24 CLR DA . 3.19 8.31 -20.22
C25 CLR DA . 3.70 6.87 -20.23
C26 CLR DA . 4.05 6.29 -21.61
C27 CLR DA . 2.77 6.03 -19.36
O1 CLR DA . 5.16 23.13 -20.52
C1 CLR EA . 9.85 7.42 9.34
C2 CLR EA . 10.53 8.60 10.01
C3 CLR EA . 11.70 8.17 10.91
C4 CLR EA . 12.68 7.32 10.07
C5 CLR EA . 12.04 6.19 9.28
C6 CLR EA . 12.57 4.97 9.37
C7 CLR EA . 11.97 3.77 8.65
C8 CLR EA . 11.05 4.21 7.49
C9 CLR EA . 10.06 5.32 7.98
C10 CLR EA . 10.81 6.60 8.45
C11 CLR EA . 8.94 5.60 6.96
C12 CLR EA . 8.22 4.32 6.46
C13 CLR EA . 9.27 3.31 5.89
C14 CLR EA . 10.26 3.02 7.07
C15 CLR EA . 11.07 1.75 6.66
C16 CLR EA . 10.04 0.94 5.77
C17 CLR EA . 8.72 1.86 5.69
C18 CLR EA . 9.99 3.80 4.64
C19 CLR EA . 11.23 7.45 7.20
C20 CLR EA . 8.02 1.60 4.36
C21 CLR EA . 6.81 2.52 4.05
C22 CLR EA . 7.48 0.14 4.46
C23 CLR EA . 6.89 -0.37 3.13
C24 CLR EA . 6.38 -1.82 3.47
C25 CLR EA . 5.90 -2.51 2.19
C26 CLR EA . 4.61 -1.97 1.58
C27 CLR EA . 5.94 -4.02 2.43
O1 CLR EA . 12.36 9.25 11.59
C1 PCW FA . 23.53 13.37 18.72
C2 PCW FA . 22.71 12.73 19.84
C3 PCW FA . 21.59 11.82 19.31
C4 PCW FA . 23.77 16.45 14.93
C5 PCW FA . 23.33 17.91 14.80
C6 PCW FA . 23.11 19.39 12.92
C7 PCW FA . 25.00 19.59 14.38
C8 PCW FA . 24.83 17.74 12.86
C11 PCW FA . 20.66 9.82 20.10
C12 PCW FA . 20.88 8.44 20.74
C13 PCW FA . 19.56 7.66 20.85
C14 PCW FA . 19.88 6.19 21.16
C15 PCW FA . 18.62 5.31 21.08
C16 PCW FA . 18.99 3.87 21.46
C17 PCW FA . 17.91 2.91 20.96
C18 PCW FA . 18.24 1.46 21.32
C19 PCW FA . 17.33 0.58 20.46
C20 PCW FA . 17.35 -0.96 20.66
C21 PCW FA . 18.28 -1.56 21.72
C22 PCW FA . 18.71 -2.94 21.19
C23 PCW FA . 17.55 -3.92 21.27
C24 PCW FA . 18.05 -5.35 21.02
C25 PCW FA . 16.86 -6.33 21.03
C26 PCW FA . 17.34 -7.73 20.61
C27 PCW FA . 16.34 -8.78 21.09
C28 PCW FA . 16.90 -10.18 20.85
C31 PCW FA . 24.45 12.40 21.49
C32 PCW FA . 25.10 11.39 22.43
C33 PCW FA . 25.17 10.01 21.75
C34 PCW FA . 25.90 9.02 22.67
C35 PCW FA . 26.06 7.65 22.00
C36 PCW FA . 24.72 6.88 21.95
C37 PCW FA . 24.96 5.56 21.21
C38 PCW FA . 23.81 5.25 20.24
C39 PCW FA . 24.40 4.42 19.09
C40 PCW FA . 23.80 3.06 18.72
C41 PCW FA . 22.60 2.51 19.50
C42 PCW FA . 21.46 2.25 18.50
C43 PCW FA . 21.34 0.77 18.15
C44 PCW FA . 19.90 0.45 17.74
C45 PCW FA . 19.80 -0.99 17.19
C46 PCW FA . 19.98 -0.96 15.67
C47 PCW FA . 20.26 -2.38 15.14
C48 PCW FA . 20.77 -2.31 13.70
N PCW FA . 24.06 18.64 13.74
O2 PCW FA . 23.47 11.88 20.70
O3 PCW FA . 21.79 10.55 19.95
O11 PCW FA . 19.55 10.19 19.74
O31 PCW FA . 24.79 13.59 21.51
O1P PCW FA . 25.04 15.43 17.43
O2P PCW FA . 23.14 16.99 18.13
O3P PCW FA . 22.82 14.49 18.17
O4P PCW FA . 23.04 15.76 15.96
P PCW FA . 23.60 15.74 17.48
C1 PCW GA . 15.22 15.18 24.60
C2 PCW GA . 13.98 14.33 24.91
C3 PCW GA . 12.89 14.59 23.86
C4 PCW GA . 19.08 17.40 24.68
C5 PCW GA . 20.41 16.64 24.82
C6 PCW GA . 22.70 17.32 25.08
C7 PCW GA . 21.93 16.50 22.97
C8 PCW GA . 21.26 18.66 23.72
C11 PCW GA . 11.97 12.70 22.78
C12 PCW GA . 12.09 11.66 21.67
C13 PCW GA . 10.74 11.29 21.07
C14 PCW GA . 10.44 9.81 21.34
C15 PCW GA . 8.98 9.49 21.05
C16 PCW GA . 8.89 8.52 19.87
C17 PCW GA . 7.53 7.80 19.91
C18 PCW GA . 7.59 6.53 19.06
C19 PCW GA . 7.61 6.95 17.60
C20 PCW GA . 7.50 5.85 16.54
C21 PCW GA . 7.38 4.41 17.05
C22 PCW GA . 7.67 3.50 15.84
C23 PCW GA . 6.92 2.17 15.99
C24 PCW GA . 7.07 1.44 14.66
C25 PCW GA . 6.26 0.14 14.70
C26 PCW GA . 7.07 -0.91 13.96
C27 PCW GA . 6.19 -2.09 13.59
C28 PCW GA . 7.08 -3.16 12.98
C31 PCW GA . 14.33 12.30 26.04
C32 PCW GA . 14.53 10.77 25.95
C33 PCW GA . 14.35 10.35 24.48
C34 PCW GA . 13.81 8.91 24.36
C35 PCW GA . 14.92 7.87 24.54
C36 PCW GA . 14.50 6.52 23.92
C37 PCW GA . 13.94 5.56 24.99
C38 PCW GA . 12.80 4.70 24.43
C39 PCW GA . 11.48 5.45 24.64
C40 PCW GA . 10.31 5.14 23.69
C41 PCW GA . 10.50 4.11 22.58
C42 PCW GA . 9.53 2.95 22.81
C43 PCW GA . 9.41 2.07 21.56
C44 PCW GA . 8.34 0.98 21.78
C45 PCW GA . 8.07 0.24 20.46
C46 PCW GA . 7.16 -0.97 20.73
C47 PCW GA . 6.57 -1.46 19.40
C48 PCW GA . 5.41 -2.42 19.68
N PCW GA . 21.56 17.29 24.15
O2 PCW GA . 14.28 12.93 24.83
O3 PCW GA . 13.01 13.58 22.85
O11 PCW GA . 11.00 12.73 23.53
O31 PCW GA . 14.21 12.86 27.13
O1P PCW GA . 16.54 18.07 26.78
O2P PCW GA . 16.21 17.95 24.26
O3P PCW GA . 15.62 15.97 25.73
O4P PCW GA . 18.05 16.67 25.36
P PCW GA . 16.56 17.29 25.53
C1 PCW HA . 6.47 13.82 10.04
C2 PCW HA . 6.71 12.37 10.48
C3 PCW HA . 6.37 12.17 11.96
C4 PCW HA . 9.32 16.82 11.43
C5 PCW HA . 9.22 17.73 12.66
C6 PCW HA . 10.73 19.29 13.70
C7 PCW HA . 10.33 17.15 14.69
C8 PCW HA . 11.63 17.29 12.72
C11 PCW HA . 6.48 10.40 13.54
C12 PCW HA . 6.81 8.92 13.76
C13 PCW HA . 5.87 8.03 12.95
C14 PCW HA . 6.62 6.74 12.58
C15 PCW HA . 5.63 5.67 12.09
C16 PCW HA . 6.39 4.65 11.21
C17 PCW HA . 5.54 3.39 11.02
C18 PCW HA . 6.33 2.35 10.20
C19 PCW HA . 6.99 1.37 11.16
C20 PCW HA . 7.09 -0.11 10.79
C21 PCW HA . 6.53 -0.64 9.47
C22 PCW HA . 6.41 -2.16 9.68
C23 PCW HA . 6.61 -2.93 8.38
C24 PCW HA . 5.29 -3.60 7.97
C25 PCW HA . 5.51 -4.42 6.69
C26 PCW HA . 4.24 -5.19 6.36
C27 PCW HA . 4.43 -5.95 5.05
C28 PCW HA . 3.11 -6.58 4.60
C31 PCW HA . 6.51 10.35 9.21
C32 PCW HA . 5.57 9.40 8.47
C33 PCW HA . 5.85 7.93 8.78
C34 PCW HA . 5.46 7.06 7.57
C35 PCW HA . 3.93 6.83 7.56
C36 PCW HA . 3.57 5.33 7.42
C37 PCW HA . 2.97 5.09 6.03
C38 PCW HA . 2.52 3.63 5.83
C39 PCW HA . 2.52 3.34 4.32
C40 PCW HA . 1.73 2.13 3.76
C41 PCW HA . 0.95 1.21 4.73
C42 PCW HA . -0.55 1.24 4.43
C43 PCW HA . -1.24 0.06 5.15
C44 PCW HA . -2.73 0.03 4.80
C45 PCW HA . -3.48 -1.08 5.56
C46 PCW HA . -4.01 -2.20 4.66
C47 PCW HA . -4.58 -3.31 5.55
C48 PCW HA . -5.19 -4.42 4.70
N PCW HA . 10.49 17.87 13.42
O2 PCW HA . 5.90 11.47 9.70
O3 PCW HA . 6.68 10.80 12.25
O11 PCW HA . 6.06 11.12 14.44
O31 PCW HA . 7.71 10.09 9.35
O1P PCW HA . 6.45 16.46 8.90
O2P PCW HA . 8.97 16.28 8.55
O3P PCW HA . 7.72 14.47 9.75
O4P PCW HA . 8.03 16.77 10.80
P PCW HA . 7.78 16.03 9.39
MG MG IA . -35.34 49.67 19.54
MG MG JA . -38.76 36.73 7.27
MG MG KA . -28.28 6.99 -7.08
CAA 7Q2 LA . -35.60 -3.73 -16.08
CAB 7Q2 LA . -34.40 -2.90 -15.60
CAD 7Q2 LA . -36.74 -2.82 -15.82
CAE 7Q2 LA . -35.84 -0.67 -16.43
CAF 7Q2 LA . -36.21 -1.63 -15.29
CAG 7Q2 LA . -35.02 -2.06 -14.62
CAH 7Q2 LA . -37.11 -0.97 -14.34
CAI 7Q2 LA . -34.20 -0.92 -14.27
CAJ 7Q2 LA . -32.89 -1.36 -13.69
CAK 7Q2 LA . -36.37 0.32 -13.79
CAL 7Q2 LA . -34.95 -0.10 -13.23
CAM 7Q2 LA . -32.18 -0.21 -13.20
CAO 7Q2 LA . -33.91 1.93 -14.15
CAP 7Q2 LA . -34.17 1.10 -12.88
CAQ 7Q2 LA . -32.85 0.66 -12.29
CAR 7Q2 LA . -34.90 1.93 -11.87
CAS 7Q2 LA . -31.99 1.88 -12.03
CAT 7Q2 LA . -34.07 3.19 -11.56
CAU 7Q2 LA . -32.74 2.81 -11.30
CAX 7Q2 LA . -32.07 5.07 -8.61
CAY 7Q2 LA . -32.52 6.51 -8.49
NAV 7Q2 LA . -32.13 3.41 -10.29
NAZ 7Q2 LA . -31.37 7.41 -8.25
OAC 7Q2 LA . -37.93 -3.07 -16.03
OAN 7Q2 LA . -31.03 0.00 -13.55
OAW 7Q2 LA . -32.91 4.38 -9.53
C1 CLR MA . -6.35 -11.60 -12.01
C2 CLR MA . -7.28 -12.80 -11.87
C3 CLR MA . -7.91 -12.92 -10.47
C4 CLR MA . -8.58 -11.57 -10.12
C5 CLR MA . -7.72 -10.34 -10.32
C6 CLR MA . -7.61 -9.46 -9.33
C7 CLR MA . -6.74 -8.22 -9.43
C8 CLR MA . -6.43 -7.88 -10.90
C9 CLR MA . -5.93 -9.15 -11.66
C10 CLR MA . -7.03 -10.26 -11.71
C11 CLR MA . -5.35 -8.82 -13.04
C12 CLR MA . -4.30 -7.68 -13.02
C13 CLR MA . -4.89 -6.41 -12.33
C14 CLR MA . -5.32 -6.86 -10.90
C15 CLR MA . -5.56 -5.57 -10.07
C16 CLR MA . -4.54 -4.55 -10.71
C17 CLR MA . -3.84 -5.33 -11.93
C18 CLR MA . -6.06 -5.77 -13.11
C19 CLR MA . -8.07 -9.92 -12.83
C20 CLR MA . -3.48 -4.33 -13.02
C21 CLR MA . -2.66 -4.90 -14.20
C22 CLR MA . -2.60 -3.25 -12.30
C23 CLR MA . -2.76 -1.85 -12.91
C24 CLR MA . -1.69 -0.98 -12.16
C25 CLR MA . -1.61 0.40 -12.80
C26 CLR MA . -0.99 0.46 -14.19
C27 CLR MA . -1.03 1.37 -11.76
O1 CLR MA . -8.79 -14.02 -10.29
C1 PCW NA . -25.20 15.42 16.48
C2 PCW NA . -25.59 14.13 15.76
C3 PCW NA . -26.92 14.35 15.04
C4 PCW NA . -24.01 16.88 21.29
C5 PCW NA . -23.83 16.19 22.65
C6 PCW NA . -22.15 17.79 23.31
C7 PCW NA . -24.47 18.22 23.80
C8 PCW NA . -23.30 16.49 24.97
C11 PCW NA . -28.49 13.33 13.72
C12 PCW NA . -29.12 12.07 13.14
C31 PCW NA . -24.13 12.55 14.93
C32 PCW NA . -23.08 12.13 13.90
N PCW NA . -23.44 17.17 23.68
O2 PCW NA . -24.60 13.82 14.78
O3 PCW NA . -27.43 13.10 14.56
O11 PCW NA . -28.91 14.44 13.42
O31 PCW NA . -24.50 11.78 15.82
O1P PCW NA . -25.84 17.36 18.87
O2P PCW NA . -23.39 17.08 18.27
O3P PCW NA . -25.01 15.22 17.89
O4P PCW NA . -24.35 15.93 20.26
P PCW NA . -24.65 16.50 18.78
C1 PCW OA . -31.26 27.45 -16.27
C2 PCW OA . -31.55 26.00 -16.69
C3 PCW OA . -32.93 25.87 -17.36
C4 PCW OA . -34.91 29.74 -15.92
C5 PCW OA . -36.00 30.71 -15.46
C6 PCW OA . -37.62 29.75 -16.97
C7 PCW OA . -37.42 28.92 -14.73
C8 PCW OA . -38.35 31.10 -15.12
C11 PCW OA . -34.83 24.58 -17.37
C12 PCW OA . -35.00 23.25 -18.11
C31 PCW OA . -30.32 24.21 -17.42
C32 PCW OA . -30.02 23.44 -18.70
N PCW OA . -37.35 30.13 -15.56
O2 PCW OA . -30.53 25.55 -17.58
O3 PCW OA . -33.62 24.77 -16.78
O11 PCW OA . -35.75 25.39 -17.32
O31 PCW OA . -30.37 23.63 -16.33
O1P PCW OA . -31.20 30.34 -16.30
O2P PCW OA . -32.20 29.74 -14.03
O3P PCW OA . -32.45 28.19 -15.98
O4P PCW OA . -33.66 30.44 -15.93
P PCW OA . -32.27 29.72 -15.50
C1 PCW PA . -2.91 26.08 -21.64
C2 PCW PA . -3.85 24.92 -21.25
C3 PCW PA . -4.36 24.19 -22.49
C4 PCW PA . -5.33 30.52 -20.74
C5 PCW PA . -6.77 30.38 -21.27
C6 PCW PA . -9.06 30.02 -20.74
C7 PCW PA . -7.40 29.84 -18.99
C8 PCW PA . -7.95 31.97 -19.90
C11 PCW PA . -5.03 21.95 -22.99
C12 PCW PA . -5.38 20.57 -22.43
C13 PCW PA . -4.58 19.46 -23.12
C14 PCW PA . -3.92 18.55 -22.08
C15 PCW PA . -4.97 17.64 -21.42
C16 PCW PA . -4.27 16.60 -20.52
C17 PCW PA . -5.31 15.64 -19.92
C18 PCW PA . -4.64 14.32 -19.48
C19 PCW PA . -4.52 14.36 -17.95
C20 PCW PA . -4.77 13.07 -17.17
C21 PCW PA . -5.15 11.80 -17.92
C22 PCW PA . -4.93 10.61 -16.97
C23 PCW PA . -6.26 10.08 -16.44
C24 PCW PA . -6.08 8.64 -15.92
C25 PCW PA . -7.43 8.04 -15.53
C26 PCW PA . -7.29 6.52 -15.41
C27 PCW PA . -8.58 5.90 -14.87
C28 PCW PA . -8.47 4.37 -14.87
C31 PCW PA . -2.90 24.22 -19.16
C32 PCW PA . -2.15 23.08 -18.45
C33 PCW PA . -3.14 22.13 -17.75
C34 PCW PA . -2.84 20.69 -18.18
C35 PCW PA . -3.78 19.72 -17.45
C36 PCW PA . -3.05 19.04 -16.30
C37 PCW PA . -3.95 17.93 -15.73
C38 PCW PA . -3.14 16.76 -15.16
C39 PCW PA . -4.16 15.81 -14.55
C40 PCW PA . -3.78 14.35 -14.32
C41 PCW PA . -2.39 13.85 -14.69
C42 PCW PA . -2.01 12.88 -13.57
C43 PCW PA . -2.14 11.43 -14.01
C44 PCW PA . -1.80 10.53 -12.81
C45 PCW PA . -2.15 9.09 -13.18
C46 PCW PA . -1.36 8.09 -12.34
C47 PCW PA . -1.70 6.69 -12.86
C48 PCW PA . -1.13 5.62 -11.92
N PCW PA . -7.78 30.55 -20.22
O2 PCW PA . -3.15 23.95 -20.47
O3 PCW PA . -4.65 22.85 -22.04
O11 PCW PA . -5.09 22.20 -24.20
O31 PCW PA . -3.22 25.24 -18.57
O1P PCW PA . -2.11 29.08 -20.90
O2P PCW PA . -4.05 28.19 -19.49
O3P PCW PA . -3.64 27.30 -21.83
O4P PCW PA . -4.47 29.66 -21.49
P PCW PA . -3.49 28.56 -20.82
C1 PCW QA . -0.92 17.09 8.99
C2 PCW QA . -1.40 15.62 8.92
C3 PCW QA . -0.41 14.75 8.15
C4 PCW QA . -0.52 20.25 13.08
C5 PCW QA . -0.68 19.94 14.58
C6 PCW QA . -0.63 20.75 16.83
C7 PCW QA . 0.80 21.75 15.19
C8 PCW QA . -1.57 22.11 15.10
C11 PCW QA . -1.15 12.94 6.79
C12 PCW QA . -1.84 12.53 5.49
C13 PCW QA . -2.00 11.00 5.35
C14 PCW QA . -2.86 10.73 4.12
C15 PCW QA . -2.94 9.22 3.83
C16 PCW QA . -4.03 8.94 2.78
C17 PCW QA . -4.78 7.66 3.18
C18 PCW QA . -5.78 7.22 2.09
C19 PCW QA . -6.68 6.16 2.71
C20 PCW QA . -7.83 5.55 1.87
C21 PCW QA . -8.04 6.03 0.42
C22 PCW QA . -7.05 5.36 -0.54
C23 PCW QA . -7.85 4.73 -1.69
C24 PCW QA . -6.91 4.08 -2.72
C25 PCW QA . -6.48 2.69 -2.26
C26 PCW QA . -5.51 2.12 -3.29
C27 PCW QA . -4.90 0.82 -2.78
C28 PCW QA . -3.74 0.39 -3.70
C31 PCW QA . -2.90 14.76 10.53
C32 PCW QA . -3.12 14.28 11.96
C33 PCW QA . -2.98 12.76 12.11
C34 PCW QA . -4.01 12.01 11.25
C35 PCW QA . -3.60 10.54 11.08
C36 PCW QA . -4.53 9.88 10.06
C37 PCW QA . -4.30 8.36 10.05
C38 PCW QA . -5.52 7.67 9.41
C39 PCW QA . -5.30 7.60 7.89
C40 PCW QA . -6.25 6.75 7.06
C41 PCW QA . -7.39 6.00 7.77
C42 PCW QA . -7.55 4.65 7.04
C43 PCW QA . -8.82 4.61 6.18
C44 PCW QA . -8.94 3.19 5.60
C45 PCW QA . -10.27 2.96 4.88
C46 PCW QA . -10.46 1.45 4.66
C47 PCW QA . -11.53 0.89 5.61
C48 PCW QA . -11.53 -0.64 5.50
N PCW QA . -0.52 21.14 15.41
O2 PCW QA . -1.62 15.10 10.25
O3 PCW QA . -1.03 14.28 6.94
O11 PCW QA . -0.75 12.10 7.61
O31 PCW QA . -3.84 14.84 9.72
O1P PCW QA . -1.55 19.85 10.13
O2P PCW QA . 0.95 19.40 10.43
O3P PCW QA . -0.69 17.48 10.35
O4P PCW QA . -0.66 19.04 12.32
P PCW QA . -0.46 19.04 10.71
C1 PCW RA . 1.90 21.54 -1.65
C2 PCW RA . 2.79 20.39 -1.16
C3 PCW RA . 3.11 20.59 0.33
C4 PCW RA . 0.53 25.98 -1.69
C5 PCW RA . -0.01 26.51 -0.35
C6 PCW RA . -1.19 28.25 0.81
C7 PCW RA . 0.11 28.79 -1.13
C8 PCW RA . -1.93 27.56 -1.36
C11 PCW RA . 4.34 19.24 1.80
C12 PCW RA . 4.59 17.84 2.36
C13 PCW RA . 4.51 16.80 1.23
C14 PCW RA . 4.47 15.39 1.82
C15 PCW RA . 4.27 14.35 0.71
C16 PCW RA . 4.65 12.97 1.26
C17 PCW RA . 5.21 12.09 0.13
C18 PCW RA . 4.20 11.06 -0.39
C19 PCW RA . 4.14 9.89 0.59
C20 PCW RA . 4.25 8.48 0.02
C21 PCW RA . 4.40 8.36 -1.51
C22 PCW RA . 3.77 7.03 -1.92
C23 PCW RA . 4.06 6.74 -3.38
C24 PCW RA . 3.36 5.45 -3.77
C25 PCW RA . 3.47 5.31 -5.27
C26 PCW RA . 2.66 4.11 -5.73
C27 PCW RA . 2.73 4.14 -7.25
C28 PCW RA . 2.02 2.92 -7.81
C31 PCW RA . 2.22 18.43 -2.38
C32 PCW RA . 1.45 17.10 -2.41
C33 PCW RA . 1.49 16.49 -3.82
C34 PCW RA . 1.74 14.98 -3.72
C35 PCW RA . 1.05 14.23 -4.86
C36 PCW RA . 1.59 12.80 -4.91
C37 PCW RA . 0.52 11.76 -4.53
C38 PCW RA . 1.21 10.39 -4.34
C39 PCW RA . 0.16 9.29 -4.56
C40 PCW RA . -0.22 8.34 -3.42
C41 PCW RA . 0.46 8.49 -2.06
C42 PCW RA . 0.21 7.18 -1.28
C43 PCW RA . -0.97 7.39 -0.32
C44 PCW RA . -1.97 6.23 -0.41
C45 PCW RA . -1.35 4.93 0.12
C46 PCW RA . -1.86 3.74 -0.71
C47 PCW RA . -1.33 2.44 -0.06
C48 PCW RA . -1.63 1.25 -0.97
N PCW RA . -0.75 27.78 -0.51
O2 PCW RA . 2.08 19.14 -1.23
O3 PCW RA . 3.40 19.28 0.82
O11 PCW RA . 4.95 20.22 2.23
O31 PCW RA . 2.93 18.77 -3.33
O1P PCW RA . 0.90 23.59 -3.62
O2P PCW RA . 3.04 24.91 -3.19
O3P PCW RA . 2.67 22.71 -2.01
O4P PCW RA . 1.25 24.76 -1.46
P PCW RA . 1.97 24.02 -2.70
C1 PCW SA . -39.96 -12.34 -3.66
C2 PCW SA . -39.38 -11.45 -2.53
C3 PCW SA . -39.84 -10.01 -2.71
C4 PCW SA . -40.06 -16.47 -5.46
C5 PCW SA . -40.58 -17.49 -4.44
C6 PCW SA . -40.38 -19.87 -4.20
C7 PCW SA . -42.41 -18.92 -5.01
C8 PCW SA . -40.47 -18.95 -6.41
C11 PCW SA . -38.81 -8.04 -1.85
C12 PCW SA . -37.52 -7.21 -1.78
C13 PCW SA . -37.64 -6.02 -0.82
C14 PCW SA . -36.41 -5.11 -1.01
C15 PCW SA . -36.54 -3.83 -0.18
C16 PCW SA . -35.42 -2.85 -0.55
C17 PCW SA . -34.82 -2.15 0.68
C18 PCW SA . -33.33 -1.89 0.46
C19 PCW SA . -33.09 -0.37 0.50
C20 PCW SA . -32.17 0.24 1.57
C21 PCW SA . -31.49 -0.70 2.58
C22 PCW SA . -30.71 0.20 3.57
C23 PCW SA . -29.55 -0.57 4.22
C24 PCW SA . -29.68 -0.56 5.74
C25 PCW SA . -28.54 0.27 6.36
C26 PCW SA . -29.12 1.38 7.25
C27 PCW SA . -27.98 2.15 7.93
C28 PCW SA . -28.57 3.14 8.94
C31 PCW SA . -38.80 -12.19 -0.35
C32 PCW SA . -39.31 -12.67 1.01
C33 PCW SA . -38.47 -12.13 2.19
C34 PCW SA . -38.81 -10.68 2.51
C35 PCW SA . -37.54 -9.87 2.78
C36 PCW SA . -37.87 -8.43 3.18
C37 PCW SA . -36.56 -7.68 3.44
C38 PCW SA . -36.77 -6.18 3.69
C39 PCW SA . -35.39 -5.53 3.71
C40 PCW SA . -35.26 -4.07 4.17
C41 PCW SA . -36.53 -3.33 4.59
C42 PCW SA . -36.23 -2.55 5.88
C43 PCW SA . -35.14 -1.49 5.61
C44 PCW SA . -35.32 -0.29 6.55
C45 PCW SA . -33.95 0.36 6.81
C46 PCW SA . -33.85 1.73 6.13
C47 PCW SA . -32.44 2.27 6.32
C48 PCW SA . -32.43 3.79 6.15
N PCW SA . -40.95 -18.79 -5.03
O2 PCW SA . -39.80 -11.96 -1.25
O3 PCW SA . -38.69 -9.16 -2.63
O11 PCW SA . -39.82 -7.71 -1.26
O31 PCW SA . -37.60 -12.05 -0.59
O1P PCW SA . -37.86 -14.38 -6.20
O2P PCW SA . -40.24 -13.50 -6.50
O3P PCW SA . -38.89 -12.89 -4.45
O4P PCW SA . -39.74 -15.24 -4.78
P PCW SA . -39.16 -13.98 -5.61
C1 PCW TA . -31.33 -19.44 6.32
C2 PCW TA . -32.05 -18.68 7.45
C3 PCW TA . -31.05 -18.03 8.41
C4 PCW TA . -31.87 -22.15 2.79
C5 PCW TA . -32.71 -21.44 1.71
C6 PCW TA . -34.03 -22.24 -0.13
C7 PCW TA . -31.87 -21.29 -0.53
C8 PCW TA . -32.07 -23.46 0.47
C11 PCW TA . -30.84 -15.86 9.35
C12 PCW TA . -31.11 -14.36 9.20
C13 PCW TA . -30.53 -13.56 10.38
C14 PCW TA . -30.56 -12.07 10.02
C15 PCW TA . -29.81 -11.25 11.08
C16 PCW TA . -30.00 -9.75 10.80
C17 PCW TA . -28.67 -9.05 11.02
C18 PCW TA . -28.20 -8.97 12.48
C19 PCW TA . -26.67 -8.82 12.47
C20 PCW TA . -25.99 -7.51 12.91
C21 PCW TA . -26.85 -6.33 13.36
C22 PCW TA . -25.93 -5.11 13.45
C23 PCW TA . -26.51 -4.08 14.43
C24 PCW TA . -25.43 -3.08 14.85
C25 PCW TA . -26.01 -2.11 15.87
C26 PCW TA . -24.91 -1.19 16.43
C27 PCW TA . -25.55 0.06 17.05
C28 PCW TA . -24.47 1.06 17.44
C31 PCW TA . -33.98 -17.90 6.25
C32 PCW TA . -34.82 -16.67 5.88
C33 PCW TA . -33.91 -15.43 5.73
C34 PCW TA . -34.61 -14.20 6.32
C35 PCW TA . -33.94 -12.90 5.84
C36 PCW TA . -33.63 -11.96 7.01
C37 PCW TA . -32.62 -10.91 6.55
C38 PCW TA . -33.15 -9.49 6.82
C39 PCW TA . -33.15 -8.72 5.49
C40 PCW TA . -32.79 -7.23 5.49
C41 PCW TA . -32.43 -6.52 6.79
C42 PCW TA . -30.97 -6.04 6.72
C43 PCW TA . -30.94 -4.51 6.81
C44 PCW TA . -29.54 -3.97 7.10
C45 PCW TA . -29.46 -3.45 8.53
C46 PCW TA . -28.04 -2.93 8.81
C47 PCW TA . -27.91 -2.51 10.27
C48 PCW TA . -26.51 -1.94 10.51
N PCW TA . -32.66 -22.11 0.39
O2 PCW TA . -32.87 -17.61 6.97
O3 PCW TA . -31.31 -16.62 8.33
O11 PCW TA . -30.24 -16.31 10.33
O31 PCW TA . -34.34 -19.03 5.91
O1P PCW TA . -31.71 -23.25 5.70
O2P PCW TA . -29.73 -21.77 5.08
O3P PCW TA . -31.63 -20.84 6.44
O4P PCW TA . -31.97 -21.42 4.02
P PCW TA . -31.18 -21.92 5.33
C1 PCW UA . -32.63 13.97 18.22
C2 PCW UA . -33.35 13.19 17.12
C3 PCW UA . -32.77 11.78 17.04
C4 PCW UA . -31.24 16.14 21.77
C5 PCW UA . -29.97 15.51 22.35
C6 PCW UA . -29.08 17.62 23.10
C7 PCW UA . -30.52 16.37 24.54
C8 PCW UA . -28.31 15.58 24.09
C11 PCW UA . -32.39 10.26 15.40
C12 PCW UA . -31.87 9.88 14.01
C31 PCW UA . -35.47 13.30 16.27
C32 PCW UA . -36.98 13.12 16.42
N PCW UA . -29.48 16.27 23.51
O2 PCW UA . -34.75 13.03 17.40
O3 PCW UA . -32.24 11.58 15.73
O11 PCW UA . -32.91 9.42 16.12
O31 PCW UA . -34.98 13.69 15.21
O1P PCW UA . -34.11 16.09 21.00
O2P PCW UA . -32.64 17.05 19.15
O3P PCW UA . -33.57 14.75 18.95
O4P PCW UA . -31.77 15.34 20.71
P PCW UA . -33.08 15.89 19.97
C1 PCW VA . -25.15 26.83 -16.41
C2 PCW VA . -24.83 25.64 -17.32
C3 PCW VA . -25.69 24.42 -16.95
C4 PCW VA . -24.08 31.07 -15.33
C5 PCW VA . -24.29 32.01 -16.53
C6 PCW VA . -23.42 34.16 -17.14
C7 PCW VA . -25.66 33.97 -16.29
C8 PCW VA . -23.79 33.70 -14.82
C11 PCW VA . -25.11 22.41 -18.11
C12 PCW VA . -24.18 21.19 -18.13
C13 PCW VA . -24.14 20.46 -19.49
C14 PCW VA . -24.38 18.95 -19.28
C15 PCW VA . -24.87 18.32 -20.60
C16 PCW VA . -25.30 16.85 -20.41
C17 PCW VA . -24.09 15.96 -20.12
C18 PCW VA . -24.49 14.81 -19.17
C19 PCW VA . -23.23 14.10 -18.67
C20 PCW VA . -23.13 12.56 -18.79
C21 PCW VA . -24.30 11.80 -19.42
C22 PCW VA . -23.95 10.31 -19.49
C23 PCW VA . -24.07 9.74 -20.90
C24 PCW VA . -23.78 8.23 -20.85
C25 PCW VA . -23.85 7.61 -22.26
C26 PCW VA . -23.43 6.13 -22.20
C27 PCW VA . -23.41 5.54 -23.61
C28 PCW VA . -24.17 4.21 -23.65
C31 PCW VA . -24.04 25.80 -19.57
C32 PCW VA . -24.39 26.15 -21.03
C33 PCW VA . -24.92 24.93 -21.79
C34 PCW VA . -23.78 24.22 -22.53
C35 PCW VA . -24.32 22.97 -23.24
C36 PCW VA . -23.19 22.24 -23.97
C37 PCW VA . -23.76 21.00 -24.66
C38 PCW VA . -22.67 19.95 -24.93
C39 PCW VA . -23.34 18.58 -25.01
C40 PCW VA . -22.80 17.54 -26.00
C41 PCW VA . -21.61 17.92 -26.89
C42 PCW VA . -21.31 16.68 -27.75
C43 PCW VA . -20.40 17.00 -28.94
C44 PCW VA . -19.60 15.74 -29.29
C45 PCW VA . -18.74 15.98 -30.53
C46 PCW VA . -17.43 16.68 -30.17
C47 PCW VA . -16.70 16.99 -31.47
C48 PCW VA . -15.76 15.84 -31.81
N PCW VA . -24.29 33.44 -16.19
O2 PCW VA . -25.07 26.00 -18.70
O3 PCW VA . -24.90 23.22 -17.04
O11 PCW VA . -25.93 22.61 -19.00
O31 PCW VA . -22.92 25.40 -19.26
O1P PCW VA . -22.56 28.63 -14.13
O2P PCW VA . -25.09 28.51 -13.81
O3P PCW VA . -23.97 27.19 -15.66
O4P PCW VA . -24.12 29.71 -15.77
P PCW VA . -23.92 28.51 -14.71
C1 CLR WA . -19.78 21.00 -22.14
C2 CLR WA . -19.54 22.44 -21.67
C3 CLR WA . -20.27 22.77 -20.35
C4 CLR WA . -19.85 21.72 -19.29
C5 CLR WA . -19.95 20.27 -19.73
C6 CLR WA . -20.58 19.39 -18.93
C7 CLR WA . -20.77 17.93 -19.30
C8 CLR WA . -19.77 17.52 -20.41
C9 CLR WA . -19.82 18.56 -21.57
C10 CLR WA . -19.33 19.95 -21.10
C11 CLR WA . -19.11 18.06 -22.85
C12 CLR WA . -19.54 16.64 -23.27
C13 CLR WA . -19.33 15.64 -22.09
C14 CLR WA . -20.21 16.17 -20.93
C15 CLR WA . -20.30 15.02 -19.88
C16 CLR WA . -20.19 13.72 -20.78
C17 CLR WA . -19.98 14.25 -22.28
C18 CLR WA . -17.86 15.49 -21.67
C19 CLR WA . -17.76 19.95 -21.00
C20 CLR WA . -19.14 13.24 -23.07
C21 CLR WA . -18.80 13.64 -24.52
C22 CLR WA . -20.02 11.94 -23.12
C23 CLR WA . -19.28 10.75 -23.76
C24 CLR WA . -20.29 9.55 -23.60
C25 CLR WA . -19.62 8.26 -24.07
C26 CLR WA . -19.49 8.09 -25.59
C27 CLR WA . -20.26 7.09 -23.32
O1 CLR WA . -20.08 24.10 -19.89
C1 CLR XA . -2.37 -4.27 -29.38
C2 CLR XA . -2.74 -5.55 -30.15
C3 CLR XA . -2.35 -6.84 -29.40
C4 CLR XA . -2.97 -6.78 -27.98
C5 CLR XA . -2.71 -5.50 -27.21
C6 CLR XA . -2.24 -5.58 -25.96
C7 CLR XA . -1.92 -4.35 -25.13
C8 CLR XA . -2.64 -3.10 -25.69
C9 CLR XA . -2.40 -3.00 -27.23
C10 CLR XA . -3.02 -4.21 -27.99
C11 CLR XA . -2.83 -1.63 -27.79
C12 CLR XA . -2.26 -0.42 -27.00
C13 CLR XA . -2.61 -0.55 -25.49
C14 CLR XA . -2.01 -1.91 -25.03
C15 CLR XA . -2.03 -1.89 -23.47
C16 CLR XA . -1.85 -0.35 -23.14
C17 CLR XA . -1.81 0.40 -24.55
C18 CLR XA . -4.12 -0.46 -25.21
C19 CLR XA . -4.56 -4.00 -28.13
C20 CLR XA . -2.39 1.81 -24.39
C21 CLR XA . -2.33 2.70 -25.66
C22 CLR XA . -1.50 2.47 -23.29
C23 CLR XA . -2.25 3.53 -22.47
C24 CLR XA . -1.13 4.15 -21.55
C25 CLR XA . -1.68 5.37 -20.81
C26 CLR XA . -1.92 6.62 -21.67
C27 CLR XA . -0.86 5.57 -19.54
O1 CLR XA . -2.67 -8.05 -30.08
C1 CLR YA . -10.46 -11.08 2.94
C2 CLR YA . -11.16 -12.43 2.81
C3 CLR YA . -12.43 -12.53 3.68
C4 CLR YA . -13.35 -11.33 3.35
C5 CLR YA . -12.66 -9.97 3.36
C6 CLR YA . -13.23 -8.97 4.06
C7 CLR YA . -12.60 -7.59 4.18
C8 CLR YA . -11.56 -7.36 3.05
C9 CLR YA . -10.60 -8.58 2.95
C10 CLR YA . -11.35 -9.89 2.56
C11 CLR YA . -9.38 -8.29 2.04
C12 CLR YA . -8.66 -6.96 2.39
C13 CLR YA . -9.68 -5.77 2.38
C14 CLR YA . -10.78 -6.15 3.43
C15 CLR YA . -11.59 -4.85 3.71
C16 CLR YA . -10.49 -3.71 3.50
C17 CLR YA . -9.15 -4.47 3.05
C18 CLR YA . -10.27 -5.48 1.00
C19 CLR YA . -11.64 -9.90 1.02
C20 CLR YA . -8.34 -3.54 2.14
C21 CLR YA . -7.08 -4.18 1.50
C22 CLR YA . -7.85 -2.39 3.08
C23 CLR YA . -7.16 -1.25 2.30
C24 CLR YA . -6.72 -0.24 3.42
C25 CLR YA . -6.15 1.02 2.79
C26 CLR YA . -4.79 0.86 2.09
C27 CLR YA . -6.25 2.16 3.80
O1 CLR YA . -13.11 -13.78 3.59
C1 PCW ZA . -24.76 -20.82 6.26
C2 PCW ZA . -24.05 -20.93 7.63
C3 PCW ZA . -22.92 -19.91 7.78
C4 PCW ZA . -24.58 -21.32 1.41
C5 PCW ZA . -24.09 -22.48 0.54
C6 PCW ZA . -23.66 -22.70 -1.82
C7 PCW ZA . -25.66 -23.61 -0.88
C8 PCW ZA . -25.41 -21.24 -1.12
C11 PCW ZA . -22.12 -18.68 9.61
C12 PCW ZA . -22.43 -17.88 10.88
C13 PCW ZA . -21.15 -17.32 11.53
C14 PCW ZA . -21.54 -16.24 12.55
C15 PCW ZA . -20.31 -15.51 13.08
C16 PCW ZA . -20.75 -14.50 14.16
C17 PCW ZA . -19.65 -13.45 14.36
C18 PCW ZA . -20.05 -12.42 15.43
C19 PCW ZA . -19.09 -11.24 15.27
C20 PCW ZA . -19.18 -10.07 16.27
C21 PCW ZA . -20.20 -10.11 17.40
C22 PCW ZA . -20.64 -8.66 17.67
C23 PCW ZA . -19.50 -7.91 18.38
C24 PCW ZA . -20.02 -6.56 18.91
C25 PCW ZA . -18.86 -5.78 19.55
C26 PCW ZA . -19.34 -4.37 19.93
C27 PCW ZA . -18.41 -3.78 21.00
C28 PCW ZA . -18.99 -2.46 21.51
C31 PCW ZA . -25.95 -21.51 9.03
C32 PCW ZA . -26.71 -21.15 10.31
C33 PCW ZA . -26.76 -19.62 10.48
C34 PCW ZA . -27.59 -19.28 11.71
C35 PCW ZA . -27.72 -17.77 11.89
C36 PCW ZA . -26.42 -17.13 12.39
C37 PCW ZA . -26.62 -15.62 12.48
C38 PCW ZA . -25.39 -14.85 11.95
C39 PCW ZA . -25.91 -13.52 11.39
C40 PCW ZA . -25.31 -12.19 11.88
C41 PCW ZA . -24.20 -12.19 12.93
C42 PCW ZA . -22.97 -11.46 12.34
C43 PCW ZA . -22.87 -10.03 12.88
C44 PCW ZA . -21.41 -9.57 12.85
C45 PCW ZA . -21.30 -8.07 13.18
C46 PCW ZA . -21.34 -7.25 11.88
C47 PCW ZA . -21.61 -5.78 12.20
C48 PCW ZA . -21.98 -5.04 10.91
N PCW ZA . -24.71 -22.51 -0.80
O2 PCW ZA . -24.92 -20.66 8.75
O3 PCW ZA . -23.22 -19.18 8.99
O11 PCW ZA . -20.97 -18.83 9.21
O31 PCW ZA . -26.26 -22.50 8.36
O1P PCW ZA . -26.09 -21.80 3.94
O2P PCW ZA . -24.22 -23.54 3.83
O3P PCW ZA . -23.97 -21.48 5.25
O4P PCW ZA . -23.96 -21.34 2.71
P PCW ZA . -24.65 -22.14 3.94
C1 PCW AB . -16.97 -25.78 10.93
C2 PCW AB . -15.78 -25.27 11.76
C3 PCW AB . -14.60 -24.93 10.84
C4 PCW AB . -20.77 -27.57 9.43
C5 PCW AB . -22.12 -26.98 9.84
C6 PCW AB . -24.41 -27.63 9.47
C7 PCW AB . -23.47 -25.81 8.25
C8 PCW AB . -22.81 -28.05 7.74
C11 PCW AB . -13.64 -22.80 11.06
C12 PCW AB . -13.68 -21.31 10.69
C13 PCW AB . -12.30 -20.71 10.51
C14 PCW AB . -12.06 -19.63 11.58
C15 PCW AB . -10.59 -19.24 11.64
C16 PCW AB . -10.42 -17.79 11.20
C17 PCW AB . -9.10 -17.25 11.75
C18 PCW AB . -9.11 -15.71 11.73
C19 PCW AB . -8.98 -15.27 10.27
C20 PCW AB . -8.81 -13.77 10.02
C21 PCW AB . -8.77 -12.84 11.23
C22 PCW AB . -8.97 -11.43 10.70
C23 PCW AB . -8.28 -10.41 11.61
C24 PCW AB . -8.33 -9.06 10.90
C25 PCW AB . -7.56 -8.02 11.71
C26 PCW AB . -8.33 -6.71 11.60
C27 PCW AB . -7.45 -5.54 12.00
C28 PCW AB . -8.31 -4.30 12.01
C31 PCW AB . -16.29 -24.17 13.78
C32 PCW AB . -16.52 -22.85 14.52
C33 PCW AB . -16.23 -21.69 13.55
C34 PCW AB . -15.71 -20.43 14.28
C35 PCW AB . -16.86 -19.63 14.90
C36 PCW AB . -16.42 -18.18 15.16
C37 PCW AB . -15.99 -17.97 16.62
C38 PCW AB . -14.82 -16.98 16.73
C39 PCW AB . -13.51 -17.76 16.61
C40 PCW AB . -12.27 -17.02 16.09
C41 PCW AB . -12.38 -15.54 15.71
C42 PCW AB . -11.47 -14.71 16.63
C43 PCW AB . -11.26 -13.30 16.08
C44 PCW AB . -10.24 -12.54 16.95
C45 PCW AB . -9.88 -11.20 16.29
C46 PCW AB . -9.04 -10.37 17.25
C47 PCW AB . -8.33 -9.24 16.48
C48 PCW AB . -7.24 -8.63 17.34
N PCW AB . -23.19 -27.12 8.83
O2 PCW AB . -16.12 -24.05 12.43
O3 PCW AB . -14.66 -23.54 10.53
O11 PCW AB . -12.73 -23.26 11.75
O31 PCW AB . -16.26 -25.24 14.39
O1P PCW AB . -18.41 -29.36 11.03
O2P PCW AB . -17.85 -27.88 9.03
O3P PCW AB . -17.45 -27.04 11.39
O4P PCW AB . -19.81 -27.37 10.49
P PCW AB . -18.33 -28.02 10.43
C1 PCW BB . -6.98 -16.92 0.34
C2 PCW BB . -7.30 -15.93 1.47
C3 PCW BB . -7.10 -16.58 2.85
C4 PCW BB . -9.86 -20.11 -0.41
C5 PCW BB . -9.86 -21.55 0.13
C6 PCW BB . -11.40 -23.38 0.02
C7 PCW BB . -11.16 -22.16 2.04
C8 PCW BB . -12.27 -21.14 0.20
C11 PCW BB . -7.39 -15.97 5.12
C12 PCW BB . -7.78 -14.85 6.08
C13 PCW BB . -6.80 -13.68 5.98
C14 PCW BB . -7.55 -12.37 6.30
C15 PCW BB . -6.55 -11.23 6.57
C16 PCW BB . -7.25 -9.89 6.33
C17 PCW BB . -6.43 -8.75 6.94
C18 PCW BB . -7.16 -7.41 6.75
C19 PCW BB . -7.93 -7.10 8.03
C20 PCW BB . -8.04 -5.65 8.53
C21 PCW BB . -7.38 -4.51 7.76
C22 PCW BB . -7.33 -3.34 8.77
C23 PCW BB . -7.42 -1.98 8.10
C24 PCW BB . -6.09 -1.23 8.24
C25 PCW BB . -6.21 0.15 7.60
C26 PCW BB . -4.94 0.95 7.87
C27 PCW BB . -5.03 2.30 7.18
C28 PCW BB . -3.69 3.04 7.25
C31 PCW BB . -7.04 -13.56 1.54
C32 PCW BB . -6.06 -12.39 1.52
C33 PCW BB . -6.41 -11.31 2.57
C34 PCW BB . -5.93 -9.94 2.07
C35 PCW BB . -4.42 -9.78 2.32
C36 PCW BB . -4.09 -8.47 3.05
C37 PCW BB . -3.37 -7.51 2.08
C38 PCW BB . -2.95 -6.20 2.75
C39 PCW BB . -2.81 -5.13 1.65
C40 PCW BB . -2.01 -3.83 1.94
C41 PCW BB . -1.34 -3.61 3.30
C42 PCW BB . 0.19 -3.51 3.18
C43 PCW BB . 0.76 -2.93 4.48
C44 PCW BB . 2.28 -2.76 4.34
C45 PCW BB . 2.92 -2.26 5.64
C46 PCW BB . 3.51 -0.86 5.56
C47 PCW BB . 3.96 -0.42 6.95
C48 PCW BB . 4.62 0.96 6.91
N PCW BB . -11.18 -22.04 0.58
O2 PCW BB . -6.45 -14.78 1.38
O3 PCW BB . -7.47 -15.59 3.81
O11 PCW BB . -7.04 -17.08 5.51
O31 PCW BB . -8.25 -13.38 1.69
O1P PCW BB . -6.79 -18.50 -2.06
O2P PCW BB . -9.27 -18.09 -2.47
O3P PCW BB . -8.18 -17.27 -0.37
O4P PCW BB . -8.52 -19.76 -0.79
P PCW BB . -8.17 -18.38 -1.54
#